data_8QHI
#
_entry.id   8QHI
#
_entity_poly.entity_id   1
_entity_poly.type   'polypeptide(L)'
_entity_poly.pdbx_seq_one_letter_code
;GVVTYDMEIPSKVPPVKLYKAFILDGDTLVPKVLPHAIKCVKILEGDGCAGTIKEVTFGEGSHHKCVKQRVDAIDKDNLT
YSYTIIEGDVLAEKFESISYHIKIVACPDGGSICKNRSIYTTKGDCKVSEEEIKLGKEKAAEIFKALEAYLLANPDYC
;
_entity_poly.pdbx_strand_id   A
#
# COMPACT_ATOMS: atom_id res chain seq x y z
N GLY A 1 8.29 -17.42 -12.80
CA GLY A 1 7.11 -16.69 -13.28
C GLY A 1 6.76 -15.56 -12.33
N VAL A 2 6.17 -14.47 -12.84
CA VAL A 2 5.80 -13.31 -12.02
C VAL A 2 4.57 -12.56 -12.54
N VAL A 3 3.59 -12.30 -11.67
CA VAL A 3 2.48 -11.39 -12.05
C VAL A 3 2.90 -9.93 -11.78
N THR A 4 2.41 -8.97 -12.56
CA THR A 4 2.71 -7.53 -12.40
C THR A 4 1.61 -6.66 -12.99
N TYR A 5 1.20 -5.62 -12.24
CA TYR A 5 0.10 -4.70 -12.57
C TYR A 5 0.32 -3.34 -11.90
N ASP A 6 -0.54 -2.36 -12.19
CA ASP A 6 -0.43 -1.00 -11.66
C ASP A 6 -1.78 -0.32 -11.40
N MET A 7 -1.76 0.65 -10.49
CA MET A 7 -2.87 1.52 -10.12
C MET A 7 -2.35 2.95 -9.92
N GLU A 8 -1.82 3.55 -10.99
CA GLU A 8 -1.48 4.97 -11.02
C GLU A 8 -2.72 5.83 -10.90
N ILE A 9 -2.72 6.79 -9.96
CA ILE A 9 -3.90 7.57 -9.61
C ILE A 9 -3.50 9.04 -9.31
N PRO A 10 -4.18 10.04 -9.89
CA PRO A 10 -4.09 11.43 -9.42
C PRO A 10 -4.73 11.54 -8.03
N SER A 11 -4.13 12.34 -7.14
CA SER A 11 -4.57 12.48 -5.76
C SER A 11 -4.59 13.94 -5.30
N LYS A 12 -5.67 14.34 -4.62
CA LYS A 12 -5.94 15.73 -4.18
C LYS A 12 -5.09 16.18 -2.97
N VAL A 13 -3.81 15.79 -2.90
CA VAL A 13 -2.87 16.14 -1.82
C VAL A 13 -1.42 16.25 -2.37
N PRO A 14 -0.62 17.27 -1.98
CA PRO A 14 0.72 17.52 -2.57
C PRO A 14 1.72 16.38 -2.39
N PRO A 15 2.76 16.23 -3.25
CA PRO A 15 3.68 15.09 -3.18
C PRO A 15 4.45 15.00 -1.85
N VAL A 16 4.88 16.14 -1.27
CA VAL A 16 5.53 16.16 0.06
C VAL A 16 4.57 15.70 1.16
N LYS A 17 3.29 16.10 1.07
CA LYS A 17 2.23 15.67 2.00
C LYS A 17 1.85 14.20 1.84
N LEU A 18 1.78 13.69 0.60
CA LEU A 18 1.66 12.25 0.33
C LEU A 18 2.84 11.50 0.93
N TYR A 19 4.07 12.03 0.81
CA TYR A 19 5.23 11.38 1.40
C TYR A 19 5.16 11.34 2.93
N LYS A 20 4.85 12.46 3.59
CA LYS A 20 4.64 12.53 5.05
C LYS A 20 3.54 11.55 5.50
N ALA A 21 2.34 11.66 4.94
CA ALA A 21 1.14 10.97 5.39
C ALA A 21 1.06 9.52 4.92
N PHE A 22 1.14 9.28 3.61
CA PHE A 22 0.90 7.98 2.99
C PHE A 22 2.11 7.05 3.14
N ILE A 23 3.31 7.59 2.92
CA ILE A 23 4.55 6.80 2.93
C ILE A 23 5.13 6.73 4.34
N LEU A 24 5.34 7.88 4.99
CA LEU A 24 5.95 7.96 6.31
C LEU A 24 4.95 7.83 7.45
N ASP A 25 3.66 7.65 7.15
CA ASP A 25 2.71 7.11 8.11
C ASP A 25 1.70 6.12 7.52
N GLY A 26 2.11 5.39 6.48
CA GLY A 26 1.49 4.14 6.01
C GLY A 26 1.57 2.99 7.02
N ASP A 27 1.61 3.32 8.31
CA ASP A 27 1.87 2.44 9.46
C ASP A 27 0.96 2.76 10.66
N THR A 28 0.43 4.00 10.76
CA THR A 28 -0.60 4.38 11.74
C THR A 28 -1.73 5.23 11.14
N LEU A 29 -1.51 5.92 10.00
CA LEU A 29 -2.62 6.54 9.24
C LEU A 29 -3.37 5.49 8.41
N VAL A 30 -2.69 4.61 7.69
CA VAL A 30 -3.34 3.63 6.81
C VAL A 30 -4.43 2.75 7.48
N PRO A 31 -4.33 2.32 8.77
CA PRO A 31 -5.42 1.64 9.45
C PRO A 31 -6.46 2.58 10.08
N LYS A 32 -6.07 3.78 10.58
CA LYS A 32 -6.98 4.62 11.39
C LYS A 32 -8.20 5.13 10.62
N VAL A 33 -8.10 5.27 9.30
CA VAL A 33 -9.16 5.76 8.39
C VAL A 33 -9.94 4.69 7.61
N LEU A 34 -9.52 3.41 7.58
CA LEU A 34 -10.29 2.35 6.88
C LEU A 34 -10.05 0.95 7.48
N PRO A 35 -10.40 0.71 8.76
CA PRO A 35 -10.15 -0.57 9.42
C PRO A 35 -11.09 -1.71 9.01
N HIS A 36 -11.92 -1.51 7.99
CA HIS A 36 -12.58 -2.60 7.23
C HIS A 36 -11.70 -3.21 6.14
N ALA A 37 -10.52 -2.64 5.86
CA ALA A 37 -9.55 -3.18 4.91
C ALA A 37 -8.09 -3.12 5.39
N ILE A 38 -7.75 -2.27 6.36
CA ILE A 38 -6.52 -2.40 7.16
C ILE A 38 -6.89 -2.22 8.65
N LYS A 39 -7.45 -3.25 9.27
CA LYS A 39 -7.90 -3.27 10.67
C LYS A 39 -6.80 -2.89 11.66
N CYS A 40 -5.59 -3.39 11.42
CA CYS A 40 -4.36 -3.04 12.16
C CYS A 40 -3.13 -3.03 11.25
N VAL A 41 -2.13 -2.29 11.73
CA VAL A 41 -0.73 -2.39 11.30
C VAL A 41 0.14 -2.32 12.55
N LYS A 42 1.17 -3.17 12.63
CA LYS A 42 2.26 -3.06 13.62
C LYS A 42 3.58 -3.47 12.99
N ILE A 43 4.68 -2.97 13.53
CA ILE A 43 6.02 -3.44 13.16
C ILE A 43 6.37 -4.70 13.96
N LEU A 44 6.86 -5.73 13.27
CA LEU A 44 7.52 -6.89 13.87
C LEU A 44 9.02 -6.65 14.09
N GLU A 45 9.68 -5.92 13.19
CA GLU A 45 11.14 -5.73 13.18
C GLU A 45 11.53 -4.44 12.46
N GLY A 46 12.56 -3.71 12.94
CA GLY A 46 13.06 -2.49 12.27
C GLY A 46 12.35 -1.19 12.67
N ASP A 47 12.56 -0.12 11.90
CA ASP A 47 12.08 1.24 12.21
C ASP A 47 11.57 2.05 10.99
N GLY A 48 11.60 1.46 9.79
CA GLY A 48 11.37 2.10 8.50
C GLY A 48 12.58 2.03 7.55
N CYS A 49 13.78 1.72 8.05
CA CYS A 49 14.94 1.36 7.22
C CYS A 49 14.65 0.12 6.36
N ALA A 50 15.35 -0.02 5.23
CA ALA A 50 15.24 -1.19 4.34
C ALA A 50 15.39 -2.51 5.11
N GLY A 51 14.51 -3.48 4.86
CA GLY A 51 14.41 -4.72 5.65
C GLY A 51 13.56 -4.60 6.93
N THR A 52 12.88 -3.47 7.17
CA THR A 52 11.88 -3.35 8.25
C THR A 52 10.66 -4.21 7.93
N ILE A 53 10.04 -4.87 8.91
CA ILE A 53 8.87 -5.74 8.70
C ILE A 53 7.67 -5.23 9.51
N LYS A 54 6.54 -5.05 8.82
CA LYS A 54 5.19 -4.91 9.38
C LYS A 54 4.41 -6.21 9.29
N GLU A 55 3.39 -6.33 10.14
CA GLU A 55 2.30 -7.28 9.97
C GLU A 55 0.95 -6.56 10.06
N VAL A 56 -0.02 -7.06 9.30
CA VAL A 56 -1.27 -6.44 8.91
C VAL A 56 -2.43 -7.40 9.18
N THR A 57 -3.53 -6.88 9.73
CA THR A 57 -4.85 -7.54 9.74
C THR A 57 -5.78 -6.68 8.89
N PHE A 58 -6.51 -7.25 7.94
CA PHE A 58 -7.30 -6.48 6.96
C PHE A 58 -8.68 -6.03 7.50
N GLY A 59 -9.50 -6.93 8.04
CA GLY A 59 -10.84 -6.64 8.58
C GLY A 59 -11.27 -7.53 9.77
N GLU A 60 -10.45 -8.52 10.13
CA GLU A 60 -10.64 -9.47 11.23
C GLU A 60 -11.96 -10.28 11.17
N GLY A 61 -12.42 -10.65 9.97
CA GLY A 61 -13.63 -11.46 9.75
C GLY A 61 -13.54 -12.35 8.49
N SER A 62 -14.64 -12.98 8.11
CA SER A 62 -14.72 -13.98 7.02
C SER A 62 -14.35 -13.45 5.63
N HIS A 63 -14.21 -12.13 5.46
CA HIS A 63 -13.77 -11.47 4.25
C HIS A 63 -12.27 -11.62 3.98
N HIS A 64 -11.39 -11.46 4.99
CA HIS A 64 -9.93 -11.57 4.85
C HIS A 64 -9.21 -11.75 6.20
N LYS A 65 -7.94 -12.18 6.16
CA LYS A 65 -7.10 -12.56 7.31
C LYS A 65 -5.89 -11.64 7.50
N CYS A 66 -4.71 -12.01 7.01
CA CYS A 66 -3.44 -11.46 7.49
C CYS A 66 -2.36 -11.30 6.40
N VAL A 67 -1.40 -10.40 6.63
CA VAL A 67 -0.21 -10.18 5.78
C VAL A 67 1.01 -9.77 6.58
N LYS A 68 2.19 -10.25 6.16
CA LYS A 68 3.49 -9.72 6.57
C LYS A 68 4.17 -8.99 5.42
N GLN A 69 4.82 -7.87 5.73
CA GLN A 69 5.17 -6.84 4.77
C GLN A 69 6.56 -6.25 5.07
N ARG A 70 7.56 -6.61 4.27
CA ARG A 70 8.93 -6.07 4.37
C ARG A 70 9.05 -4.76 3.59
N VAL A 71 9.29 -3.67 4.29
CA VAL A 71 9.69 -2.37 3.75
C VAL A 71 11.05 -2.50 3.09
N ASP A 72 11.07 -2.39 1.76
CA ASP A 72 12.25 -2.63 0.92
C ASP A 72 13.09 -1.36 0.73
N ALA A 73 12.45 -0.24 0.40
CA ALA A 73 13.12 1.06 0.26
C ALA A 73 12.11 2.21 0.28
N ILE A 74 12.07 2.98 1.36
CA ILE A 74 11.56 4.35 1.40
C ILE A 74 12.67 5.26 0.86
N ASP A 75 12.47 5.97 -0.26
CA ASP A 75 13.45 6.96 -0.76
C ASP A 75 12.84 8.33 -1.11
N LYS A 76 13.20 9.33 -0.31
CA LYS A 76 12.76 10.72 -0.43
C LYS A 76 13.44 11.50 -1.57
N ASP A 77 14.39 10.89 -2.29
CA ASP A 77 14.99 11.49 -3.48
C ASP A 77 14.05 11.55 -4.70
N ASN A 78 13.01 10.70 -4.78
CA ASN A 78 12.36 10.39 -6.07
C ASN A 78 10.98 11.01 -6.36
N LEU A 79 9.99 11.13 -5.47
CA LEU A 79 9.74 10.37 -4.25
C LEU A 79 9.34 8.92 -4.60
N THR A 80 9.84 7.91 -3.87
CA THR A 80 9.45 6.50 -4.06
C THR A 80 9.31 5.72 -2.75
N TYR A 81 8.59 4.60 -2.83
CA TYR A 81 8.45 3.61 -1.76
C TYR A 81 8.28 2.22 -2.36
N SER A 82 9.15 1.28 -1.98
CA SER A 82 8.95 -0.15 -2.21
C SER A 82 8.73 -0.90 -0.90
N TYR A 83 7.81 -1.86 -0.93
CA TYR A 83 7.59 -2.83 0.13
C TYR A 83 7.01 -4.12 -0.45
N THR A 84 7.39 -5.26 0.12
CA THR A 84 7.03 -6.58 -0.35
C THR A 84 6.11 -7.28 0.64
N ILE A 85 4.95 -7.76 0.19
CA ILE A 85 4.20 -8.78 0.94
C ILE A 85 5.02 -10.07 0.88
N ILE A 86 5.65 -10.38 2.01
CA ILE A 86 6.59 -11.49 2.20
C ILE A 86 5.90 -12.76 2.68
N GLU A 87 4.75 -12.64 3.34
CA GLU A 87 4.04 -13.75 3.97
C GLU A 87 2.58 -13.36 4.26
N GLY A 88 1.79 -14.33 4.74
CA GLY A 88 0.39 -14.16 5.09
C GLY A 88 -0.56 -14.75 4.07
N ASP A 89 -1.84 -14.69 4.41
CA ASP A 89 -2.89 -15.45 3.73
C ASP A 89 -3.10 -15.03 2.27
N VAL A 90 -2.80 -13.76 1.94
CA VAL A 90 -3.02 -13.14 0.62
C VAL A 90 -2.21 -13.78 -0.50
N LEU A 91 -0.98 -14.26 -0.26
CA LEU A 91 -0.16 -14.85 -1.32
C LEU A 91 -0.79 -16.16 -1.84
N ALA A 92 -1.29 -16.98 -0.91
CA ALA A 92 -2.11 -18.18 -1.14
C ALA A 92 -1.49 -19.15 -2.17
N GLU A 93 -2.32 -19.88 -2.93
CA GLU A 93 -1.88 -20.83 -3.96
C GLU A 93 -1.56 -20.19 -5.33
N LYS A 94 -1.35 -18.86 -5.37
CA LYS A 94 -1.19 -18.09 -6.61
C LYS A 94 0.13 -17.33 -6.65
N PHE A 95 0.24 -16.31 -5.80
CA PHE A 95 1.37 -15.41 -5.72
C PHE A 95 2.46 -15.98 -4.80
N GLU A 96 3.63 -15.38 -4.83
CA GLU A 96 4.66 -15.62 -3.81
C GLU A 96 5.37 -14.34 -3.35
N SER A 97 5.36 -13.24 -4.13
CA SER A 97 5.72 -11.96 -3.51
C SER A 97 5.13 -10.74 -4.24
N ILE A 98 4.26 -10.05 -3.51
CA ILE A 98 3.59 -8.83 -3.99
C ILE A 98 4.43 -7.62 -3.59
N SER A 99 5.43 -7.29 -4.42
CA SER A 99 6.36 -6.19 -4.20
C SER A 99 5.87 -4.91 -4.87
N TYR A 100 5.39 -3.98 -4.06
CA TYR A 100 4.91 -2.68 -4.50
C TYR A 100 6.08 -1.77 -4.88
N HIS A 101 5.83 -0.90 -5.86
CA HIS A 101 6.74 0.12 -6.38
C HIS A 101 5.94 1.41 -6.57
N ILE A 102 5.78 2.19 -5.51
CA ILE A 102 5.12 3.50 -5.54
C ILE A 102 6.12 4.57 -5.99
N LYS A 103 5.74 5.42 -6.95
CA LYS A 103 6.40 6.71 -7.24
C LYS A 103 5.41 7.86 -7.08
N ILE A 104 5.82 8.98 -6.51
CA ILE A 104 5.00 10.17 -6.27
C ILE A 104 5.58 11.38 -7.03
N VAL A 105 4.70 12.14 -7.68
CA VAL A 105 5.02 13.26 -8.60
C VAL A 105 4.07 14.45 -8.35
N ALA A 106 4.53 15.69 -8.53
CA ALA A 106 3.75 16.90 -8.30
C ALA A 106 2.58 17.11 -9.29
N CYS A 107 1.67 18.04 -8.96
CA CYS A 107 0.56 18.50 -9.80
C CYS A 107 0.15 19.94 -9.40
N PRO A 108 -0.02 20.89 -10.35
CA PRO A 108 -0.31 22.29 -10.05
C PRO A 108 -1.70 22.53 -9.45
N ASP A 109 -2.61 21.55 -9.51
CA ASP A 109 -3.96 21.61 -8.94
C ASP A 109 -3.98 21.69 -7.40
N GLY A 110 -2.82 21.65 -6.73
CA GLY A 110 -2.69 21.53 -5.28
C GLY A 110 -2.65 20.07 -4.82
N GLY A 111 -2.01 19.20 -5.60
CA GLY A 111 -2.05 17.75 -5.43
C GLY A 111 -0.85 17.02 -6.01
N SER A 112 -1.02 15.75 -6.36
CA SER A 112 0.05 14.87 -6.85
C SER A 112 -0.51 13.77 -7.77
N ILE A 113 0.39 13.01 -8.39
CA ILE A 113 0.08 11.72 -9.03
C ILE A 113 0.89 10.64 -8.30
N CYS A 114 0.23 9.55 -7.92
CA CYS A 114 0.82 8.43 -7.21
C CYS A 114 0.78 7.16 -8.10
N LYS A 115 1.92 6.80 -8.68
CA LYS A 115 2.11 5.67 -9.60
C LYS A 115 2.34 4.38 -8.82
N ASN A 116 1.26 3.75 -8.37
CA ASN A 116 1.32 2.52 -7.57
C ASN A 116 1.50 1.28 -8.48
N ARG A 117 2.73 0.91 -8.86
CA ARG A 117 3.01 -0.41 -9.45
C ARG A 117 3.00 -1.48 -8.35
N SER A 118 2.77 -2.73 -8.75
CA SER A 118 3.15 -3.89 -7.95
C SER A 118 3.57 -5.09 -8.81
N ILE A 119 4.66 -5.73 -8.37
CA ILE A 119 5.03 -7.10 -8.70
C ILE A 119 4.22 -8.05 -7.78
N TYR A 120 4.29 -9.38 -7.97
CA TYR A 120 3.40 -10.45 -7.47
C TYR A 120 4.09 -11.83 -7.64
N THR A 121 5.42 -11.89 -7.81
CA THR A 121 6.23 -13.05 -8.28
C THR A 121 5.65 -14.38 -7.85
N THR A 122 5.18 -15.20 -8.80
CA THR A 122 4.27 -16.31 -8.51
C THR A 122 4.99 -17.52 -7.92
N LYS A 123 4.20 -18.45 -7.39
CA LYS A 123 4.62 -19.85 -7.17
C LYS A 123 4.18 -20.71 -8.35
N GLY A 124 5.03 -21.63 -8.81
CA GLY A 124 4.69 -22.65 -9.82
C GLY A 124 4.03 -22.12 -11.11
N ASP A 125 4.29 -20.86 -11.47
CA ASP A 125 3.65 -20.08 -12.55
C ASP A 125 2.11 -20.11 -12.53
N CYS A 126 1.51 -20.09 -11.34
CA CYS A 126 0.06 -20.12 -11.16
C CYS A 126 -0.62 -18.90 -11.80
N LYS A 127 -1.69 -19.15 -12.58
CA LYS A 127 -2.50 -18.14 -13.27
C LYS A 127 -3.48 -17.43 -12.33
N VAL A 128 -3.80 -16.16 -12.61
CA VAL A 128 -4.80 -15.38 -11.85
C VAL A 128 -5.76 -14.63 -12.77
N SER A 129 -7.04 -14.55 -12.36
CA SER A 129 -8.08 -13.80 -13.05
C SER A 129 -7.86 -12.30 -12.95
N GLU A 130 -8.07 -11.60 -14.06
CA GLU A 130 -8.01 -10.14 -14.12
C GLU A 130 -9.12 -9.47 -13.29
N GLU A 131 -10.21 -10.18 -12.96
CA GLU A 131 -11.27 -9.67 -12.10
C GLU A 131 -10.82 -9.62 -10.64
N GLU A 132 -10.06 -10.64 -10.21
CA GLU A 132 -9.37 -10.68 -8.92
C GLU A 132 -8.22 -9.66 -8.87
N ILE A 133 -7.51 -9.43 -9.99
CA ILE A 133 -6.55 -8.33 -10.08
C ILE A 133 -7.25 -6.99 -9.83
N LYS A 134 -8.42 -6.76 -10.46
CA LYS A 134 -9.33 -5.65 -10.18
C LYS A 134 -9.75 -5.63 -8.71
N LEU A 135 -10.15 -6.74 -8.09
CA LEU A 135 -10.47 -6.76 -6.64
C LEU A 135 -9.28 -6.29 -5.78
N GLY A 136 -8.04 -6.67 -6.12
CA GLY A 136 -6.82 -6.23 -5.43
C GLY A 136 -6.48 -4.75 -5.66
N LYS A 137 -6.55 -4.30 -6.92
CA LYS A 137 -6.44 -2.90 -7.35
C LYS A 137 -7.48 -2.01 -6.63
N GLU A 138 -8.71 -2.49 -6.55
CA GLU A 138 -9.87 -1.76 -6.04
C GLU A 138 -9.89 -1.66 -4.51
N LYS A 139 -9.47 -2.71 -3.78
CA LYS A 139 -9.26 -2.62 -2.32
C LYS A 139 -8.11 -1.68 -1.97
N ALA A 140 -7.02 -1.70 -2.75
CA ALA A 140 -5.91 -0.77 -2.58
C ALA A 140 -6.34 0.69 -2.86
N ALA A 141 -7.11 0.91 -3.94
CA ALA A 141 -7.73 2.21 -4.24
C ALA A 141 -8.73 2.66 -3.16
N GLU A 142 -9.45 1.73 -2.53
CA GLU A 142 -10.39 2.03 -1.43
C GLU A 142 -9.66 2.48 -0.15
N ILE A 143 -8.55 1.82 0.19
CA ILE A 143 -7.67 2.21 1.29
C ILE A 143 -7.04 3.58 0.99
N PHE A 144 -6.47 3.74 -0.21
CA PHE A 144 -5.85 4.98 -0.67
C PHE A 144 -6.81 6.16 -0.57
N LYS A 145 -8.03 6.01 -1.08
CA LYS A 145 -9.04 7.07 -1.14
C LYS A 145 -9.63 7.41 0.23
N ALA A 146 -9.55 6.51 1.21
CA ALA A 146 -9.83 6.83 2.61
C ALA A 146 -8.77 7.77 3.21
N LEU A 147 -7.49 7.58 2.84
CA LEU A 147 -6.42 8.47 3.29
C LEU A 147 -6.56 9.83 2.61
N GLU A 148 -6.85 9.86 1.31
CA GLU A 148 -7.16 11.09 0.57
C GLU A 148 -8.44 11.79 1.09
N ALA A 149 -9.46 11.06 1.53
CA ALA A 149 -10.66 11.66 2.14
C ALA A 149 -10.34 12.43 3.44
N TYR A 150 -9.34 11.98 4.22
CA TYR A 150 -8.78 12.75 5.32
C TYR A 150 -7.87 13.89 4.81
N LEU A 151 -6.98 13.59 3.87
CA LEU A 151 -5.95 14.49 3.32
C LEU A 151 -6.48 15.60 2.39
N LEU A 152 -7.72 15.53 1.92
CA LEU A 152 -8.41 16.65 1.25
C LEU A 152 -8.94 17.67 2.28
N ALA A 153 -9.39 17.22 3.45
CA ALA A 153 -9.74 18.08 4.57
C ALA A 153 -8.49 18.59 5.34
N ASN A 154 -7.47 17.76 5.47
CA ASN A 154 -6.34 17.92 6.40
C ASN A 154 -4.98 17.53 5.78
N PRO A 155 -4.55 18.09 4.63
CA PRO A 155 -3.38 17.61 3.88
C PRO A 155 -2.07 17.59 4.68
N ASP A 156 -1.91 18.48 5.65
CA ASP A 156 -0.78 18.49 6.58
C ASP A 156 -0.92 17.41 7.66
N TYR A 157 -0.61 16.15 7.34
CA TYR A 157 -0.43 15.11 8.37
C TYR A 157 0.79 15.42 9.25
N CYS A 158 0.68 15.22 10.56
CA CYS A 158 1.74 15.48 11.56
C CYS A 158 2.09 14.21 12.34
N GLY A 1 9.19 -16.72 -13.77
CA GLY A 1 7.77 -16.68 -13.42
C GLY A 1 7.47 -15.59 -12.40
N VAL A 2 7.13 -14.40 -12.90
CA VAL A 2 6.72 -13.26 -12.07
C VAL A 2 5.53 -12.53 -12.69
N VAL A 3 4.54 -12.13 -11.88
CA VAL A 3 3.49 -11.21 -12.37
C VAL A 3 3.90 -9.76 -12.07
N THR A 4 3.45 -8.81 -12.90
CA THR A 4 3.72 -7.37 -12.75
C THR A 4 2.63 -6.51 -13.41
N TYR A 5 2.18 -5.47 -12.70
CA TYR A 5 1.13 -4.53 -13.13
C TYR A 5 1.31 -3.18 -12.42
N ASP A 6 0.46 -2.19 -12.71
CA ASP A 6 0.51 -0.85 -12.13
C ASP A 6 -0.89 -0.22 -12.00
N MET A 7 -1.06 0.61 -10.96
CA MET A 7 -2.28 1.34 -10.63
C MET A 7 -1.94 2.80 -10.33
N GLU A 8 -1.67 3.59 -11.37
CA GLU A 8 -1.56 5.04 -11.24
C GLU A 8 -2.92 5.67 -10.91
N ILE A 9 -2.92 6.61 -9.97
CA ILE A 9 -4.12 7.32 -9.51
C ILE A 9 -3.82 8.81 -9.30
N PRO A 10 -4.41 9.71 -10.11
CA PRO A 10 -4.43 11.16 -9.84
C PRO A 10 -5.19 11.47 -8.56
N SER A 11 -4.78 12.53 -7.85
CA SER A 11 -5.14 12.75 -6.45
C SER A 11 -5.31 14.21 -6.06
N LYS A 12 -6.25 14.45 -5.14
CA LYS A 12 -6.65 15.79 -4.64
C LYS A 12 -5.81 16.31 -3.47
N VAL A 13 -4.74 15.63 -3.06
CA VAL A 13 -3.81 16.05 -2.00
C VAL A 13 -2.40 16.37 -2.55
N PRO A 14 -1.69 17.42 -2.06
CA PRO A 14 -0.37 17.83 -2.57
C PRO A 14 0.72 16.73 -2.45
N PRO A 15 1.80 16.75 -3.25
CA PRO A 15 2.71 15.60 -3.40
C PRO A 15 3.59 15.31 -2.18
N VAL A 16 4.12 16.33 -1.51
CA VAL A 16 4.87 16.14 -0.24
C VAL A 16 3.91 15.80 0.90
N LYS A 17 2.65 16.26 0.86
CA LYS A 17 1.59 15.77 1.77
C LYS A 17 1.25 14.30 1.52
N LEU A 18 1.21 13.83 0.28
CA LEU A 18 1.10 12.40 -0.05
C LEU A 18 2.30 11.62 0.49
N TYR A 19 3.52 12.12 0.33
CA TYR A 19 4.71 11.49 0.90
C TYR A 19 4.65 11.42 2.44
N LYS A 20 4.36 12.53 3.11
CA LYS A 20 4.17 12.58 4.56
C LYS A 20 3.09 11.61 5.05
N ALA A 21 1.89 11.71 4.48
CA ALA A 21 0.72 10.98 4.96
C ALA A 21 0.70 9.50 4.52
N PHE A 22 0.85 9.24 3.22
CA PHE A 22 0.71 7.91 2.63
C PHE A 22 1.95 7.05 2.90
N ILE A 23 3.14 7.67 2.86
CA ILE A 23 4.43 6.96 2.89
C ILE A 23 5.06 7.02 4.28
N LEU A 24 5.22 8.21 4.87
CA LEU A 24 5.76 8.35 6.23
C LEU A 24 4.71 8.12 7.34
N ASP A 25 3.44 7.90 7.01
CA ASP A 25 2.46 7.34 7.94
C ASP A 25 1.54 6.29 7.31
N GLY A 26 2.11 5.51 6.37
CA GLY A 26 1.64 4.19 5.93
C GLY A 26 1.73 3.12 7.03
N ASP A 27 1.33 3.51 8.25
CA ASP A 27 1.59 2.89 9.53
C ASP A 27 0.43 3.12 10.51
N THR A 28 -0.04 4.37 10.62
CA THR A 28 -1.16 4.75 11.50
C THR A 28 -2.26 5.55 10.79
N LEU A 29 -1.98 6.20 9.65
CA LEU A 29 -3.05 6.75 8.80
C LEU A 29 -3.68 5.67 7.92
N VAL A 30 -2.88 4.83 7.26
CA VAL A 30 -3.39 3.78 6.37
C VAL A 30 -4.41 2.80 6.99
N PRO A 31 -4.36 2.45 8.30
CA PRO A 31 -5.45 1.71 8.93
C PRO A 31 -6.65 2.61 9.31
N LYS A 32 -6.39 3.76 9.96
CA LYS A 32 -7.43 4.47 10.74
C LYS A 32 -8.64 4.91 9.92
N VAL A 33 -8.44 5.25 8.65
CA VAL A 33 -9.51 5.73 7.75
C VAL A 33 -10.39 4.61 7.19
N LEU A 34 -9.93 3.35 7.17
CA LEU A 34 -10.69 2.21 6.65
C LEU A 34 -10.28 0.89 7.33
N PRO A 35 -10.52 0.72 8.64
CA PRO A 35 -10.13 -0.49 9.37
C PRO A 35 -11.04 -1.70 9.07
N HIS A 36 -11.86 -1.63 8.02
CA HIS A 36 -12.55 -2.76 7.39
C HIS A 36 -11.83 -3.25 6.11
N ALA A 37 -10.69 -2.64 5.77
CA ALA A 37 -9.77 -3.08 4.72
C ALA A 37 -8.30 -3.03 5.16
N ILE A 38 -7.92 -2.20 6.15
CA ILE A 38 -6.65 -2.31 6.90
C ILE A 38 -6.94 -2.13 8.41
N LYS A 39 -7.49 -3.16 9.05
CA LYS A 39 -7.91 -3.17 10.47
C LYS A 39 -6.85 -2.62 11.42
N CYS A 40 -5.61 -3.12 11.30
CA CYS A 40 -4.43 -2.61 11.98
C CYS A 40 -3.18 -2.81 11.11
N VAL A 41 -2.23 -1.88 11.20
CA VAL A 41 -0.85 -2.04 10.74
C VAL A 41 0.10 -1.85 11.92
N LYS A 42 1.15 -2.68 12.03
CA LYS A 42 2.22 -2.52 13.03
C LYS A 42 3.56 -3.08 12.56
N ILE A 43 4.66 -2.56 13.08
CA ILE A 43 6.01 -3.13 12.88
C ILE A 43 6.21 -4.36 13.77
N LEU A 44 6.61 -5.47 13.16
CA LEU A 44 7.21 -6.63 13.83
C LEU A 44 8.70 -6.39 14.10
N GLU A 45 9.45 -5.91 13.11
CA GLU A 45 10.92 -5.81 13.15
C GLU A 45 11.44 -4.56 12.43
N GLY A 46 12.41 -3.85 13.03
CA GLY A 46 12.99 -2.62 12.46
C GLY A 46 12.31 -1.34 12.96
N ASP A 47 12.40 -0.26 12.18
CA ASP A 47 11.85 1.07 12.55
C ASP A 47 11.35 1.93 11.37
N GLY A 48 11.56 1.50 10.12
CA GLY A 48 11.24 2.27 8.91
C GLY A 48 12.36 2.31 7.86
N CYS A 49 13.59 1.90 8.19
CA CYS A 49 14.66 1.69 7.20
C CYS A 49 14.48 0.36 6.42
N ALA A 50 15.20 0.22 5.30
CA ALA A 50 15.12 -0.96 4.43
C ALA A 50 15.35 -2.28 5.19
N GLY A 51 14.48 -3.26 4.95
CA GLY A 51 14.40 -4.51 5.72
C GLY A 51 13.39 -4.48 6.87
N THR A 52 12.70 -3.35 7.13
CA THR A 52 11.74 -3.22 8.24
C THR A 52 10.48 -4.02 7.93
N ILE A 53 10.05 -4.93 8.79
CA ILE A 53 8.84 -5.74 8.60
C ILE A 53 7.67 -5.17 9.38
N LYS A 54 6.57 -4.89 8.67
CA LYS A 54 5.22 -4.71 9.19
C LYS A 54 4.37 -5.95 9.01
N GLU A 55 3.29 -6.02 9.77
CA GLU A 55 2.19 -6.96 9.56
C GLU A 55 0.84 -6.22 9.56
N VAL A 56 -0.07 -6.74 8.76
CA VAL A 56 -1.37 -6.21 8.36
C VAL A 56 -2.44 -7.23 8.77
N THR A 57 -3.54 -6.78 9.38
CA THR A 57 -4.83 -7.49 9.31
C THR A 57 -5.79 -6.60 8.52
N PHE A 58 -6.54 -7.16 7.57
CA PHE A 58 -7.36 -6.37 6.64
C PHE A 58 -8.71 -5.91 7.25
N GLY A 59 -9.53 -6.81 7.77
CA GLY A 59 -10.82 -6.48 8.42
C GLY A 59 -11.18 -7.31 9.65
N GLU A 60 -10.38 -8.31 10.02
CA GLU A 60 -10.63 -9.28 11.11
C GLU A 60 -12.00 -9.97 10.93
N GLY A 61 -12.09 -10.88 9.97
CA GLY A 61 -13.33 -11.59 9.63
C GLY A 61 -13.29 -12.30 8.27
N SER A 62 -14.40 -12.94 7.91
CA SER A 62 -14.57 -13.76 6.71
C SER A 62 -14.71 -12.96 5.40
N HIS A 63 -13.70 -12.13 5.11
CA HIS A 63 -13.56 -11.33 3.88
C HIS A 63 -12.11 -11.36 3.36
N HIS A 64 -11.15 -11.34 4.28
CA HIS A 64 -9.70 -11.33 4.07
C HIS A 64 -9.00 -11.62 5.41
N LYS A 65 -7.71 -11.95 5.37
CA LYS A 65 -6.94 -12.39 6.55
C LYS A 65 -5.85 -11.40 6.94
N CYS A 66 -4.59 -11.73 6.69
CA CYS A 66 -3.42 -10.98 7.15
C CYS A 66 -2.27 -11.05 6.13
N VAL A 67 -1.32 -10.12 6.28
CA VAL A 67 -0.16 -9.97 5.39
C VAL A 67 1.06 -9.47 6.16
N LYS A 68 2.23 -9.99 5.80
CA LYS A 68 3.52 -9.46 6.24
C LYS A 68 4.19 -8.71 5.10
N GLN A 69 4.82 -7.58 5.43
CA GLN A 69 5.12 -6.51 4.50
C GLN A 69 6.46 -5.85 4.87
N ARG A 70 7.51 -6.07 4.08
CA ARG A 70 8.84 -5.50 4.32
C ARG A 70 9.04 -4.18 3.57
N VAL A 71 9.30 -3.09 4.28
CA VAL A 71 9.75 -1.81 3.72
C VAL A 71 11.12 -2.01 3.06
N ASP A 72 11.20 -1.70 1.77
CA ASP A 72 12.35 -1.94 0.92
C ASP A 72 13.15 -0.67 0.59
N ALA A 73 12.46 0.46 0.39
CA ALA A 73 13.07 1.79 0.25
C ALA A 73 12.01 2.91 0.41
N ILE A 74 12.23 3.87 1.30
CA ILE A 74 11.47 5.14 1.35
C ILE A 74 12.43 6.29 0.99
N ASP A 75 11.99 7.24 0.16
CA ASP A 75 12.90 8.27 -0.38
C ASP A 75 12.19 9.58 -0.78
N LYS A 76 12.52 10.68 -0.09
CA LYS A 76 12.00 12.03 -0.31
C LYS A 76 12.57 12.70 -1.57
N ASP A 77 13.59 12.13 -2.22
CA ASP A 77 14.21 12.73 -3.42
C ASP A 77 13.32 12.67 -4.67
N ASN A 78 12.22 11.91 -4.65
CA ASN A 78 11.55 11.46 -5.87
C ASN A 78 10.11 12.00 -6.06
N LEU A 79 9.13 11.86 -5.17
CA LEU A 79 9.07 11.12 -3.90
C LEU A 79 8.64 9.65 -4.17
N THR A 80 9.17 8.66 -3.45
CA THR A 80 8.90 7.23 -3.72
C THR A 80 8.75 6.36 -2.46
N TYR A 81 8.20 5.16 -2.68
CA TYR A 81 8.10 4.07 -1.70
C TYR A 81 8.19 2.71 -2.40
N SER A 82 9.02 1.82 -1.87
CA SER A 82 9.01 0.39 -2.20
C SER A 82 8.82 -0.44 -0.94
N TYR A 83 7.96 -1.44 -1.03
CA TYR A 83 7.75 -2.45 0.01
C TYR A 83 7.24 -3.76 -0.61
N THR A 84 7.56 -4.89 0.01
CA THR A 84 7.23 -6.22 -0.50
C THR A 84 6.30 -6.94 0.45
N ILE A 85 5.15 -7.44 -0.04
CA ILE A 85 4.38 -8.46 0.67
C ILE A 85 5.20 -9.75 0.63
N ILE A 86 5.80 -10.06 1.78
CA ILE A 86 6.70 -11.19 1.99
C ILE A 86 5.95 -12.47 2.40
N GLU A 87 4.77 -12.35 3.02
CA GLU A 87 3.94 -13.47 3.47
C GLU A 87 2.48 -13.05 3.65
N GLY A 88 1.56 -14.00 3.79
CA GLY A 88 0.13 -13.77 4.05
C GLY A 88 -0.82 -14.27 2.97
N ASP A 89 -2.11 -14.28 3.29
CA ASP A 89 -3.20 -14.88 2.51
C ASP A 89 -3.40 -14.28 1.10
N VAL A 90 -2.92 -13.05 0.89
CA VAL A 90 -2.95 -12.37 -0.42
C VAL A 90 -2.06 -13.06 -1.46
N LEU A 91 -0.96 -13.72 -1.04
CA LEU A 91 -0.08 -14.43 -1.97
C LEU A 91 -0.77 -15.68 -2.54
N ALA A 92 -1.44 -16.45 -1.67
CA ALA A 92 -2.26 -17.61 -2.02
C ALA A 92 -1.50 -18.71 -2.79
N GLU A 93 -2.23 -19.64 -3.42
CA GLU A 93 -1.69 -20.63 -4.37
C GLU A 93 -1.30 -20.02 -5.73
N LYS A 94 -0.93 -18.72 -5.78
CA LYS A 94 -0.86 -17.89 -6.99
C LYS A 94 0.44 -17.08 -7.06
N PHE A 95 0.48 -15.97 -6.34
CA PHE A 95 1.66 -15.12 -6.19
C PHE A 95 2.61 -15.68 -5.14
N GLU A 96 3.82 -15.16 -5.08
CA GLU A 96 4.78 -15.48 -4.02
C GLU A 96 5.56 -14.23 -3.53
N SER A 97 5.61 -13.11 -4.29
CA SER A 97 5.96 -11.83 -3.63
C SER A 97 5.53 -10.58 -4.40
N ILE A 98 4.74 -9.75 -3.72
CA ILE A 98 4.13 -8.55 -4.29
C ILE A 98 4.94 -7.31 -3.87
N SER A 99 5.92 -6.92 -4.70
CA SER A 99 6.84 -5.81 -4.42
C SER A 99 6.41 -4.52 -5.11
N TYR A 100 5.91 -3.57 -4.33
CA TYR A 100 5.44 -2.27 -4.80
C TYR A 100 6.60 -1.31 -5.12
N HIS A 101 6.34 -0.41 -6.06
CA HIS A 101 7.24 0.62 -6.57
C HIS A 101 6.43 1.89 -6.85
N ILE A 102 6.07 2.60 -5.80
CA ILE A 102 5.31 3.85 -5.85
C ILE A 102 6.25 5.01 -6.22
N LYS A 103 5.82 5.89 -7.13
CA LYS A 103 6.32 7.27 -7.26
C LYS A 103 5.15 8.24 -7.11
N ILE A 104 5.34 9.33 -6.36
CA ILE A 104 4.39 10.44 -6.25
C ILE A 104 4.92 11.62 -7.07
N VAL A 105 4.08 12.19 -7.91
CA VAL A 105 4.36 13.35 -8.78
C VAL A 105 3.41 14.49 -8.40
N ALA A 106 3.81 15.76 -8.54
CA ALA A 106 2.89 16.89 -8.41
C ALA A 106 1.88 16.96 -9.57
N CYS A 107 0.77 17.70 -9.38
CA CYS A 107 -0.11 18.08 -10.49
C CYS A 107 -0.68 19.52 -10.30
N PRO A 108 -0.97 20.26 -11.40
CA PRO A 108 -1.25 21.69 -11.37
C PRO A 108 -2.51 22.11 -10.58
N ASP A 109 -3.48 21.22 -10.34
CA ASP A 109 -4.67 21.51 -9.52
C ASP A 109 -4.42 21.53 -8.01
N GLY A 110 -3.18 21.79 -7.55
CA GLY A 110 -2.80 21.69 -6.14
C GLY A 110 -2.89 20.26 -5.58
N GLY A 111 -2.76 19.26 -6.44
CA GLY A 111 -2.86 17.84 -6.10
C GLY A 111 -1.57 17.07 -6.40
N SER A 112 -1.71 15.77 -6.66
CA SER A 112 -0.59 14.89 -7.03
C SER A 112 -1.08 13.72 -7.89
N ILE A 113 -0.14 12.90 -8.38
CA ILE A 113 -0.40 11.65 -9.10
C ILE A 113 0.45 10.55 -8.46
N CYS A 114 -0.18 9.52 -7.92
CA CYS A 114 0.49 8.41 -7.24
C CYS A 114 0.58 7.20 -8.17
N LYS A 115 1.76 6.96 -8.72
CA LYS A 115 2.08 5.93 -9.71
C LYS A 115 2.49 4.62 -9.03
N ASN A 116 1.51 3.82 -8.64
CA ASN A 116 1.72 2.58 -7.88
C ASN A 116 2.05 1.39 -8.81
N ARG A 117 3.32 1.21 -9.20
CA ARG A 117 3.77 -0.05 -9.84
C ARG A 117 3.85 -1.18 -8.80
N SER A 118 3.71 -2.44 -9.23
CA SER A 118 3.94 -3.61 -8.38
C SER A 118 4.35 -4.87 -9.16
N ILE A 119 5.34 -5.56 -8.60
CA ILE A 119 5.72 -6.95 -8.89
C ILE A 119 4.84 -7.90 -8.04
N TYR A 120 4.95 -9.22 -8.20
CA TYR A 120 4.02 -10.28 -7.75
C TYR A 120 4.70 -11.69 -7.87
N THR A 121 6.03 -11.81 -7.93
CA THR A 121 6.84 -13.03 -8.28
C THR A 121 6.11 -14.34 -7.96
N THR A 122 5.68 -15.12 -8.95
CA THR A 122 4.66 -16.18 -8.74
C THR A 122 5.25 -17.50 -8.23
N LYS A 123 4.36 -18.42 -7.82
CA LYS A 123 4.72 -19.83 -7.52
C LYS A 123 4.21 -20.78 -8.61
N GLY A 124 5.01 -21.78 -8.98
CA GLY A 124 4.65 -22.83 -9.95
C GLY A 124 4.25 -22.35 -11.35
N ASP A 125 4.54 -21.08 -11.69
CA ASP A 125 4.00 -20.31 -12.83
C ASP A 125 2.47 -20.23 -12.86
N CYS A 126 1.82 -20.30 -11.69
CA CYS A 126 0.37 -20.17 -11.55
C CYS A 126 -0.10 -18.82 -12.09
N LYS A 127 -1.04 -18.87 -13.04
CA LYS A 127 -1.65 -17.70 -13.67
C LYS A 127 -2.79 -17.14 -12.84
N VAL A 128 -3.14 -15.87 -13.07
CA VAL A 128 -4.25 -15.16 -12.42
C VAL A 128 -5.05 -14.37 -13.45
N SER A 129 -6.36 -14.23 -13.25
CA SER A 129 -7.23 -13.41 -14.10
C SER A 129 -6.90 -11.91 -14.01
N GLU A 130 -7.05 -11.18 -15.10
CA GLU A 130 -6.99 -9.71 -15.10
C GLU A 130 -8.22 -9.07 -14.41
N GLU A 131 -9.24 -9.85 -14.06
CA GLU A 131 -10.36 -9.43 -13.20
C GLU A 131 -9.95 -9.53 -11.73
N GLU A 132 -9.13 -10.52 -11.43
CA GLU A 132 -8.56 -10.78 -10.12
C GLU A 132 -7.39 -9.83 -9.80
N ILE A 133 -6.61 -9.42 -10.80
CA ILE A 133 -5.69 -8.29 -10.70
C ILE A 133 -6.44 -6.99 -10.42
N LYS A 134 -7.55 -6.74 -11.15
CA LYS A 134 -8.49 -5.64 -10.90
C LYS A 134 -9.06 -5.69 -9.48
N LEU A 135 -9.49 -6.84 -8.95
CA LEU A 135 -9.93 -6.95 -7.55
C LEU A 135 -8.87 -6.50 -6.55
N GLY A 136 -7.58 -6.82 -6.78
CA GLY A 136 -6.45 -6.34 -5.96
C GLY A 136 -6.16 -4.84 -6.13
N LYS A 137 -6.12 -4.37 -7.38
CA LYS A 137 -5.95 -2.96 -7.76
C LYS A 137 -7.04 -2.06 -7.16
N GLU A 138 -8.28 -2.51 -7.25
CA GLU A 138 -9.49 -1.80 -6.83
C GLU A 138 -9.61 -1.72 -5.30
N LYS A 139 -9.25 -2.78 -4.56
CA LYS A 139 -9.20 -2.71 -3.09
C LYS A 139 -8.05 -1.82 -2.57
N ALA A 140 -6.91 -1.81 -3.27
CA ALA A 140 -5.82 -0.86 -2.98
C ALA A 140 -6.24 0.59 -3.28
N ALA A 141 -6.93 0.83 -4.40
CA ALA A 141 -7.57 2.11 -4.72
C ALA A 141 -8.66 2.51 -3.71
N GLU A 142 -9.38 1.55 -3.13
CA GLU A 142 -10.38 1.77 -2.07
C GLU A 142 -9.74 2.22 -0.75
N ILE A 143 -8.57 1.67 -0.40
CA ILE A 143 -7.75 2.16 0.72
C ILE A 143 -7.22 3.56 0.39
N PHE A 144 -6.66 3.76 -0.82
CA PHE A 144 -6.13 5.05 -1.26
C PHE A 144 -7.17 6.18 -1.16
N LYS A 145 -8.39 5.94 -1.68
CA LYS A 145 -9.48 6.93 -1.67
C LYS A 145 -10.00 7.22 -0.27
N ALA A 146 -9.90 6.28 0.67
CA ALA A 146 -10.16 6.54 2.09
C ALA A 146 -9.10 7.47 2.72
N LEU A 147 -7.81 7.32 2.37
CA LEU A 147 -6.78 8.24 2.86
C LEU A 147 -6.97 9.63 2.24
N GLU A 148 -7.18 9.72 0.92
CA GLU A 148 -7.45 10.99 0.24
C GLU A 148 -8.69 11.70 0.80
N ALA A 149 -9.75 10.99 1.18
CA ALA A 149 -10.93 11.61 1.76
C ALA A 149 -10.60 12.38 3.05
N TYR A 150 -9.86 11.77 3.98
CA TYR A 150 -9.33 12.46 5.15
C TYR A 150 -8.38 13.59 4.74
N LEU A 151 -7.46 13.32 3.81
CA LEU A 151 -6.48 14.27 3.27
C LEU A 151 -7.06 15.39 2.39
N LEU A 152 -8.36 15.38 2.08
CA LEU A 152 -9.07 16.52 1.49
C LEU A 152 -9.50 17.51 2.58
N ALA A 153 -9.95 17.00 3.73
CA ALA A 153 -10.35 17.78 4.90
C ALA A 153 -9.17 18.21 5.78
N ASN A 154 -8.09 17.43 5.80
CA ASN A 154 -6.93 17.55 6.68
C ASN A 154 -5.59 17.20 5.96
N PRO A 155 -5.26 17.81 4.79
CA PRO A 155 -4.09 17.47 3.97
C PRO A 155 -2.74 17.51 4.71
N ASP A 156 -2.61 18.40 5.69
CA ASP A 156 -1.46 18.53 6.58
C ASP A 156 -1.40 17.40 7.62
N TYR A 157 -1.18 16.15 7.17
CA TYR A 157 -0.92 15.03 8.08
C TYR A 157 0.33 15.29 8.93
N CYS A 158 0.26 15.04 10.24
CA CYS A 158 1.35 15.26 11.20
C CYS A 158 1.62 14.00 12.03
N GLY A 1 9.14 -17.68 -11.82
CA GLY A 1 7.81 -17.30 -12.34
C GLY A 1 7.19 -16.23 -11.48
N VAL A 2 6.57 -15.21 -12.10
CA VAL A 2 6.10 -14.01 -11.40
C VAL A 2 4.80 -13.44 -11.96
N VAL A 3 3.90 -12.97 -11.08
CA VAL A 3 2.83 -12.05 -11.50
C VAL A 3 3.25 -10.60 -11.20
N THR A 4 2.82 -9.62 -12.01
CA THR A 4 3.13 -8.19 -11.86
C THR A 4 2.03 -7.33 -12.50
N TYR A 5 1.60 -6.28 -11.80
CA TYR A 5 0.57 -5.32 -12.24
C TYR A 5 0.88 -3.92 -11.69
N ASP A 6 0.12 -2.91 -12.10
CA ASP A 6 0.30 -1.53 -11.68
C ASP A 6 -1.03 -0.78 -11.55
N MET A 7 -1.11 0.12 -10.56
CA MET A 7 -2.30 0.83 -10.12
C MET A 7 -1.98 2.31 -9.94
N GLU A 8 -2.10 3.10 -11.01
CA GLU A 8 -1.88 4.55 -10.97
C GLU A 8 -3.14 5.30 -10.55
N ILE A 9 -3.02 6.22 -9.59
CA ILE A 9 -4.16 6.89 -8.96
C ILE A 9 -3.84 8.38 -8.68
N PRO A 10 -4.52 9.33 -9.34
CA PRO A 10 -4.49 10.75 -8.97
C PRO A 10 -5.10 10.99 -7.59
N SER A 11 -4.66 12.05 -6.90
CA SER A 11 -5.03 12.29 -5.51
C SER A 11 -5.14 13.77 -5.12
N LYS A 12 -6.18 14.07 -4.33
CA LYS A 12 -6.58 15.40 -3.82
C LYS A 12 -5.72 15.89 -2.66
N VAL A 13 -4.40 15.67 -2.73
CA VAL A 13 -3.41 16.10 -1.73
C VAL A 13 -2.02 16.28 -2.41
N PRO A 14 -1.22 17.31 -2.04
CA PRO A 14 0.08 17.57 -2.66
C PRO A 14 1.12 16.44 -2.49
N PRO A 15 2.10 16.27 -3.40
CA PRO A 15 3.05 15.14 -3.37
C PRO A 15 3.93 15.08 -2.11
N VAL A 16 4.37 16.21 -1.57
CA VAL A 16 5.12 16.28 -0.29
C VAL A 16 4.24 15.78 0.86
N LYS A 17 2.96 16.16 0.87
CA LYS A 17 1.98 15.75 1.86
C LYS A 17 1.59 14.27 1.71
N LEU A 18 1.53 13.72 0.49
CA LEU A 18 1.44 12.28 0.25
C LEU A 18 2.67 11.55 0.79
N TYR A 19 3.88 12.06 0.55
CA TYR A 19 5.09 11.41 1.07
C TYR A 19 5.15 11.41 2.60
N LYS A 20 4.79 12.55 3.22
CA LYS A 20 4.62 12.67 4.67
C LYS A 20 3.59 11.66 5.20
N ALA A 21 2.35 11.78 4.75
CA ALA A 21 1.22 11.07 5.33
C ALA A 21 1.11 9.61 4.88
N PHE A 22 1.12 9.37 3.57
CA PHE A 22 0.89 8.05 2.97
C PHE A 22 2.12 7.14 3.14
N ILE A 23 3.33 7.68 2.89
CA ILE A 23 4.57 6.89 2.93
C ILE A 23 5.15 6.86 4.34
N LEU A 24 5.50 8.03 4.89
CA LEU A 24 6.21 8.10 6.17
C LEU A 24 5.29 7.84 7.37
N ASP A 25 3.97 7.99 7.22
CA ASP A 25 2.99 7.45 8.16
C ASP A 25 2.03 6.39 7.58
N GLY A 26 2.51 5.66 6.57
CA GLY A 26 1.98 4.34 6.16
C GLY A 26 2.15 3.24 7.23
N ASP A 27 2.29 3.64 8.50
CA ASP A 27 2.48 2.82 9.69
C ASP A 27 1.42 3.11 10.76
N THR A 28 0.86 4.32 10.86
CA THR A 28 -0.18 4.67 11.85
C THR A 28 -1.37 5.48 11.29
N LEU A 29 -1.21 6.18 10.16
CA LEU A 29 -2.35 6.81 9.45
C LEU A 29 -3.14 5.80 8.63
N VAL A 30 -2.45 4.94 7.86
CA VAL A 30 -3.09 3.94 6.99
C VAL A 30 -4.09 2.98 7.66
N PRO A 31 -3.98 2.59 8.96
CA PRO A 31 -5.07 1.92 9.66
C PRO A 31 -6.15 2.90 10.13
N LYS A 32 -5.78 4.02 10.76
CA LYS A 32 -6.68 4.79 11.64
C LYS A 32 -7.89 5.42 10.94
N VAL A 33 -7.79 5.64 9.63
CA VAL A 33 -8.87 6.19 8.80
C VAL A 33 -9.83 5.13 8.25
N LEU A 34 -9.45 3.84 8.25
CA LEU A 34 -10.25 2.75 7.69
C LEU A 34 -9.91 1.37 8.31
N PRO A 35 -10.12 1.18 9.63
CA PRO A 35 -9.82 -0.07 10.30
C PRO A 35 -10.86 -1.19 10.02
N HIS A 36 -11.59 -1.10 8.91
CA HIS A 36 -12.33 -2.21 8.30
C HIS A 36 -11.64 -2.75 7.03
N ALA A 37 -10.56 -2.12 6.57
CA ALA A 37 -9.65 -2.67 5.55
C ALA A 37 -8.17 -2.76 6.00
N ILE A 38 -7.76 -1.97 7.00
CA ILE A 38 -6.50 -2.14 7.75
C ILE A 38 -6.80 -1.96 9.26
N LYS A 39 -7.48 -2.95 9.86
CA LYS A 39 -7.92 -3.01 11.27
C LYS A 39 -6.88 -2.53 12.26
N CYS A 40 -5.63 -2.94 12.07
CA CYS A 40 -4.51 -2.12 12.46
C CYS A 40 -3.27 -2.45 11.61
N VAL A 41 -2.25 -1.60 11.77
CA VAL A 41 -0.86 -1.91 11.44
C VAL A 41 -0.10 -2.01 12.76
N LYS A 42 0.88 -2.91 12.84
CA LYS A 42 1.97 -2.83 13.83
C LYS A 42 3.29 -3.28 13.23
N ILE A 43 4.40 -2.88 13.82
CA ILE A 43 5.73 -3.36 13.47
C ILE A 43 6.09 -4.56 14.34
N LEU A 44 6.50 -5.66 13.71
CA LEU A 44 7.09 -6.81 14.39
C LEU A 44 8.59 -6.61 14.64
N GLU A 45 9.31 -5.92 13.74
CA GLU A 45 10.75 -5.70 13.83
C GLU A 45 11.21 -4.51 12.98
N GLY A 46 12.01 -3.60 13.54
CA GLY A 46 12.66 -2.50 12.81
C GLY A 46 12.25 -1.11 13.29
N ASP A 47 12.53 -0.08 12.49
CA ASP A 47 12.27 1.33 12.83
C ASP A 47 11.86 2.21 11.62
N GLY A 48 11.57 1.58 10.47
CA GLY A 48 11.18 2.22 9.22
C GLY A 48 12.23 2.17 8.11
N CYS A 49 13.49 1.82 8.42
CA CYS A 49 14.49 1.49 7.39
C CYS A 49 14.10 0.21 6.63
N ALA A 50 14.72 -0.04 5.47
CA ALA A 50 14.51 -1.28 4.73
C ALA A 50 14.82 -2.51 5.60
N GLY A 51 14.05 -3.58 5.42
CA GLY A 51 13.97 -4.73 6.33
C GLY A 51 12.94 -4.61 7.45
N THR A 52 12.22 -3.47 7.59
CA THR A 52 11.27 -3.27 8.71
C THR A 52 10.00 -4.07 8.49
N ILE A 53 9.71 -5.02 9.36
CA ILE A 53 8.56 -5.92 9.30
C ILE A 53 7.33 -5.25 9.94
N LYS A 54 6.23 -5.19 9.20
CA LYS A 54 4.86 -4.88 9.64
C LYS A 54 3.95 -6.10 9.58
N GLU A 55 2.89 -6.09 10.36
CA GLU A 55 1.80 -7.04 10.28
C GLU A 55 0.44 -6.34 10.44
N VAL A 56 -0.54 -6.82 9.69
CA VAL A 56 -1.80 -6.15 9.37
C VAL A 56 -2.95 -7.15 9.42
N THR A 57 -4.01 -6.83 10.16
CA THR A 57 -5.33 -7.46 9.98
C THR A 57 -6.24 -6.50 9.20
N PHE A 58 -7.13 -6.98 8.34
CA PHE A 58 -7.92 -6.11 7.45
C PHE A 58 -9.19 -5.55 8.10
N GLY A 59 -10.10 -6.40 8.56
CA GLY A 59 -11.32 -6.04 9.30
C GLY A 59 -11.65 -6.94 10.49
N GLU A 60 -10.86 -7.99 10.75
CA GLU A 60 -10.99 -8.96 11.84
C GLU A 60 -12.36 -9.68 11.88
N GLY A 61 -12.60 -10.55 10.89
CA GLY A 61 -13.81 -11.35 10.72
C GLY A 61 -13.64 -12.43 9.63
N SER A 62 -14.63 -13.29 9.44
CA SER A 62 -14.55 -14.47 8.55
C SER A 62 -14.56 -14.17 7.03
N HIS A 63 -14.53 -12.89 6.63
CA HIS A 63 -14.55 -12.41 5.25
C HIS A 63 -13.17 -12.05 4.66
N HIS A 64 -12.14 -11.86 5.49
CA HIS A 64 -10.72 -11.82 5.11
C HIS A 64 -9.83 -11.83 6.37
N LYS A 65 -8.56 -12.24 6.23
CA LYS A 65 -7.66 -12.56 7.34
C LYS A 65 -6.65 -11.44 7.65
N CYS A 66 -5.37 -11.71 7.48
CA CYS A 66 -4.26 -10.84 7.87
C CYS A 66 -3.01 -11.11 7.02
N VAL A 67 -2.05 -10.18 7.05
CA VAL A 67 -0.84 -10.14 6.21
C VAL A 67 0.38 -9.72 7.02
N LYS A 68 1.53 -10.31 6.68
CA LYS A 68 2.85 -9.83 7.09
C LYS A 68 3.57 -9.19 5.90
N GLN A 69 4.25 -8.10 6.18
CA GLN A 69 4.71 -7.11 5.22
C GLN A 69 6.12 -6.65 5.64
N ARG A 70 6.98 -6.24 4.70
CA ARG A 70 8.31 -5.71 5.02
C ARG A 70 8.65 -4.51 4.14
N VAL A 71 8.98 -3.37 4.75
CA VAL A 71 9.46 -2.17 4.05
C VAL A 71 10.82 -2.44 3.43
N ASP A 72 10.95 -2.12 2.15
CA ASP A 72 12.02 -2.58 1.27
C ASP A 72 12.87 -1.43 0.68
N ALA A 73 12.31 -0.22 0.53
CA ALA A 73 13.03 1.01 0.25
C ALA A 73 12.15 2.27 0.41
N ILE A 74 12.53 3.21 1.28
CA ILE A 74 12.09 4.63 1.23
C ILE A 74 13.17 5.47 0.54
N ASP A 75 12.81 6.23 -0.49
CA ASP A 75 13.69 7.23 -1.12
C ASP A 75 12.91 8.45 -1.63
N LYS A 76 13.06 9.57 -0.90
CA LYS A 76 12.38 10.84 -1.15
C LYS A 76 12.90 11.59 -2.38
N ASP A 77 14.02 11.18 -2.99
CA ASP A 77 14.59 11.85 -4.16
C ASP A 77 13.79 11.63 -5.45
N ASN A 78 13.01 10.55 -5.50
CA ASN A 78 12.38 10.05 -6.72
C ASN A 78 10.95 10.59 -7.03
N LEU A 79 9.99 10.73 -6.11
CA LEU A 79 9.91 10.17 -4.74
C LEU A 79 9.30 8.76 -4.81
N THR A 80 9.83 7.79 -4.08
CA THR A 80 9.40 6.37 -4.16
C THR A 80 9.24 5.70 -2.81
N TYR A 81 8.48 4.59 -2.80
CA TYR A 81 8.34 3.68 -1.67
C TYR A 81 8.20 2.24 -2.17
N SER A 82 8.86 1.31 -1.48
CA SER A 82 8.74 -0.13 -1.73
C SER A 82 8.55 -0.90 -0.44
N TYR A 83 7.69 -1.92 -0.50
CA TYR A 83 7.47 -2.90 0.56
C TYR A 83 6.92 -4.19 -0.05
N THR A 84 7.20 -5.33 0.59
CA THR A 84 6.80 -6.65 0.11
C THR A 84 5.86 -7.33 1.10
N ILE A 85 4.72 -7.83 0.64
CA ILE A 85 3.92 -8.81 1.39
C ILE A 85 4.66 -10.15 1.35
N ILE A 86 5.11 -10.59 2.52
CA ILE A 86 6.00 -11.74 2.73
C ILE A 86 5.27 -12.99 3.24
N GLU A 87 4.08 -12.82 3.82
CA GLU A 87 3.32 -13.89 4.48
C GLU A 87 1.85 -13.46 4.68
N GLY A 88 0.98 -14.41 5.00
CA GLY A 88 -0.45 -14.20 5.23
C GLY A 88 -1.34 -14.48 4.04
N ASP A 89 -2.65 -14.57 4.30
CA ASP A 89 -3.62 -15.24 3.44
C ASP A 89 -3.79 -14.65 2.04
N VAL A 90 -3.40 -13.38 1.85
CA VAL A 90 -3.43 -12.66 0.56
C VAL A 90 -2.59 -13.35 -0.52
N LEU A 91 -1.50 -14.05 -0.15
CA LEU A 91 -0.69 -14.78 -1.12
C LEU A 91 -1.43 -16.02 -1.68
N ALA A 92 -2.17 -16.72 -0.81
CA ALA A 92 -2.99 -17.89 -1.10
C ALA A 92 -2.23 -19.01 -1.84
N GLU A 93 -2.94 -19.88 -2.56
CA GLU A 93 -2.38 -20.85 -3.52
C GLU A 93 -1.95 -20.21 -4.85
N LYS A 94 -1.76 -18.88 -4.90
CA LYS A 94 -1.60 -18.09 -6.13
C LYS A 94 -0.24 -17.39 -6.16
N PHE A 95 -0.15 -16.26 -5.46
CA PHE A 95 1.06 -15.45 -5.33
C PHE A 95 1.99 -16.04 -4.27
N GLU A 96 3.22 -15.53 -4.20
CA GLU A 96 4.12 -15.78 -3.07
C GLU A 96 4.91 -14.54 -2.63
N SER A 97 4.97 -13.45 -3.42
CA SER A 97 5.39 -12.17 -2.82
C SER A 97 4.92 -10.93 -3.58
N ILE A 98 4.08 -10.12 -2.92
CA ILE A 98 3.52 -8.90 -3.50
C ILE A 98 4.42 -7.71 -3.16
N SER A 99 5.43 -7.47 -3.99
CA SER A 99 6.45 -6.43 -3.82
C SER A 99 6.05 -5.13 -4.52
N TYR A 100 5.53 -4.17 -3.76
CA TYR A 100 5.07 -2.86 -4.25
C TYR A 100 6.23 -1.93 -4.58
N HIS A 101 6.00 -1.06 -5.56
CA HIS A 101 6.92 -0.06 -6.11
C HIS A 101 6.14 1.21 -6.45
N ILE A 102 5.88 2.04 -5.44
CA ILE A 102 5.22 3.33 -5.59
C ILE A 102 6.22 4.38 -6.10
N LYS A 103 5.83 5.20 -7.08
CA LYS A 103 6.38 6.55 -7.31
C LYS A 103 5.31 7.60 -7.07
N ILE A 104 5.64 8.70 -6.40
CA ILE A 104 4.77 9.87 -6.21
C ILE A 104 5.27 11.03 -7.09
N VAL A 105 4.30 11.72 -7.70
CA VAL A 105 4.47 12.82 -8.68
C VAL A 105 3.46 13.94 -8.35
N ALA A 106 3.75 15.20 -8.68
CA ALA A 106 2.77 16.29 -8.60
C ALA A 106 1.62 16.14 -9.65
N CYS A 107 0.53 16.88 -9.48
CA CYS A 107 -0.43 17.18 -10.56
C CYS A 107 -0.79 18.69 -10.56
N PRO A 108 -1.24 19.27 -11.69
CA PRO A 108 -1.41 20.72 -11.85
C PRO A 108 -2.35 21.38 -10.83
N ASP A 109 -3.32 20.63 -10.32
CA ASP A 109 -4.39 21.04 -9.41
C ASP A 109 -3.94 21.34 -7.96
N GLY A 110 -2.63 21.38 -7.69
CA GLY A 110 -2.11 21.36 -6.32
C GLY A 110 -2.31 19.99 -5.65
N GLY A 111 -2.51 18.94 -6.45
CA GLY A 111 -2.65 17.55 -6.02
C GLY A 111 -1.43 16.72 -6.43
N SER A 112 -1.63 15.42 -6.57
CA SER A 112 -0.56 14.46 -6.91
C SER A 112 -1.07 13.28 -7.75
N ILE A 113 -0.14 12.47 -8.25
CA ILE A 113 -0.41 11.13 -8.76
C ILE A 113 0.50 10.13 -8.04
N CYS A 114 -0.10 9.05 -7.55
CA CYS A 114 0.59 7.94 -6.90
C CYS A 114 0.60 6.74 -7.86
N LYS A 115 1.76 6.42 -8.43
CA LYS A 115 1.98 5.35 -9.42
C LYS A 115 2.39 4.06 -8.71
N ASN A 116 1.42 3.24 -8.32
CA ASN A 116 1.66 2.04 -7.51
C ASN A 116 1.91 0.81 -8.41
N ARG A 117 3.14 0.61 -8.88
CA ARG A 117 3.54 -0.67 -9.48
C ARG A 117 3.61 -1.76 -8.40
N SER A 118 3.46 -3.04 -8.76
CA SER A 118 3.65 -4.16 -7.82
C SER A 118 3.95 -5.49 -8.50
N ILE A 119 4.97 -6.17 -7.98
CA ILE A 119 5.24 -7.61 -8.20
C ILE A 119 4.30 -8.43 -7.29
N TYR A 120 4.31 -9.76 -7.39
CA TYR A 120 3.38 -10.78 -6.88
C TYR A 120 4.05 -12.19 -7.00
N THR A 121 5.39 -12.28 -7.03
CA THR A 121 6.18 -13.46 -7.48
C THR A 121 5.57 -14.78 -7.02
N THR A 122 5.20 -15.66 -7.95
CA THR A 122 4.20 -16.72 -7.67
C THR A 122 4.79 -17.94 -6.99
N LYS A 123 3.91 -18.75 -6.36
CA LYS A 123 4.20 -20.15 -6.07
C LYS A 123 3.76 -21.04 -7.24
N GLY A 124 4.52 -22.08 -7.56
CA GLY A 124 4.17 -23.06 -8.60
C GLY A 124 3.83 -22.51 -9.99
N ASP A 125 4.22 -21.28 -10.32
CA ASP A 125 3.76 -20.51 -11.51
C ASP A 125 2.22 -20.35 -11.60
N CYS A 126 1.50 -20.47 -10.48
CA CYS A 126 0.04 -20.57 -10.44
C CYS A 126 -0.66 -19.34 -11.03
N LYS A 127 -1.67 -19.58 -11.87
CA LYS A 127 -2.39 -18.54 -12.63
C LYS A 127 -3.45 -17.84 -11.79
N VAL A 128 -3.83 -16.63 -12.19
CA VAL A 128 -4.80 -15.78 -11.49
C VAL A 128 -5.79 -15.09 -12.44
N SER A 129 -7.00 -14.81 -11.96
CA SER A 129 -7.98 -14.01 -12.70
C SER A 129 -7.61 -12.53 -12.70
N GLU A 130 -7.64 -11.88 -13.86
CA GLU A 130 -7.48 -10.43 -13.98
C GLU A 130 -8.66 -9.66 -13.37
N GLU A 131 -9.77 -10.33 -13.04
CA GLU A 131 -10.91 -9.76 -12.32
C GLU A 131 -10.59 -9.67 -10.83
N GLU A 132 -10.01 -10.73 -10.28
CA GLU A 132 -9.42 -10.77 -8.95
C GLU A 132 -8.26 -9.75 -8.80
N ILE A 133 -7.51 -9.47 -9.87
CA ILE A 133 -6.53 -8.36 -9.89
C ILE A 133 -7.24 -7.00 -9.74
N LYS A 134 -8.31 -6.75 -10.51
CA LYS A 134 -9.18 -5.56 -10.43
C LYS A 134 -9.82 -5.42 -9.05
N LEU A 135 -10.26 -6.52 -8.44
CA LEU A 135 -10.80 -6.55 -7.07
C LEU A 135 -9.72 -6.30 -6.00
N GLY A 136 -8.48 -6.74 -6.22
CA GLY A 136 -7.33 -6.37 -5.38
C GLY A 136 -7.00 -4.88 -5.47
N LYS A 137 -6.97 -4.36 -6.70
CA LYS A 137 -6.86 -2.93 -7.04
C LYS A 137 -7.98 -2.10 -6.40
N GLU A 138 -9.20 -2.62 -6.38
CA GLU A 138 -10.38 -2.03 -5.70
C GLU A 138 -10.20 -1.91 -4.18
N LYS A 139 -9.82 -2.99 -3.48
CA LYS A 139 -9.63 -2.94 -2.02
C LYS A 139 -8.43 -2.08 -1.61
N ALA A 140 -7.38 -2.03 -2.44
CA ALA A 140 -6.28 -1.08 -2.29
C ALA A 140 -6.73 0.39 -2.47
N ALA A 141 -7.55 0.69 -3.48
CA ALA A 141 -8.17 2.01 -3.66
C ALA A 141 -9.08 2.38 -2.48
N GLU A 142 -9.78 1.41 -1.87
CA GLU A 142 -10.61 1.66 -0.69
C GLU A 142 -9.82 2.09 0.55
N ILE A 143 -8.59 1.59 0.71
CA ILE A 143 -7.66 2.07 1.74
C ILE A 143 -7.14 3.47 1.36
N PHE A 144 -6.68 3.64 0.11
CA PHE A 144 -6.12 4.89 -0.40
C PHE A 144 -7.09 6.07 -0.22
N LYS A 145 -8.34 5.89 -0.66
CA LYS A 145 -9.38 6.92 -0.65
C LYS A 145 -9.75 7.37 0.77
N ALA A 146 -9.68 6.49 1.75
CA ALA A 146 -9.90 6.85 3.16
C ALA A 146 -8.78 7.75 3.73
N LEU A 147 -7.53 7.58 3.27
CA LEU A 147 -6.45 8.48 3.67
C LEU A 147 -6.68 9.86 3.05
N GLU A 148 -7.10 9.93 1.79
CA GLU A 148 -7.52 11.18 1.14
C GLU A 148 -8.78 11.83 1.75
N ALA A 149 -9.65 11.06 2.42
CA ALA A 149 -10.76 11.63 3.21
C ALA A 149 -10.28 12.38 4.47
N TYR A 150 -9.16 11.96 5.08
CA TYR A 150 -8.41 12.76 6.07
C TYR A 150 -7.67 13.91 5.38
N LEU A 151 -6.94 13.61 4.31
CA LEU A 151 -5.94 14.48 3.68
C LEU A 151 -6.52 15.57 2.77
N LEU A 152 -7.80 15.52 2.40
CA LEU A 152 -8.51 16.66 1.83
C LEU A 152 -8.99 17.64 2.94
N ALA A 153 -9.37 17.13 4.11
CA ALA A 153 -9.72 17.96 5.27
C ALA A 153 -8.47 18.65 5.89
N ASN A 154 -7.38 17.90 6.06
CA ASN A 154 -6.07 18.41 6.49
C ASN A 154 -4.95 17.68 5.75
N PRO A 155 -4.44 18.20 4.62
CA PRO A 155 -3.28 17.62 3.92
C PRO A 155 -2.00 17.66 4.78
N ASP A 156 -1.91 18.59 5.71
CA ASP A 156 -0.86 18.76 6.70
C ASP A 156 -0.89 17.68 7.81
N TYR A 157 -0.67 16.42 7.45
CA TYR A 157 -0.33 15.38 8.43
C TYR A 157 0.98 15.76 9.16
N CYS A 158 1.01 15.78 10.50
CA CYS A 158 2.17 16.26 11.27
C CYS A 158 2.97 15.15 11.94
N GLY A 1 8.08 -17.30 -12.71
CA GLY A 1 6.70 -16.80 -12.71
C GLY A 1 6.60 -15.58 -11.83
N VAL A 2 6.04 -14.49 -12.35
CA VAL A 2 5.81 -13.26 -11.60
C VAL A 2 4.64 -12.47 -12.15
N VAL A 3 3.61 -12.21 -11.31
CA VAL A 3 2.53 -11.31 -11.76
C VAL A 3 2.95 -9.85 -11.58
N THR A 4 2.46 -8.93 -12.42
CA THR A 4 2.81 -7.49 -12.37
C THR A 4 1.72 -6.61 -12.98
N TYR A 5 1.34 -5.52 -12.30
CA TYR A 5 0.28 -4.57 -12.68
C TYR A 5 0.55 -3.14 -12.18
N ASP A 6 -0.28 -2.16 -12.56
CA ASP A 6 -0.09 -0.73 -12.22
C ASP A 6 -1.40 0.07 -12.03
N MET A 7 -1.32 1.14 -11.24
CA MET A 7 -2.42 2.08 -10.95
C MET A 7 -1.86 3.49 -10.71
N GLU A 8 -2.36 4.50 -11.44
CA GLU A 8 -1.91 5.90 -11.30
C GLU A 8 -3.09 6.85 -11.09
N ILE A 9 -3.05 7.61 -9.99
CA ILE A 9 -4.19 8.38 -9.46
C ILE A 9 -3.78 9.84 -9.14
N PRO A 10 -4.32 10.85 -9.85
CA PRO A 10 -4.22 12.25 -9.46
C PRO A 10 -4.93 12.50 -8.12
N SER A 11 -4.34 13.36 -7.28
CA SER A 11 -4.76 13.55 -5.89
C SER A 11 -4.74 15.01 -5.45
N LYS A 12 -5.80 15.40 -4.74
CA LYS A 12 -6.08 16.76 -4.24
C LYS A 12 -5.34 17.06 -2.93
N VAL A 13 -4.07 16.67 -2.86
CA VAL A 13 -3.12 16.98 -1.77
C VAL A 13 -1.70 17.08 -2.37
N PRO A 14 -0.82 18.01 -1.92
CA PRO A 14 0.49 18.26 -2.55
C PRO A 14 1.48 17.08 -2.38
N PRO A 15 2.49 16.93 -3.25
CA PRO A 15 3.35 15.73 -3.28
C PRO A 15 4.12 15.50 -1.98
N VAL A 16 4.64 16.55 -1.33
CA VAL A 16 5.34 16.43 -0.04
C VAL A 16 4.39 16.09 1.10
N LYS A 17 3.10 16.48 1.00
CA LYS A 17 2.05 16.10 1.96
C LYS A 17 1.53 14.68 1.74
N LEU A 18 1.42 14.23 0.48
CA LEU A 18 1.28 12.81 0.17
C LEU A 18 2.47 12.02 0.72
N TYR A 19 3.69 12.56 0.63
CA TYR A 19 4.86 11.89 1.18
C TYR A 19 4.86 11.84 2.72
N LYS A 20 4.50 12.94 3.38
CA LYS A 20 4.30 12.99 4.84
C LYS A 20 3.26 11.96 5.27
N ALA A 21 2.04 12.05 4.73
CA ALA A 21 0.90 11.28 5.20
C ALA A 21 0.84 9.86 4.63
N PHE A 22 0.81 9.72 3.30
CA PHE A 22 0.62 8.44 2.61
C PHE A 22 1.83 7.51 2.79
N ILE A 23 3.05 8.08 2.87
CA ILE A 23 4.30 7.30 2.92
C ILE A 23 4.90 7.28 4.33
N LEU A 24 5.26 8.43 4.90
CA LEU A 24 5.93 8.50 6.21
C LEU A 24 4.96 8.25 7.38
N ASP A 25 3.67 8.50 7.18
CA ASP A 25 2.59 8.05 8.07
C ASP A 25 1.76 6.91 7.46
N GLY A 26 2.27 6.26 6.40
CA GLY A 26 1.67 5.12 5.69
C GLY A 26 1.55 3.82 6.52
N ASP A 27 1.71 3.93 7.84
CA ASP A 27 1.47 2.91 8.85
C ASP A 27 0.38 3.32 9.85
N THR A 28 0.20 4.62 10.15
CA THR A 28 -0.73 5.12 11.19
C THR A 28 -1.91 5.89 10.62
N LEU A 29 -1.75 6.57 9.48
CA LEU A 29 -2.90 7.06 8.71
C LEU A 29 -3.60 5.94 7.96
N VAL A 30 -2.85 5.06 7.26
CA VAL A 30 -3.43 4.02 6.39
C VAL A 30 -4.48 3.11 7.06
N PRO A 31 -4.42 2.78 8.38
CA PRO A 31 -5.52 2.14 9.09
C PRO A 31 -6.60 3.14 9.54
N LYS A 32 -6.23 4.27 10.16
CA LYS A 32 -7.16 5.05 10.99
C LYS A 32 -8.35 5.65 10.25
N VAL A 33 -8.23 5.92 8.94
CA VAL A 33 -9.30 6.43 8.07
C VAL A 33 -10.07 5.35 7.30
N LEU A 34 -9.56 4.11 7.24
CA LEU A 34 -10.24 2.99 6.59
C LEU A 34 -10.02 1.67 7.38
N PRO A 35 -10.41 1.63 8.66
CA PRO A 35 -10.13 0.49 9.55
C PRO A 35 -11.03 -0.73 9.24
N HIS A 36 -11.84 -0.66 8.17
CA HIS A 36 -12.58 -1.76 7.58
C HIS A 36 -11.78 -2.54 6.53
N ALA A 37 -10.61 -2.05 6.09
CA ALA A 37 -9.70 -2.78 5.20
C ALA A 37 -8.21 -2.69 5.58
N ILE A 38 -7.83 -1.81 6.51
CA ILE A 38 -6.61 -1.98 7.33
C ILE A 38 -6.99 -1.71 8.80
N LYS A 39 -7.54 -2.70 9.50
CA LYS A 39 -7.99 -2.59 10.90
C LYS A 39 -6.85 -2.15 11.83
N CYS A 40 -5.65 -2.72 11.65
CA CYS A 40 -4.41 -2.29 12.32
C CYS A 40 -3.18 -2.54 11.44
N VAL A 41 -2.13 -1.76 11.73
CA VAL A 41 -0.73 -1.99 11.30
C VAL A 41 0.21 -1.77 12.47
N LYS A 42 1.24 -2.63 12.61
CA LYS A 42 2.32 -2.47 13.60
C LYS A 42 3.66 -3.01 13.11
N ILE A 43 4.76 -2.61 13.74
CA ILE A 43 6.10 -3.15 13.45
C ILE A 43 6.33 -4.47 14.21
N LEU A 44 6.94 -5.43 13.53
CA LEU A 44 7.60 -6.57 14.17
C LEU A 44 9.09 -6.25 14.43
N GLU A 45 9.82 -5.75 13.41
CA GLU A 45 11.25 -5.43 13.53
C GLU A 45 11.70 -4.33 12.54
N GLY A 46 12.08 -3.15 13.04
CA GLY A 46 12.57 -2.03 12.23
C GLY A 46 12.01 -0.67 12.65
N ASP A 47 12.10 0.36 11.80
CA ASP A 47 11.65 1.73 12.10
C ASP A 47 11.31 2.62 10.89
N GLY A 48 11.43 2.13 9.66
CA GLY A 48 11.30 2.91 8.42
C GLY A 48 12.58 2.94 7.57
N CYS A 49 13.73 2.53 8.11
CA CYS A 49 14.84 2.07 7.28
C CYS A 49 14.44 0.77 6.53
N ALA A 50 15.18 0.40 5.50
CA ALA A 50 14.95 -0.84 4.75
C ALA A 50 15.02 -2.09 5.66
N GLY A 51 14.39 -3.17 5.23
CA GLY A 51 14.25 -4.39 6.03
C GLY A 51 13.24 -4.27 7.17
N THR A 52 12.51 -3.16 7.31
CA THR A 52 11.57 -2.96 8.44
C THR A 52 10.33 -3.82 8.22
N ILE A 53 10.18 -4.88 9.02
CA ILE A 53 9.01 -5.76 8.99
C ILE A 53 7.88 -5.15 9.81
N LYS A 54 6.69 -5.12 9.19
CA LYS A 54 5.38 -4.81 9.76
C LYS A 54 4.42 -5.97 9.55
N GLU A 55 3.32 -5.93 10.28
CA GLU A 55 2.19 -6.84 10.10
C GLU A 55 0.86 -6.07 10.15
N VAL A 56 -0.08 -6.55 9.33
CA VAL A 56 -1.36 -5.95 8.94
C VAL A 56 -2.49 -6.89 9.38
N THR A 57 -3.53 -6.35 10.02
CA THR A 57 -4.86 -6.99 10.06
C THR A 57 -5.81 -6.17 9.19
N PHE A 58 -6.48 -6.79 8.22
CA PHE A 58 -7.32 -6.07 7.26
C PHE A 58 -8.66 -5.58 7.84
N GLY A 59 -9.42 -6.42 8.52
CA GLY A 59 -10.78 -6.11 9.00
C GLY A 59 -11.19 -6.74 10.33
N GLU A 60 -10.42 -7.71 10.86
CA GLU A 60 -10.74 -8.46 12.09
C GLU A 60 -12.16 -9.09 12.05
N GLY A 61 -12.46 -9.80 10.97
CA GLY A 61 -13.74 -10.47 10.72
C GLY A 61 -13.68 -11.39 9.49
N SER A 62 -14.79 -12.02 9.13
CA SER A 62 -14.86 -13.06 8.08
C SER A 62 -14.50 -12.57 6.66
N HIS A 63 -14.42 -11.27 6.43
CA HIS A 63 -14.13 -10.67 5.12
C HIS A 63 -12.67 -10.76 4.68
N HIS A 64 -11.69 -10.74 5.60
CA HIS A 64 -10.26 -10.95 5.32
C HIS A 64 -9.42 -11.14 6.59
N LYS A 65 -8.14 -11.53 6.44
CA LYS A 65 -7.27 -12.04 7.52
C LYS A 65 -6.08 -11.11 7.80
N CYS A 66 -4.83 -11.56 7.61
CA CYS A 66 -3.64 -10.77 7.95
C CYS A 66 -2.45 -10.98 6.99
N VAL A 67 -1.50 -10.03 7.00
CA VAL A 67 -0.33 -9.98 6.10
C VAL A 67 0.91 -9.41 6.77
N LYS A 68 2.09 -9.93 6.40
CA LYS A 68 3.40 -9.40 6.79
C LYS A 68 4.05 -8.66 5.63
N GLN A 69 4.64 -7.50 5.91
CA GLN A 69 5.05 -6.54 4.90
C GLN A 69 6.36 -5.84 5.31
N ARG A 70 7.37 -5.82 4.44
CA ARG A 70 8.71 -5.29 4.71
C ARG A 70 8.98 -4.02 3.90
N VAL A 71 9.42 -2.94 4.54
CA VAL A 71 9.91 -1.72 3.86
C VAL A 71 11.20 -2.02 3.13
N ASP A 72 11.26 -1.74 1.82
CA ASP A 72 12.46 -1.95 1.00
C ASP A 72 13.25 -0.66 0.73
N ALA A 73 12.56 0.47 0.48
CA ALA A 73 13.16 1.81 0.47
C ALA A 73 12.11 2.93 0.51
N ILE A 74 12.20 3.81 1.49
CA ILE A 74 11.56 5.14 1.52
C ILE A 74 12.60 6.15 1.00
N ASP A 75 12.33 6.88 -0.09
CA ASP A 75 13.20 7.97 -0.57
C ASP A 75 12.43 9.22 -1.06
N LYS A 76 12.48 10.28 -0.24
CA LYS A 76 11.94 11.62 -0.48
C LYS A 76 12.61 12.40 -1.62
N ASP A 77 13.67 11.89 -2.27
CA ASP A 77 14.25 12.58 -3.44
C ASP A 77 13.37 12.55 -4.70
N ASN A 78 12.40 11.64 -4.81
CA ASN A 78 11.88 11.21 -6.11
C ASN A 78 10.44 11.62 -6.48
N LEU A 79 9.42 11.69 -5.61
CA LEU A 79 9.24 11.02 -4.31
C LEU A 79 8.96 9.52 -4.55
N THR A 80 9.56 8.58 -3.81
CA THR A 80 9.29 7.12 -4.00
C THR A 80 9.17 6.33 -2.70
N TYR A 81 8.50 5.18 -2.79
CA TYR A 81 8.41 4.17 -1.73
C TYR A 81 8.31 2.77 -2.33
N SER A 82 9.11 1.83 -1.80
CA SER A 82 8.94 0.40 -2.03
C SER A 82 8.78 -0.36 -0.73
N TYR A 83 7.84 -1.32 -0.75
CA TYR A 83 7.55 -2.24 0.34
C TYR A 83 6.96 -3.53 -0.24
N THR A 84 7.14 -4.65 0.44
CA THR A 84 6.87 -5.98 -0.10
C THR A 84 6.07 -6.83 0.87
N ILE A 85 4.94 -7.40 0.43
CA ILE A 85 4.24 -8.44 1.18
C ILE A 85 5.09 -9.71 1.15
N ILE A 86 5.78 -9.95 2.26
CA ILE A 86 6.72 -11.06 2.45
C ILE A 86 6.02 -12.36 2.90
N GLU A 87 4.85 -12.26 3.52
CA GLU A 87 4.06 -13.40 4.00
C GLU A 87 2.59 -12.99 4.13
N GLY A 88 1.66 -13.93 4.08
CA GLY A 88 0.28 -13.69 4.53
C GLY A 88 -0.82 -14.19 3.60
N ASP A 89 -2.05 -14.00 4.05
CA ASP A 89 -3.26 -14.56 3.42
C ASP A 89 -3.53 -14.03 2.00
N VAL A 90 -2.95 -12.88 1.66
CA VAL A 90 -2.99 -12.30 0.30
C VAL A 90 -2.12 -13.08 -0.69
N LEU A 91 -1.03 -13.73 -0.26
CA LEU A 91 -0.19 -14.51 -1.17
C LEU A 91 -0.90 -15.80 -1.62
N ALA A 92 -1.54 -16.50 -0.68
CA ALA A 92 -2.44 -17.62 -0.92
C ALA A 92 -1.78 -18.76 -1.74
N GLU A 93 -2.57 -19.62 -2.40
CA GLU A 93 -2.08 -20.59 -3.38
C GLU A 93 -1.77 -19.98 -4.77
N LYS A 94 -1.54 -18.66 -4.84
CA LYS A 94 -1.42 -17.86 -6.08
C LYS A 94 -0.04 -17.18 -6.20
N PHE A 95 0.14 -16.10 -5.45
CA PHE A 95 1.35 -15.29 -5.44
C PHE A 95 2.38 -15.85 -4.47
N GLU A 96 3.60 -15.34 -4.52
CA GLU A 96 4.64 -15.59 -3.50
C GLU A 96 5.31 -14.30 -3.03
N SER A 97 5.28 -13.19 -3.79
CA SER A 97 5.76 -11.91 -3.25
C SER A 97 5.25 -10.67 -3.99
N ILE A 98 4.51 -9.83 -3.26
CA ILE A 98 3.85 -8.63 -3.79
C ILE A 98 4.64 -7.38 -3.41
N SER A 99 5.59 -6.99 -4.27
CA SER A 99 6.43 -5.81 -4.06
C SER A 99 5.85 -4.58 -4.76
N TYR A 100 5.46 -3.59 -3.97
CA TYR A 100 4.92 -2.31 -4.43
C TYR A 100 6.05 -1.32 -4.75
N HIS A 101 5.76 -0.44 -5.70
CA HIS A 101 6.67 0.55 -6.28
C HIS A 101 5.87 1.85 -6.53
N ILE A 102 5.79 2.69 -5.51
CA ILE A 102 5.11 3.98 -5.55
C ILE A 102 6.06 5.08 -6.02
N LYS A 103 5.59 5.97 -6.92
CA LYS A 103 6.20 7.28 -7.19
C LYS A 103 5.14 8.37 -7.03
N ILE A 104 5.43 9.41 -6.23
CA ILE A 104 4.59 10.60 -6.06
C ILE A 104 5.23 11.78 -6.80
N VAL A 105 4.40 12.57 -7.48
CA VAL A 105 4.82 13.66 -8.38
C VAL A 105 3.87 14.86 -8.24
N ALA A 106 4.36 16.09 -8.37
CA ALA A 106 3.54 17.30 -8.37
C ALA A 106 2.58 17.39 -9.57
N CYS A 107 1.53 18.21 -9.45
CA CYS A 107 0.80 18.78 -10.58
C CYS A 107 0.61 20.31 -10.41
N PRO A 108 0.56 21.10 -11.52
CA PRO A 108 0.51 22.56 -11.47
C PRO A 108 -0.77 23.11 -10.84
N ASP A 109 -1.84 22.30 -10.79
CA ASP A 109 -3.08 22.60 -10.07
C ASP A 109 -2.90 22.79 -8.55
N GLY A 110 -1.69 22.58 -8.00
CA GLY A 110 -1.39 22.70 -6.58
C GLY A 110 -1.60 21.40 -5.79
N GLY A 111 -1.68 20.26 -6.47
CA GLY A 111 -1.82 18.93 -5.89
C GLY A 111 -0.72 17.97 -6.36
N SER A 112 -1.04 16.69 -6.46
CA SER A 112 -0.09 15.64 -6.85
C SER A 112 -0.71 14.57 -7.74
N ILE A 113 0.13 13.63 -8.18
CA ILE A 113 -0.24 12.36 -8.80
C ILE A 113 0.55 11.25 -8.10
N CYS A 114 -0.11 10.16 -7.73
CA CYS A 114 0.50 8.99 -7.14
C CYS A 114 0.46 7.81 -8.13
N LYS A 115 1.62 7.47 -8.68
CA LYS A 115 1.85 6.28 -9.53
C LYS A 115 2.19 5.09 -8.64
N ASN A 116 1.61 3.93 -8.89
CA ASN A 116 1.74 2.74 -8.05
C ASN A 116 1.86 1.50 -8.95
N ARG A 117 3.07 1.03 -9.21
CA ARG A 117 3.31 -0.30 -9.81
C ARG A 117 3.36 -1.35 -8.71
N SER A 118 3.02 -2.60 -9.01
CA SER A 118 3.22 -3.73 -8.10
C SER A 118 3.59 -5.01 -8.83
N ILE A 119 4.62 -5.68 -8.29
CA ILE A 119 5.01 -7.05 -8.59
C ILE A 119 4.25 -8.00 -7.63
N TYR A 120 4.35 -9.32 -7.78
CA TYR A 120 3.47 -10.39 -7.26
C TYR A 120 4.16 -11.79 -7.41
N THR A 121 5.48 -11.84 -7.62
CA THR A 121 6.33 -13.03 -7.92
C THR A 121 5.72 -14.34 -7.44
N THR A 122 5.30 -15.22 -8.34
CA THR A 122 4.35 -16.31 -8.03
C THR A 122 4.99 -17.53 -7.39
N LYS A 123 4.15 -18.42 -6.83
CA LYS A 123 4.47 -19.84 -6.64
C LYS A 123 3.94 -20.66 -7.82
N GLY A 124 4.65 -21.69 -8.25
CA GLY A 124 4.22 -22.67 -9.26
C GLY A 124 3.75 -22.09 -10.60
N ASP A 125 4.10 -20.84 -10.91
CA ASP A 125 3.58 -20.05 -12.03
C ASP A 125 2.03 -20.00 -12.05
N CYS A 126 1.38 -19.98 -10.88
CA CYS A 126 -0.07 -20.01 -10.76
C CYS A 126 -0.73 -18.81 -11.47
N LYS A 127 -1.67 -19.11 -12.36
CA LYS A 127 -2.41 -18.13 -13.16
C LYS A 127 -3.49 -17.46 -12.30
N VAL A 128 -3.63 -16.14 -12.36
CA VAL A 128 -4.58 -15.36 -11.54
C VAL A 128 -5.52 -14.50 -12.39
N SER A 129 -6.71 -14.19 -11.89
CA SER A 129 -7.66 -13.35 -12.60
C SER A 129 -7.32 -11.85 -12.50
N GLU A 130 -7.29 -11.17 -13.64
CA GLU A 130 -7.19 -9.70 -13.74
C GLU A 130 -8.40 -8.99 -13.12
N GLU A 131 -9.56 -9.64 -13.05
CA GLU A 131 -10.74 -9.10 -12.37
C GLU A 131 -10.52 -9.07 -10.84
N GLU A 132 -9.77 -10.03 -10.33
CA GLU A 132 -9.35 -10.11 -8.94
C GLU A 132 -8.25 -9.08 -8.64
N ILE A 133 -7.31 -8.84 -9.58
CA ILE A 133 -6.38 -7.70 -9.50
C ILE A 133 -7.17 -6.38 -9.44
N LYS A 134 -8.25 -6.25 -10.21
CA LYS A 134 -9.20 -5.13 -10.13
C LYS A 134 -9.83 -5.00 -8.75
N LEU A 135 -10.19 -6.09 -8.06
CA LEU A 135 -10.66 -6.01 -6.66
C LEU A 135 -9.57 -5.63 -5.66
N GLY A 136 -8.29 -5.88 -5.96
CA GLY A 136 -7.14 -5.35 -5.22
C GLY A 136 -6.97 -3.85 -5.44
N LYS A 137 -6.96 -3.43 -6.71
CA LYS A 137 -7.03 -2.03 -7.16
C LYS A 137 -8.22 -1.27 -6.58
N GLU A 138 -9.35 -1.94 -6.34
CA GLU A 138 -10.54 -1.36 -5.72
C GLU A 138 -10.38 -1.05 -4.24
N LYS A 139 -9.89 -2.01 -3.43
CA LYS A 139 -9.61 -1.73 -2.02
C LYS A 139 -8.44 -0.75 -1.85
N ALA A 140 -7.47 -0.75 -2.76
CA ALA A 140 -6.44 0.29 -2.84
C ALA A 140 -7.04 1.69 -3.11
N ALA A 141 -7.95 1.83 -4.08
CA ALA A 141 -8.71 3.07 -4.32
C ALA A 141 -9.57 3.49 -3.11
N GLU A 142 -10.19 2.52 -2.41
CA GLU A 142 -11.04 2.77 -1.24
C GLU A 142 -10.24 3.22 0.00
N ILE A 143 -9.02 2.72 0.18
CA ILE A 143 -8.07 3.21 1.19
C ILE A 143 -7.51 4.57 0.77
N PHE A 144 -7.04 4.71 -0.47
CA PHE A 144 -6.45 5.96 -0.98
C PHE A 144 -7.42 7.14 -0.85
N LYS A 145 -8.68 6.95 -1.28
CA LYS A 145 -9.71 7.99 -1.20
C LYS A 145 -10.03 8.37 0.24
N ALA A 146 -9.93 7.44 1.20
CA ALA A 146 -10.09 7.73 2.61
C ALA A 146 -8.94 8.56 3.19
N LEU A 147 -7.69 8.35 2.73
CA LEU A 147 -6.56 9.20 3.15
C LEU A 147 -6.74 10.61 2.58
N GLU A 148 -7.08 10.74 1.30
CA GLU A 148 -7.42 12.03 0.68
C GLU A 148 -8.63 12.69 1.36
N ALA A 149 -9.64 11.94 1.81
CA ALA A 149 -10.79 12.50 2.52
C ALA A 149 -10.46 13.11 3.90
N TYR A 150 -9.32 12.73 4.53
CA TYR A 150 -8.74 13.49 5.64
C TYR A 150 -7.85 14.64 5.12
N LEU A 151 -6.96 14.33 4.17
CA LEU A 151 -5.95 15.23 3.60
C LEU A 151 -6.49 16.38 2.74
N LEU A 152 -7.77 16.38 2.38
CA LEU A 152 -8.44 17.50 1.70
C LEU A 152 -8.84 18.60 2.69
N ALA A 153 -9.29 18.24 3.89
CA ALA A 153 -9.43 19.17 5.02
C ALA A 153 -8.05 19.53 5.61
N ASN A 154 -7.21 18.52 5.81
CA ASN A 154 -6.03 18.56 6.68
C ASN A 154 -4.73 18.14 5.95
N PRO A 155 -4.34 18.78 4.82
CA PRO A 155 -3.14 18.40 4.06
C PRO A 155 -1.85 18.58 4.85
N ASP A 156 -1.83 19.49 5.83
CA ASP A 156 -0.75 19.62 6.82
C ASP A 156 -0.82 18.49 7.87
N TYR A 157 -0.63 17.24 7.41
CA TYR A 157 -0.64 16.04 8.24
C TYR A 157 0.45 16.06 9.33
N CYS A 158 0.16 15.48 10.50
CA CYS A 158 1.07 15.40 11.64
C CYS A 158 1.55 13.96 11.90
N GLY A 1 8.17 -17.87 -12.61
CA GLY A 1 6.86 -17.24 -12.76
C GLY A 1 6.73 -16.09 -11.78
N VAL A 2 6.21 -14.95 -12.24
CA VAL A 2 5.94 -13.81 -11.36
C VAL A 2 4.77 -12.99 -11.85
N VAL A 3 3.79 -12.69 -10.98
CA VAL A 3 2.72 -11.76 -11.35
C VAL A 3 3.18 -10.32 -11.07
N THR A 4 2.74 -9.34 -11.86
CA THR A 4 3.15 -7.92 -11.73
C THR A 4 2.11 -6.97 -12.32
N TYR A 5 1.69 -5.96 -11.56
CA TYR A 5 0.69 -4.96 -11.93
C TYR A 5 1.00 -3.61 -11.26
N ASP A 6 0.22 -2.57 -11.57
CA ASP A 6 0.41 -1.22 -11.05
C ASP A 6 -0.93 -0.52 -10.77
N MET A 7 -0.87 0.51 -9.93
CA MET A 7 -1.98 1.37 -9.52
C MET A 7 -1.44 2.79 -9.31
N GLU A 8 -0.96 3.42 -10.38
CA GLU A 8 -0.55 4.83 -10.34
C GLU A 8 -1.79 5.72 -10.18
N ILE A 9 -1.76 6.69 -9.26
CA ILE A 9 -2.94 7.50 -8.95
C ILE A 9 -2.57 8.97 -8.63
N PRO A 10 -3.11 9.95 -9.38
CA PRO A 10 -3.14 11.35 -8.98
C PRO A 10 -3.90 11.55 -7.66
N SER A 11 -3.48 12.49 -6.83
CA SER A 11 -4.04 12.66 -5.49
C SER A 11 -4.12 14.11 -5.02
N LYS A 12 -5.22 14.45 -4.33
CA LYS A 12 -5.55 15.80 -3.84
C LYS A 12 -4.83 16.16 -2.53
N VAL A 13 -3.55 15.82 -2.45
CA VAL A 13 -2.59 16.14 -1.39
C VAL A 13 -1.17 16.20 -1.99
N PRO A 14 -0.32 17.18 -1.66
CA PRO A 14 0.99 17.39 -2.30
C PRO A 14 2.07 16.39 -1.84
N PRO A 15 3.14 16.15 -2.65
CA PRO A 15 4.03 14.99 -2.50
C PRO A 15 4.79 14.88 -1.17
N VAL A 16 5.25 15.99 -0.58
CA VAL A 16 5.88 15.98 0.76
C VAL A 16 4.87 15.56 1.83
N LYS A 17 3.63 16.05 1.76
CA LYS A 17 2.55 15.62 2.67
C LYS A 17 2.14 14.16 2.44
N LEU A 18 2.16 13.66 1.21
CA LEU A 18 2.03 12.22 0.93
C LEU A 18 3.17 11.43 1.58
N TYR A 19 4.42 11.88 1.46
CA TYR A 19 5.55 11.16 2.02
C TYR A 19 5.55 11.16 3.56
N LYS A 20 5.29 12.31 4.17
CA LYS A 20 5.03 12.46 5.60
C LYS A 20 3.90 11.53 6.04
N ALA A 21 2.69 11.76 5.54
CA ALA A 21 1.49 11.06 6.00
C ALA A 21 1.44 9.59 5.55
N PHE A 22 1.34 9.37 4.23
CA PHE A 22 1.03 8.07 3.63
C PHE A 22 2.16 7.05 3.80
N ILE A 23 3.42 7.50 3.77
CA ILE A 23 4.59 6.60 3.85
C ILE A 23 5.13 6.50 5.27
N LEU A 24 5.52 7.63 5.88
CA LEU A 24 6.23 7.63 7.17
C LEU A 24 5.26 7.48 8.35
N ASP A 25 4.17 8.24 8.39
CA ASP A 25 3.08 8.06 9.34
C ASP A 25 2.12 6.93 8.89
N GLY A 26 2.35 6.37 7.69
CA GLY A 26 1.52 5.35 7.05
C GLY A 26 1.30 4.12 7.90
N ASP A 27 2.31 3.73 8.69
CA ASP A 27 2.27 2.63 9.65
C ASP A 27 1.19 2.78 10.73
N THR A 28 0.63 3.99 10.87
CA THR A 28 -0.39 4.37 11.86
C THR A 28 -1.64 4.98 11.21
N LEU A 29 -1.51 5.59 10.03
CA LEU A 29 -2.63 6.11 9.24
C LEU A 29 -3.35 5.03 8.43
N VAL A 30 -2.62 4.11 7.79
CA VAL A 30 -3.22 3.07 6.93
C VAL A 30 -4.23 2.13 7.64
N PRO A 31 -4.17 1.86 8.96
CA PRO A 31 -5.30 1.26 9.68
C PRO A 31 -6.38 2.27 10.06
N LYS A 32 -6.03 3.42 10.65
CA LYS A 32 -6.99 4.24 11.42
C LYS A 32 -8.20 4.76 10.63
N VAL A 33 -8.02 5.06 9.33
CA VAL A 33 -9.08 5.55 8.43
C VAL A 33 -9.77 4.44 7.62
N LEU A 34 -9.34 3.19 7.71
CA LEU A 34 -9.99 2.04 7.05
C LEU A 34 -9.80 0.72 7.84
N PRO A 35 -10.19 0.68 9.14
CA PRO A 35 -9.96 -0.50 9.98
C PRO A 35 -10.92 -1.66 9.67
N HIS A 36 -11.72 -1.56 8.61
CA HIS A 36 -12.51 -2.64 8.01
C HIS A 36 -11.73 -3.43 6.95
N ALA A 37 -10.54 -2.97 6.53
CA ALA A 37 -9.61 -3.71 5.68
C ALA A 37 -8.16 -3.70 6.17
N ILE A 38 -7.81 -2.83 7.13
CA ILE A 38 -6.57 -2.86 7.90
C ILE A 38 -6.91 -2.63 9.39
N LYS A 39 -7.57 -3.60 10.04
CA LYS A 39 -8.03 -3.54 11.44
C LYS A 39 -6.95 -3.08 12.42
N CYS A 40 -5.71 -3.54 12.23
CA CYS A 40 -4.51 -2.98 12.86
C CYS A 40 -3.27 -3.10 11.96
N VAL A 41 -2.28 -2.23 12.22
CA VAL A 41 -0.87 -2.41 11.85
C VAL A 41 -0.02 -2.32 13.11
N LYS A 42 0.97 -3.19 13.27
CA LYS A 42 2.07 -3.01 14.24
C LYS A 42 3.39 -3.61 13.77
N ILE A 43 4.50 -3.06 14.23
CA ILE A 43 5.84 -3.63 14.00
C ILE A 43 6.04 -4.87 14.88
N LEU A 44 6.61 -5.93 14.29
CA LEU A 44 7.16 -7.10 14.99
C LEU A 44 8.68 -7.01 15.16
N GLU A 45 9.39 -6.30 14.27
CA GLU A 45 10.86 -6.19 14.25
C GLU A 45 11.30 -4.96 13.43
N GLY A 46 12.32 -4.22 13.90
CA GLY A 46 12.82 -3.02 13.23
C GLY A 46 12.11 -1.73 13.68
N ASP A 47 12.23 -0.66 12.89
CA ASP A 47 11.73 0.67 13.25
C ASP A 47 11.45 1.63 12.05
N GLY A 48 11.36 1.08 10.83
CA GLY A 48 11.17 1.81 9.58
C GLY A 48 12.37 1.70 8.62
N CYS A 49 13.52 1.22 9.09
CA CYS A 49 14.64 0.84 8.23
C CYS A 49 14.31 -0.35 7.31
N ALA A 50 15.08 -0.52 6.23
CA ALA A 50 15.04 -1.72 5.37
C ALA A 50 15.24 -2.99 6.21
N GLY A 51 14.31 -3.93 6.09
CA GLY A 51 14.19 -5.12 6.93
C GLY A 51 13.12 -5.04 8.03
N THR A 52 12.46 -3.88 8.21
CA THR A 52 11.45 -3.70 9.28
C THR A 52 10.16 -4.46 8.97
N ILE A 53 9.74 -5.36 9.86
CA ILE A 53 8.52 -6.16 9.70
C ILE A 53 7.36 -5.53 10.46
N LYS A 54 6.26 -5.26 9.75
CA LYS A 54 4.90 -5.05 10.28
C LYS A 54 4.06 -6.32 10.14
N GLU A 55 3.05 -6.44 10.99
CA GLU A 55 1.97 -7.41 10.88
C GLU A 55 0.60 -6.71 10.90
N VAL A 56 -0.31 -7.25 10.11
CA VAL A 56 -1.60 -6.67 9.75
C VAL A 56 -2.71 -7.71 9.90
N THR A 57 -3.78 -7.39 10.61
CA THR A 57 -5.08 -8.08 10.51
C THR A 57 -6.06 -7.15 9.78
N PHE A 58 -6.86 -7.68 8.85
CA PHE A 58 -7.65 -6.87 7.93
C PHE A 58 -9.01 -6.39 8.48
N GLY A 59 -9.82 -7.29 9.03
CA GLY A 59 -11.15 -6.98 9.60
C GLY A 59 -11.54 -7.86 10.80
N GLU A 60 -10.70 -8.84 11.15
CA GLU A 60 -10.87 -9.80 12.24
C GLU A 60 -12.18 -10.60 12.15
N GLY A 61 -12.47 -11.15 10.96
CA GLY A 61 -13.72 -11.86 10.68
C GLY A 61 -13.62 -12.88 9.54
N SER A 62 -14.79 -13.38 9.11
CA SER A 62 -14.93 -14.43 8.08
C SER A 62 -14.94 -13.88 6.63
N HIS A 63 -14.74 -12.57 6.47
CA HIS A 63 -14.58 -11.90 5.17
C HIS A 63 -13.15 -11.95 4.65
N HIS A 64 -12.15 -11.73 5.50
CA HIS A 64 -10.71 -11.83 5.18
C HIS A 64 -9.85 -11.92 6.45
N LYS A 65 -8.55 -12.20 6.31
CA LYS A 65 -7.64 -12.65 7.38
C LYS A 65 -6.50 -11.66 7.69
N CYS A 66 -5.25 -11.98 7.35
CA CYS A 66 -4.07 -11.27 7.85
C CYS A 66 -2.84 -11.37 6.93
N VAL A 67 -1.83 -10.53 7.22
CA VAL A 67 -0.59 -10.34 6.45
C VAL A 67 0.61 -9.99 7.33
N LYS A 68 1.80 -10.32 6.85
CA LYS A 68 3.09 -9.84 7.35
C LYS A 68 3.83 -9.11 6.23
N GLN A 69 4.46 -7.98 6.55
CA GLN A 69 4.83 -6.94 5.60
C GLN A 69 6.18 -6.33 5.98
N ARG A 70 7.24 -6.62 5.20
CA ARG A 70 8.59 -6.10 5.46
C ARG A 70 8.86 -4.85 4.61
N VAL A 71 9.13 -3.72 5.27
CA VAL A 71 9.65 -2.50 4.62
C VAL A 71 11.07 -2.73 4.14
N ASP A 72 11.30 -2.35 2.89
CA ASP A 72 12.47 -2.70 2.08
C ASP A 72 13.30 -1.47 1.67
N ALA A 73 12.65 -0.31 1.53
CA ALA A 73 13.32 0.96 1.28
C ALA A 73 12.44 2.15 1.69
N ILE A 74 13.01 3.12 2.40
CA ILE A 74 12.55 4.52 2.49
C ILE A 74 13.64 5.41 1.87
N ASP A 75 13.31 6.25 0.88
CA ASP A 75 14.22 7.22 0.29
C ASP A 75 13.52 8.56 -0.02
N LYS A 76 13.77 9.56 0.84
CA LYS A 76 13.21 10.91 0.77
C LYS A 76 13.92 11.79 -0.29
N ASP A 77 14.93 11.30 -1.00
CA ASP A 77 15.51 12.05 -2.12
C ASP A 77 14.60 12.09 -3.35
N ASN A 78 13.71 11.11 -3.53
CA ASN A 78 13.06 10.86 -4.82
C ASN A 78 11.66 11.50 -5.02
N LEU A 79 10.63 11.32 -4.19
CA LEU A 79 10.51 10.46 -3.02
C LEU A 79 10.06 9.04 -3.42
N THR A 80 10.61 8.00 -2.79
CA THR A 80 10.26 6.58 -3.09
C THR A 80 10.18 5.71 -1.83
N TYR A 81 9.47 4.59 -1.94
CA TYR A 81 9.23 3.63 -0.87
C TYR A 81 9.07 2.21 -1.44
N SER A 82 9.47 1.20 -0.68
CA SER A 82 9.26 -0.21 -1.03
C SER A 82 8.96 -1.05 0.20
N TYR A 83 8.06 -2.02 0.05
CA TYR A 83 7.76 -3.03 1.06
C TYR A 83 7.19 -4.29 0.40
N THR A 84 7.38 -5.45 1.03
CA THR A 84 6.91 -6.74 0.51
C THR A 84 5.99 -7.42 1.51
N ILE A 85 4.84 -7.90 1.03
CA ILE A 85 4.03 -8.89 1.75
C ILE A 85 4.82 -10.21 1.73
N ILE A 86 5.49 -10.46 2.85
CA ILE A 86 6.38 -11.61 3.08
C ILE A 86 5.59 -12.88 3.39
N GLU A 87 4.42 -12.73 4.02
CA GLU A 87 3.49 -13.79 4.41
C GLU A 87 2.06 -13.25 4.51
N GLY A 88 1.07 -14.14 4.52
CA GLY A 88 -0.34 -13.81 4.73
C GLY A 88 -1.30 -14.51 3.78
N ASP A 89 -2.59 -14.41 4.10
CA ASP A 89 -3.69 -15.02 3.33
C ASP A 89 -3.87 -14.40 1.94
N VAL A 90 -3.31 -13.21 1.69
CA VAL A 90 -3.29 -12.60 0.35
C VAL A 90 -2.38 -13.36 -0.61
N LEU A 91 -1.33 -14.03 -0.12
CA LEU A 91 -0.44 -14.83 -0.98
C LEU A 91 -1.09 -16.15 -1.41
N ALA A 92 -1.58 -16.92 -0.42
CA ALA A 92 -2.31 -18.17 -0.58
C ALA A 92 -1.72 -19.11 -1.64
N GLU A 93 -2.56 -19.80 -2.44
CA GLU A 93 -2.12 -20.88 -3.32
C GLU A 93 -1.50 -20.40 -4.66
N LYS A 94 -1.31 -19.08 -4.88
CA LYS A 94 -0.80 -18.54 -6.16
C LYS A 94 0.42 -17.65 -6.05
N PHE A 95 0.32 -16.56 -5.29
CA PHE A 95 1.44 -15.63 -5.12
C PHE A 95 2.40 -16.15 -4.06
N GLU A 96 3.65 -15.72 -4.10
CA GLU A 96 4.63 -16.00 -3.06
C GLU A 96 5.35 -14.72 -2.59
N SER A 97 5.35 -13.62 -3.36
CA SER A 97 5.70 -12.32 -2.74
C SER A 97 5.15 -11.11 -3.47
N ILE A 98 4.24 -10.39 -2.79
CA ILE A 98 3.63 -9.16 -3.32
C ILE A 98 4.48 -7.98 -2.87
N SER A 99 5.36 -7.54 -3.77
CA SER A 99 6.41 -6.55 -3.49
C SER A 99 6.05 -5.20 -4.12
N TYR A 100 5.74 -4.21 -3.28
CA TYR A 100 5.32 -2.88 -3.69
C TYR A 100 6.50 -1.93 -3.90
N HIS A 101 6.36 -1.08 -4.91
CA HIS A 101 7.38 -0.17 -5.43
C HIS A 101 6.72 1.18 -5.74
N ILE A 102 6.80 2.10 -4.79
CA ILE A 102 6.14 3.42 -4.86
C ILE A 102 7.15 4.50 -5.22
N LYS A 103 6.82 5.33 -6.21
CA LYS A 103 7.36 6.69 -6.40
C LYS A 103 6.26 7.71 -6.15
N ILE A 104 6.58 8.81 -5.45
CA ILE A 104 5.69 9.96 -5.24
C ILE A 104 6.27 11.18 -5.95
N VAL A 105 5.41 11.88 -6.69
CA VAL A 105 5.74 12.98 -7.61
C VAL A 105 4.74 14.13 -7.41
N ALA A 106 5.13 15.38 -7.66
CA ALA A 106 4.19 16.50 -7.74
C ALA A 106 3.26 16.41 -8.96
N CYS A 107 2.12 17.10 -8.89
CA CYS A 107 1.44 17.62 -10.07
C CYS A 107 1.28 19.16 -9.94
N PRO A 108 1.32 19.91 -11.05
CA PRO A 108 1.12 21.36 -11.02
C PRO A 108 -0.34 21.76 -10.72
N ASP A 109 -1.27 20.80 -10.64
CA ASP A 109 -2.64 20.97 -10.15
C ASP A 109 -2.71 21.08 -8.60
N GLY A 110 -1.61 21.41 -7.91
CA GLY A 110 -1.55 21.63 -6.45
C GLY A 110 -1.55 20.36 -5.59
N GLY A 111 -1.28 19.20 -6.18
CA GLY A 111 -1.32 17.89 -5.52
C GLY A 111 -0.12 17.01 -5.89
N SER A 112 -0.34 15.69 -5.97
CA SER A 112 0.69 14.69 -6.27
C SER A 112 0.20 13.61 -7.24
N ILE A 113 1.13 12.76 -7.68
CA ILE A 113 0.86 11.47 -8.30
C ILE A 113 1.69 10.40 -7.56
N CYS A 114 1.06 9.28 -7.22
CA CYS A 114 1.67 8.17 -6.48
C CYS A 114 1.68 6.91 -7.36
N LYS A 115 2.86 6.55 -7.89
CA LYS A 115 3.06 5.43 -8.82
C LYS A 115 3.28 4.12 -8.08
N ASN A 116 2.18 3.46 -7.69
CA ASN A 116 2.21 2.21 -6.94
C ASN A 116 2.40 1.00 -7.88
N ARG A 117 3.64 0.67 -8.25
CA ARG A 117 3.98 -0.61 -8.91
C ARG A 117 3.97 -1.75 -7.89
N SER A 118 3.66 -2.99 -8.31
CA SER A 118 3.69 -4.17 -7.45
C SER A 118 4.02 -5.46 -8.20
N ILE A 119 5.02 -6.19 -7.69
CA ILE A 119 5.31 -7.59 -8.01
C ILE A 119 4.45 -8.49 -7.10
N TYR A 120 4.51 -9.82 -7.26
CA TYR A 120 3.60 -10.87 -6.77
C TYR A 120 4.28 -12.27 -6.93
N THR A 121 5.61 -12.38 -7.05
CA THR A 121 6.38 -13.56 -7.55
C THR A 121 5.75 -14.90 -7.15
N THR A 122 5.33 -15.73 -8.11
CA THR A 122 4.35 -16.80 -7.88
C THR A 122 4.96 -18.10 -7.37
N LYS A 123 4.15 -18.91 -6.69
CA LYS A 123 4.42 -20.32 -6.43
C LYS A 123 3.83 -21.20 -7.53
N GLY A 124 4.53 -22.27 -7.89
CA GLY A 124 4.09 -23.31 -8.84
C GLY A 124 3.68 -22.82 -10.24
N ASP A 125 4.08 -21.61 -10.65
CA ASP A 125 3.60 -20.88 -11.83
C ASP A 125 2.06 -20.71 -11.89
N CYS A 126 1.36 -20.77 -10.75
CA CYS A 126 -0.11 -20.76 -10.70
C CYS A 126 -0.70 -19.49 -11.35
N LYS A 127 -1.73 -19.64 -12.18
CA LYS A 127 -2.33 -18.56 -12.97
C LYS A 127 -3.35 -17.76 -12.16
N VAL A 128 -3.50 -16.46 -12.46
CA VAL A 128 -4.50 -15.59 -11.79
C VAL A 128 -5.30 -14.72 -12.76
N SER A 129 -6.58 -14.55 -12.43
CA SER A 129 -7.51 -13.67 -13.12
C SER A 129 -7.27 -12.19 -12.81
N GLU A 130 -7.40 -11.33 -13.82
CA GLU A 130 -7.35 -9.87 -13.65
C GLU A 130 -8.52 -9.31 -12.81
N GLU A 131 -9.61 -10.05 -12.66
CA GLU A 131 -10.73 -9.66 -11.78
C GLU A 131 -10.37 -9.88 -10.31
N GLU A 132 -9.58 -10.92 -10.04
CA GLU A 132 -8.96 -11.19 -8.74
C GLU A 132 -7.86 -10.17 -8.44
N ILE A 133 -7.13 -9.70 -9.46
CA ILE A 133 -6.22 -8.55 -9.32
C ILE A 133 -7.01 -7.27 -8.99
N LYS A 134 -8.18 -7.05 -9.59
CA LYS A 134 -9.14 -6.00 -9.18
C LYS A 134 -9.54 -6.13 -7.72
N LEU A 135 -9.81 -7.32 -7.17
CA LEU A 135 -10.14 -7.44 -5.73
C LEU A 135 -9.04 -6.85 -4.83
N GLY A 136 -7.76 -7.13 -5.10
CA GLY A 136 -6.64 -6.54 -4.35
C GLY A 136 -6.46 -5.04 -4.63
N LYS A 137 -6.51 -4.64 -5.90
CA LYS A 137 -6.41 -3.23 -6.35
C LYS A 137 -7.51 -2.35 -5.76
N GLU A 138 -8.73 -2.84 -5.71
CA GLU A 138 -9.94 -2.10 -5.32
C GLU A 138 -9.97 -1.83 -3.80
N LYS A 139 -9.62 -2.82 -2.96
CA LYS A 139 -9.48 -2.57 -1.51
C LYS A 139 -8.27 -1.68 -1.20
N ALA A 140 -7.16 -1.83 -1.92
CA ALA A 140 -5.99 -0.94 -1.81
C ALA A 140 -6.32 0.50 -2.25
N ALA A 141 -7.06 0.67 -3.35
CA ALA A 141 -7.58 1.95 -3.82
C ALA A 141 -8.58 2.56 -2.81
N GLU A 142 -9.39 1.74 -2.14
CA GLU A 142 -10.31 2.22 -1.10
C GLU A 142 -9.55 2.68 0.15
N ILE A 143 -8.51 1.94 0.56
CA ILE A 143 -7.60 2.38 1.62
C ILE A 143 -6.92 3.70 1.22
N PHE A 144 -6.37 3.81 0.01
CA PHE A 144 -5.72 5.04 -0.48
C PHE A 144 -6.69 6.23 -0.48
N LYS A 145 -7.90 6.06 -1.03
CA LYS A 145 -8.90 7.13 -1.14
C LYS A 145 -9.44 7.54 0.24
N ALA A 146 -9.46 6.62 1.21
CA ALA A 146 -9.71 6.93 2.62
C ALA A 146 -8.60 7.76 3.28
N LEU A 147 -7.31 7.47 3.01
CA LEU A 147 -6.22 8.29 3.55
C LEU A 147 -6.26 9.70 2.94
N GLU A 148 -6.48 9.79 1.63
CA GLU A 148 -6.67 11.07 0.94
C GLU A 148 -7.92 11.83 1.42
N ALA A 149 -9.03 11.15 1.72
CA ALA A 149 -10.22 11.83 2.25
C ALA A 149 -9.95 12.52 3.60
N TYR A 150 -9.05 11.97 4.42
CA TYR A 150 -8.50 12.66 5.59
C TYR A 150 -7.52 13.77 5.20
N LEU A 151 -6.58 13.47 4.30
CA LEU A 151 -5.47 14.34 3.86
C LEU A 151 -5.86 15.51 2.94
N LEU A 152 -7.07 15.51 2.39
CA LEU A 152 -7.67 16.65 1.72
C LEU A 152 -8.22 17.66 2.74
N ALA A 153 -8.84 17.16 3.81
CA ALA A 153 -9.34 17.96 4.93
C ALA A 153 -8.20 18.45 5.86
N ASN A 154 -7.14 17.67 6.05
CA ASN A 154 -5.97 18.02 6.87
C ASN A 154 -4.68 17.45 6.27
N PRO A 155 -4.12 18.09 5.21
CA PRO A 155 -2.82 17.72 4.62
C PRO A 155 -1.62 17.93 5.55
N ASP A 156 -1.75 18.76 6.58
CA ASP A 156 -0.73 19.06 7.59
C ASP A 156 -0.51 17.88 8.57
N TYR A 157 -0.36 16.66 8.07
CA TYR A 157 -0.33 15.45 8.92
C TYR A 157 0.83 15.52 9.89
N CYS A 158 0.56 15.32 11.18
CA CYS A 158 1.53 15.39 12.27
C CYS A 158 1.34 14.24 13.27
N GLY A 1 8.27 -16.73 -13.23
CA GLY A 1 6.96 -16.13 -13.53
C GLY A 1 6.68 -14.97 -12.60
N VAL A 2 6.03 -13.91 -13.09
CA VAL A 2 5.69 -12.74 -12.28
C VAL A 2 4.39 -12.08 -12.70
N VAL A 3 3.54 -11.71 -11.73
CA VAL A 3 2.44 -10.76 -12.03
C VAL A 3 2.91 -9.32 -11.75
N THR A 4 2.42 -8.34 -12.52
CA THR A 4 2.80 -6.91 -12.39
C THR A 4 1.69 -5.98 -12.89
N TYR A 5 1.39 -4.96 -12.10
CA TYR A 5 0.38 -3.93 -12.34
C TYR A 5 0.81 -2.59 -11.71
N ASP A 6 -0.08 -1.61 -11.72
CA ASP A 6 0.06 -0.31 -11.05
C ASP A 6 -1.31 0.29 -10.68
N MET A 7 -1.28 1.34 -9.86
CA MET A 7 -2.41 2.19 -9.51
C MET A 7 -1.92 3.64 -9.44
N GLU A 8 -1.67 4.26 -10.59
CA GLU A 8 -1.33 5.68 -10.68
C GLU A 8 -2.58 6.54 -10.42
N ILE A 9 -2.49 7.45 -9.45
CA ILE A 9 -3.62 8.27 -9.03
C ILE A 9 -3.19 9.72 -8.70
N PRO A 10 -3.58 10.70 -9.52
CA PRO A 10 -3.60 12.12 -9.16
C PRO A 10 -4.50 12.38 -7.93
N SER A 11 -4.13 13.35 -7.11
CA SER A 11 -4.65 13.48 -5.75
C SER A 11 -4.77 14.92 -5.26
N LYS A 12 -5.82 15.17 -4.46
CA LYS A 12 -6.24 16.47 -3.91
C LYS A 12 -5.41 16.93 -2.69
N VAL A 13 -4.18 16.45 -2.54
CA VAL A 13 -3.22 16.82 -1.47
C VAL A 13 -1.79 16.98 -2.06
N PRO A 14 -1.03 18.01 -1.66
CA PRO A 14 0.29 18.33 -2.23
C PRO A 14 1.39 17.30 -1.86
N PRO A 15 2.48 17.18 -2.66
CA PRO A 15 3.36 16.01 -2.65
C PRO A 15 4.13 15.79 -1.34
N VAL A 16 4.58 16.85 -0.66
CA VAL A 16 5.26 16.75 0.65
C VAL A 16 4.28 16.28 1.73
N LYS A 17 2.99 16.67 1.64
CA LYS A 17 1.94 16.20 2.55
C LYS A 17 1.49 14.77 2.27
N LEU A 18 1.48 14.33 1.00
CA LEU A 18 1.40 12.90 0.68
C LEU A 18 2.59 12.14 1.29
N TYR A 19 3.80 12.68 1.23
CA TYR A 19 4.96 12.03 1.83
C TYR A 19 4.88 11.98 3.37
N LYS A 20 4.52 13.08 4.04
CA LYS A 20 4.27 13.12 5.48
C LYS A 20 3.22 12.08 5.89
N ALA A 21 2.02 12.19 5.34
CA ALA A 21 0.85 11.46 5.80
C ALA A 21 0.73 10.05 5.22
N PHE A 22 0.80 9.92 3.89
CA PHE A 22 0.56 8.66 3.18
C PHE A 22 1.77 7.72 3.27
N ILE A 23 2.99 8.26 3.24
CA ILE A 23 4.22 7.46 3.29
C ILE A 23 4.75 7.36 4.72
N LEU A 24 5.09 8.49 5.34
CA LEU A 24 5.75 8.49 6.66
C LEU A 24 4.77 8.20 7.79
N ASP A 25 3.46 8.25 7.54
CA ASP A 25 2.45 7.61 8.38
C ASP A 25 1.51 6.64 7.64
N GLY A 26 2.02 6.01 6.58
CA GLY A 26 1.40 4.86 5.90
C GLY A 26 1.32 3.59 6.75
N ASP A 27 1.36 3.73 8.07
CA ASP A 27 1.44 2.70 9.10
C ASP A 27 0.43 2.96 10.25
N THR A 28 0.14 4.22 10.62
CA THR A 28 -0.87 4.56 11.65
C THR A 28 -1.95 5.53 11.17
N LEU A 29 -1.72 6.31 10.10
CA LEU A 29 -2.84 6.93 9.37
C LEU A 29 -3.58 5.88 8.54
N VAL A 30 -2.86 5.01 7.83
CA VAL A 30 -3.47 4.02 6.92
C VAL A 30 -4.59 3.14 7.54
N PRO A 31 -4.55 2.71 8.83
CA PRO A 31 -5.64 1.99 9.47
C PRO A 31 -6.66 2.88 10.17
N LYS A 32 -6.30 4.08 10.65
CA LYS A 32 -7.20 4.90 11.50
C LYS A 32 -8.42 5.45 10.76
N VAL A 33 -8.26 5.77 9.48
CA VAL A 33 -9.34 6.24 8.59
C VAL A 33 -10.08 5.12 7.84
N LEU A 34 -9.50 3.92 7.69
CA LEU A 34 -10.12 2.82 6.92
C LEU A 34 -9.85 1.42 7.53
N PRO A 35 -10.31 1.16 8.77
CA PRO A 35 -10.05 -0.09 9.47
C PRO A 35 -10.84 -1.31 8.94
N HIS A 36 -11.40 -1.22 7.74
CA HIS A 36 -12.05 -2.34 7.04
C HIS A 36 -11.27 -2.84 5.82
N ALA A 37 -10.14 -2.21 5.48
CA ALA A 37 -9.16 -2.76 4.54
C ALA A 37 -7.71 -2.70 5.06
N ILE A 38 -7.42 -1.88 6.07
CA ILE A 38 -6.28 -2.10 6.98
C ILE A 38 -6.80 -1.91 8.41
N LYS A 39 -7.36 -2.95 9.04
CA LYS A 39 -7.86 -2.91 10.43
C LYS A 39 -6.75 -2.54 11.41
N CYS A 40 -5.59 -3.18 11.26
CA CYS A 40 -4.38 -2.86 12.02
C CYS A 40 -3.14 -2.97 11.15
N VAL A 41 -2.11 -2.21 11.56
CA VAL A 41 -0.72 -2.43 11.17
C VAL A 41 0.18 -2.31 12.40
N LYS A 42 1.25 -3.12 12.45
CA LYS A 42 2.32 -2.95 13.43
C LYS A 42 3.68 -3.38 12.88
N ILE A 43 4.76 -2.92 13.49
CA ILE A 43 6.12 -3.42 13.22
C ILE A 43 6.31 -4.78 13.92
N LEU A 44 7.04 -5.71 13.30
CA LEU A 44 7.60 -6.90 13.96
C LEU A 44 9.12 -6.79 14.18
N GLU A 45 9.83 -6.02 13.36
CA GLU A 45 11.25 -5.66 13.52
C GLU A 45 11.57 -4.38 12.74
N GLY A 46 12.37 -3.46 13.29
CA GLY A 46 12.80 -2.24 12.60
C GLY A 46 12.13 -0.96 13.11
N ASP A 47 12.12 0.09 12.29
CA ASP A 47 11.65 1.44 12.67
C ASP A 47 11.24 2.33 11.48
N GLY A 48 11.37 1.84 10.24
CA GLY A 48 11.17 2.60 9.00
C GLY A 48 12.42 2.70 8.13
N CYS A 49 13.61 2.39 8.66
CA CYS A 49 14.79 2.17 7.82
C CYS A 49 14.65 0.90 6.97
N ALA A 50 15.45 0.79 5.90
CA ALA A 50 15.46 -0.36 5.01
C ALA A 50 15.53 -1.71 5.76
N GLY A 51 14.77 -2.70 5.29
CA GLY A 51 14.57 -4.00 5.94
C GLY A 51 13.53 -4.01 7.09
N THR A 52 12.77 -2.94 7.31
CA THR A 52 11.81 -2.88 8.45
C THR A 52 10.59 -3.75 8.17
N ILE A 53 10.36 -4.76 9.02
CA ILE A 53 9.24 -5.70 8.92
C ILE A 53 7.99 -5.14 9.61
N LYS A 54 6.85 -5.25 8.93
CA LYS A 54 5.50 -4.91 9.39
C LYS A 54 4.50 -6.05 9.14
N GLU A 55 3.40 -6.03 9.87
CA GLU A 55 2.33 -7.02 9.85
C GLU A 55 0.98 -6.31 9.83
N VAL A 56 0.02 -6.90 9.12
CA VAL A 56 -1.25 -6.30 8.69
C VAL A 56 -2.42 -7.22 9.02
N THR A 57 -3.49 -6.69 9.59
CA THR A 57 -4.85 -7.28 9.53
C THR A 57 -5.71 -6.42 8.62
N PHE A 58 -6.40 -7.00 7.63
CA PHE A 58 -7.15 -6.22 6.62
C PHE A 58 -8.48 -5.66 7.14
N GLY A 59 -9.38 -6.47 7.68
CA GLY A 59 -10.71 -6.04 8.16
C GLY A 59 -11.12 -6.59 9.52
N GLU A 60 -10.41 -7.57 10.07
CA GLU A 60 -10.80 -8.35 11.25
C GLU A 60 -12.24 -8.92 11.14
N GLY A 61 -12.52 -9.56 10.00
CA GLY A 61 -13.81 -10.21 9.72
C GLY A 61 -13.64 -11.35 8.71
N SER A 62 -14.62 -12.24 8.61
CA SER A 62 -14.50 -13.51 7.87
C SER A 62 -14.18 -13.37 6.37
N HIS A 63 -14.35 -12.18 5.79
CA HIS A 63 -14.11 -11.91 4.37
C HIS A 63 -12.64 -11.81 3.95
N HIS A 64 -11.72 -11.43 4.85
CA HIS A 64 -10.26 -11.48 4.62
C HIS A 64 -9.45 -11.50 5.91
N LYS A 65 -8.16 -11.86 5.82
CA LYS A 65 -7.27 -12.16 6.96
C LYS A 65 -6.15 -11.12 7.15
N CYS A 66 -4.93 -11.44 6.73
CA CYS A 66 -3.71 -10.79 7.21
C CYS A 66 -2.49 -11.02 6.29
N VAL A 67 -1.43 -10.24 6.53
CA VAL A 67 -0.21 -10.18 5.72
C VAL A 67 1.01 -9.83 6.57
N LYS A 68 2.20 -10.10 6.05
CA LYS A 68 3.49 -9.58 6.53
C LYS A 68 4.29 -8.98 5.38
N GLN A 69 5.04 -7.94 5.68
CA GLN A 69 5.54 -6.94 4.74
C GLN A 69 6.89 -6.40 5.21
N ARG A 70 7.75 -5.93 4.30
CA ARG A 70 9.05 -5.36 4.63
C ARG A 70 9.32 -4.10 3.82
N VAL A 71 9.71 -3.00 4.48
CA VAL A 71 10.19 -1.76 3.86
C VAL A 71 11.49 -2.08 3.13
N ASP A 72 11.47 -1.93 1.80
CA ASP A 72 12.65 -2.03 0.95
C ASP A 72 13.49 -0.75 0.98
N ALA A 73 12.86 0.41 0.81
CA ALA A 73 13.54 1.71 0.86
C ALA A 73 12.58 2.89 1.06
N ILE A 74 13.07 3.95 1.72
CA ILE A 74 12.47 5.30 1.79
C ILE A 74 13.45 6.32 1.19
N ASP A 75 13.02 7.18 0.26
CA ASP A 75 13.84 8.26 -0.30
C ASP A 75 13.03 9.56 -0.54
N LYS A 76 13.30 10.55 0.30
CA LYS A 76 12.64 11.87 0.33
C LYS A 76 13.09 12.82 -0.81
N ASP A 77 14.00 12.43 -1.69
CA ASP A 77 14.35 13.26 -2.86
C ASP A 77 13.24 13.31 -3.93
N ASN A 78 12.56 12.20 -4.17
CA ASN A 78 11.89 11.94 -5.45
C ASN A 78 10.41 12.41 -5.59
N LEU A 79 9.52 12.32 -4.60
CA LEU A 79 9.56 11.50 -3.39
C LEU A 79 9.24 10.03 -3.73
N THR A 80 9.90 9.05 -3.10
CA THR A 80 9.64 7.61 -3.36
C THR A 80 9.64 6.76 -2.10
N TYR A 81 8.99 5.59 -2.21
CA TYR A 81 8.87 4.58 -1.17
C TYR A 81 8.69 3.20 -1.81
N SER A 82 9.37 2.19 -1.26
CA SER A 82 9.23 0.79 -1.68
C SER A 82 9.09 -0.16 -0.49
N TYR A 83 8.22 -1.15 -0.64
CA TYR A 83 7.95 -2.18 0.36
C TYR A 83 7.38 -3.44 -0.31
N THR A 84 7.67 -4.61 0.25
CA THR A 84 7.26 -5.89 -0.32
C THR A 84 6.45 -6.70 0.68
N ILE A 85 5.28 -7.21 0.27
CA ILE A 85 4.54 -8.26 0.98
C ILE A 85 5.35 -9.55 0.86
N ILE A 86 6.01 -9.93 1.95
CA ILE A 86 6.88 -11.10 2.06
C ILE A 86 6.11 -12.36 2.42
N GLU A 87 4.94 -12.26 3.05
CA GLU A 87 4.14 -13.41 3.50
C GLU A 87 2.65 -13.02 3.65
N GLY A 88 1.73 -13.99 3.57
CA GLY A 88 0.35 -13.80 4.00
C GLY A 88 -0.69 -14.61 3.23
N ASP A 89 -1.92 -14.58 3.73
CA ASP A 89 -3.10 -15.21 3.11
C ASP A 89 -3.37 -14.70 1.69
N VAL A 90 -2.97 -13.46 1.38
CA VAL A 90 -3.04 -12.86 0.04
C VAL A 90 -2.17 -13.60 -0.98
N LEU A 91 -1.02 -14.15 -0.60
CA LEU A 91 -0.12 -14.84 -1.55
C LEU A 91 -0.66 -16.23 -1.93
N ALA A 92 -1.01 -17.05 -0.93
CA ALA A 92 -1.56 -18.40 -1.07
C ALA A 92 -0.77 -19.27 -2.06
N GLU A 93 -1.42 -20.17 -2.80
CA GLU A 93 -0.81 -21.08 -3.79
C GLU A 93 -0.61 -20.42 -5.17
N LYS A 94 -0.50 -19.07 -5.23
CA LYS A 94 -0.57 -18.28 -6.47
C LYS A 94 0.58 -17.27 -6.60
N PHE A 95 0.47 -16.13 -5.91
CA PHE A 95 1.54 -15.14 -5.86
C PHE A 95 2.66 -15.60 -4.92
N GLU A 96 3.80 -14.95 -4.99
CA GLU A 96 4.87 -15.18 -4.01
C GLU A 96 5.54 -13.89 -3.52
N SER A 97 5.46 -12.75 -4.23
CA SER A 97 5.78 -11.47 -3.56
C SER A 97 5.24 -10.23 -4.27
N ILE A 98 4.42 -9.47 -3.53
CA ILE A 98 3.79 -8.23 -4.01
C ILE A 98 4.67 -7.05 -3.60
N SER A 99 5.42 -6.49 -4.56
CA SER A 99 6.51 -5.53 -4.32
C SER A 99 6.17 -4.16 -4.89
N TYR A 100 5.86 -3.21 -4.00
CA TYR A 100 5.36 -1.89 -4.33
C TYR A 100 6.49 -0.88 -4.57
N HIS A 101 6.25 0.04 -5.50
CA HIS A 101 7.14 1.13 -5.89
C HIS A 101 6.29 2.40 -6.08
N ILE A 102 6.14 3.16 -5.00
CA ILE A 102 5.39 4.42 -5.00
C ILE A 102 6.34 5.56 -5.35
N LYS A 103 5.97 6.37 -6.35
CA LYS A 103 6.55 7.70 -6.61
C LYS A 103 5.47 8.76 -6.46
N ILE A 104 5.77 9.85 -5.75
CA ILE A 104 4.88 11.00 -5.59
C ILE A 104 5.45 12.18 -6.39
N VAL A 105 4.80 12.49 -7.51
CA VAL A 105 5.11 13.62 -8.40
C VAL A 105 4.25 14.83 -8.02
N ALA A 106 4.74 16.06 -8.18
CA ALA A 106 3.93 17.26 -7.98
C ALA A 106 2.89 17.47 -9.10
N CYS A 107 1.78 18.16 -8.82
CA CYS A 107 0.89 18.70 -9.86
C CYS A 107 0.42 20.14 -9.58
N PRO A 108 0.19 20.97 -10.61
CA PRO A 108 -0.08 22.40 -10.45
C PRO A 108 -1.45 22.73 -9.81
N ASP A 109 -2.35 21.76 -9.63
CA ASP A 109 -3.62 21.93 -8.89
C ASP A 109 -3.45 22.16 -7.38
N GLY A 110 -2.22 22.33 -6.89
CA GLY A 110 -1.89 22.24 -5.47
C GLY A 110 -1.95 20.82 -4.92
N GLY A 111 -1.92 19.82 -5.82
CA GLY A 111 -2.01 18.40 -5.51
C GLY A 111 -0.74 17.64 -5.87
N SER A 112 -0.87 16.35 -6.12
CA SER A 112 0.22 15.45 -6.49
C SER A 112 -0.28 14.26 -7.31
N ILE A 113 0.63 13.43 -7.82
CA ILE A 113 0.34 12.16 -8.51
C ILE A 113 1.08 11.03 -7.81
N CYS A 114 0.34 10.11 -7.21
CA CYS A 114 0.87 8.93 -6.54
C CYS A 114 0.93 7.75 -7.53
N LYS A 115 2.08 7.55 -8.16
CA LYS A 115 2.33 6.47 -9.13
C LYS A 115 2.69 5.18 -8.40
N ASN A 116 1.68 4.44 -7.96
CA ASN A 116 1.85 3.21 -7.17
C ASN A 116 2.09 1.99 -8.10
N ARG A 117 3.33 1.73 -8.51
CA ARG A 117 3.70 0.49 -9.25
C ARG A 117 3.74 -0.71 -8.30
N SER A 118 3.44 -1.92 -8.79
CA SER A 118 3.45 -3.14 -7.98
C SER A 118 3.77 -4.40 -8.78
N ILE A 119 4.81 -5.11 -8.33
CA ILE A 119 5.11 -6.50 -8.72
C ILE A 119 4.30 -7.45 -7.79
N TYR A 120 4.37 -8.77 -7.99
CA TYR A 120 3.51 -9.86 -7.47
C TYR A 120 4.21 -11.23 -7.71
N THR A 121 5.53 -11.27 -7.95
CA THR A 121 6.29 -12.40 -8.52
C THR A 121 5.79 -13.76 -8.02
N THR A 122 5.29 -14.60 -8.93
CA THR A 122 4.48 -15.77 -8.58
C THR A 122 5.31 -16.95 -8.06
N LYS A 123 4.61 -17.96 -7.56
CA LYS A 123 5.13 -19.33 -7.44
C LYS A 123 4.52 -20.21 -8.52
N GLY A 124 5.24 -21.22 -9.00
CA GLY A 124 4.75 -22.23 -9.96
C GLY A 124 4.25 -21.69 -11.31
N ASP A 125 4.49 -20.41 -11.61
CA ASP A 125 3.83 -19.62 -12.68
C ASP A 125 2.30 -19.65 -12.62
N CYS A 126 1.75 -19.77 -11.39
CA CYS A 126 0.32 -19.93 -11.17
C CYS A 126 -0.48 -18.75 -11.75
N LYS A 127 -1.55 -19.09 -12.46
CA LYS A 127 -2.45 -18.16 -13.13
C LYS A 127 -3.36 -17.49 -12.09
N VAL A 128 -3.70 -16.22 -12.29
CA VAL A 128 -4.54 -15.45 -11.35
C VAL A 128 -5.65 -14.70 -12.07
N SER A 129 -6.81 -14.54 -11.41
CA SER A 129 -7.94 -13.81 -11.95
C SER A 129 -7.72 -12.29 -11.88
N GLU A 130 -7.99 -11.58 -12.97
CA GLU A 130 -7.95 -10.11 -13.01
C GLU A 130 -9.06 -9.46 -12.16
N GLU A 131 -10.08 -10.23 -11.77
CA GLU A 131 -11.12 -9.83 -10.81
C GLU A 131 -10.60 -9.82 -9.36
N GLU A 132 -9.67 -10.73 -9.06
CA GLU A 132 -8.89 -10.79 -7.83
C GLU A 132 -7.83 -9.67 -7.81
N ILE A 133 -7.23 -9.34 -8.96
CA ILE A 133 -6.38 -8.14 -9.11
C ILE A 133 -7.19 -6.87 -8.83
N LYS A 134 -8.39 -6.74 -9.41
CA LYS A 134 -9.37 -5.69 -9.12
C LYS A 134 -9.71 -5.62 -7.63
N LEU A 135 -10.03 -6.72 -6.95
CA LEU A 135 -10.29 -6.69 -5.51
C LEU A 135 -9.14 -6.07 -4.70
N GLY A 136 -7.88 -6.35 -5.07
CA GLY A 136 -6.69 -5.74 -4.45
C GLY A 136 -6.51 -4.26 -4.81
N LYS A 137 -6.64 -3.92 -6.10
CA LYS A 137 -6.59 -2.55 -6.63
C LYS A 137 -7.66 -1.64 -6.02
N GLU A 138 -8.87 -2.17 -5.87
CA GLU A 138 -10.05 -1.45 -5.43
C GLU A 138 -10.03 -1.18 -3.92
N LYS A 139 -9.57 -2.15 -3.09
CA LYS A 139 -9.30 -1.88 -1.67
C LYS A 139 -8.15 -0.90 -1.48
N ALA A 140 -7.11 -0.93 -2.33
CA ALA A 140 -6.04 0.07 -2.31
C ALA A 140 -6.55 1.48 -2.68
N ALA A 141 -7.40 1.62 -3.70
CA ALA A 141 -8.09 2.86 -4.03
C ALA A 141 -9.03 3.32 -2.90
N GLU A 142 -9.67 2.40 -2.17
CA GLU A 142 -10.55 2.73 -1.05
C GLU A 142 -9.78 3.20 0.18
N ILE A 143 -8.66 2.57 0.49
CA ILE A 143 -7.71 3.06 1.50
C ILE A 143 -7.24 4.47 1.11
N PHE A 144 -6.79 4.65 -0.13
CA PHE A 144 -6.28 5.94 -0.62
C PHE A 144 -7.32 7.06 -0.52
N LYS A 145 -8.55 6.81 -1.01
CA LYS A 145 -9.61 7.82 -1.00
C LYS A 145 -10.04 8.19 0.42
N ALA A 146 -9.99 7.25 1.36
CA ALA A 146 -10.18 7.51 2.78
C ALA A 146 -9.06 8.37 3.39
N LEU A 147 -7.78 8.14 3.05
CA LEU A 147 -6.69 9.00 3.55
C LEU A 147 -6.86 10.41 2.96
N GLU A 148 -7.16 10.52 1.67
CA GLU A 148 -7.40 11.80 1.00
C GLU A 148 -8.66 12.54 1.49
N ALA A 149 -9.69 11.82 1.97
CA ALA A 149 -10.89 12.42 2.57
C ALA A 149 -10.56 13.19 3.86
N TYR A 150 -9.62 12.68 4.66
CA TYR A 150 -9.02 13.43 5.75
C TYR A 150 -8.09 14.53 5.23
N LEU A 151 -7.14 14.18 4.36
CA LEU A 151 -6.07 15.06 3.87
C LEU A 151 -6.50 16.21 2.94
N LEU A 152 -7.75 16.24 2.45
CA LEU A 152 -8.32 17.43 1.82
C LEU A 152 -8.77 18.49 2.85
N ALA A 153 -9.18 18.05 4.04
CA ALA A 153 -9.58 18.93 5.14
C ALA A 153 -8.41 19.28 6.09
N ASN A 154 -7.57 18.28 6.41
CA ASN A 154 -6.46 18.35 7.35
C ASN A 154 -5.13 17.90 6.68
N PRO A 155 -4.66 18.55 5.59
CA PRO A 155 -3.49 18.10 4.81
C PRO A 155 -2.18 18.04 5.58
N ASP A 156 -1.96 18.94 6.53
CA ASP A 156 -0.78 18.99 7.39
C ASP A 156 -0.85 17.94 8.52
N TYR A 157 -0.83 16.66 8.16
CA TYR A 157 -0.78 15.55 9.12
C TYR A 157 0.38 15.74 10.12
N CYS A 158 0.10 15.58 11.41
CA CYS A 158 1.03 15.79 12.53
C CYS A 158 1.23 14.51 13.34
N GLY A 1 8.03 -17.96 -11.86
CA GLY A 1 6.84 -17.27 -12.39
C GLY A 1 6.57 -16.02 -11.59
N VAL A 2 5.93 -15.02 -12.19
CA VAL A 2 5.61 -13.75 -11.52
C VAL A 2 4.42 -13.04 -12.18
N VAL A 3 3.56 -12.42 -11.36
CA VAL A 3 2.54 -11.48 -11.86
C VAL A 3 3.00 -10.01 -11.65
N THR A 4 2.56 -9.07 -12.48
CA THR A 4 2.93 -7.64 -12.40
C THR A 4 1.89 -6.70 -13.03
N TYR A 5 1.53 -5.65 -12.29
CA TYR A 5 0.52 -4.64 -12.64
C TYR A 5 0.85 -3.29 -11.98
N ASP A 6 0.00 -2.29 -12.17
CA ASP A 6 0.12 -0.97 -11.52
C ASP A 6 -1.23 -0.27 -11.31
N MET A 7 -1.24 0.73 -10.44
CA MET A 7 -2.38 1.63 -10.19
C MET A 7 -1.84 3.05 -9.96
N GLU A 8 -2.30 4.04 -10.72
CA GLU A 8 -1.86 5.44 -10.58
C GLU A 8 -3.04 6.35 -10.28
N ILE A 9 -3.06 6.92 -9.07
CA ILE A 9 -4.22 7.60 -8.51
C ILE A 9 -3.93 9.10 -8.27
N PRO A 10 -4.54 10.01 -9.06
CA PRO A 10 -4.56 11.43 -8.75
C PRO A 10 -5.28 11.70 -7.43
N SER A 11 -4.76 12.63 -6.61
CA SER A 11 -5.18 12.75 -5.22
C SER A 11 -5.29 14.18 -4.70
N LYS A 12 -6.33 14.42 -3.90
CA LYS A 12 -6.76 15.72 -3.36
C LYS A 12 -5.97 16.14 -2.10
N VAL A 13 -4.66 15.87 -2.11
CA VAL A 13 -3.70 16.24 -1.06
C VAL A 13 -2.32 16.50 -1.68
N PRO A 14 -1.54 17.52 -1.23
CA PRO A 14 -0.25 17.88 -1.83
C PRO A 14 0.81 16.76 -1.76
N PRO A 15 1.80 16.69 -2.67
CA PRO A 15 2.69 15.53 -2.82
C PRO A 15 3.55 15.24 -1.59
N VAL A 16 4.05 16.28 -0.92
CA VAL A 16 4.85 16.09 0.31
C VAL A 16 3.96 15.70 1.48
N LYS A 17 2.70 16.13 1.50
CA LYS A 17 1.69 15.66 2.47
C LYS A 17 1.28 14.21 2.23
N LEU A 18 1.21 13.75 0.97
CA LEU A 18 1.12 12.33 0.64
C LEU A 18 2.37 11.59 1.16
N TYR A 19 3.58 12.13 1.00
CA TYR A 19 4.78 11.46 1.50
C TYR A 19 4.84 11.40 3.03
N LYS A 20 4.54 12.51 3.72
CA LYS A 20 4.44 12.56 5.18
C LYS A 20 3.37 11.59 5.69
N ALA A 21 2.11 11.85 5.37
CA ALA A 21 0.98 11.07 5.84
C ALA A 21 0.99 9.64 5.31
N PHE A 22 0.91 9.44 3.98
CA PHE A 22 0.67 8.13 3.36
C PHE A 22 1.89 7.20 3.41
N ILE A 23 3.11 7.73 3.24
CA ILE A 23 4.32 6.91 3.16
C ILE A 23 5.00 6.75 4.53
N LEU A 24 5.33 7.85 5.21
CA LEU A 24 6.07 7.80 6.47
C LEU A 24 5.17 7.51 7.68
N ASP A 25 4.01 8.16 7.76
CA ASP A 25 3.06 7.98 8.86
C ASP A 25 1.96 6.95 8.54
N GLY A 26 2.02 6.37 7.33
CA GLY A 26 0.95 5.61 6.72
C GLY A 26 0.55 4.39 7.53
N ASP A 27 1.51 3.73 8.16
CA ASP A 27 1.27 2.57 9.03
C ASP A 27 0.41 2.90 10.27
N THR A 28 0.36 4.18 10.69
CA THR A 28 -0.55 4.67 11.75
C THR A 28 -1.91 5.13 11.21
N LEU A 29 -1.94 5.71 10.00
CA LEU A 29 -3.13 6.29 9.38
C LEU A 29 -3.99 5.25 8.62
N VAL A 30 -3.37 4.41 7.79
CA VAL A 30 -4.04 3.38 7.00
C VAL A 30 -4.96 2.46 7.83
N PRO A 31 -4.66 2.09 9.09
CA PRO A 31 -5.60 1.37 9.93
C PRO A 31 -6.63 2.28 10.62
N LYS A 32 -6.28 3.50 11.05
CA LYS A 32 -7.20 4.31 11.87
C LYS A 32 -8.46 4.77 11.13
N VAL A 33 -8.34 5.05 9.83
CA VAL A 33 -9.46 5.46 8.94
C VAL A 33 -10.09 4.33 8.12
N LEU A 34 -9.53 3.11 8.10
CA LEU A 34 -10.14 1.97 7.39
C LEU A 34 -9.87 0.59 8.06
N PRO A 35 -10.28 0.39 9.33
CA PRO A 35 -10.01 -0.83 10.08
C PRO A 35 -10.83 -2.06 9.64
N HIS A 36 -11.63 -1.92 8.58
CA HIS A 36 -12.35 -3.00 7.88
C HIS A 36 -11.48 -3.71 6.85
N ALA A 37 -10.35 -3.11 6.46
CA ALA A 37 -9.34 -3.72 5.58
C ALA A 37 -7.91 -3.60 6.10
N ILE A 38 -7.62 -2.75 7.11
CA ILE A 38 -6.42 -2.83 7.94
C ILE A 38 -6.79 -2.61 9.43
N LYS A 39 -7.29 -3.62 10.14
CA LYS A 39 -7.75 -3.53 11.55
C LYS A 39 -6.68 -2.91 12.47
N CYS A 40 -5.44 -3.38 12.35
CA CYS A 40 -4.22 -2.77 12.89
C CYS A 40 -3.00 -3.14 12.05
N VAL A 41 -1.97 -2.30 12.15
CA VAL A 41 -0.61 -2.55 11.66
C VAL A 41 0.38 -2.38 12.80
N LYS A 42 1.42 -3.22 12.84
CA LYS A 42 2.56 -3.05 13.76
C LYS A 42 3.87 -3.60 13.23
N ILE A 43 5.01 -3.01 13.61
CA ILE A 43 6.35 -3.51 13.29
C ILE A 43 6.71 -4.72 14.15
N LEU A 44 7.09 -5.82 13.51
CA LEU A 44 7.67 -7.00 14.15
C LEU A 44 9.20 -6.93 14.26
N GLU A 45 9.88 -6.32 13.30
CA GLU A 45 11.35 -6.21 13.25
C GLU A 45 11.76 -4.98 12.41
N GLY A 46 12.84 -4.31 12.80
CA GLY A 46 13.30 -3.07 12.17
C GLY A 46 12.61 -1.81 12.72
N ASP A 47 12.50 -0.78 11.89
CA ASP A 47 11.98 0.55 12.25
C ASP A 47 11.39 1.35 11.08
N GLY A 48 12.00 1.25 9.90
CA GLY A 48 11.62 1.94 8.67
C GLY A 48 12.69 1.80 7.58
N CYS A 49 13.95 1.55 7.97
CA CYS A 49 15.01 1.17 7.04
C CYS A 49 14.69 -0.14 6.31
N ALA A 50 15.37 -0.39 5.19
CA ALA A 50 15.19 -1.60 4.39
C ALA A 50 15.29 -2.89 5.23
N GLY A 51 14.46 -3.88 4.89
CA GLY A 51 14.24 -5.09 5.69
C GLY A 51 13.25 -4.95 6.85
N THR A 52 12.59 -3.81 7.05
CA THR A 52 11.70 -3.60 8.21
C THR A 52 10.38 -4.34 8.04
N ILE A 53 10.09 -5.31 8.91
CA ILE A 53 8.88 -6.14 8.89
C ILE A 53 7.74 -5.49 9.68
N LYS A 54 6.57 -5.38 9.05
CA LYS A 54 5.26 -5.09 9.64
C LYS A 54 4.31 -6.27 9.44
N GLU A 55 3.28 -6.33 10.28
CA GLU A 55 2.18 -7.29 10.17
C GLU A 55 0.82 -6.60 10.24
N VAL A 56 -0.11 -7.10 9.42
CA VAL A 56 -1.45 -6.60 9.13
C VAL A 56 -2.48 -7.64 9.56
N THR A 57 -3.46 -7.23 10.38
CA THR A 57 -4.78 -7.89 10.40
C THR A 57 -5.70 -7.09 9.49
N PHE A 58 -6.45 -7.73 8.58
CA PHE A 58 -7.30 -6.97 7.64
C PHE A 58 -8.55 -6.39 8.31
N GLY A 59 -9.42 -7.21 8.88
CA GLY A 59 -10.67 -6.73 9.48
C GLY A 59 -11.25 -7.63 10.58
N GLU A 60 -10.57 -8.75 10.87
CA GLU A 60 -11.10 -9.88 11.65
C GLU A 60 -12.45 -10.38 11.07
N GLY A 61 -12.47 -10.53 9.75
CA GLY A 61 -13.62 -10.93 8.95
C GLY A 61 -13.38 -12.22 8.15
N SER A 62 -14.06 -12.38 7.01
CA SER A 62 -14.10 -13.66 6.27
C SER A 62 -13.63 -13.55 4.82
N HIS A 63 -13.81 -12.42 4.14
CA HIS A 63 -13.29 -12.20 2.78
C HIS A 63 -11.78 -11.89 2.71
N HIS A 64 -11.10 -11.88 3.87
CA HIS A 64 -9.65 -11.66 4.05
C HIS A 64 -9.21 -12.22 5.42
N LYS A 65 -7.90 -12.16 5.73
CA LYS A 65 -7.33 -12.52 7.06
C LYS A 65 -6.19 -11.59 7.49
N CYS A 66 -4.99 -11.77 6.94
CA CYS A 66 -3.74 -11.23 7.48
C CYS A 66 -2.61 -11.18 6.44
N VAL A 67 -1.57 -10.39 6.74
CA VAL A 67 -0.37 -10.20 5.90
C VAL A 67 0.86 -9.85 6.73
N LYS A 68 2.04 -10.26 6.26
CA LYS A 68 3.32 -9.66 6.64
C LYS A 68 3.94 -8.91 5.46
N GLN A 69 4.50 -7.74 5.74
CA GLN A 69 4.93 -6.78 4.75
C GLN A 69 6.25 -6.14 5.17
N ARG A 70 7.27 -6.19 4.30
CA ARG A 70 8.64 -5.76 4.61
C ARG A 70 9.07 -4.59 3.74
N VAL A 71 9.45 -3.47 4.36
CA VAL A 71 9.96 -2.28 3.67
C VAL A 71 11.25 -2.61 2.92
N ASP A 72 11.29 -2.28 1.62
CA ASP A 72 12.40 -2.55 0.71
C ASP A 72 13.25 -1.32 0.40
N ALA A 73 12.65 -0.14 0.18
CA ALA A 73 13.39 1.11 -0.04
C ALA A 73 12.55 2.37 0.17
N ILE A 74 12.94 3.22 1.12
CA ILE A 74 12.44 4.61 1.28
C ILE A 74 13.40 5.58 0.58
N ASP A 75 12.89 6.50 -0.26
CA ASP A 75 13.69 7.60 -0.80
C ASP A 75 12.84 8.85 -1.13
N LYS A 76 12.91 9.86 -0.25
CA LYS A 76 12.17 11.13 -0.39
C LYS A 76 12.57 11.95 -1.62
N ASP A 77 13.74 11.71 -2.22
CA ASP A 77 14.25 12.48 -3.36
C ASP A 77 13.36 12.42 -4.60
N ASN A 78 12.60 11.33 -4.79
CA ASN A 78 11.99 10.99 -6.08
C ASN A 78 10.51 11.41 -6.29
N LEU A 79 9.60 11.48 -5.31
CA LEU A 79 9.60 10.82 -4.00
C LEU A 79 9.08 9.38 -4.17
N THR A 80 9.77 8.37 -3.63
CA THR A 80 9.44 6.95 -3.84
C THR A 80 9.41 6.13 -2.55
N TYR A 81 8.78 4.97 -2.64
CA TYR A 81 8.68 3.99 -1.57
C TYR A 81 8.50 2.58 -2.15
N SER A 82 9.21 1.60 -1.60
CA SER A 82 9.10 0.20 -1.97
C SER A 82 8.96 -0.68 -0.74
N TYR A 83 8.09 -1.68 -0.82
CA TYR A 83 7.79 -2.64 0.24
C TYR A 83 7.15 -3.89 -0.37
N THR A 84 7.32 -5.04 0.28
CA THR A 84 6.90 -6.33 -0.26
C THR A 84 5.99 -7.07 0.70
N ILE A 85 4.84 -7.58 0.26
CA ILE A 85 4.09 -8.59 1.00
C ILE A 85 4.89 -9.89 0.93
N ILE A 86 5.48 -10.26 2.07
CA ILE A 86 6.43 -11.37 2.26
C ILE A 86 5.75 -12.63 2.79
N GLU A 87 4.56 -12.51 3.38
CA GLU A 87 3.73 -13.60 3.87
C GLU A 87 2.27 -13.10 3.96
N GLY A 88 1.28 -13.98 4.01
CA GLY A 88 -0.11 -13.59 4.17
C GLY A 88 -1.11 -14.53 3.52
N ASP A 89 -2.34 -14.53 4.03
CA ASP A 89 -3.49 -15.19 3.38
C ASP A 89 -3.74 -14.65 1.97
N VAL A 90 -3.37 -13.38 1.72
CA VAL A 90 -3.39 -12.74 0.40
C VAL A 90 -2.62 -13.54 -0.67
N LEU A 91 -1.47 -14.11 -0.32
CA LEU A 91 -0.62 -14.81 -1.29
C LEU A 91 -1.25 -16.14 -1.74
N ALA A 92 -1.79 -16.90 -0.79
CA ALA A 92 -2.52 -18.16 -1.01
C ALA A 92 -1.73 -19.18 -1.86
N GLU A 93 -2.41 -20.08 -2.58
CA GLU A 93 -1.79 -20.98 -3.57
C GLU A 93 -1.45 -20.29 -4.91
N LYS A 94 -1.48 -18.96 -4.96
CA LYS A 94 -1.48 -18.14 -6.18
C LYS A 94 -0.20 -17.31 -6.32
N PHE A 95 -0.14 -16.20 -5.58
CA PHE A 95 1.01 -15.32 -5.50
C PHE A 95 2.03 -15.87 -4.50
N GLU A 96 3.22 -15.29 -4.47
CA GLU A 96 4.25 -15.60 -3.46
C GLU A 96 5.05 -14.36 -3.02
N SER A 97 5.12 -13.26 -3.80
CA SER A 97 5.50 -11.96 -3.20
C SER A 97 5.06 -10.73 -4.00
N ILE A 98 4.29 -9.88 -3.33
CA ILE A 98 3.69 -8.67 -3.91
C ILE A 98 4.55 -7.46 -3.56
N SER A 99 5.53 -7.15 -4.43
CA SER A 99 6.50 -6.06 -4.21
C SER A 99 6.06 -4.76 -4.87
N TYR A 100 5.65 -3.80 -4.05
CA TYR A 100 5.19 -2.47 -4.46
C TYR A 100 6.35 -1.51 -4.71
N HIS A 101 6.12 -0.57 -5.62
CA HIS A 101 7.06 0.44 -6.11
C HIS A 101 6.30 1.74 -6.39
N ILE A 102 6.10 2.53 -5.32
CA ILE A 102 5.37 3.79 -5.33
C ILE A 102 6.27 4.95 -5.78
N LYS A 103 5.70 5.90 -6.54
CA LYS A 103 6.29 7.21 -6.90
C LYS A 103 5.21 8.29 -6.79
N ILE A 104 5.46 9.34 -6.02
CA ILE A 104 4.56 10.49 -5.85
C ILE A 104 5.04 11.68 -6.68
N VAL A 105 4.08 12.40 -7.28
CA VAL A 105 4.25 13.54 -8.19
C VAL A 105 3.31 14.67 -7.79
N ALA A 106 3.68 15.94 -7.99
CA ALA A 106 2.77 17.07 -7.83
C ALA A 106 1.63 17.07 -8.87
N CYS A 107 0.60 17.91 -8.67
CA CYS A 107 -0.35 18.28 -9.73
C CYS A 107 -0.85 19.74 -9.59
N PRO A 108 -1.18 20.42 -10.70
CA PRO A 108 -1.62 21.82 -10.72
C PRO A 108 -3.05 22.06 -10.19
N ASP A 109 -3.72 21.03 -9.68
CA ASP A 109 -5.02 21.13 -9.00
C ASP A 109 -4.88 21.34 -7.48
N GLY A 110 -3.71 21.81 -7.02
CA GLY A 110 -3.36 21.92 -5.60
C GLY A 110 -3.10 20.59 -4.89
N GLY A 111 -2.97 19.49 -5.63
CA GLY A 111 -2.89 18.12 -5.10
C GLY A 111 -1.65 17.37 -5.60
N SER A 112 -1.79 16.07 -5.84
CA SER A 112 -0.71 15.18 -6.26
C SER A 112 -1.22 14.04 -7.16
N ILE A 113 -0.31 13.20 -7.63
CA ILE A 113 -0.59 11.91 -8.25
C ILE A 113 0.33 10.85 -7.62
N CYS A 114 -0.24 9.74 -7.16
CA CYS A 114 0.50 8.63 -6.56
C CYS A 114 0.51 7.44 -7.55
N LYS A 115 1.64 7.21 -8.22
CA LYS A 115 1.87 6.02 -9.06
C LYS A 115 2.27 4.85 -8.17
N ASN A 116 1.68 3.67 -8.37
CA ASN A 116 1.93 2.48 -7.56
C ASN A 116 2.13 1.27 -8.49
N ARG A 117 3.36 1.02 -8.93
CA ARG A 117 3.75 -0.22 -9.62
C ARG A 117 3.80 -1.38 -8.62
N SER A 118 3.51 -2.61 -9.04
CA SER A 118 3.61 -3.80 -8.16
C SER A 118 3.95 -5.09 -8.90
N ILE A 119 4.91 -5.82 -8.35
CA ILE A 119 5.19 -7.23 -8.63
C ILE A 119 4.30 -8.10 -7.69
N TYR A 120 4.32 -9.43 -7.82
CA TYR A 120 3.40 -10.44 -7.29
C TYR A 120 4.02 -11.87 -7.39
N THR A 121 5.36 -11.99 -7.53
CA THR A 121 6.14 -13.23 -7.85
C THR A 121 5.43 -14.50 -7.40
N THR A 122 4.97 -15.35 -8.31
CA THR A 122 3.93 -16.36 -8.03
C THR A 122 4.51 -17.62 -7.39
N LYS A 123 3.63 -18.57 -7.03
CA LYS A 123 4.01 -19.98 -6.83
C LYS A 123 3.34 -20.88 -7.86
N GLY A 124 4.02 -21.96 -8.24
CA GLY A 124 3.55 -22.92 -9.25
C GLY A 124 3.33 -22.35 -10.65
N ASP A 125 3.75 -21.11 -10.91
CA ASP A 125 3.44 -20.32 -12.11
C ASP A 125 1.93 -20.21 -12.37
N CYS A 126 1.12 -20.12 -11.29
CA CYS A 126 -0.33 -20.13 -11.37
C CYS A 126 -0.88 -18.93 -12.17
N LYS A 127 -1.81 -19.23 -13.08
CA LYS A 127 -2.41 -18.28 -14.03
C LYS A 127 -3.65 -17.58 -13.43
N VAL A 128 -3.41 -16.76 -12.40
CA VAL A 128 -4.45 -16.11 -11.57
C VAL A 128 -5.48 -15.32 -12.39
N SER A 129 -6.68 -15.11 -11.84
CA SER A 129 -7.71 -14.29 -12.50
C SER A 129 -7.33 -12.81 -12.55
N GLU A 130 -7.57 -12.17 -13.71
CA GLU A 130 -7.48 -10.72 -13.86
C GLU A 130 -8.63 -9.96 -13.15
N GLU A 131 -9.74 -10.62 -12.82
CA GLU A 131 -10.84 -10.01 -12.04
C GLU A 131 -10.40 -9.77 -10.60
N GLU A 132 -9.65 -10.73 -10.07
CA GLU A 132 -8.97 -10.68 -8.79
C GLU A 132 -7.89 -9.58 -8.73
N ILE A 133 -7.25 -9.24 -9.87
CA ILE A 133 -6.31 -8.11 -9.95
C ILE A 133 -7.04 -6.77 -9.76
N LYS A 134 -8.14 -6.55 -10.51
CA LYS A 134 -9.12 -5.47 -10.30
C LYS A 134 -9.65 -5.45 -8.88
N LEU A 135 -10.07 -6.57 -8.29
CA LEU A 135 -10.55 -6.58 -6.91
C LEU A 135 -9.45 -6.25 -5.89
N GLY A 136 -8.19 -6.57 -6.15
CA GLY A 136 -7.04 -6.14 -5.35
C GLY A 136 -6.77 -4.64 -5.47
N LYS A 137 -6.73 -4.14 -6.71
CA LYS A 137 -6.65 -2.71 -7.06
C LYS A 137 -7.74 -1.89 -6.39
N GLU A 138 -8.97 -2.38 -6.45
CA GLU A 138 -10.19 -1.77 -5.94
C GLU A 138 -10.26 -1.76 -4.40
N LYS A 139 -9.77 -2.80 -3.70
CA LYS A 139 -9.65 -2.75 -2.23
C LYS A 139 -8.51 -1.85 -1.76
N ALA A 140 -7.39 -1.78 -2.50
CA ALA A 140 -6.32 -0.82 -2.26
C ALA A 140 -6.76 0.64 -2.51
N ALA A 141 -7.53 0.88 -3.58
CA ALA A 141 -8.13 2.18 -3.87
C ALA A 141 -9.15 2.60 -2.79
N GLU A 142 -9.96 1.66 -2.29
CA GLU A 142 -10.89 1.90 -1.17
C GLU A 142 -10.16 2.27 0.14
N ILE A 143 -9.00 1.67 0.40
CA ILE A 143 -8.13 2.04 1.51
C ILE A 143 -7.54 3.45 1.28
N PHE A 144 -6.95 3.71 0.11
CA PHE A 144 -6.35 5.00 -0.25
C PHE A 144 -7.35 6.16 -0.10
N LYS A 145 -8.56 5.96 -0.61
CA LYS A 145 -9.60 6.99 -0.68
C LYS A 145 -10.16 7.37 0.69
N ALA A 146 -10.07 6.48 1.68
CA ALA A 146 -10.37 6.81 3.08
C ALA A 146 -9.31 7.74 3.70
N LEU A 147 -8.04 7.62 3.29
CA LEU A 147 -6.95 8.46 3.82
C LEU A 147 -7.05 9.86 3.21
N GLU A 148 -7.25 9.97 1.89
CA GLU A 148 -7.55 11.25 1.23
C GLU A 148 -8.82 11.89 1.79
N ALA A 149 -9.89 11.12 2.07
CA ALA A 149 -11.11 11.68 2.65
C ALA A 149 -10.89 12.35 4.01
N TYR A 150 -9.88 11.94 4.79
CA TYR A 150 -9.41 12.66 5.96
C TYR A 150 -8.45 13.82 5.58
N LEU A 151 -7.46 13.54 4.73
CA LEU A 151 -6.39 14.45 4.29
C LEU A 151 -6.86 15.63 3.41
N LEU A 152 -8.08 15.61 2.87
CA LEU A 152 -8.71 16.76 2.23
C LEU A 152 -9.15 17.82 3.25
N ALA A 153 -9.59 17.41 4.44
CA ALA A 153 -9.90 18.29 5.57
C ALA A 153 -8.67 18.63 6.44
N ASN A 154 -7.66 17.75 6.45
CA ASN A 154 -6.55 17.77 7.42
C ASN A 154 -5.18 17.41 6.78
N PRO A 155 -4.71 18.08 5.70
CA PRO A 155 -3.57 17.60 4.91
C PRO A 155 -2.22 17.59 5.64
N ASP A 156 -1.99 18.48 6.61
CA ASP A 156 -0.78 18.47 7.45
C ASP A 156 -0.89 17.40 8.55
N TYR A 157 -0.72 16.13 8.17
CA TYR A 157 -0.62 15.04 9.14
C TYR A 157 0.67 15.17 9.96
N CYS A 158 0.54 15.30 11.29
CA CYS A 158 1.61 15.65 12.23
C CYS A 158 1.79 14.61 13.33
N GLY A 1 8.12 -17.37 -13.07
CA GLY A 1 6.79 -16.82 -13.39
C GLY A 1 6.53 -15.59 -12.56
N VAL A 2 5.80 -14.61 -13.10
CA VAL A 2 5.47 -13.38 -12.39
C VAL A 2 4.15 -12.78 -12.88
N VAL A 3 3.33 -12.24 -11.96
CA VAL A 3 2.27 -11.30 -12.37
C VAL A 3 2.77 -9.85 -12.19
N THR A 4 2.35 -8.91 -13.03
CA THR A 4 2.74 -7.49 -12.96
C THR A 4 1.69 -6.58 -13.58
N TYR A 5 1.28 -5.54 -12.86
CA TYR A 5 0.28 -4.55 -13.27
C TYR A 5 0.58 -3.19 -12.62
N ASP A 6 -0.22 -2.17 -12.92
CA ASP A 6 -0.13 -0.85 -12.30
C ASP A 6 -1.51 -0.23 -12.04
N MET A 7 -1.55 0.60 -10.99
CA MET A 7 -2.67 1.42 -10.56
C MET A 7 -2.19 2.87 -10.52
N GLU A 8 -2.90 3.84 -11.10
CA GLU A 8 -2.50 5.26 -11.06
C GLU A 8 -3.70 6.14 -10.76
N ILE A 9 -3.55 7.08 -9.81
CA ILE A 9 -4.67 7.85 -9.28
C ILE A 9 -4.32 9.34 -9.05
N PRO A 10 -4.94 10.26 -9.81
CA PRO A 10 -4.98 11.69 -9.51
C PRO A 10 -5.70 11.96 -8.18
N SER A 11 -5.21 12.94 -7.41
CA SER A 11 -5.52 13.07 -5.98
C SER A 11 -5.64 14.52 -5.48
N LYS A 12 -6.56 14.72 -4.53
CA LYS A 12 -6.93 16.02 -3.92
C LYS A 12 -6.05 16.43 -2.71
N VAL A 13 -4.80 15.95 -2.68
CA VAL A 13 -3.78 16.32 -1.67
C VAL A 13 -2.42 16.50 -2.35
N PRO A 14 -1.64 17.54 -2.00
CA PRO A 14 -0.41 17.90 -2.71
C PRO A 14 0.76 16.94 -2.37
N PRO A 15 1.78 16.82 -3.24
CA PRO A 15 2.67 15.66 -3.31
C PRO A 15 3.57 15.47 -2.08
N VAL A 16 4.03 16.54 -1.43
CA VAL A 16 4.87 16.48 -0.23
C VAL A 16 4.04 16.07 0.99
N LYS A 17 2.75 16.44 1.03
CA LYS A 17 1.78 15.95 2.03
C LYS A 17 1.33 14.51 1.78
N LEU A 18 1.22 14.06 0.53
CA LEU A 18 1.09 12.63 0.22
C LEU A 18 2.29 11.88 0.80
N TYR A 19 3.51 12.39 0.62
CA TYR A 19 4.69 11.71 1.16
C TYR A 19 4.75 11.71 2.70
N LYS A 20 4.42 12.85 3.34
CA LYS A 20 4.26 12.92 4.81
C LYS A 20 3.23 11.89 5.28
N ALA A 21 1.96 12.09 4.93
CA ALA A 21 0.85 11.33 5.44
C ALA A 21 0.85 9.88 4.94
N PHE A 22 0.68 9.69 3.63
CA PHE A 22 0.40 8.40 2.99
C PHE A 22 1.60 7.43 3.09
N ILE A 23 2.83 7.96 3.08
CA ILE A 23 4.04 7.14 3.08
C ILE A 23 4.70 7.11 4.46
N LEU A 24 5.21 8.25 4.95
CA LEU A 24 6.05 8.31 6.15
C LEU A 24 5.24 8.07 7.44
N ASP A 25 4.01 8.61 7.50
CA ASP A 25 3.05 8.37 8.57
C ASP A 25 2.00 7.31 8.18
N GLY A 26 2.19 6.69 7.02
CA GLY A 26 1.20 5.84 6.35
C GLY A 26 0.82 4.62 7.18
N ASP A 27 1.76 4.04 7.90
CA ASP A 27 1.54 2.87 8.76
C ASP A 27 0.61 3.17 9.96
N THR A 28 0.41 4.45 10.29
CA THR A 28 -0.54 4.92 11.31
C THR A 28 -1.87 5.39 10.71
N LEU A 29 -1.84 5.97 9.51
CA LEU A 29 -3.01 6.52 8.82
C LEU A 29 -3.81 5.46 8.04
N VAL A 30 -3.13 4.57 7.32
CA VAL A 30 -3.75 3.52 6.48
C VAL A 30 -4.75 2.62 7.23
N PRO A 31 -4.62 2.31 8.55
CA PRO A 31 -5.68 1.67 9.31
C PRO A 31 -6.73 2.67 9.80
N LYS A 32 -6.33 3.82 10.40
CA LYS A 32 -7.22 4.64 11.24
C LYS A 32 -8.45 5.22 10.55
N VAL A 33 -8.43 5.35 9.22
CA VAL A 33 -9.54 5.86 8.39
C VAL A 33 -10.28 4.77 7.61
N LEU A 34 -9.75 3.54 7.53
CA LEU A 34 -10.38 2.42 6.80
C LEU A 34 -10.06 1.05 7.46
N PRO A 35 -10.42 0.85 8.74
CA PRO A 35 -10.16 -0.41 9.43
C PRO A 35 -11.08 -1.55 8.96
N HIS A 36 -12.02 -1.26 8.06
CA HIS A 36 -12.79 -2.24 7.28
C HIS A 36 -11.95 -2.99 6.23
N ALA A 37 -10.71 -2.55 5.97
CA ALA A 37 -9.74 -3.27 5.13
C ALA A 37 -8.29 -3.20 5.60
N ILE A 38 -7.93 -2.34 6.56
CA ILE A 38 -6.69 -2.47 7.35
C ILE A 38 -7.03 -2.30 8.84
N LYS A 39 -7.67 -3.29 9.46
CA LYS A 39 -8.09 -3.28 10.88
C LYS A 39 -6.96 -2.90 11.84
N CYS A 40 -5.73 -3.33 11.56
CA CYS A 40 -4.49 -2.79 12.14
C CYS A 40 -3.28 -3.08 11.26
N VAL A 41 -2.24 -2.24 11.42
CA VAL A 41 -0.86 -2.43 10.98
C VAL A 41 0.06 -2.35 12.20
N LYS A 42 1.12 -3.17 12.23
CA LYS A 42 2.23 -3.04 13.19
C LYS A 42 3.56 -3.49 12.59
N ILE A 43 4.68 -3.04 13.16
CA ILE A 43 6.02 -3.54 12.85
C ILE A 43 6.30 -4.88 13.55
N LEU A 44 7.02 -5.76 12.84
CA LEU A 44 7.67 -6.96 13.37
C LEU A 44 9.19 -6.78 13.52
N GLU A 45 9.84 -5.98 12.66
CA GLU A 45 11.28 -5.70 12.69
C GLU A 45 11.63 -4.37 11.98
N GLY A 46 12.55 -3.58 12.52
CA GLY A 46 13.04 -2.34 11.89
C GLY A 46 12.21 -1.09 12.22
N ASP A 47 12.41 -0.01 11.45
CA ASP A 47 11.83 1.32 11.74
C ASP A 47 11.66 2.26 10.53
N GLY A 48 11.68 1.71 9.30
CA GLY A 48 11.44 2.44 8.05
C GLY A 48 12.63 2.45 7.08
N CYS A 49 13.79 1.95 7.50
CA CYS A 49 14.88 1.66 6.58
C CYS A 49 14.54 0.44 5.70
N ALA A 50 15.21 0.28 4.56
CA ALA A 50 15.06 -0.87 3.68
C ALA A 50 15.29 -2.19 4.44
N GLY A 51 14.38 -3.14 4.30
CA GLY A 51 14.32 -4.37 5.11
C GLY A 51 13.42 -4.25 6.37
N THR A 52 12.64 -3.19 6.54
CA THR A 52 11.72 -3.05 7.70
C THR A 52 10.47 -3.91 7.49
N ILE A 53 10.13 -4.80 8.41
CA ILE A 53 9.01 -5.73 8.33
C ILE A 53 7.81 -5.23 9.14
N LYS A 54 6.63 -5.27 8.53
CA LYS A 54 5.30 -5.03 9.12
C LYS A 54 4.37 -6.23 8.91
N GLU A 55 3.31 -6.31 9.69
CA GLU A 55 2.20 -7.23 9.48
C GLU A 55 0.85 -6.51 9.67
N VAL A 56 -0.14 -6.99 8.92
CA VAL A 56 -1.46 -6.41 8.68
C VAL A 56 -2.54 -7.37 9.16
N THR A 57 -3.58 -6.85 9.78
CA THR A 57 -4.90 -7.50 9.89
C THR A 57 -5.89 -6.72 9.04
N PHE A 58 -6.64 -7.37 8.13
CA PHE A 58 -7.48 -6.64 7.16
C PHE A 58 -8.82 -6.15 7.74
N GLY A 59 -9.63 -7.00 8.37
CA GLY A 59 -10.99 -6.65 8.79
C GLY A 59 -11.48 -7.24 10.11
N GLU A 60 -10.75 -8.17 10.71
CA GLU A 60 -11.16 -9.01 11.85
C GLU A 60 -12.53 -9.68 11.61
N GLY A 61 -12.57 -10.53 10.57
CA GLY A 61 -13.73 -11.32 10.17
C GLY A 61 -13.37 -12.32 9.06
N SER A 62 -14.34 -13.11 8.61
CA SER A 62 -14.16 -14.14 7.58
C SER A 62 -13.85 -13.60 6.18
N HIS A 63 -14.16 -12.33 5.94
CA HIS A 63 -14.09 -11.66 4.64
C HIS A 63 -12.66 -11.44 4.14
N HIS A 64 -11.69 -11.23 5.03
CA HIS A 64 -10.24 -11.26 4.73
C HIS A 64 -9.39 -11.43 6.00
N LYS A 65 -8.18 -11.98 5.85
CA LYS A 65 -7.26 -12.35 6.94
C LYS A 65 -6.15 -11.31 7.19
N CYS A 66 -4.96 -11.52 6.63
CA CYS A 66 -3.72 -10.89 7.06
C CYS A 66 -2.64 -10.87 5.96
N VAL A 67 -1.63 -10.01 6.14
CA VAL A 67 -0.46 -9.88 5.25
C VAL A 67 0.79 -9.48 6.01
N LYS A 68 1.94 -10.03 5.60
CA LYS A 68 3.28 -9.58 6.02
C LYS A 68 3.92 -8.78 4.89
N GLN A 69 4.53 -7.65 5.23
CA GLN A 69 4.95 -6.63 4.27
C GLN A 69 6.30 -6.01 4.66
N ARG A 70 7.27 -5.99 3.75
CA ARG A 70 8.61 -5.43 3.97
C ARG A 70 8.81 -4.15 3.18
N VAL A 71 9.22 -3.05 3.83
CA VAL A 71 9.67 -1.82 3.17
C VAL A 71 10.97 -2.10 2.43
N ASP A 72 10.97 -1.82 1.12
CA ASP A 72 12.10 -1.99 0.23
C ASP A 72 12.90 -0.70 0.01
N ALA A 73 12.24 0.47 -0.03
CA ALA A 73 12.87 1.79 -0.08
C ALA A 73 11.88 2.92 0.25
N ILE A 74 12.33 3.95 0.98
CA ILE A 74 11.66 5.25 1.20
C ILE A 74 12.60 6.35 0.70
N ASP A 75 12.27 7.00 -0.42
CA ASP A 75 13.02 8.14 -0.98
C ASP A 75 12.17 9.40 -1.16
N LYS A 76 12.34 10.32 -0.20
CA LYS A 76 11.69 11.65 -0.14
C LYS A 76 12.25 12.68 -1.13
N ASP A 77 13.21 12.34 -2.00
CA ASP A 77 13.68 13.23 -3.06
C ASP A 77 12.69 13.31 -4.24
N ASN A 78 12.02 12.19 -4.55
CA ASN A 78 11.40 11.95 -5.86
C ASN A 78 9.96 12.48 -6.06
N LEU A 79 8.94 12.16 -5.25
CA LEU A 79 8.92 11.34 -4.04
C LEU A 79 8.48 9.90 -4.38
N THR A 80 9.16 8.88 -3.84
CA THR A 80 8.91 7.46 -4.19
C THR A 80 9.00 6.52 -2.98
N TYR A 81 8.29 5.40 -3.07
CA TYR A 81 8.20 4.39 -2.02
C TYR A 81 8.10 2.99 -2.63
N SER A 82 8.71 2.01 -1.99
CA SER A 82 8.58 0.60 -2.39
C SER A 82 8.44 -0.30 -1.17
N TYR A 83 7.55 -1.27 -1.28
CA TYR A 83 7.23 -2.23 -0.24
C TYR A 83 6.71 -3.51 -0.89
N THR A 84 7.00 -4.65 -0.28
CA THR A 84 6.69 -5.96 -0.83
C THR A 84 5.83 -6.75 0.13
N ILE A 85 4.68 -7.26 -0.34
CA ILE A 85 3.97 -8.33 0.39
C ILE A 85 4.83 -9.58 0.28
N ILE A 86 5.46 -9.94 1.39
CA ILE A 86 6.42 -11.03 1.54
C ILE A 86 5.76 -12.34 1.98
N GLU A 87 4.60 -12.26 2.60
CA GLU A 87 3.76 -13.38 3.06
C GLU A 87 2.32 -12.86 3.26
N GLY A 88 1.35 -13.75 3.40
CA GLY A 88 -0.05 -13.42 3.67
C GLY A 88 -1.06 -14.13 2.79
N ASP A 89 -2.33 -14.00 3.17
CA ASP A 89 -3.47 -14.63 2.50
C ASP A 89 -3.66 -14.12 1.05
N VAL A 90 -3.23 -12.90 0.78
CA VAL A 90 -3.24 -12.25 -0.55
C VAL A 90 -2.35 -12.98 -1.57
N LEU A 91 -1.24 -13.59 -1.15
CA LEU A 91 -0.34 -14.32 -2.05
C LEU A 91 -0.93 -15.69 -2.46
N ALA A 92 -1.49 -16.41 -1.48
CA ALA A 92 -2.15 -17.70 -1.64
C ALA A 92 -1.29 -18.76 -2.37
N GLU A 93 -1.92 -19.73 -3.02
CA GLU A 93 -1.27 -20.75 -3.85
C GLU A 93 -0.82 -20.21 -5.23
N LYS A 94 -0.72 -18.89 -5.41
CA LYS A 94 -0.62 -18.21 -6.71
C LYS A 94 0.62 -17.32 -6.82
N PHE A 95 0.55 -16.16 -6.18
CA PHE A 95 1.65 -15.21 -6.11
C PHE A 95 2.66 -15.67 -5.05
N GLU A 96 3.86 -15.10 -5.08
CA GLU A 96 4.86 -15.30 -4.03
C GLU A 96 5.57 -13.99 -3.66
N SER A 97 5.53 -12.91 -4.47
CA SER A 97 5.84 -11.59 -3.91
C SER A 97 5.27 -10.41 -4.70
N ILE A 98 4.42 -9.63 -4.01
CA ILE A 98 3.77 -8.45 -4.57
C ILE A 98 4.57 -7.21 -4.18
N SER A 99 5.57 -6.86 -4.99
CA SER A 99 6.45 -5.72 -4.78
C SER A 99 5.89 -4.46 -5.45
N TYR A 100 5.38 -3.53 -4.64
CA TYR A 100 4.83 -2.25 -5.05
C TYR A 100 5.92 -1.20 -5.24
N HIS A 101 5.65 -0.26 -6.16
CA HIS A 101 6.54 0.79 -6.63
C HIS A 101 5.73 2.07 -6.83
N ILE A 102 5.64 2.89 -5.79
CA ILE A 102 4.93 4.17 -5.80
C ILE A 102 5.85 5.30 -6.30
N LYS A 103 5.29 6.17 -7.14
CA LYS A 103 5.83 7.49 -7.46
C LYS A 103 4.73 8.56 -7.32
N ILE A 104 5.01 9.60 -6.55
CA ILE A 104 4.11 10.73 -6.33
C ILE A 104 4.58 11.93 -7.15
N VAL A 105 3.72 12.36 -8.07
CA VAL A 105 3.90 13.45 -9.04
C VAL A 105 3.02 14.66 -8.66
N ALA A 106 3.48 15.88 -8.92
CA ALA A 106 2.74 17.11 -8.60
C ALA A 106 1.53 17.37 -9.53
N CYS A 107 0.54 18.14 -9.06
CA CYS A 107 -0.62 18.62 -9.83
C CYS A 107 -1.01 20.07 -9.42
N PRO A 108 -1.41 20.94 -10.38
CA PRO A 108 -1.62 22.38 -10.14
C PRO A 108 -2.82 22.72 -9.26
N ASP A 109 -3.75 21.78 -9.06
CA ASP A 109 -4.95 21.97 -8.21
C ASP A 109 -4.66 21.87 -6.70
N GLY A 110 -3.43 22.18 -6.25
CA GLY A 110 -2.98 21.85 -4.89
C GLY A 110 -3.07 20.35 -4.61
N GLY A 111 -2.70 19.54 -5.60
CA GLY A 111 -2.94 18.10 -5.64
C GLY A 111 -1.75 17.32 -6.16
N SER A 112 -1.95 16.03 -6.43
CA SER A 112 -0.90 15.12 -6.91
C SER A 112 -1.46 14.02 -7.82
N ILE A 113 -0.58 13.25 -8.45
CA ILE A 113 -0.91 11.99 -9.11
C ILE A 113 -0.01 10.91 -8.51
N CYS A 114 -0.61 9.86 -7.95
CA CYS A 114 0.10 8.74 -7.34
C CYS A 114 0.10 7.55 -8.31
N LYS A 115 1.24 7.29 -8.96
CA LYS A 115 1.50 6.08 -9.74
C LYS A 115 1.91 4.96 -8.78
N ASN A 116 1.39 3.76 -8.99
CA ASN A 116 1.60 2.58 -8.14
C ASN A 116 1.75 1.33 -9.04
N ARG A 117 2.95 1.13 -9.59
CA ARG A 117 3.33 -0.12 -10.27
C ARG A 117 3.44 -1.25 -9.24
N SER A 118 3.19 -2.49 -9.63
CA SER A 118 3.35 -3.65 -8.76
C SER A 118 3.74 -4.93 -9.50
N ILE A 119 4.80 -5.57 -9.03
CA ILE A 119 5.14 -6.96 -9.33
C ILE A 119 4.32 -7.87 -8.36
N TYR A 120 4.38 -9.20 -8.49
CA TYR A 120 3.52 -10.25 -7.90
C TYR A 120 4.21 -11.64 -8.03
N THR A 121 5.54 -11.71 -8.26
CA THR A 121 6.32 -12.88 -8.69
C THR A 121 5.80 -14.21 -8.16
N THR A 122 5.35 -15.11 -9.03
CA THR A 122 4.51 -16.25 -8.65
C THR A 122 5.31 -17.41 -8.05
N LYS A 123 4.60 -18.34 -7.41
CA LYS A 123 5.11 -19.67 -7.08
C LYS A 123 4.72 -20.67 -8.17
N GLY A 124 5.64 -21.51 -8.63
CA GLY A 124 5.37 -22.60 -9.59
C GLY A 124 4.65 -22.17 -10.87
N ASP A 125 4.91 -20.96 -11.37
CA ASP A 125 4.24 -20.33 -12.53
C ASP A 125 2.70 -20.24 -12.43
N CYS A 126 2.12 -20.30 -11.23
CA CYS A 126 0.67 -20.45 -11.05
C CYS A 126 -0.14 -19.29 -11.66
N LYS A 127 -1.22 -19.65 -12.36
CA LYS A 127 -2.09 -18.75 -13.12
C LYS A 127 -3.15 -18.10 -12.23
N VAL A 128 -3.62 -16.92 -12.62
CA VAL A 128 -4.51 -16.08 -11.79
C VAL A 128 -5.67 -15.46 -12.58
N SER A 129 -6.74 -15.13 -11.87
CA SER A 129 -7.86 -14.32 -12.39
C SER A 129 -7.58 -12.83 -12.27
N GLU A 130 -7.70 -12.11 -13.38
CA GLU A 130 -7.63 -10.65 -13.44
C GLU A 130 -8.83 -9.98 -12.73
N GLU A 131 -9.94 -10.70 -12.51
CA GLU A 131 -11.03 -10.22 -11.64
C GLU A 131 -10.60 -10.12 -10.18
N GLU A 132 -9.66 -10.97 -9.74
CA GLU A 132 -9.02 -10.90 -8.42
C GLU A 132 -8.04 -9.71 -8.36
N ILE A 133 -7.33 -9.42 -9.46
CA ILE A 133 -6.47 -8.23 -9.56
C ILE A 133 -7.30 -6.95 -9.38
N LYS A 134 -8.47 -6.86 -10.02
CA LYS A 134 -9.53 -5.84 -9.80
C LYS A 134 -9.96 -5.79 -8.35
N LEU A 135 -10.34 -6.90 -7.70
CA LEU A 135 -10.71 -6.90 -6.27
C LEU A 135 -9.60 -6.33 -5.37
N GLY A 136 -8.33 -6.67 -5.62
CA GLY A 136 -7.17 -6.11 -4.91
C GLY A 136 -6.95 -4.62 -5.17
N LYS A 137 -7.01 -4.21 -6.44
CA LYS A 137 -6.95 -2.80 -6.89
C LYS A 137 -8.05 -1.95 -6.26
N GLU A 138 -9.27 -2.48 -6.20
CA GLU A 138 -10.45 -1.75 -5.76
C GLU A 138 -10.46 -1.53 -4.24
N LYS A 139 -10.03 -2.51 -3.43
CA LYS A 139 -9.82 -2.28 -1.99
C LYS A 139 -8.66 -1.32 -1.72
N ALA A 140 -7.60 -1.34 -2.53
CA ALA A 140 -6.54 -0.34 -2.47
C ALA A 140 -7.04 1.08 -2.82
N ALA A 141 -7.86 1.25 -3.85
CA ALA A 141 -8.58 2.49 -4.16
C ALA A 141 -9.48 2.96 -3.01
N GLU A 142 -10.15 2.02 -2.33
CA GLU A 142 -11.05 2.30 -1.22
C GLU A 142 -10.33 2.70 0.08
N ILE A 143 -9.12 2.16 0.30
CA ILE A 143 -8.19 2.62 1.33
C ILE A 143 -7.68 4.02 0.96
N PHE A 144 -7.14 4.21 -0.26
CA PHE A 144 -6.60 5.48 -0.74
C PHE A 144 -7.60 6.62 -0.59
N LYS A 145 -8.85 6.40 -1.01
CA LYS A 145 -9.91 7.42 -0.97
C LYS A 145 -10.31 7.81 0.45
N ALA A 146 -10.20 6.88 1.41
CA ALA A 146 -10.37 7.21 2.82
C ALA A 146 -9.22 8.07 3.37
N LEU A 147 -7.97 7.85 2.92
CA LEU A 147 -6.84 8.68 3.35
C LEU A 147 -6.97 10.08 2.74
N GLU A 148 -7.28 10.17 1.45
CA GLU A 148 -7.59 11.45 0.77
C GLU A 148 -8.79 12.16 1.41
N ALA A 149 -9.80 11.46 1.90
CA ALA A 149 -10.93 12.09 2.58
C ALA A 149 -10.53 12.79 3.90
N TYR A 150 -9.53 12.27 4.63
CA TYR A 150 -8.90 13.01 5.72
C TYR A 150 -8.05 14.17 5.16
N LEU A 151 -7.24 13.87 4.15
CA LEU A 151 -6.20 14.74 3.59
C LEU A 151 -6.70 15.89 2.70
N LEU A 152 -7.96 15.88 2.26
CA LEU A 152 -8.62 17.05 1.68
C LEU A 152 -9.08 18.01 2.80
N ALA A 153 -9.61 17.49 3.91
CA ALA A 153 -9.96 18.31 5.08
C ALA A 153 -8.72 18.89 5.78
N ASN A 154 -7.68 18.07 5.99
CA ASN A 154 -6.42 18.43 6.66
C ASN A 154 -5.24 17.74 5.96
N PRO A 155 -4.66 18.33 4.89
CA PRO A 155 -3.50 17.76 4.20
C PRO A 155 -2.24 17.71 5.07
N ASP A 156 -2.10 18.59 6.06
CA ASP A 156 -1.02 18.61 7.03
C ASP A 156 -1.17 17.55 8.14
N TYR A 157 -1.21 16.28 7.75
CA TYR A 157 -1.29 15.15 8.68
C TYR A 157 -0.14 15.17 9.70
N CYS A 158 -0.46 14.98 10.98
CA CYS A 158 0.47 14.98 12.10
C CYS A 158 0.18 13.81 13.04
N GLY A 1 8.13 -17.91 -11.75
CA GLY A 1 6.94 -17.19 -12.22
C GLY A 1 6.79 -15.87 -11.50
N VAL A 2 6.14 -14.89 -12.12
CA VAL A 2 5.86 -13.59 -11.52
C VAL A 2 4.65 -12.93 -12.15
N VAL A 3 3.85 -12.22 -11.36
CA VAL A 3 2.91 -11.23 -11.91
C VAL A 3 3.44 -9.80 -11.69
N THR A 4 3.11 -8.86 -12.57
CA THR A 4 3.50 -7.43 -12.47
C THR A 4 2.49 -6.52 -13.16
N TYR A 5 2.14 -5.42 -12.50
CA TYR A 5 1.16 -4.41 -12.94
C TYR A 5 1.48 -3.04 -12.30
N ASP A 6 0.69 -2.03 -12.64
CA ASP A 6 0.69 -0.72 -11.98
C ASP A 6 -0.71 -0.32 -11.44
N MET A 7 -0.73 0.74 -10.65
CA MET A 7 -1.88 1.30 -9.93
C MET A 7 -1.60 2.80 -9.68
N GLU A 8 -1.31 3.56 -10.74
CA GLU A 8 -1.17 5.02 -10.64
C GLU A 8 -2.49 5.70 -10.25
N ILE A 9 -2.45 6.69 -9.37
CA ILE A 9 -3.63 7.47 -8.94
C ILE A 9 -3.28 8.94 -8.63
N PRO A 10 -3.85 9.92 -9.35
CA PRO A 10 -3.77 11.35 -8.99
C PRO A 10 -4.56 11.69 -7.72
N SER A 11 -4.16 12.75 -7.01
CA SER A 11 -4.73 13.16 -5.73
C SER A 11 -4.72 14.68 -5.50
N LYS A 12 -5.68 15.15 -4.70
CA LYS A 12 -5.78 16.55 -4.27
C LYS A 12 -4.67 16.96 -3.32
N VAL A 13 -4.28 16.12 -2.36
CA VAL A 13 -3.31 16.49 -1.32
C VAL A 13 -1.87 16.63 -1.88
N PRO A 14 -1.06 17.64 -1.47
CA PRO A 14 0.28 17.90 -2.04
C PRO A 14 1.28 16.74 -1.85
N PRO A 15 2.35 16.63 -2.66
CA PRO A 15 3.21 15.44 -2.68
C PRO A 15 3.97 15.19 -1.38
N VAL A 16 4.53 16.23 -0.74
CA VAL A 16 5.23 16.08 0.55
C VAL A 16 4.24 15.74 1.68
N LYS A 17 2.98 16.23 1.58
CA LYS A 17 1.89 15.81 2.47
C LYS A 17 1.46 14.35 2.24
N LEU A 18 1.35 13.89 1.00
CA LEU A 18 1.10 12.48 0.68
C LEU A 18 2.23 11.60 1.25
N TYR A 19 3.49 12.04 1.11
CA TYR A 19 4.63 11.30 1.66
C TYR A 19 4.62 11.28 3.20
N LYS A 20 4.31 12.41 3.87
CA LYS A 20 4.15 12.46 5.33
C LYS A 20 3.02 11.53 5.78
N ALA A 21 1.83 11.71 5.21
CA ALA A 21 0.61 11.05 5.63
C ALA A 21 0.53 9.57 5.19
N PHE A 22 0.46 9.31 3.88
CA PHE A 22 0.26 7.95 3.35
C PHE A 22 1.47 7.05 3.62
N ILE A 23 2.67 7.58 3.38
CA ILE A 23 3.91 6.78 3.36
C ILE A 23 4.53 6.70 4.76
N LEU A 24 4.81 7.84 5.40
CA LEU A 24 5.52 7.85 6.67
C LEU A 24 4.61 7.51 7.85
N ASP A 25 3.36 7.98 7.88
CA ASP A 25 2.33 7.48 8.81
C ASP A 25 1.38 6.46 8.16
N GLY A 26 1.93 5.66 7.24
CA GLY A 26 1.33 4.41 6.77
C GLY A 26 1.29 3.30 7.84
N ASP A 27 0.98 3.68 9.08
CA ASP A 27 1.07 2.90 10.32
C ASP A 27 -0.06 3.23 11.29
N THR A 28 -0.30 4.52 11.59
CA THR A 28 -1.44 4.97 12.41
C THR A 28 -2.47 5.76 11.61
N LEU A 29 -2.10 6.44 10.51
CA LEU A 29 -3.09 7.09 9.64
C LEU A 29 -3.75 6.11 8.66
N VAL A 30 -2.96 5.31 7.94
CA VAL A 30 -3.48 4.31 6.98
C VAL A 30 -4.61 3.40 7.51
N PRO A 31 -4.55 2.89 8.76
CA PRO A 31 -5.66 2.13 9.33
C PRO A 31 -6.84 3.01 9.74
N LYS A 32 -6.60 4.14 10.43
CA LYS A 32 -7.65 4.82 11.22
C LYS A 32 -8.80 5.42 10.40
N VAL A 33 -8.57 5.75 9.14
CA VAL A 33 -9.58 6.26 8.19
C VAL A 33 -10.34 5.15 7.46
N LEU A 34 -9.87 3.91 7.49
CA LEU A 34 -10.54 2.76 6.86
C LEU A 34 -10.25 1.45 7.65
N PRO A 35 -10.61 1.39 8.95
CA PRO A 35 -10.32 0.23 9.80
C PRO A 35 -11.18 -1.01 9.45
N HIS A 36 -12.00 -0.90 8.41
CA HIS A 36 -12.76 -1.98 7.79
C HIS A 36 -11.97 -2.69 6.67
N ALA A 37 -10.80 -2.18 6.26
CA ALA A 37 -9.87 -2.86 5.34
C ALA A 37 -8.38 -2.75 5.74
N ILE A 38 -8.01 -1.88 6.69
CA ILE A 38 -6.78 -1.99 7.48
C ILE A 38 -7.15 -1.74 8.96
N LYS A 39 -7.63 -2.77 9.65
CA LYS A 39 -8.05 -2.72 11.07
C LYS A 39 -6.91 -2.33 12.00
N CYS A 40 -5.70 -2.86 11.74
CA CYS A 40 -4.46 -2.56 12.43
C CYS A 40 -3.25 -2.71 11.51
N VAL A 41 -2.17 -2.02 11.86
CA VAL A 41 -0.81 -2.21 11.34
C VAL A 41 0.19 -2.06 12.50
N LYS A 42 1.10 -3.02 12.67
CA LYS A 42 2.18 -2.98 13.67
C LYS A 42 3.50 -3.49 13.12
N ILE A 43 4.62 -3.04 13.67
CA ILE A 43 5.94 -3.62 13.37
C ILE A 43 6.11 -4.94 14.14
N LEU A 44 6.57 -5.99 13.45
CA LEU A 44 7.12 -7.20 14.06
C LEU A 44 8.63 -7.06 14.35
N GLU A 45 9.38 -6.36 13.51
CA GLU A 45 10.84 -6.18 13.59
C GLU A 45 11.28 -4.90 12.86
N GLY A 46 12.10 -4.06 13.47
CA GLY A 46 12.69 -2.86 12.85
C GLY A 46 12.06 -1.53 13.27
N ASP A 47 12.23 -0.49 12.46
CA ASP A 47 11.94 0.90 12.86
C ASP A 47 11.56 1.86 11.71
N GLY A 48 11.67 1.42 10.45
CA GLY A 48 11.58 2.26 9.25
C GLY A 48 12.76 2.08 8.28
N CYS A 49 13.86 1.48 8.72
CA CYS A 49 14.95 1.02 7.85
C CYS A 49 14.47 -0.02 6.82
N ALA A 50 15.15 -0.11 5.67
CA ALA A 50 14.94 -1.18 4.70
C ALA A 50 15.22 -2.55 5.36
N GLY A 51 14.28 -3.47 5.26
CA GLY A 51 14.23 -4.72 6.04
C GLY A 51 13.29 -4.69 7.26
N THR A 52 12.62 -3.56 7.54
CA THR A 52 11.64 -3.44 8.65
C THR A 52 10.37 -4.20 8.30
N ILE A 53 9.93 -5.15 9.13
CA ILE A 53 8.73 -5.96 8.91
C ILE A 53 7.55 -5.43 9.71
N LYS A 54 6.41 -5.28 9.04
CA LYS A 54 5.09 -5.00 9.60
C LYS A 54 4.12 -6.17 9.43
N GLU A 55 3.05 -6.17 10.22
CA GLU A 55 1.91 -7.06 10.13
C GLU A 55 0.60 -6.25 10.07
N VAL A 56 -0.14 -6.49 8.98
CA VAL A 56 -1.44 -5.91 8.63
C VAL A 56 -2.56 -6.85 9.07
N THR A 57 -3.61 -6.29 9.67
CA THR A 57 -4.90 -6.97 9.87
C THR A 57 -5.97 -6.18 9.11
N PHE A 58 -6.77 -6.82 8.27
CA PHE A 58 -7.66 -6.12 7.34
C PHE A 58 -8.97 -5.60 7.97
N GLY A 59 -9.74 -6.44 8.66
CA GLY A 59 -11.04 -6.09 9.26
C GLY A 59 -11.38 -6.79 10.58
N GLU A 60 -10.64 -7.83 10.96
CA GLU A 60 -10.89 -8.72 12.10
C GLU A 60 -12.31 -9.33 12.05
N GLY A 61 -12.47 -10.41 11.29
CA GLY A 61 -13.75 -11.08 11.05
C GLY A 61 -13.71 -12.08 9.88
N SER A 62 -14.87 -12.58 9.49
CA SER A 62 -15.03 -13.62 8.45
C SER A 62 -14.69 -13.16 7.02
N HIS A 63 -14.65 -11.85 6.77
CA HIS A 63 -14.52 -11.23 5.45
C HIS A 63 -13.09 -11.19 4.90
N HIS A 64 -12.07 -10.93 5.74
CA HIS A 64 -10.65 -10.98 5.38
C HIS A 64 -9.75 -11.11 6.62
N LYS A 65 -8.49 -11.49 6.40
CA LYS A 65 -7.54 -12.04 7.39
C LYS A 65 -6.36 -11.08 7.65
N CYS A 66 -5.13 -11.49 7.36
CA CYS A 66 -3.92 -10.72 7.68
C CYS A 66 -2.81 -10.85 6.62
N VAL A 67 -1.81 -9.96 6.71
CA VAL A 67 -0.63 -9.88 5.85
C VAL A 67 0.62 -9.51 6.64
N LYS A 68 1.79 -9.87 6.10
CA LYS A 68 3.10 -9.42 6.58
C LYS A 68 3.84 -8.68 5.47
N GLN A 69 4.49 -7.58 5.82
CA GLN A 69 4.77 -6.48 4.89
C GLN A 69 6.10 -5.81 5.27
N ARG A 70 7.15 -6.02 4.48
CA ARG A 70 8.49 -5.48 4.73
C ARG A 70 8.70 -4.15 4.02
N VAL A 71 9.00 -3.06 4.74
CA VAL A 71 9.55 -1.83 4.15
C VAL A 71 10.92 -2.14 3.56
N ASP A 72 11.10 -1.77 2.29
CA ASP A 72 12.25 -2.10 1.46
C ASP A 72 13.02 -0.88 0.95
N ALA A 73 12.39 0.30 0.89
CA ALA A 73 13.06 1.58 0.66
C ALA A 73 12.18 2.76 1.12
N ILE A 74 12.78 3.78 1.74
CA ILE A 74 12.22 5.11 1.96
C ILE A 74 13.17 6.17 1.36
N ASP A 75 12.72 6.98 0.41
CA ASP A 75 13.45 8.18 -0.07
C ASP A 75 12.51 9.29 -0.56
N LYS A 76 12.22 10.24 0.34
CA LYS A 76 11.37 11.42 0.11
C LYS A 76 11.88 12.36 -0.99
N ASP A 77 13.11 12.21 -1.49
CA ASP A 77 13.67 13.12 -2.48
C ASP A 77 13.07 12.99 -3.89
N ASN A 78 12.43 11.86 -4.21
CA ASN A 78 12.09 11.46 -5.57
C ASN A 78 10.60 11.53 -6.00
N LEU A 79 9.55 11.42 -5.17
CA LEU A 79 9.46 10.98 -3.76
C LEU A 79 9.11 9.48 -3.74
N THR A 80 10.08 8.59 -3.54
CA THR A 80 9.93 7.14 -3.72
C THR A 80 9.83 6.35 -2.42
N TYR A 81 9.18 5.20 -2.49
CA TYR A 81 8.98 4.27 -1.37
C TYR A 81 8.73 2.85 -1.89
N SER A 82 9.18 1.84 -1.16
CA SER A 82 8.93 0.45 -1.49
C SER A 82 8.62 -0.39 -0.25
N TYR A 83 7.70 -1.33 -0.42
CA TYR A 83 7.44 -2.39 0.54
C TYR A 83 7.00 -3.66 -0.19
N THR A 84 7.28 -4.82 0.39
CA THR A 84 6.87 -6.11 -0.15
C THR A 84 5.93 -6.82 0.81
N ILE A 85 4.79 -7.31 0.32
CA ILE A 85 4.00 -8.33 1.03
C ILE A 85 4.82 -9.61 1.00
N ILE A 86 5.52 -9.87 2.11
CA ILE A 86 6.41 -11.02 2.31
C ILE A 86 5.65 -12.27 2.72
N GLU A 87 4.45 -12.14 3.28
CA GLU A 87 3.63 -13.25 3.72
C GLU A 87 2.16 -12.81 3.81
N GLY A 88 1.22 -13.76 3.82
CA GLY A 88 -0.18 -13.50 4.15
C GLY A 88 -1.21 -14.07 3.19
N ASP A 89 -2.47 -13.92 3.57
CA ASP A 89 -3.63 -14.47 2.85
C ASP A 89 -3.79 -13.89 1.44
N VAL A 90 -3.30 -12.66 1.20
CA VAL A 90 -3.32 -11.99 -0.11
C VAL A 90 -2.44 -12.70 -1.15
N LEU A 91 -1.40 -13.43 -0.70
CA LEU A 91 -0.55 -14.22 -1.61
C LEU A 91 -1.23 -15.52 -2.04
N ALA A 92 -1.86 -16.22 -1.07
CA ALA A 92 -2.62 -17.46 -1.24
C ALA A 92 -1.87 -18.56 -2.03
N GLU A 93 -2.62 -19.44 -2.69
CA GLU A 93 -2.13 -20.47 -3.62
C GLU A 93 -1.65 -19.91 -4.99
N LYS A 94 -1.24 -18.63 -5.06
CA LYS A 94 -1.00 -17.90 -6.32
C LYS A 94 0.30 -17.11 -6.32
N PHE A 95 0.29 -15.93 -5.71
CA PHE A 95 1.45 -15.06 -5.61
C PHE A 95 2.39 -15.57 -4.51
N GLU A 96 3.60 -15.01 -4.44
CA GLU A 96 4.51 -15.24 -3.31
C GLU A 96 5.27 -13.98 -2.89
N SER A 97 5.37 -12.93 -3.72
CA SER A 97 5.76 -11.62 -3.18
C SER A 97 5.28 -10.42 -4.01
N ILE A 98 4.33 -9.70 -3.40
CA ILE A 98 3.74 -8.48 -3.96
C ILE A 98 4.57 -7.28 -3.51
N SER A 99 5.60 -6.98 -4.31
CA SER A 99 6.59 -5.94 -4.07
C SER A 99 6.15 -4.64 -4.74
N TYR A 100 5.67 -3.69 -3.94
CA TYR A 100 5.20 -2.37 -4.38
C TYR A 100 6.36 -1.37 -4.51
N HIS A 101 6.26 -0.53 -5.52
CA HIS A 101 7.25 0.48 -5.91
C HIS A 101 6.51 1.79 -6.21
N ILE A 102 6.33 2.59 -5.16
CA ILE A 102 5.60 3.87 -5.19
C ILE A 102 6.56 5.00 -5.53
N LYS A 103 6.13 5.89 -6.43
CA LYS A 103 6.71 7.23 -6.61
C LYS A 103 5.60 8.28 -6.56
N ILE A 104 5.69 9.21 -5.62
CA ILE A 104 4.84 10.40 -5.55
C ILE A 104 5.52 11.55 -6.30
N VAL A 105 4.72 12.36 -7.00
CA VAL A 105 5.15 13.51 -7.83
C VAL A 105 4.14 14.66 -7.66
N ALA A 106 4.57 15.92 -7.79
CA ALA A 106 3.68 17.09 -7.82
C ALA A 106 2.75 17.08 -9.05
N CYS A 107 1.52 17.57 -8.92
CA CYS A 107 0.61 17.84 -10.05
C CYS A 107 0.30 19.34 -10.19
N PRO A 108 0.07 19.87 -11.41
CA PRO A 108 -0.10 21.29 -11.69
C PRO A 108 -1.37 21.93 -11.08
N ASP A 109 -2.26 21.14 -10.49
CA ASP A 109 -3.44 21.62 -9.76
C ASP A 109 -3.14 21.87 -8.26
N GLY A 110 -1.87 22.01 -7.87
CA GLY A 110 -1.45 22.13 -6.48
C GLY A 110 -1.56 20.83 -5.66
N GLY A 111 -1.78 19.70 -6.33
CA GLY A 111 -1.91 18.37 -5.72
C GLY A 111 -0.73 17.46 -6.06
N SER A 112 -0.98 16.15 -6.22
CA SER A 112 0.05 15.15 -6.49
C SER A 112 -0.45 13.98 -7.35
N ILE A 113 0.48 13.12 -7.79
CA ILE A 113 0.20 11.82 -8.42
C ILE A 113 1.01 10.75 -7.69
N CYS A 114 0.36 9.64 -7.32
CA CYS A 114 0.97 8.50 -6.64
C CYS A 114 1.08 7.32 -7.62
N LYS A 115 2.27 7.14 -8.22
CA LYS A 115 2.54 6.10 -9.21
C LYS A 115 2.96 4.80 -8.52
N ASN A 116 2.00 3.89 -8.32
CA ASN A 116 2.24 2.64 -7.61
C ASN A 116 2.49 1.50 -8.61
N ARG A 117 3.76 1.20 -8.94
CA ARG A 117 4.14 -0.05 -9.62
C ARG A 117 4.08 -1.22 -8.63
N SER A 118 3.86 -2.45 -9.08
CA SER A 118 3.95 -3.64 -8.22
C SER A 118 4.33 -4.93 -8.95
N ILE A 119 5.32 -5.63 -8.41
CA ILE A 119 5.61 -7.06 -8.66
C ILE A 119 4.68 -7.92 -7.74
N TYR A 120 4.72 -9.25 -7.84
CA TYR A 120 3.77 -10.25 -7.32
C TYR A 120 4.43 -11.67 -7.36
N THR A 121 5.76 -11.79 -7.44
CA THR A 121 6.53 -13.00 -7.81
C THR A 121 5.94 -14.30 -7.28
N THR A 122 5.51 -15.21 -8.15
CA THR A 122 4.56 -16.29 -7.80
C THR A 122 5.21 -17.45 -7.07
N LYS A 123 4.38 -18.30 -6.47
CA LYS A 123 4.72 -19.70 -6.17
C LYS A 123 4.30 -20.59 -7.35
N GLY A 124 5.07 -21.65 -7.65
CA GLY A 124 4.66 -22.70 -8.59
C GLY A 124 4.24 -22.24 -10.01
N ASP A 125 4.63 -21.03 -10.43
CA ASP A 125 4.17 -20.33 -11.64
C ASP A 125 2.63 -20.19 -11.75
N CYS A 126 1.93 -20.18 -10.61
CA CYS A 126 0.47 -20.22 -10.56
C CYS A 126 -0.20 -19.08 -11.34
N LYS A 127 -1.21 -19.44 -12.15
CA LYS A 127 -1.99 -18.51 -12.99
C LYS A 127 -3.05 -17.78 -12.15
N VAL A 128 -3.34 -16.53 -12.48
CA VAL A 128 -4.22 -15.63 -11.69
C VAL A 128 -5.23 -14.89 -12.57
N SER A 129 -6.38 -14.53 -12.01
CA SER A 129 -7.41 -13.74 -12.69
C SER A 129 -7.18 -12.23 -12.54
N GLU A 130 -7.46 -11.45 -13.58
CA GLU A 130 -7.54 -9.99 -13.50
C GLU A 130 -8.67 -9.48 -12.59
N GLU A 131 -9.62 -10.34 -12.22
CA GLU A 131 -10.65 -10.03 -11.23
C GLU A 131 -10.05 -9.95 -9.83
N GLU A 132 -9.16 -10.88 -9.52
CA GLU A 132 -8.36 -10.96 -8.29
C GLU A 132 -7.35 -9.81 -8.20
N ILE A 133 -6.82 -9.35 -9.34
CA ILE A 133 -6.00 -8.14 -9.39
C ILE A 133 -6.84 -6.92 -8.98
N LYS A 134 -8.08 -6.79 -9.47
CA LYS A 134 -9.05 -5.76 -9.03
C LYS A 134 -9.40 -5.87 -7.55
N LEU A 135 -9.58 -7.07 -6.98
CA LEU A 135 -9.87 -7.22 -5.53
C LEU A 135 -8.83 -6.48 -4.67
N GLY A 136 -7.54 -6.70 -4.94
CA GLY A 136 -6.45 -6.01 -4.23
C GLY A 136 -6.36 -4.52 -4.57
N LYS A 137 -6.40 -4.17 -5.86
CA LYS A 137 -6.34 -2.79 -6.37
C LYS A 137 -7.46 -1.89 -5.83
N GLU A 138 -8.67 -2.41 -5.74
CA GLU A 138 -9.87 -1.66 -5.38
C GLU A 138 -9.94 -1.34 -3.89
N LYS A 139 -9.46 -2.26 -3.02
CA LYS A 139 -9.31 -1.94 -1.59
C LYS A 139 -8.08 -1.08 -1.30
N ALA A 140 -7.01 -1.18 -2.09
CA ALA A 140 -5.91 -0.20 -2.04
C ALA A 140 -6.39 1.21 -2.41
N ALA A 141 -7.22 1.33 -3.46
CA ALA A 141 -7.93 2.57 -3.82
C ALA A 141 -8.92 3.03 -2.74
N GLU A 142 -9.58 2.11 -2.03
CA GLU A 142 -10.46 2.40 -0.90
C GLU A 142 -9.70 2.97 0.32
N ILE A 143 -8.52 2.44 0.62
CA ILE A 143 -7.62 2.99 1.66
C ILE A 143 -7.12 4.37 1.23
N PHE A 144 -6.60 4.50 0.00
CA PHE A 144 -6.06 5.76 -0.53
C PHE A 144 -7.11 6.90 -0.51
N LYS A 145 -8.32 6.63 -1.00
CA LYS A 145 -9.41 7.63 -1.03
C LYS A 145 -9.86 8.00 0.39
N ALA A 146 -9.85 7.07 1.33
CA ALA A 146 -10.18 7.35 2.73
C ALA A 146 -9.14 8.24 3.42
N LEU A 147 -7.84 8.11 3.10
CA LEU A 147 -6.84 9.06 3.62
C LEU A 147 -7.10 10.46 3.04
N GLU A 148 -7.30 10.58 1.73
CA GLU A 148 -7.64 11.88 1.11
C GLU A 148 -8.94 12.45 1.68
N ALA A 149 -9.96 11.64 1.99
CA ALA A 149 -11.21 12.10 2.59
C ALA A 149 -11.05 12.67 4.02
N TYR A 150 -9.92 12.43 4.69
CA TYR A 150 -9.47 13.14 5.90
C TYR A 150 -8.56 14.33 5.53
N LEU A 151 -7.51 14.05 4.75
CA LEU A 151 -6.45 14.98 4.34
C LEU A 151 -6.95 16.18 3.54
N LEU A 152 -8.05 16.08 2.79
CA LEU A 152 -8.65 17.19 2.06
C LEU A 152 -9.15 18.33 2.98
N ALA A 153 -9.37 18.04 4.26
CA ALA A 153 -9.64 19.03 5.30
C ALA A 153 -8.48 19.18 6.32
N ASN A 154 -7.44 18.36 6.23
CA ASN A 154 -6.38 18.21 7.24
C ASN A 154 -5.00 17.87 6.61
N PRO A 155 -4.55 18.53 5.52
CA PRO A 155 -3.51 17.98 4.65
C PRO A 155 -2.12 17.95 5.31
N ASP A 156 -1.83 18.87 6.22
CA ASP A 156 -0.71 18.77 7.15
C ASP A 156 -0.98 17.68 8.21
N TYR A 157 -0.68 16.41 7.89
CA TYR A 157 -0.63 15.35 8.89
C TYR A 157 0.57 15.56 9.84
N CYS A 158 0.32 15.52 11.16
CA CYS A 158 1.28 15.83 12.24
C CYS A 158 1.06 14.97 13.49
N GLY A 1 9.34 -16.09 -14.34
CA GLY A 1 8.20 -16.41 -13.47
C GLY A 1 7.85 -15.26 -12.55
N VAL A 2 7.19 -14.22 -13.06
CA VAL A 2 6.77 -13.05 -12.29
C VAL A 2 5.44 -12.50 -12.80
N VAL A 3 4.59 -11.97 -11.90
CA VAL A 3 3.48 -11.11 -12.31
C VAL A 3 3.83 -9.64 -11.99
N THR A 4 3.32 -8.68 -12.78
CA THR A 4 3.57 -7.23 -12.58
C THR A 4 2.41 -6.38 -13.13
N TYR A 5 1.96 -5.40 -12.34
CA TYR A 5 0.85 -4.50 -12.63
C TYR A 5 1.03 -3.16 -11.89
N ASP A 6 0.14 -2.20 -12.13
CA ASP A 6 0.25 -0.85 -11.58
C ASP A 6 -1.12 -0.20 -11.33
N MET A 7 -1.19 0.65 -10.30
CA MET A 7 -2.40 1.35 -9.85
C MET A 7 -2.13 2.85 -9.65
N GLU A 8 -1.84 3.57 -10.73
CA GLU A 8 -1.70 5.02 -10.68
C GLU A 8 -3.03 5.73 -10.39
N ILE A 9 -3.03 6.65 -9.43
CA ILE A 9 -4.22 7.32 -8.92
C ILE A 9 -3.93 8.82 -8.67
N PRO A 10 -4.59 9.74 -9.38
CA PRO A 10 -4.64 11.15 -9.02
C PRO A 10 -5.23 11.33 -7.63
N SER A 11 -4.68 12.26 -6.86
CA SER A 11 -5.04 12.45 -5.46
C SER A 11 -5.15 13.92 -5.08
N LYS A 12 -6.19 14.25 -4.31
CA LYS A 12 -6.55 15.64 -3.97
C LYS A 12 -5.59 16.28 -2.98
N VAL A 13 -4.88 15.48 -2.18
CA VAL A 13 -3.85 15.94 -1.23
C VAL A 13 -2.50 16.21 -1.95
N PRO A 14 -1.75 17.29 -1.62
CA PRO A 14 -0.51 17.68 -2.29
C PRO A 14 0.68 16.75 -1.98
N PRO A 15 1.71 16.66 -2.85
CA PRO A 15 2.76 15.63 -2.78
C PRO A 15 3.58 15.65 -1.49
N VAL A 16 3.86 16.83 -0.91
CA VAL A 16 4.55 16.93 0.39
C VAL A 16 3.71 16.26 1.50
N LYS A 17 2.40 16.48 1.53
CA LYS A 17 1.49 15.85 2.51
C LYS A 17 1.25 14.37 2.23
N LEU A 18 1.21 13.93 0.97
CA LEU A 18 1.25 12.49 0.63
C LEU A 18 2.54 11.85 1.16
N TYR A 19 3.69 12.52 1.05
CA TYR A 19 4.93 11.96 1.58
C TYR A 19 4.92 11.85 3.10
N LYS A 20 4.46 12.90 3.81
CA LYS A 20 4.28 12.87 5.27
C LYS A 20 3.33 11.76 5.70
N ALA A 21 2.10 11.78 5.19
CA ALA A 21 1.00 10.96 5.69
C ALA A 21 0.92 9.57 5.06
N PHE A 22 1.00 9.47 3.73
CA PHE A 22 0.87 8.19 3.03
C PHE A 22 2.16 7.39 3.10
N ILE A 23 3.32 8.04 2.94
CA ILE A 23 4.61 7.33 2.90
C ILE A 23 5.22 7.19 4.28
N LEU A 24 5.37 8.28 5.05
CA LEU A 24 6.03 8.23 6.37
C LEU A 24 5.08 7.86 7.51
N ASP A 25 3.77 7.88 7.30
CA ASP A 25 2.75 7.37 8.23
C ASP A 25 1.93 6.21 7.64
N GLY A 26 2.41 5.59 6.55
CA GLY A 26 1.79 4.47 5.82
C GLY A 26 1.64 3.14 6.58
N ASP A 27 1.87 3.15 7.90
CA ASP A 27 1.68 2.05 8.84
C ASP A 27 0.72 2.42 9.99
N THR A 28 0.40 3.70 10.15
CA THR A 28 -0.24 4.28 11.34
C THR A 28 -1.42 5.18 10.97
N LEU A 29 -1.37 5.92 9.87
CA LEU A 29 -2.57 6.40 9.19
C LEU A 29 -3.30 5.24 8.51
N VAL A 30 -2.59 4.37 7.79
CA VAL A 30 -3.22 3.32 6.98
C VAL A 30 -4.26 2.42 7.70
N PRO A 31 -4.12 2.07 9.00
CA PRO A 31 -5.15 1.36 9.74
C PRO A 31 -6.16 2.28 10.45
N LYS A 32 -5.81 3.53 10.83
CA LYS A 32 -6.69 4.35 11.67
C LYS A 32 -7.92 4.89 10.93
N VAL A 33 -7.80 5.15 9.62
CA VAL A 33 -8.91 5.61 8.76
C VAL A 33 -9.64 4.48 8.04
N LEU A 34 -9.06 3.28 7.93
CA LEU A 34 -9.67 2.15 7.22
C LEU A 34 -9.35 0.80 7.89
N PRO A 35 -9.70 0.62 9.18
CA PRO A 35 -9.47 -0.63 9.90
C PRO A 35 -10.31 -1.80 9.38
N HIS A 36 -11.24 -1.53 8.46
CA HIS A 36 -12.01 -2.53 7.72
C HIS A 36 -11.17 -3.29 6.68
N ALA A 37 -9.99 -2.78 6.30
CA ALA A 37 -9.05 -3.50 5.43
C ALA A 37 -7.59 -3.43 5.87
N ILE A 38 -7.21 -2.61 6.85
CA ILE A 38 -5.99 -2.80 7.64
C ILE A 38 -6.37 -2.68 9.13
N LYS A 39 -6.96 -3.72 9.71
CA LYS A 39 -7.38 -3.78 11.13
C LYS A 39 -6.25 -3.39 12.09
N CYS A 40 -5.02 -3.81 11.81
CA CYS A 40 -3.77 -3.34 12.44
C CYS A 40 -2.58 -3.51 11.48
N VAL A 41 -1.52 -2.76 11.77
CA VAL A 41 -0.15 -2.95 11.28
C VAL A 41 0.81 -2.69 12.44
N LYS A 42 1.86 -3.52 12.56
CA LYS A 42 2.97 -3.30 13.49
C LYS A 42 4.30 -3.85 12.97
N ILE A 43 5.42 -3.31 13.44
CA ILE A 43 6.77 -3.82 13.17
C ILE A 43 6.99 -5.19 13.85
N LEU A 44 7.70 -6.09 13.17
CA LEU A 44 8.36 -7.25 13.78
C LEU A 44 9.87 -7.01 13.98
N GLU A 45 10.53 -6.25 13.09
CA GLU A 45 11.95 -5.89 13.19
C GLU A 45 12.27 -4.59 12.44
N GLY A 46 13.02 -3.67 13.04
CA GLY A 46 13.48 -2.44 12.39
C GLY A 46 12.78 -1.17 12.89
N ASP A 47 12.80 -0.12 12.06
CA ASP A 47 12.32 1.23 12.44
C ASP A 47 11.68 2.02 11.28
N GLY A 48 11.86 1.61 10.03
CA GLY A 48 11.49 2.32 8.80
C GLY A 48 12.64 2.43 7.79
N CYS A 49 13.88 2.12 8.17
CA CYS A 49 14.97 1.90 7.22
C CYS A 49 14.71 0.70 6.29
N ALA A 50 15.53 0.55 5.25
CA ALA A 50 15.52 -0.65 4.41
C ALA A 50 15.71 -1.92 5.26
N GLY A 51 15.00 -2.98 4.89
CA GLY A 51 14.91 -4.23 5.66
C GLY A 51 13.86 -4.22 6.80
N THR A 52 13.07 -3.16 7.00
CA THR A 52 12.15 -3.09 8.16
C THR A 52 10.93 -3.99 7.96
N ILE A 53 10.79 -5.01 8.80
CA ILE A 53 9.71 -6.01 8.76
C ILE A 53 8.49 -5.53 9.55
N LYS A 54 7.29 -5.71 8.99
CA LYS A 54 5.97 -5.44 9.56
C LYS A 54 5.01 -6.59 9.30
N GLU A 55 3.93 -6.64 10.08
CA GLU A 55 2.83 -7.61 9.94
C GLU A 55 1.47 -6.90 9.96
N VAL A 56 0.67 -7.21 8.94
CA VAL A 56 -0.69 -6.70 8.65
C VAL A 56 -1.74 -7.67 9.17
N THR A 57 -2.82 -7.13 9.74
CA THR A 57 -4.12 -7.81 9.89
C THR A 57 -5.13 -7.03 9.04
N PHE A 58 -5.85 -7.66 8.12
CA PHE A 58 -6.75 -6.93 7.21
C PHE A 58 -8.10 -6.54 7.84
N GLY A 59 -8.81 -7.47 8.48
CA GLY A 59 -10.13 -7.28 9.10
C GLY A 59 -10.39 -8.07 10.38
N GLU A 60 -9.49 -8.98 10.75
CA GLU A 60 -9.58 -9.91 11.90
C GLU A 60 -10.84 -10.81 11.85
N GLY A 61 -11.23 -11.26 10.65
CA GLY A 61 -12.41 -12.08 10.40
C GLY A 61 -12.26 -13.02 9.19
N SER A 62 -13.29 -13.82 8.93
CA SER A 62 -13.34 -14.91 7.94
C SER A 62 -13.52 -14.43 6.48
N HIS A 63 -12.78 -13.41 6.06
CA HIS A 63 -12.92 -12.79 4.73
C HIS A 63 -11.60 -12.22 4.17
N HIS A 64 -10.68 -11.83 5.03
CA HIS A 64 -9.26 -11.59 4.73
C HIS A 64 -8.43 -11.73 6.01
N LYS A 65 -7.13 -12.02 5.87
CA LYS A 65 -6.34 -12.74 6.90
C LYS A 65 -5.15 -11.91 7.41
N CYS A 66 -3.92 -12.31 7.09
CA CYS A 66 -2.70 -11.60 7.48
C CYS A 66 -1.65 -11.58 6.37
N VAL A 67 -0.66 -10.70 6.54
CA VAL A 67 0.48 -10.52 5.63
C VAL A 67 1.71 -10.07 6.40
N LYS A 68 2.89 -10.41 5.91
CA LYS A 68 4.16 -9.82 6.33
C LYS A 68 4.78 -9.02 5.20
N GLN A 69 5.33 -7.87 5.54
CA GLN A 69 5.76 -6.84 4.59
C GLN A 69 7.09 -6.23 5.05
N ARG A 70 8.05 -6.07 4.14
CA ARG A 70 9.37 -5.49 4.43
C ARG A 70 9.59 -4.19 3.64
N VAL A 71 9.99 -3.12 4.32
CA VAL A 71 10.38 -1.85 3.69
C VAL A 71 11.69 -2.02 2.93
N ASP A 72 11.72 -1.56 1.68
CA ASP A 72 12.89 -1.62 0.81
C ASP A 72 13.59 -0.27 0.60
N ALA A 73 12.82 0.81 0.39
CA ALA A 73 13.35 2.14 0.11
C ALA A 73 12.31 3.26 0.24
N ILE A 74 12.39 4.06 1.30
CA ILE A 74 11.85 5.44 1.35
C ILE A 74 12.86 6.37 0.67
N ASP A 75 12.44 7.18 -0.31
CA ASP A 75 13.28 8.26 -0.87
C ASP A 75 12.48 9.53 -1.23
N LYS A 76 12.66 10.57 -0.40
CA LYS A 76 12.05 11.90 -0.51
C LYS A 76 12.60 12.73 -1.68
N ASP A 77 13.64 12.27 -2.37
CA ASP A 77 14.20 12.99 -3.52
C ASP A 77 13.30 12.97 -4.76
N ASN A 78 12.41 11.97 -4.91
CA ASN A 78 11.92 11.56 -6.23
C ASN A 78 10.47 11.98 -6.59
N LEU A 79 9.46 12.01 -5.71
CA LEU A 79 9.26 11.26 -4.48
C LEU A 79 9.02 9.76 -4.79
N THR A 80 9.58 8.82 -4.02
CA THR A 80 9.31 7.37 -4.18
C THR A 80 9.21 6.61 -2.85
N TYR A 81 8.58 5.43 -2.89
CA TYR A 81 8.53 4.47 -1.79
C TYR A 81 8.48 3.03 -2.32
N SER A 82 9.19 2.12 -1.66
CA SER A 82 9.18 0.69 -1.97
C SER A 82 9.13 -0.17 -0.72
N TYR A 83 8.32 -1.22 -0.79
CA TYR A 83 8.09 -2.22 0.24
C TYR A 83 7.53 -3.48 -0.42
N THR A 84 7.79 -4.65 0.16
CA THR A 84 7.47 -5.94 -0.45
C THR A 84 6.69 -6.82 0.50
N ILE A 85 5.57 -7.41 0.03
CA ILE A 85 4.91 -8.51 0.75
C ILE A 85 5.78 -9.76 0.61
N ILE A 86 6.31 -10.22 1.75
CA ILE A 86 7.29 -11.30 1.88
C ILE A 86 6.68 -12.62 2.37
N GLU A 87 5.48 -12.57 2.95
CA GLU A 87 4.66 -13.72 3.31
C GLU A 87 3.18 -13.29 3.38
N GLY A 88 2.23 -14.18 3.12
CA GLY A 88 0.84 -14.00 3.53
C GLY A 88 -0.23 -14.60 2.62
N ASP A 89 -1.48 -14.47 3.04
CA ASP A 89 -2.66 -14.89 2.28
C ASP A 89 -2.81 -14.13 0.95
N VAL A 90 -2.35 -12.88 0.89
CA VAL A 90 -2.30 -12.11 -0.36
C VAL A 90 -1.32 -12.73 -1.37
N LEU A 91 -0.29 -13.47 -0.93
CA LEU A 91 0.54 -14.26 -1.84
C LEU A 91 -0.15 -15.56 -2.28
N ALA A 92 -0.61 -16.37 -1.32
CA ALA A 92 -1.28 -17.68 -1.52
C ALA A 92 -0.47 -18.67 -2.39
N GLU A 93 -1.11 -19.76 -2.83
CA GLU A 93 -0.65 -20.67 -3.89
C GLU A 93 -0.74 -20.04 -5.31
N LYS A 94 -0.30 -18.77 -5.43
CA LYS A 94 -0.41 -17.89 -6.60
C LYS A 94 0.87 -17.07 -6.79
N PHE A 95 0.98 -15.95 -6.07
CA PHE A 95 2.13 -15.06 -6.08
C PHE A 95 3.17 -15.52 -5.06
N GLU A 96 4.36 -14.91 -5.07
CA GLU A 96 5.36 -15.13 -4.01
C GLU A 96 6.12 -13.87 -3.60
N SER A 97 6.09 -12.76 -4.37
CA SER A 97 6.46 -11.47 -3.74
C SER A 97 5.89 -10.24 -4.45
N ILE A 98 5.01 -9.55 -3.72
CA ILE A 98 4.31 -8.36 -4.20
C ILE A 98 5.12 -7.12 -3.77
N SER A 99 6.04 -6.70 -4.64
CA SER A 99 6.97 -5.60 -4.38
C SER A 99 6.48 -4.29 -4.99
N TYR A 100 6.07 -3.35 -4.16
CA TYR A 100 5.55 -2.05 -4.57
C TYR A 100 6.68 -1.06 -4.91
N HIS A 101 6.42 -0.20 -5.88
CA HIS A 101 7.32 0.79 -6.46
C HIS A 101 6.55 2.08 -6.74
N ILE A 102 6.17 2.77 -5.66
CA ILE A 102 5.42 4.03 -5.72
C ILE A 102 6.32 5.16 -6.23
N LYS A 103 5.84 5.98 -7.17
CA LYS A 103 6.31 7.36 -7.38
C LYS A 103 5.18 8.35 -7.06
N ILE A 104 5.49 9.49 -6.44
CA ILE A 104 4.52 10.58 -6.22
C ILE A 104 4.96 11.83 -6.99
N VAL A 105 4.01 12.49 -7.65
CA VAL A 105 4.21 13.67 -8.51
C VAL A 105 3.19 14.76 -8.15
N ALA A 106 3.55 16.04 -8.30
CA ALA A 106 2.63 17.16 -8.12
C ALA A 106 1.50 17.19 -9.16
N CYS A 107 0.29 17.61 -8.75
CA CYS A 107 -0.81 17.97 -9.66
C CYS A 107 -1.02 19.50 -9.65
N PRO A 108 -1.17 20.17 -10.82
CA PRO A 108 -1.30 21.63 -10.90
C PRO A 108 -2.49 22.19 -10.13
N ASP A 109 -3.53 21.40 -9.87
CA ASP A 109 -4.69 21.77 -9.06
C ASP A 109 -4.36 22.08 -7.59
N GLY A 110 -3.15 21.78 -7.12
CA GLY A 110 -2.76 21.83 -5.69
C GLY A 110 -2.91 20.48 -4.97
N GLY A 111 -2.93 19.38 -5.72
CA GLY A 111 -2.90 17.99 -5.23
C GLY A 111 -1.67 17.24 -5.75
N SER A 112 -1.80 15.92 -5.94
CA SER A 112 -0.73 15.02 -6.40
C SER A 112 -1.24 13.90 -7.31
N ILE A 113 -0.34 13.05 -7.82
CA ILE A 113 -0.65 11.80 -8.53
C ILE A 113 0.29 10.70 -8.04
N CYS A 114 -0.27 9.61 -7.50
CA CYS A 114 0.47 8.52 -6.86
C CYS A 114 0.52 7.29 -7.78
N LYS A 115 1.69 7.01 -8.35
CA LYS A 115 1.97 5.97 -9.36
C LYS A 115 2.38 4.65 -8.69
N ASN A 116 1.40 3.87 -8.24
CA ASN A 116 1.64 2.65 -7.47
C ASN A 116 1.95 1.45 -8.38
N ARG A 117 3.17 1.35 -8.93
CA ARG A 117 3.65 0.12 -9.60
C ARG A 117 3.82 -1.02 -8.59
N SER A 118 3.68 -2.27 -9.02
CA SER A 118 3.98 -3.45 -8.20
C SER A 118 4.39 -4.69 -9.00
N ILE A 119 5.48 -5.33 -8.57
CA ILE A 119 5.82 -6.72 -8.90
C ILE A 119 4.96 -7.66 -8.01
N TYR A 120 5.05 -8.97 -8.19
CA TYR A 120 4.18 -10.06 -7.68
C TYR A 120 4.91 -11.43 -7.85
N THR A 121 6.26 -11.46 -7.94
CA THR A 121 7.06 -12.60 -8.45
C THR A 121 6.51 -13.96 -8.03
N THR A 122 6.09 -14.78 -9.00
CA THR A 122 5.21 -15.93 -8.73
C THR A 122 5.97 -17.09 -8.12
N LYS A 123 5.22 -17.99 -7.49
CA LYS A 123 5.67 -19.36 -7.24
C LYS A 123 5.21 -20.27 -8.38
N GLY A 124 6.06 -21.21 -8.79
CA GLY A 124 5.73 -22.32 -9.69
C GLY A 124 5.08 -21.94 -11.02
N ASP A 125 5.25 -20.71 -11.49
CA ASP A 125 4.60 -20.11 -12.65
C ASP A 125 3.06 -20.19 -12.62
N CYS A 126 2.47 -20.05 -11.42
CA CYS A 126 1.02 -20.09 -11.24
C CYS A 126 0.29 -19.07 -12.12
N LYS A 127 -0.84 -19.48 -12.67
CA LYS A 127 -1.70 -18.68 -13.55
C LYS A 127 -2.79 -18.01 -12.71
N VAL A 128 -2.92 -16.69 -12.82
CA VAL A 128 -3.68 -15.86 -11.87
C VAL A 128 -4.84 -15.12 -12.52
N SER A 129 -5.89 -14.86 -11.74
CA SER A 129 -7.09 -14.17 -12.23
C SER A 129 -6.91 -12.65 -12.29
N GLU A 130 -7.24 -12.07 -13.43
CA GLU A 130 -7.33 -10.64 -13.64
C GLU A 130 -8.48 -10.00 -12.84
N GLU A 131 -9.43 -10.78 -12.31
CA GLU A 131 -10.45 -10.29 -11.38
C GLU A 131 -9.83 -10.06 -10.01
N GLU A 132 -9.04 -11.02 -9.56
CA GLU A 132 -8.25 -10.92 -8.33
C GLU A 132 -7.21 -9.79 -8.39
N ILE A 133 -6.58 -9.54 -9.55
CA ILE A 133 -5.68 -8.38 -9.72
C ILE A 133 -6.44 -7.08 -9.49
N LYS A 134 -7.60 -6.89 -10.15
CA LYS A 134 -8.57 -5.81 -9.91
C LYS A 134 -8.98 -5.74 -8.45
N LEU A 135 -9.34 -6.83 -7.79
CA LEU A 135 -9.80 -6.83 -6.40
C LEU A 135 -8.69 -6.43 -5.42
N GLY A 136 -7.45 -6.90 -5.61
CA GLY A 136 -6.29 -6.46 -4.82
C GLY A 136 -6.01 -4.96 -5.02
N LYS A 137 -6.03 -4.51 -6.28
CA LYS A 137 -5.99 -3.09 -6.66
C LYS A 137 -7.12 -2.27 -6.03
N GLU A 138 -8.33 -2.82 -5.94
CA GLU A 138 -9.52 -2.12 -5.48
C GLU A 138 -9.60 -1.97 -3.96
N LYS A 139 -9.11 -2.96 -3.20
CA LYS A 139 -8.95 -2.81 -1.75
C LYS A 139 -7.81 -1.85 -1.40
N ALA A 140 -6.72 -1.86 -2.17
CA ALA A 140 -5.67 -0.85 -2.07
C ALA A 140 -6.17 0.57 -2.42
N ALA A 141 -6.97 0.72 -3.48
CA ALA A 141 -7.64 1.98 -3.82
C ALA A 141 -8.64 2.42 -2.75
N GLU A 142 -9.37 1.49 -2.11
CA GLU A 142 -10.29 1.83 -1.03
C GLU A 142 -9.55 2.30 0.24
N ILE A 143 -8.42 1.67 0.57
CA ILE A 143 -7.51 2.16 1.61
C ILE A 143 -7.00 3.56 1.24
N PHE A 144 -6.49 3.74 0.01
CA PHE A 144 -5.95 5.01 -0.48
C PHE A 144 -6.97 6.15 -0.39
N LYS A 145 -8.18 5.93 -0.92
CA LYS A 145 -9.25 6.94 -0.97
C LYS A 145 -9.78 7.27 0.41
N ALA A 146 -9.75 6.33 1.36
CA ALA A 146 -10.03 6.60 2.77
C ALA A 146 -8.93 7.45 3.43
N LEU A 147 -7.65 7.31 3.07
CA LEU A 147 -6.60 8.20 3.58
C LEU A 147 -6.82 9.63 3.04
N GLU A 148 -7.08 9.77 1.73
CA GLU A 148 -7.43 11.06 1.11
C GLU A 148 -8.71 11.68 1.69
N ALA A 149 -9.74 10.90 2.03
CA ALA A 149 -10.96 11.42 2.63
C ALA A 149 -10.70 12.11 3.98
N TYR A 150 -9.73 11.63 4.76
CA TYR A 150 -9.22 12.34 5.94
C TYR A 150 -8.33 13.52 5.52
N LEU A 151 -7.36 13.28 4.64
CA LEU A 151 -6.32 14.23 4.23
C LEU A 151 -6.81 15.45 3.41
N LEU A 152 -7.98 15.40 2.79
CA LEU A 152 -8.59 16.58 2.17
C LEU A 152 -9.18 17.54 3.22
N ALA A 153 -9.71 16.99 4.33
CA ALA A 153 -10.20 17.77 5.46
C ALA A 153 -9.07 18.20 6.43
N ASN A 154 -8.09 17.33 6.67
CA ASN A 154 -7.03 17.48 7.68
C ASN A 154 -5.62 17.26 7.06
N PRO A 155 -5.20 18.01 6.01
CA PRO A 155 -3.96 17.75 5.26
C PRO A 155 -2.66 17.88 6.05
N ASP A 156 -2.64 18.68 7.11
CA ASP A 156 -1.50 18.84 8.02
C ASP A 156 -1.37 17.63 8.96
N TYR A 157 -1.02 16.47 8.38
CA TYR A 157 -0.80 15.25 9.16
C TYR A 157 0.42 15.37 10.07
N CYS A 158 0.23 15.10 11.36
CA CYS A 158 1.27 15.12 12.38
C CYS A 158 1.31 13.78 13.12
N GLY A 1 8.59 -17.70 -12.95
CA GLY A 1 7.31 -17.03 -13.21
C GLY A 1 7.05 -15.95 -12.16
N VAL A 2 6.43 -14.85 -12.57
CA VAL A 2 6.06 -13.72 -11.72
C VAL A 2 4.83 -12.99 -12.24
N VAL A 3 3.92 -12.57 -11.35
CA VAL A 3 2.87 -11.60 -11.75
C VAL A 3 3.33 -10.17 -11.44
N THR A 4 2.91 -9.17 -12.23
CA THR A 4 3.29 -7.75 -12.06
C THR A 4 2.25 -6.82 -12.66
N TYR A 5 1.92 -5.71 -11.97
CA TYR A 5 0.91 -4.72 -12.35
C TYR A 5 1.25 -3.33 -11.77
N ASP A 6 0.38 -2.34 -12.02
CA ASP A 6 0.47 -0.95 -11.57
C ASP A 6 -0.92 -0.36 -11.28
N MET A 7 -0.96 0.76 -10.55
CA MET A 7 -2.18 1.46 -10.12
C MET A 7 -1.88 2.95 -9.90
N GLU A 8 -1.62 3.68 -10.99
CA GLU A 8 -1.33 5.11 -10.96
C GLU A 8 -2.59 5.94 -10.69
N ILE A 9 -2.54 6.88 -9.73
CA ILE A 9 -3.72 7.63 -9.27
C ILE A 9 -3.40 9.09 -8.87
N PRO A 10 -4.09 10.10 -9.44
CA PRO A 10 -4.06 11.49 -8.98
C PRO A 10 -4.77 11.65 -7.62
N SER A 11 -4.33 12.63 -6.82
CA SER A 11 -4.82 12.81 -5.46
C SER A 11 -4.94 14.28 -5.01
N LYS A 12 -5.88 14.54 -4.11
CA LYS A 12 -6.24 15.88 -3.57
C LYS A 12 -5.25 16.50 -2.58
N VAL A 13 -4.05 15.94 -2.47
CA VAL A 13 -3.05 16.28 -1.45
C VAL A 13 -1.65 16.43 -2.07
N PRO A 14 -0.85 17.45 -1.71
CA PRO A 14 0.48 17.68 -2.29
C PRO A 14 1.52 16.56 -2.03
N PRO A 15 2.54 16.39 -2.89
CA PRO A 15 3.46 15.24 -2.83
C PRO A 15 4.23 15.11 -1.50
N VAL A 16 4.66 16.22 -0.87
CA VAL A 16 5.33 16.21 0.45
C VAL A 16 4.39 15.70 1.55
N LYS A 17 3.10 16.04 1.46
CA LYS A 17 2.07 15.60 2.41
C LYS A 17 1.59 14.17 2.18
N LEU A 18 1.56 13.69 0.93
CA LEU A 18 1.48 12.25 0.65
C LEU A 18 2.67 11.53 1.27
N TYR A 19 3.88 12.05 1.15
CA TYR A 19 5.06 11.40 1.71
C TYR A 19 5.06 11.38 3.24
N LYS A 20 4.72 12.51 3.89
CA LYS A 20 4.51 12.58 5.35
C LYS A 20 3.45 11.56 5.79
N ALA A 21 2.22 11.74 5.35
CA ALA A 21 1.08 11.00 5.87
C ALA A 21 1.01 9.57 5.34
N PHE A 22 0.92 9.40 4.02
CA PHE A 22 0.68 8.12 3.36
C PHE A 22 1.87 7.16 3.50
N ILE A 23 3.10 7.67 3.36
CA ILE A 23 4.31 6.85 3.40
C ILE A 23 4.87 6.75 4.81
N LEU A 24 5.27 7.88 5.41
CA LEU A 24 6.05 7.89 6.66
C LEU A 24 5.20 7.66 7.91
N ASP A 25 3.96 8.18 7.96
CA ASP A 25 2.98 7.93 9.02
C ASP A 25 2.02 6.77 8.67
N GLY A 26 2.17 6.21 7.47
CA GLY A 26 1.23 5.29 6.83
C GLY A 26 0.86 4.08 7.67
N ASP A 27 1.77 3.59 8.52
CA ASP A 27 1.54 2.41 9.35
C ASP A 27 0.70 2.69 10.60
N THR A 28 0.46 3.96 10.94
CA THR A 28 -0.62 4.38 11.86
C THR A 28 -1.85 4.91 11.12
N LEU A 29 -1.68 5.46 9.92
CA LEU A 29 -2.77 6.06 9.14
C LEU A 29 -3.63 5.05 8.38
N VAL A 30 -3.01 4.12 7.66
CA VAL A 30 -3.69 3.14 6.80
C VAL A 30 -4.73 2.28 7.53
N PRO A 31 -4.59 1.92 8.84
CA PRO A 31 -5.69 1.33 9.58
C PRO A 31 -6.68 2.37 10.10
N LYS A 32 -6.23 3.49 10.68
CA LYS A 32 -7.10 4.38 11.50
C LYS A 32 -8.28 4.96 10.72
N VAL A 33 -8.07 5.31 9.45
CA VAL A 33 -9.09 5.87 8.54
C VAL A 33 -9.78 4.84 7.63
N LEU A 34 -9.36 3.58 7.60
CA LEU A 34 -10.10 2.52 6.89
C LEU A 34 -9.95 1.14 7.57
N PRO A 35 -10.34 1.02 8.86
CA PRO A 35 -10.19 -0.23 9.62
C PRO A 35 -11.16 -1.31 9.14
N HIS A 36 -12.06 -0.98 8.22
CA HIS A 36 -12.92 -1.90 7.49
C HIS A 36 -12.16 -2.78 6.49
N ALA A 37 -10.90 -2.44 6.17
CA ALA A 37 -10.01 -3.27 5.34
C ALA A 37 -8.53 -3.30 5.79
N ILE A 38 -8.10 -2.43 6.72
CA ILE A 38 -6.89 -2.66 7.52
C ILE A 38 -7.25 -2.47 9.00
N LYS A 39 -7.96 -3.43 9.59
CA LYS A 39 -8.38 -3.43 11.00
C LYS A 39 -7.24 -3.06 11.94
N CYS A 40 -6.05 -3.62 11.74
CA CYS A 40 -4.80 -3.21 12.38
C CYS A 40 -3.57 -3.39 11.49
N VAL A 41 -2.54 -2.59 11.78
CA VAL A 41 -1.14 -2.81 11.40
C VAL A 41 -0.31 -2.76 12.69
N LYS A 42 0.69 -3.63 12.80
CA LYS A 42 1.75 -3.52 13.83
C LYS A 42 3.12 -3.89 13.27
N ILE A 43 4.19 -3.33 13.83
CA ILE A 43 5.56 -3.79 13.63
C ILE A 43 5.81 -5.06 14.46
N LEU A 44 6.50 -6.03 13.84
CA LEU A 44 7.14 -7.16 14.53
C LEU A 44 8.64 -6.91 14.76
N GLU A 45 9.32 -6.25 13.81
CA GLU A 45 10.77 -6.01 13.81
C GLU A 45 11.10 -4.70 13.06
N GLY A 46 12.02 -3.89 13.58
CA GLY A 46 12.47 -2.65 12.93
C GLY A 46 11.65 -1.40 13.30
N ASP A 47 11.70 -0.38 12.45
CA ASP A 47 11.21 0.98 12.75
C ASP A 47 10.87 1.86 11.53
N GLY A 48 11.24 1.46 10.31
CA GLY A 48 11.15 2.24 9.07
C GLY A 48 12.43 2.20 8.24
N CYS A 49 13.58 1.86 8.85
CA CYS A 49 14.77 1.47 8.08
C CYS A 49 14.50 0.18 7.27
N ALA A 50 15.32 -0.08 6.26
CA ALA A 50 15.15 -1.25 5.39
C ALA A 50 15.11 -2.55 6.21
N GLY A 51 14.27 -3.49 5.81
CA GLY A 51 14.02 -4.75 6.53
C GLY A 51 12.97 -4.67 7.63
N THR A 52 12.22 -3.56 7.75
CA THR A 52 11.24 -3.39 8.85
C THR A 52 10.01 -4.26 8.60
N ILE A 53 9.78 -5.27 9.44
CA ILE A 53 8.65 -6.21 9.34
C ILE A 53 7.43 -5.67 10.08
N LYS A 54 6.28 -5.69 9.39
CA LYS A 54 4.94 -5.44 9.90
C LYS A 54 4.03 -6.65 9.66
N GLU A 55 2.93 -6.71 10.39
CA GLU A 55 1.86 -7.68 10.20
C GLU A 55 0.49 -7.00 10.29
N VAL A 56 -0.37 -7.33 9.33
CA VAL A 56 -1.65 -6.74 8.98
C VAL A 56 -2.79 -7.66 9.40
N THR A 57 -3.82 -7.08 10.00
CA THR A 57 -5.15 -7.67 10.18
C THR A 57 -6.10 -6.87 9.30
N PHE A 58 -6.69 -7.46 8.27
CA PHE A 58 -7.52 -6.72 7.31
C PHE A 58 -8.89 -6.31 7.87
N GLY A 59 -9.60 -7.21 8.54
CA GLY A 59 -11.00 -7.02 8.96
C GLY A 59 -11.46 -7.76 10.22
N GLU A 60 -10.70 -8.71 10.75
CA GLU A 60 -11.09 -9.57 11.89
C GLU A 60 -12.47 -10.25 11.67
N GLY A 61 -12.62 -10.92 10.54
CA GLY A 61 -13.84 -11.61 10.12
C GLY A 61 -13.66 -12.44 8.85
N SER A 62 -14.74 -13.04 8.35
CA SER A 62 -14.73 -13.99 7.22
C SER A 62 -14.38 -13.36 5.86
N HIS A 63 -14.42 -12.03 5.74
CA HIS A 63 -14.05 -11.27 4.54
C HIS A 63 -12.55 -11.34 4.22
N HIS A 64 -11.67 -11.20 5.21
CA HIS A 64 -10.21 -11.29 5.02
C HIS A 64 -9.45 -11.53 6.34
N LYS A 65 -8.22 -12.05 6.25
CA LYS A 65 -7.43 -12.64 7.35
C LYS A 65 -6.17 -11.84 7.68
N CYS A 66 -5.00 -12.32 7.24
CA CYS A 66 -3.69 -11.91 7.75
C CYS A 66 -2.65 -11.73 6.63
N VAL A 67 -1.68 -10.84 6.87
CA VAL A 67 -0.50 -10.64 6.00
C VAL A 67 0.71 -10.19 6.79
N LYS A 68 1.89 -10.69 6.45
CA LYS A 68 3.17 -10.08 6.85
C LYS A 68 3.78 -9.32 5.69
N GLN A 69 4.35 -8.17 5.99
CA GLN A 69 4.85 -7.23 4.99
C GLN A 69 6.09 -6.49 5.50
N ARG A 70 7.14 -6.40 4.69
CA ARG A 70 8.44 -5.83 5.07
C ARG A 70 8.80 -4.61 4.23
N VAL A 71 9.23 -3.53 4.87
CA VAL A 71 9.76 -2.32 4.21
C VAL A 71 11.10 -2.63 3.53
N ASP A 72 11.19 -2.32 2.24
CA ASP A 72 12.39 -2.52 1.43
C ASP A 72 13.20 -1.23 1.23
N ALA A 73 12.54 -0.10 0.91
CA ALA A 73 13.20 1.20 0.73
C ALA A 73 12.23 2.39 0.80
N ILE A 74 12.29 3.20 1.86
CA ILE A 74 11.70 4.55 1.96
C ILE A 74 12.76 5.57 1.51
N ASP A 75 12.56 6.31 0.41
CA ASP A 75 13.41 7.45 0.01
C ASP A 75 12.62 8.71 -0.36
N LYS A 76 12.72 9.75 0.49
CA LYS A 76 12.07 11.07 0.33
C LYS A 76 12.63 11.88 -0.84
N ASP A 77 13.81 11.58 -1.36
CA ASP A 77 14.49 12.38 -2.40
C ASP A 77 13.87 12.24 -3.81
N ASN A 78 13.02 11.23 -4.05
CA ASN A 78 12.53 10.84 -5.38
C ASN A 78 11.10 11.28 -5.76
N LEU A 79 10.07 11.31 -4.91
CA LEU A 79 9.92 10.62 -3.61
C LEU A 79 9.37 9.21 -3.86
N THR A 80 9.94 8.16 -3.25
CA THR A 80 9.59 6.75 -3.54
C THR A 80 9.46 5.89 -2.29
N TYR A 81 8.77 4.76 -2.42
CA TYR A 81 8.59 3.76 -1.37
C TYR A 81 8.56 2.34 -1.98
N SER A 82 9.09 1.36 -1.25
CA SER A 82 8.97 -0.06 -1.59
C SER A 82 8.77 -0.90 -0.34
N TYR A 83 7.86 -1.88 -0.43
CA TYR A 83 7.49 -2.79 0.65
C TYR A 83 6.89 -4.08 0.08
N THR A 84 7.17 -5.23 0.68
CA THR A 84 6.80 -6.54 0.12
C THR A 84 5.92 -7.32 1.06
N ILE A 85 4.76 -7.81 0.59
CA ILE A 85 4.03 -8.88 1.27
C ILE A 85 4.85 -10.16 1.14
N ILE A 86 5.35 -10.63 2.28
CA ILE A 86 6.26 -11.76 2.43
C ILE A 86 5.55 -13.06 2.85
N GLU A 87 4.37 -12.94 3.46
CA GLU A 87 3.60 -14.04 4.04
C GLU A 87 2.12 -13.65 4.16
N GLY A 88 1.20 -14.62 4.23
CA GLY A 88 -0.22 -14.41 4.55
C GLY A 88 -1.21 -14.85 3.50
N ASP A 89 -2.49 -14.83 3.87
CA ASP A 89 -3.63 -15.35 3.08
C ASP A 89 -3.76 -14.72 1.68
N VAL A 90 -3.23 -13.50 1.49
CA VAL A 90 -3.21 -12.81 0.20
C VAL A 90 -2.31 -13.49 -0.84
N LEU A 91 -1.21 -14.14 -0.45
CA LEU A 91 -0.34 -14.83 -1.42
C LEU A 91 -1.05 -16.06 -2.03
N ALA A 92 -1.73 -16.84 -1.19
CA ALA A 92 -2.56 -17.99 -1.53
C ALA A 92 -1.83 -19.07 -2.35
N GLU A 93 -2.58 -19.99 -2.98
CA GLU A 93 -2.04 -20.99 -3.90
C GLU A 93 -1.65 -20.42 -5.29
N LYS A 94 -1.27 -19.14 -5.35
CA LYS A 94 -1.09 -18.34 -6.58
C LYS A 94 0.23 -17.57 -6.59
N PHE A 95 0.27 -16.46 -5.84
CA PHE A 95 1.42 -15.58 -5.70
C PHE A 95 2.39 -16.16 -4.66
N GLU A 96 3.59 -15.60 -4.60
CA GLU A 96 4.51 -15.88 -3.49
C GLU A 96 5.30 -14.65 -3.02
N SER A 97 5.33 -13.51 -3.76
CA SER A 97 5.76 -12.25 -3.13
C SER A 97 5.27 -10.99 -3.85
N ILE A 98 4.40 -10.24 -3.16
CA ILE A 98 3.78 -9.04 -3.69
C ILE A 98 4.62 -7.82 -3.26
N SER A 99 5.66 -7.54 -4.04
CA SER A 99 6.59 -6.42 -3.80
C SER A 99 6.07 -5.14 -4.42
N TYR A 100 5.48 -4.27 -3.59
CA TYR A 100 4.99 -2.97 -3.98
C TYR A 100 6.12 -1.95 -4.14
N HIS A 101 5.87 -0.99 -5.02
CA HIS A 101 6.77 0.09 -5.42
C HIS A 101 5.93 1.34 -5.72
N ILE A 102 6.43 2.53 -5.39
CA ILE A 102 5.69 3.79 -5.54
C ILE A 102 6.65 4.90 -5.91
N LYS A 103 6.28 5.75 -6.89
CA LYS A 103 6.80 7.12 -7.01
C LYS A 103 5.66 8.12 -6.77
N ILE A 104 5.89 9.11 -5.93
CA ILE A 104 5.01 10.26 -5.71
C ILE A 104 5.54 11.48 -6.47
N VAL A 105 4.62 12.19 -7.14
CA VAL A 105 4.86 13.25 -8.13
C VAL A 105 3.90 14.42 -7.85
N ALA A 106 4.24 15.65 -8.21
CA ALA A 106 3.31 16.78 -8.14
C ALA A 106 2.16 16.68 -9.17
N CYS A 107 1.11 17.49 -9.02
CA CYS A 107 0.00 17.59 -9.99
C CYS A 107 -0.52 19.04 -10.09
N PRO A 108 -0.72 19.59 -11.30
CA PRO A 108 -1.03 21.01 -11.52
C PRO A 108 -2.37 21.46 -10.92
N ASP A 109 -3.26 20.54 -10.55
CA ASP A 109 -4.45 20.82 -9.73
C ASP A 109 -4.14 21.13 -8.24
N GLY A 110 -2.87 21.38 -7.88
CA GLY A 110 -2.43 21.62 -6.51
C GLY A 110 -2.36 20.35 -5.65
N GLY A 111 -2.21 19.19 -6.29
CA GLY A 111 -2.27 17.88 -5.64
C GLY A 111 -1.01 17.04 -5.92
N SER A 112 -1.20 15.74 -6.14
CA SER A 112 -0.12 14.82 -6.50
C SER A 112 -0.60 13.71 -7.44
N ILE A 113 0.34 12.95 -8.01
CA ILE A 113 0.10 11.62 -8.58
C ILE A 113 0.89 10.61 -7.75
N CYS A 114 0.23 9.52 -7.33
CA CYS A 114 0.88 8.36 -6.72
C CYS A 114 0.97 7.25 -7.78
N LYS A 115 2.14 7.09 -8.40
CA LYS A 115 2.41 6.05 -9.42
C LYS A 115 2.72 4.72 -8.73
N ASN A 116 1.69 4.03 -8.27
CA ASN A 116 1.85 2.74 -7.58
C ASN A 116 2.16 1.62 -8.59
N ARG A 117 3.00 0.68 -8.17
CA ARG A 117 3.50 -0.49 -8.90
C ARG A 117 3.57 -1.70 -7.96
N SER A 118 3.48 -2.91 -8.49
CA SER A 118 3.69 -4.12 -7.69
C SER A 118 4.11 -5.33 -8.51
N ILE A 119 5.12 -6.04 -8.00
CA ILE A 119 5.43 -7.44 -8.33
C ILE A 119 4.52 -8.35 -7.44
N TYR A 120 4.57 -9.68 -7.61
CA TYR A 120 3.65 -10.73 -7.12
C TYR A 120 4.32 -12.13 -7.29
N THR A 121 5.66 -12.22 -7.38
CA THR A 121 6.45 -13.38 -7.86
C THR A 121 5.87 -14.72 -7.42
N THR A 122 5.39 -15.52 -8.37
CA THR A 122 4.43 -16.60 -8.11
C THR A 122 5.05 -17.86 -7.53
N LYS A 123 4.19 -18.76 -7.05
CA LYS A 123 4.51 -20.19 -6.91
C LYS A 123 4.03 -20.94 -8.16
N GLY A 124 4.78 -21.94 -8.60
CA GLY A 124 4.43 -22.87 -9.69
C GLY A 124 4.04 -22.26 -11.05
N ASP A 125 4.36 -20.98 -11.30
CA ASP A 125 3.85 -20.15 -12.41
C ASP A 125 2.31 -20.12 -12.51
N CYS A 126 1.61 -20.19 -11.38
CA CYS A 126 0.14 -20.17 -11.33
C CYS A 126 -0.42 -18.90 -11.96
N LYS A 127 -1.27 -19.06 -12.98
CA LYS A 127 -1.96 -17.96 -13.67
C LYS A 127 -3.09 -17.39 -12.83
N VAL A 128 -3.44 -16.12 -13.03
CA VAL A 128 -4.50 -15.43 -12.24
C VAL A 128 -5.45 -14.62 -13.11
N SER A 129 -6.67 -14.45 -12.60
CA SER A 129 -7.76 -13.68 -13.20
C SER A 129 -7.54 -12.18 -13.04
N GLU A 130 -7.69 -11.42 -14.13
CA GLU A 130 -7.65 -9.96 -14.11
C GLU A 130 -8.80 -9.35 -13.28
N GLU A 131 -9.90 -10.08 -13.08
CA GLU A 131 -11.04 -9.61 -12.26
C GLU A 131 -10.67 -9.59 -10.77
N GLU A 132 -9.87 -10.56 -10.34
CA GLU A 132 -9.28 -10.64 -9.01
C GLU A 132 -8.18 -9.59 -8.82
N ILE A 133 -7.38 -9.32 -9.86
CA ILE A 133 -6.40 -8.22 -9.85
C ILE A 133 -7.10 -6.87 -9.65
N LYS A 134 -8.22 -6.62 -10.35
CA LYS A 134 -9.12 -5.47 -10.15
C LYS A 134 -9.62 -5.42 -8.71
N LEU A 135 -10.12 -6.52 -8.12
CA LEU A 135 -10.56 -6.49 -6.72
C LEU A 135 -9.42 -6.15 -5.74
N GLY A 136 -8.20 -6.63 -5.95
CA GLY A 136 -7.03 -6.25 -5.15
C GLY A 136 -6.66 -4.76 -5.30
N LYS A 137 -6.61 -4.28 -6.54
CA LYS A 137 -6.43 -2.87 -6.92
C LYS A 137 -7.51 -1.96 -6.32
N GLU A 138 -8.74 -2.43 -6.30
CA GLU A 138 -9.95 -1.70 -5.91
C GLU A 138 -10.03 -1.49 -4.40
N LYS A 139 -9.71 -2.49 -3.57
CA LYS A 139 -9.56 -2.28 -2.12
C LYS A 139 -8.34 -1.42 -1.76
N ALA A 140 -7.24 -1.52 -2.52
CA ALA A 140 -6.11 -0.60 -2.37
C ALA A 140 -6.51 0.85 -2.66
N ALA A 141 -7.32 1.09 -3.70
CA ALA A 141 -7.93 2.40 -3.97
C ALA A 141 -8.98 2.80 -2.91
N GLU A 142 -9.75 1.87 -2.36
CA GLU A 142 -10.72 2.15 -1.30
C GLU A 142 -10.03 2.62 0.00
N ILE A 143 -8.88 2.02 0.32
CA ILE A 143 -7.98 2.46 1.39
C ILE A 143 -7.37 3.83 1.04
N PHE A 144 -6.77 3.98 -0.14
CA PHE A 144 -6.12 5.23 -0.58
C PHE A 144 -7.07 6.43 -0.51
N LYS A 145 -8.30 6.28 -1.03
CA LYS A 145 -9.30 7.35 -1.10
C LYS A 145 -9.83 7.75 0.29
N ALA A 146 -9.83 6.83 1.25
CA ALA A 146 -10.09 7.13 2.65
C ALA A 146 -8.96 7.92 3.32
N LEU A 147 -7.69 7.66 2.96
CA LEU A 147 -6.57 8.48 3.46
C LEU A 147 -6.67 9.90 2.88
N GLU A 148 -6.97 10.01 1.59
CA GLU A 148 -7.29 11.28 0.92
C GLU A 148 -8.53 11.99 1.51
N ALA A 149 -9.57 11.26 1.94
CA ALA A 149 -10.74 11.87 2.60
C ALA A 149 -10.36 12.60 3.90
N TYR A 150 -9.37 12.10 4.64
CA TYR A 150 -8.75 12.83 5.75
C TYR A 150 -7.85 13.96 5.22
N LEU A 151 -6.98 13.64 4.26
CA LEU A 151 -5.93 14.53 3.72
C LEU A 151 -6.42 15.66 2.80
N LEU A 152 -7.69 15.70 2.42
CA LEU A 152 -8.35 16.88 1.85
C LEU A 152 -8.72 17.89 2.96
N ALA A 153 -9.23 17.40 4.09
CA ALA A 153 -9.57 18.24 5.24
C ALA A 153 -8.34 18.68 6.06
N ASN A 154 -7.35 17.79 6.19
CA ASN A 154 -6.16 17.94 7.03
C ASN A 154 -4.90 17.36 6.34
N PRO A 155 -4.45 17.94 5.21
CA PRO A 155 -3.21 17.53 4.53
C PRO A 155 -1.96 17.72 5.39
N ASP A 156 -1.99 18.65 6.36
CA ASP A 156 -0.93 18.91 7.33
C ASP A 156 -0.89 17.83 8.44
N TYR A 157 -0.84 16.55 8.04
CA TYR A 157 -0.98 15.42 8.94
C TYR A 157 0.04 15.46 10.07
N CYS A 158 -0.45 15.39 11.31
CA CYS A 158 0.32 15.41 12.55
C CYS A 158 -0.27 14.43 13.57
N GLY A 1 8.03 -18.16 -11.88
CA GLY A 1 6.87 -17.49 -12.44
C GLY A 1 6.57 -16.22 -11.68
N VAL A 2 5.88 -15.28 -12.30
CA VAL A 2 5.49 -14.02 -11.64
C VAL A 2 4.16 -13.47 -12.14
N VAL A 3 3.38 -12.82 -11.26
CA VAL A 3 2.33 -11.89 -11.72
C VAL A 3 2.78 -10.44 -11.49
N THR A 4 2.35 -9.49 -12.34
CA THR A 4 2.74 -8.07 -12.24
C THR A 4 1.66 -7.17 -12.84
N TYR A 5 1.22 -6.16 -12.07
CA TYR A 5 0.13 -5.24 -12.43
C TYR A 5 0.32 -3.87 -11.77
N ASP A 6 -0.51 -2.89 -12.14
CA ASP A 6 -0.39 -1.50 -11.72
C ASP A 6 -1.73 -0.77 -11.59
N MET A 7 -1.77 0.20 -10.68
CA MET A 7 -2.96 0.93 -10.24
C MET A 7 -2.58 2.39 -9.96
N GLU A 8 -2.21 3.13 -11.00
CA GLU A 8 -2.04 4.58 -10.92
C GLU A 8 -3.39 5.25 -10.60
N ILE A 9 -3.38 6.21 -9.66
CA ILE A 9 -4.58 6.90 -9.20
C ILE A 9 -4.32 8.41 -9.00
N PRO A 10 -5.01 9.30 -9.74
CA PRO A 10 -5.04 10.74 -9.45
C PRO A 10 -5.61 11.03 -8.05
N SER A 11 -5.10 12.06 -7.38
CA SER A 11 -5.30 12.24 -5.94
C SER A 11 -5.53 13.70 -5.52
N LYS A 12 -6.53 13.89 -4.66
CA LYS A 12 -6.97 15.17 -4.08
C LYS A 12 -6.13 15.60 -2.86
N VAL A 13 -4.81 15.40 -2.91
CA VAL A 13 -3.85 15.85 -1.88
C VAL A 13 -2.44 16.08 -2.50
N PRO A 14 -1.67 17.10 -2.08
CA PRO A 14 -0.36 17.43 -2.69
C PRO A 14 0.70 16.32 -2.55
N PRO A 15 1.70 16.20 -3.45
CA PRO A 15 2.63 15.07 -3.48
C PRO A 15 3.48 14.91 -2.22
N VAL A 16 3.99 15.99 -1.63
CA VAL A 16 4.77 15.92 -0.37
C VAL A 16 3.87 15.62 0.83
N LYS A 17 2.57 15.98 0.76
CA LYS A 17 1.56 15.55 1.74
C LYS A 17 1.15 14.09 1.59
N LEU A 18 1.06 13.55 0.36
CA LEU A 18 0.96 12.11 0.14
C LEU A 18 2.18 11.40 0.74
N TYR A 19 3.38 11.92 0.53
CA TYR A 19 4.58 11.32 1.13
C TYR A 19 4.59 11.39 2.66
N LYS A 20 4.23 12.53 3.26
CA LYS A 20 4.08 12.70 4.71
C LYS A 20 3.06 11.72 5.29
N ALA A 21 1.84 11.75 4.77
CA ALA A 21 0.69 11.07 5.35
C ALA A 21 0.58 9.61 4.92
N PHE A 22 0.56 9.34 3.62
CA PHE A 22 0.35 8.01 3.04
C PHE A 22 1.56 7.10 3.28
N ILE A 23 2.77 7.65 3.12
CA ILE A 23 4.01 6.88 3.19
C ILE A 23 4.65 6.96 4.59
N LEU A 24 4.95 8.17 5.08
CA LEU A 24 5.68 8.35 6.34
C LEU A 24 4.79 8.18 7.57
N ASP A 25 3.46 8.14 7.40
CA ASP A 25 2.53 7.56 8.37
C ASP A 25 1.60 6.47 7.78
N GLY A 26 2.11 5.73 6.80
CA GLY A 26 1.56 4.45 6.34
C GLY A 26 1.64 3.31 7.37
N ASP A 27 1.60 3.68 8.65
CA ASP A 27 1.76 2.85 9.85
C ASP A 27 0.64 3.12 10.87
N THR A 28 0.21 4.39 11.05
CA THR A 28 -0.85 4.77 12.01
C THR A 28 -1.98 5.62 11.41
N LEU A 29 -1.76 6.29 10.26
CA LEU A 29 -2.86 6.87 9.48
C LEU A 29 -3.56 5.80 8.63
N VAL A 30 -2.81 4.91 7.97
CA VAL A 30 -3.39 3.85 7.12
C VAL A 30 -4.44 2.92 7.78
N PRO A 31 -4.39 2.60 9.10
CA PRO A 31 -5.47 1.91 9.78
C PRO A 31 -6.60 2.86 10.21
N LYS A 32 -6.30 4.03 10.79
CA LYS A 32 -7.27 4.80 11.58
C LYS A 32 -8.51 5.28 10.80
N VAL A 33 -8.34 5.57 9.52
CA VAL A 33 -9.42 6.02 8.61
C VAL A 33 -10.25 4.86 8.04
N LEU A 34 -9.81 3.60 8.13
CA LEU A 34 -10.53 2.44 7.56
C LEU A 34 -10.19 1.12 8.30
N PRO A 35 -10.46 0.99 9.61
CA PRO A 35 -10.13 -0.20 10.40
C PRO A 35 -11.06 -1.41 10.14
N HIS A 36 -11.68 -1.46 8.96
CA HIS A 36 -12.35 -2.64 8.39
C HIS A 36 -11.66 -3.17 7.14
N ALA A 37 -10.63 -2.47 6.62
CA ALA A 37 -9.71 -2.97 5.61
C ALA A 37 -8.24 -2.90 6.05
N ILE A 38 -7.88 -2.10 7.06
CA ILE A 38 -6.63 -2.21 7.85
C ILE A 38 -6.96 -2.01 9.34
N LYS A 39 -7.48 -3.05 10.01
CA LYS A 39 -7.95 -3.04 11.41
C LYS A 39 -6.91 -2.49 12.39
N CYS A 40 -5.68 -2.97 12.26
CA CYS A 40 -4.47 -2.43 12.88
C CYS A 40 -3.25 -2.74 12.01
N VAL A 41 -2.20 -1.95 12.20
CA VAL A 41 -0.84 -2.21 11.73
C VAL A 41 0.16 -2.08 12.88
N LYS A 42 1.18 -2.93 12.88
CA LYS A 42 2.33 -2.85 13.79
C LYS A 42 3.59 -3.36 13.13
N ILE A 43 4.74 -2.86 13.54
CA ILE A 43 6.05 -3.43 13.20
C ILE A 43 6.27 -4.76 13.95
N LEU A 44 6.80 -5.76 13.24
CA LEU A 44 7.39 -6.97 13.83
C LEU A 44 8.93 -6.92 13.88
N GLU A 45 9.59 -6.11 13.03
CA GLU A 45 11.06 -5.92 13.03
C GLU A 45 11.47 -4.60 12.35
N GLY A 46 12.51 -3.92 12.84
CA GLY A 46 12.97 -2.62 12.31
C GLY A 46 12.23 -1.41 12.87
N ASP A 47 12.34 -0.25 12.24
CA ASP A 47 11.75 1.01 12.74
C ASP A 47 11.39 2.06 11.67
N GLY A 48 11.55 1.73 10.38
CA GLY A 48 11.09 2.55 9.25
C GLY A 48 12.03 2.60 8.04
N CYS A 49 13.29 2.20 8.18
CA CYS A 49 14.21 2.05 7.04
C CYS A 49 13.90 0.75 6.27
N ALA A 50 14.55 0.56 5.11
CA ALA A 50 14.49 -0.68 4.34
C ALA A 50 14.79 -1.92 5.23
N GLY A 51 14.12 -3.03 4.95
CA GLY A 51 14.09 -4.23 5.80
C GLY A 51 13.10 -4.17 6.98
N THR A 52 12.28 -3.12 7.12
CA THR A 52 11.33 -2.99 8.25
C THR A 52 10.10 -3.86 8.01
N ILE A 53 9.88 -4.88 8.83
CA ILE A 53 8.71 -5.77 8.75
C ILE A 53 7.55 -5.18 9.55
N LYS A 54 6.38 -5.09 8.93
CA LYS A 54 5.07 -4.85 9.54
C LYS A 54 4.14 -6.04 9.39
N GLU A 55 3.09 -6.10 10.21
CA GLU A 55 1.96 -7.00 10.02
C GLU A 55 0.63 -6.24 10.10
N VAL A 56 -0.31 -6.68 9.27
CA VAL A 56 -1.62 -6.12 8.96
C VAL A 56 -2.68 -7.15 9.34
N THR A 57 -3.76 -6.74 10.02
CA THR A 57 -5.05 -7.45 9.99
C THR A 57 -6.05 -6.57 9.25
N PHE A 58 -6.82 -7.11 8.30
CA PHE A 58 -7.67 -6.28 7.44
C PHE A 58 -8.94 -5.78 8.15
N GLY A 59 -9.77 -6.66 8.70
CA GLY A 59 -11.02 -6.28 9.37
C GLY A 59 -11.66 -7.36 10.24
N GLU A 60 -10.99 -8.48 10.50
CA GLU A 60 -11.48 -9.66 11.24
C GLU A 60 -12.78 -10.25 10.66
N GLY A 61 -12.93 -10.23 9.33
CA GLY A 61 -14.11 -10.72 8.62
C GLY A 61 -14.01 -12.19 8.19
N SER A 62 -15.15 -12.79 7.86
CA SER A 62 -15.25 -14.11 7.21
C SER A 62 -14.81 -14.12 5.74
N HIS A 63 -14.30 -12.99 5.24
CA HIS A 63 -13.84 -12.78 3.85
C HIS A 63 -12.41 -12.23 3.75
N HIS A 64 -11.75 -11.89 4.87
CA HIS A 64 -10.36 -11.40 4.89
C HIS A 64 -9.67 -11.64 6.25
N LYS A 65 -8.34 -11.82 6.24
CA LYS A 65 -7.52 -12.17 7.41
C LYS A 65 -6.35 -11.20 7.65
N CYS A 66 -5.12 -11.59 7.34
CA CYS A 66 -3.91 -10.86 7.73
C CYS A 66 -2.77 -10.99 6.70
N VAL A 67 -1.79 -10.08 6.78
CA VAL A 67 -0.63 -9.99 5.90
C VAL A 67 0.62 -9.47 6.61
N LYS A 68 1.78 -10.07 6.33
CA LYS A 68 3.09 -9.54 6.72
C LYS A 68 3.74 -8.82 5.54
N GLN A 69 4.36 -7.67 5.82
CA GLN A 69 4.65 -6.63 4.84
C GLN A 69 5.96 -5.93 5.18
N ARG A 70 7.03 -6.15 4.39
CA ARG A 70 8.35 -5.57 4.62
C ARG A 70 8.58 -4.34 3.76
N VAL A 71 8.91 -3.19 4.37
CA VAL A 71 9.39 -1.99 3.67
C VAL A 71 10.71 -2.32 2.99
N ASP A 72 10.76 -2.16 1.67
CA ASP A 72 11.93 -2.40 0.84
C ASP A 72 12.72 -1.14 0.51
N ALA A 73 12.05 0.02 0.41
CA ALA A 73 12.69 1.32 0.26
C ALA A 73 11.73 2.48 0.58
N ILE A 74 12.23 3.49 1.31
CA ILE A 74 11.67 4.85 1.36
C ILE A 74 12.65 5.81 0.69
N ASP A 75 12.18 6.67 -0.21
CA ASP A 75 12.92 7.81 -0.76
C ASP A 75 12.01 8.96 -1.21
N LYS A 76 11.84 9.96 -0.34
CA LYS A 76 11.05 11.18 -0.57
C LYS A 76 11.54 12.02 -1.77
N ASP A 77 12.78 11.86 -2.24
CA ASP A 77 13.35 12.73 -3.28
C ASP A 77 12.64 12.65 -4.65
N ASN A 78 12.08 11.49 -4.99
CA ASN A 78 11.69 11.14 -6.36
C ASN A 78 10.22 11.44 -6.76
N LEU A 79 9.17 11.25 -5.94
CA LEU A 79 9.08 10.63 -4.62
C LEU A 79 8.67 9.15 -4.76
N THR A 80 9.38 8.21 -4.12
CA THR A 80 9.17 6.75 -4.31
C THR A 80 9.12 5.96 -3.01
N TYR A 81 8.37 4.86 -3.02
CA TYR A 81 8.22 3.94 -1.89
C TYR A 81 8.02 2.51 -2.39
N SER A 82 8.61 1.54 -1.68
CA SER A 82 8.51 0.12 -2.00
C SER A 82 8.33 -0.72 -0.75
N TYR A 83 7.48 -1.73 -0.85
CA TYR A 83 7.26 -2.72 0.20
C TYR A 83 6.76 -4.03 -0.42
N THR A 84 7.05 -5.14 0.24
CA THR A 84 6.68 -6.48 -0.23
C THR A 84 5.77 -7.16 0.78
N ILE A 85 4.63 -7.68 0.32
CA ILE A 85 3.88 -8.68 1.09
C ILE A 85 4.72 -9.96 1.08
N ILE A 86 5.38 -10.20 2.21
CA ILE A 86 6.31 -11.30 2.43
C ILE A 86 5.58 -12.59 2.86
N GLU A 87 4.43 -12.46 3.52
CA GLU A 87 3.66 -13.58 4.07
C GLU A 87 2.19 -13.16 4.29
N GLY A 88 1.31 -14.13 4.54
CA GLY A 88 -0.11 -13.90 4.85
C GLY A 88 -1.07 -14.59 3.91
N ASP A 89 -2.35 -14.47 4.23
CA ASP A 89 -3.47 -15.11 3.51
C ASP A 89 -3.57 -14.66 2.04
N VAL A 90 -3.13 -13.45 1.73
CA VAL A 90 -3.17 -12.86 0.38
C VAL A 90 -2.23 -13.56 -0.60
N LEU A 91 -1.10 -14.13 -0.16
CA LEU A 91 -0.22 -14.85 -1.09
C LEU A 91 -0.82 -16.21 -1.51
N ALA A 92 -1.43 -16.93 -0.55
CA ALA A 92 -2.20 -18.15 -0.77
C ALA A 92 -1.42 -19.26 -1.51
N GLU A 93 -2.11 -20.23 -2.11
CA GLU A 93 -1.51 -21.23 -3.02
C GLU A 93 -1.28 -20.67 -4.44
N LYS A 94 -1.03 -19.35 -4.56
CA LYS A 94 -1.04 -18.56 -5.81
C LYS A 94 0.25 -17.75 -5.98
N PHE A 95 0.28 -16.57 -5.36
CA PHE A 95 1.42 -15.66 -5.36
C PHE A 95 2.46 -16.11 -4.33
N GLU A 96 3.62 -15.46 -4.33
CA GLU A 96 4.61 -15.61 -3.25
C GLU A 96 5.36 -14.32 -2.92
N SER A 97 5.35 -13.27 -3.77
CA SER A 97 5.75 -11.95 -3.26
C SER A 97 5.15 -10.77 -4.03
N ILE A 98 4.22 -10.09 -3.37
CA ILE A 98 3.52 -8.92 -3.90
C ILE A 98 4.31 -7.66 -3.54
N SER A 99 5.22 -7.28 -4.43
CA SER A 99 6.24 -6.25 -4.21
C SER A 99 5.89 -4.95 -4.91
N TYR A 100 5.38 -3.99 -4.13
CA TYR A 100 4.89 -2.70 -4.58
C TYR A 100 6.03 -1.71 -4.88
N HIS A 101 5.75 -0.82 -5.84
CA HIS A 101 6.63 0.23 -6.33
C HIS A 101 5.78 1.48 -6.60
N ILE A 102 5.55 2.27 -5.56
CA ILE A 102 4.86 3.55 -5.64
C ILE A 102 5.82 4.63 -6.17
N LYS A 103 5.36 5.43 -7.14
CA LYS A 103 5.94 6.75 -7.46
C LYS A 103 4.85 7.81 -7.35
N ILE A 104 5.07 8.84 -6.54
CA ILE A 104 4.16 9.98 -6.39
C ILE A 104 4.63 11.12 -7.30
N VAL A 105 3.68 11.75 -7.99
CA VAL A 105 3.89 12.81 -8.98
C VAL A 105 2.99 14.01 -8.64
N ALA A 106 3.46 15.23 -8.82
CA ALA A 106 2.67 16.44 -8.56
C ALA A 106 1.52 16.65 -9.57
N CYS A 107 0.44 17.33 -9.15
CA CYS A 107 -0.64 17.78 -10.03
C CYS A 107 -1.12 19.21 -9.68
N PRO A 108 -1.58 20.00 -10.67
CA PRO A 108 -1.78 21.45 -10.53
C PRO A 108 -3.02 21.84 -9.70
N ASP A 109 -3.98 20.94 -9.50
CA ASP A 109 -5.19 21.19 -8.68
C ASP A 109 -4.92 21.19 -7.17
N GLY A 110 -3.69 21.48 -6.72
CA GLY A 110 -3.28 21.27 -5.33
C GLY A 110 -3.31 19.79 -4.93
N GLY A 111 -2.98 18.92 -5.89
CA GLY A 111 -3.11 17.47 -5.79
C GLY A 111 -1.87 16.73 -6.30
N SER A 112 -2.03 15.45 -6.57
CA SER A 112 -0.95 14.55 -7.00
C SER A 112 -1.50 13.38 -7.83
N ILE A 113 -0.60 12.53 -8.33
CA ILE A 113 -0.91 11.23 -8.94
C ILE A 113 -0.03 10.19 -8.25
N CYS A 114 -0.61 9.10 -7.77
CA CYS A 114 0.10 8.03 -7.07
C CYS A 114 0.17 6.78 -7.97
N LYS A 115 1.33 6.55 -8.59
CA LYS A 115 1.58 5.45 -9.53
C LYS A 115 1.96 4.18 -8.78
N ASN A 116 0.95 3.38 -8.42
CA ASN A 116 1.15 2.16 -7.63
C ASN A 116 1.41 0.94 -8.55
N ARG A 117 2.68 0.67 -8.89
CA ARG A 117 3.08 -0.60 -9.51
C ARG A 117 3.18 -1.71 -8.46
N SER A 118 3.05 -2.98 -8.86
CA SER A 118 3.37 -4.14 -8.02
C SER A 118 3.73 -5.40 -8.80
N ILE A 119 4.78 -6.08 -8.34
CA ILE A 119 5.07 -7.50 -8.63
C ILE A 119 4.22 -8.39 -7.70
N TYR A 120 4.28 -9.72 -7.81
CA TYR A 120 3.42 -10.76 -7.21
C TYR A 120 4.13 -12.15 -7.31
N THR A 121 5.47 -12.23 -7.45
CA THR A 121 6.25 -13.41 -7.90
C THR A 121 5.73 -14.72 -7.32
N THR A 122 5.30 -15.66 -8.17
CA THR A 122 4.37 -16.74 -7.77
C THR A 122 5.05 -17.92 -7.08
N LYS A 123 4.25 -18.84 -6.54
CA LYS A 123 4.69 -20.22 -6.25
C LYS A 123 4.14 -21.19 -7.30
N GLY A 124 4.96 -22.13 -7.74
CA GLY A 124 4.62 -23.18 -8.70
C GLY A 124 4.09 -22.69 -10.06
N ASP A 125 4.35 -21.43 -10.41
CA ASP A 125 3.84 -20.69 -11.56
C ASP A 125 2.29 -20.65 -11.63
N CYS A 126 1.62 -20.72 -10.47
CA CYS A 126 0.17 -20.81 -10.39
C CYS A 126 -0.54 -19.60 -11.04
N LYS A 127 -1.58 -19.89 -11.82
CA LYS A 127 -2.39 -18.87 -12.51
C LYS A 127 -3.46 -18.28 -11.59
N VAL A 128 -3.82 -17.02 -11.84
CA VAL A 128 -4.78 -16.25 -11.03
C VAL A 128 -5.78 -15.50 -11.90
N SER A 129 -6.97 -15.22 -11.37
CA SER A 129 -8.00 -14.46 -12.08
C SER A 129 -7.76 -12.94 -12.03
N GLU A 130 -7.80 -12.28 -13.18
CA GLU A 130 -7.72 -10.83 -13.32
C GLU A 130 -8.91 -10.09 -12.68
N GLU A 131 -10.03 -10.78 -12.47
CA GLU A 131 -11.16 -10.23 -11.72
C GLU A 131 -10.82 -10.10 -10.22
N GLU A 132 -10.03 -11.05 -9.71
CA GLU A 132 -9.44 -11.03 -8.37
C GLU A 132 -8.30 -9.99 -8.27
N ILE A 133 -7.52 -9.78 -9.34
CA ILE A 133 -6.54 -8.69 -9.40
C ILE A 133 -7.25 -7.34 -9.24
N LYS A 134 -8.37 -7.13 -9.94
CA LYS A 134 -9.28 -5.99 -9.77
C LYS A 134 -9.83 -5.93 -8.34
N LEU A 135 -10.24 -7.04 -7.71
CA LEU A 135 -10.71 -7.03 -6.31
C LEU A 135 -9.60 -6.66 -5.30
N GLY A 136 -8.35 -7.02 -5.56
CA GLY A 136 -7.19 -6.59 -4.77
C GLY A 136 -6.91 -5.09 -4.95
N LYS A 137 -6.96 -4.63 -6.21
CA LYS A 137 -6.94 -3.21 -6.60
C LYS A 137 -8.06 -2.41 -5.92
N GLU A 138 -9.27 -2.97 -5.83
CA GLU A 138 -10.46 -2.38 -5.21
C GLU A 138 -10.28 -2.15 -3.70
N LYS A 139 -9.82 -3.16 -2.94
CA LYS A 139 -9.58 -3.00 -1.50
C LYS A 139 -8.41 -2.07 -1.20
N ALA A 140 -7.34 -2.12 -2.00
CA ALA A 140 -6.26 -1.13 -1.93
C ALA A 140 -6.77 0.30 -2.22
N ALA A 141 -7.61 0.47 -3.24
CA ALA A 141 -8.27 1.73 -3.56
C ALA A 141 -9.26 2.19 -2.47
N GLU A 142 -9.93 1.27 -1.77
CA GLU A 142 -10.84 1.60 -0.67
C GLU A 142 -10.11 2.11 0.58
N ILE A 143 -8.90 1.58 0.84
CA ILE A 143 -7.98 2.14 1.84
C ILE A 143 -7.46 3.50 1.36
N PHE A 144 -6.96 3.59 0.12
CA PHE A 144 -6.40 4.82 -0.44
C PHE A 144 -7.39 6.00 -0.37
N LYS A 145 -8.63 5.77 -0.81
CA LYS A 145 -9.70 6.77 -0.83
C LYS A 145 -10.15 7.18 0.58
N ALA A 146 -10.01 6.30 1.57
CA ALA A 146 -10.22 6.64 2.97
C ALA A 146 -9.13 7.59 3.51
N LEU A 147 -7.87 7.41 3.11
CA LEU A 147 -6.80 8.34 3.51
C LEU A 147 -7.04 9.70 2.84
N GLU A 148 -7.36 9.72 1.55
CA GLU A 148 -7.73 10.94 0.81
C GLU A 148 -9.00 11.63 1.37
N ALA A 149 -9.97 10.89 1.91
CA ALA A 149 -11.16 11.48 2.55
C ALA A 149 -10.82 12.26 3.83
N TYR A 150 -9.78 11.85 4.56
CA TYR A 150 -9.17 12.67 5.61
C TYR A 150 -8.33 13.80 5.00
N LEU A 151 -7.42 13.46 4.09
CA LEU A 151 -6.42 14.35 3.50
C LEU A 151 -6.97 15.45 2.57
N LEU A 152 -8.23 15.39 2.12
CA LEU A 152 -8.92 16.50 1.47
C LEU A 152 -9.51 17.51 2.46
N ALA A 153 -9.78 17.10 3.70
CA ALA A 153 -10.13 17.99 4.81
C ALA A 153 -8.91 18.48 5.62
N ASN A 154 -7.83 17.68 5.64
CA ASN A 154 -6.64 17.86 6.48
C ASN A 154 -5.36 17.37 5.77
N PRO A 155 -4.94 17.98 4.64
CA PRO A 155 -3.79 17.50 3.84
C PRO A 155 -2.46 17.52 4.59
N ASP A 156 -2.25 18.53 5.42
CA ASP A 156 -1.11 18.69 6.30
C ASP A 156 -1.19 17.73 7.50
N TYR A 157 -1.05 16.41 7.25
CA TYR A 157 -0.86 15.43 8.31
C TYR A 157 0.39 15.79 9.14
N CYS A 158 0.26 15.90 10.47
CA CYS A 158 1.33 16.34 11.37
C CYS A 158 1.88 15.18 12.20
N GLY A 1 8.58 -17.30 -13.53
CA GLY A 1 7.47 -16.40 -13.87
C GLY A 1 7.17 -15.42 -12.75
N VAL A 2 6.56 -14.28 -13.11
CA VAL A 2 6.15 -13.20 -12.19
C VAL A 2 4.87 -12.53 -12.68
N VAL A 3 3.96 -12.12 -11.77
CA VAL A 3 2.87 -11.19 -12.17
C VAL A 3 3.29 -9.74 -11.90
N THR A 4 2.82 -8.74 -12.68
CA THR A 4 3.12 -7.31 -12.49
C THR A 4 2.06 -6.39 -13.11
N TYR A 5 1.56 -5.43 -12.33
CA TYR A 5 0.48 -4.49 -12.66
C TYR A 5 0.68 -3.14 -11.95
N ASP A 6 -0.14 -2.12 -12.24
CA ASP A 6 0.06 -0.76 -11.75
C ASP A 6 -1.23 0.08 -11.62
N MET A 7 -1.12 1.24 -10.98
CA MET A 7 -2.17 2.24 -10.79
C MET A 7 -1.56 3.66 -10.73
N GLU A 8 -1.81 4.51 -11.73
CA GLU A 8 -1.42 5.94 -11.68
C GLU A 8 -2.63 6.84 -11.42
N ILE A 9 -2.54 7.74 -10.43
CA ILE A 9 -3.69 8.50 -9.94
C ILE A 9 -3.32 9.93 -9.47
N PRO A 10 -3.98 10.99 -9.96
CA PRO A 10 -3.89 12.33 -9.38
C PRO A 10 -4.62 12.41 -8.04
N SER A 11 -4.15 13.25 -7.12
CA SER A 11 -4.65 13.32 -5.75
C SER A 11 -4.86 14.74 -5.22
N LYS A 12 -5.93 14.92 -4.45
CA LYS A 12 -6.41 16.19 -3.88
C LYS A 12 -5.65 16.63 -2.61
N VAL A 13 -4.35 16.36 -2.56
CA VAL A 13 -3.45 16.69 -1.42
C VAL A 13 -2.01 16.91 -1.93
N PRO A 14 -1.21 17.85 -1.37
CA PRO A 14 0.12 18.21 -1.89
C PRO A 14 1.15 17.07 -1.76
N PRO A 15 2.20 16.99 -2.61
CA PRO A 15 3.15 15.87 -2.60
C PRO A 15 3.91 15.69 -1.29
N VAL A 16 4.29 16.78 -0.60
CA VAL A 16 4.93 16.71 0.73
C VAL A 16 3.96 16.17 1.80
N LYS A 17 2.68 16.54 1.71
CA LYS A 17 1.62 16.02 2.59
C LYS A 17 1.26 14.57 2.28
N LEU A 18 1.25 14.15 1.02
CA LEU A 18 1.17 12.74 0.64
C LEU A 18 2.36 11.97 1.23
N TYR A 19 3.58 12.50 1.12
CA TYR A 19 4.75 11.81 1.68
C TYR A 19 4.72 11.71 3.22
N LYS A 20 4.32 12.78 3.90
CA LYS A 20 4.08 12.77 5.36
C LYS A 20 3.00 11.76 5.70
N ALA A 21 1.77 11.99 5.26
CA ALA A 21 0.59 11.24 5.65
C ALA A 21 0.57 9.80 5.10
N PHE A 22 0.64 9.62 3.78
CA PHE A 22 0.50 8.33 3.10
C PHE A 22 1.70 7.42 3.35
N ILE A 23 2.93 7.96 3.26
CA ILE A 23 4.16 7.17 3.28
C ILE A 23 4.74 7.06 4.69
N LEU A 24 5.05 8.19 5.33
CA LEU A 24 5.72 8.24 6.64
C LEU A 24 4.77 7.98 7.81
N ASP A 25 3.47 8.23 7.65
CA ASP A 25 2.45 7.99 8.68
C ASP A 25 1.35 7.02 8.22
N GLY A 26 1.52 6.38 7.06
CA GLY A 26 0.57 5.41 6.51
C GLY A 26 0.27 4.26 7.45
N ASP A 27 1.25 3.83 8.25
CA ASP A 27 1.07 2.77 9.26
C ASP A 27 0.16 3.20 10.44
N THR A 28 -0.29 4.47 10.47
CA THR A 28 -1.35 5.00 11.35
C THR A 28 -2.56 5.54 10.58
N LEU A 29 -2.37 6.11 9.39
CA LEU A 29 -3.47 6.67 8.60
C LEU A 29 -4.28 5.62 7.82
N VAL A 30 -3.61 4.68 7.16
CA VAL A 30 -4.26 3.65 6.34
C VAL A 30 -5.35 2.86 7.10
N PRO A 31 -5.14 2.41 8.36
CA PRO A 31 -6.17 1.70 9.08
C PRO A 31 -7.21 2.63 9.72
N LYS A 32 -6.86 3.87 10.05
CA LYS A 32 -7.79 4.78 10.74
C LYS A 32 -8.88 5.34 9.82
N VAL A 33 -8.66 5.39 8.51
CA VAL A 33 -9.67 5.84 7.53
C VAL A 33 -10.51 4.69 6.99
N LEU A 34 -9.94 3.50 6.78
CA LEU A 34 -10.62 2.35 6.16
C LEU A 34 -10.32 1.02 6.86
N PRO A 35 -10.72 0.85 8.14
CA PRO A 35 -10.53 -0.41 8.84
C PRO A 35 -11.42 -1.56 8.30
N HIS A 36 -12.26 -1.25 7.30
CA HIS A 36 -12.97 -2.21 6.47
C HIS A 36 -12.05 -3.00 5.53
N ALA A 37 -10.86 -2.47 5.20
CA ALA A 37 -9.89 -3.13 4.33
C ALA A 37 -8.45 -3.12 4.86
N ILE A 38 -8.12 -2.28 5.86
CA ILE A 38 -6.92 -2.42 6.70
C ILE A 38 -7.33 -2.21 8.17
N LYS A 39 -7.96 -3.19 8.80
CA LYS A 39 -8.42 -3.16 10.19
C LYS A 39 -7.31 -2.75 11.16
N CYS A 40 -6.11 -3.29 10.97
CA CYS A 40 -4.89 -2.92 11.70
C CYS A 40 -3.64 -2.96 10.80
N VAL A 41 -2.65 -2.14 11.16
CA VAL A 41 -1.24 -2.27 10.74
C VAL A 41 -0.33 -2.01 11.94
N LYS A 42 0.70 -2.84 12.10
CA LYS A 42 1.75 -2.66 13.11
C LYS A 42 3.11 -3.20 12.69
N ILE A 43 4.20 -2.57 13.13
CA ILE A 43 5.57 -3.11 13.02
C ILE A 43 5.75 -4.29 13.96
N LEU A 44 6.34 -5.38 13.44
CA LEU A 44 6.90 -6.48 14.23
C LEU A 44 8.41 -6.25 14.48
N GLU A 45 9.14 -5.69 13.51
CA GLU A 45 10.59 -5.44 13.61
C GLU A 45 11.01 -4.24 12.74
N GLY A 46 11.77 -3.28 13.28
CA GLY A 46 12.25 -2.10 12.55
C GLY A 46 11.57 -0.80 12.96
N ASP A 47 11.59 0.22 12.09
CA ASP A 47 11.08 1.56 12.36
C ASP A 47 10.54 2.32 11.13
N GLY A 48 10.81 1.86 9.91
CA GLY A 48 10.62 2.59 8.66
C GLY A 48 11.85 2.53 7.72
N CYS A 49 13.02 2.10 8.20
CA CYS A 49 14.15 1.74 7.34
C CYS A 49 13.84 0.54 6.43
N ALA A 50 14.60 0.37 5.35
CA ALA A 50 14.62 -0.85 4.56
C ALA A 50 14.91 -2.07 5.45
N GLY A 51 14.15 -3.15 5.27
CA GLY A 51 14.12 -4.31 6.17
C GLY A 51 13.10 -4.22 7.31
N THR A 52 12.26 -3.17 7.38
CA THR A 52 11.25 -3.05 8.46
C THR A 52 10.06 -3.95 8.18
N ILE A 53 9.78 -4.92 9.06
CA ILE A 53 8.64 -5.82 8.99
C ILE A 53 7.41 -5.23 9.69
N LYS A 54 6.28 -5.25 8.98
CA LYS A 54 4.92 -4.97 9.47
C LYS A 54 4.02 -6.18 9.22
N GLU A 55 2.91 -6.23 9.96
CA GLU A 55 1.79 -7.10 9.66
C GLU A 55 0.48 -6.28 9.59
N VAL A 56 -0.37 -6.70 8.65
CA VAL A 56 -1.66 -6.16 8.26
C VAL A 56 -2.75 -7.14 8.68
N THR A 57 -3.87 -6.65 9.22
CA THR A 57 -5.15 -7.36 9.21
C THR A 57 -6.13 -6.56 8.36
N PHE A 58 -6.81 -7.19 7.40
CA PHE A 58 -7.62 -6.47 6.40
C PHE A 58 -8.98 -5.98 6.94
N GLY A 59 -9.83 -6.85 7.48
CA GLY A 59 -11.16 -6.54 8.02
C GLY A 59 -11.46 -7.12 9.38
N GLU A 60 -10.69 -8.12 9.82
CA GLU A 60 -10.99 -9.03 10.94
C GLU A 60 -12.41 -9.61 10.83
N GLY A 61 -12.66 -10.37 9.77
CA GLY A 61 -13.94 -11.01 9.46
C GLY A 61 -13.82 -12.11 8.41
N SER A 62 -14.92 -12.83 8.17
CA SER A 62 -15.00 -14.03 7.29
C SER A 62 -15.01 -13.71 5.79
N HIS A 63 -14.00 -12.97 5.31
CA HIS A 63 -13.87 -12.53 3.91
C HIS A 63 -12.43 -12.19 3.50
N HIS A 64 -11.62 -11.62 4.39
CA HIS A 64 -10.16 -11.54 4.26
C HIS A 64 -9.47 -11.62 5.64
N LYS A 65 -8.16 -11.92 5.64
CA LYS A 65 -7.39 -12.35 6.82
C LYS A 65 -6.24 -11.38 7.14
N CYS A 66 -4.98 -11.79 7.00
CA CYS A 66 -3.82 -10.99 7.36
C CYS A 66 -2.65 -11.17 6.38
N VAL A 67 -1.73 -10.20 6.37
CA VAL A 67 -0.57 -10.16 5.46
C VAL A 67 0.66 -9.59 6.15
N LYS A 68 1.82 -10.18 5.89
CA LYS A 68 3.12 -9.70 6.37
C LYS A 68 3.86 -8.96 5.27
N GLN A 69 4.46 -7.83 5.61
CA GLN A 69 4.90 -6.84 4.65
C GLN A 69 6.20 -6.15 5.12
N ARG A 70 7.22 -6.14 4.26
CA ARG A 70 8.54 -5.55 4.53
C ARG A 70 8.70 -4.23 3.77
N VAL A 71 9.08 -3.15 4.45
CA VAL A 71 9.58 -1.91 3.82
C VAL A 71 10.90 -2.21 3.14
N ASP A 72 11.00 -1.89 1.85
CA ASP A 72 12.18 -2.15 1.02
C ASP A 72 12.99 -0.88 0.70
N ALA A 73 12.36 0.28 0.53
CA ALA A 73 13.05 1.55 0.27
C ALA A 73 12.15 2.78 0.47
N ILE A 74 12.48 3.67 1.42
CA ILE A 74 11.90 5.03 1.52
C ILE A 74 12.92 6.03 0.97
N ASP A 75 12.51 6.92 0.05
CA ASP A 75 13.32 8.07 -0.37
C ASP A 75 12.51 9.36 -0.57
N LYS A 76 12.71 10.30 0.37
CA LYS A 76 12.11 11.64 0.41
C LYS A 76 12.65 12.59 -0.66
N ASP A 77 13.72 12.24 -1.38
CA ASP A 77 14.23 13.08 -2.46
C ASP A 77 13.46 12.92 -3.79
N ASN A 78 12.82 11.77 -4.04
CA ASN A 78 12.30 11.45 -5.37
C ASN A 78 10.92 12.05 -5.74
N LEU A 79 9.85 12.02 -4.93
CA LEU A 79 9.53 11.15 -3.80
C LEU A 79 9.28 9.69 -4.24
N THR A 80 9.76 8.68 -3.49
CA THR A 80 9.43 7.26 -3.73
C THR A 80 9.27 6.44 -2.45
N TYR A 81 8.57 5.30 -2.56
CA TYR A 81 8.42 4.29 -1.51
C TYR A 81 8.27 2.89 -2.11
N SER A 82 8.97 1.90 -1.56
CA SER A 82 8.81 0.49 -1.89
C SER A 82 8.60 -0.35 -0.65
N TYR A 83 7.67 -1.29 -0.74
CA TYR A 83 7.31 -2.23 0.31
C TYR A 83 6.71 -3.50 -0.31
N THR A 84 6.90 -4.64 0.33
CA THR A 84 6.68 -5.96 -0.27
C THR A 84 5.89 -6.86 0.64
N ILE A 85 4.76 -7.40 0.15
CA ILE A 85 4.06 -8.50 0.82
C ILE A 85 4.94 -9.75 0.72
N ILE A 86 5.53 -10.12 1.85
CA ILE A 86 6.48 -11.23 1.99
C ILE A 86 5.78 -12.55 2.33
N GLU A 87 4.62 -12.50 3.00
CA GLU A 87 3.85 -13.67 3.42
C GLU A 87 2.38 -13.27 3.62
N GLY A 88 1.46 -14.23 3.63
CA GLY A 88 0.07 -14.00 4.01
C GLY A 88 -0.97 -14.48 2.99
N ASP A 89 -2.23 -14.52 3.43
CA ASP A 89 -3.34 -15.15 2.73
C ASP A 89 -3.59 -14.66 1.29
N VAL A 90 -3.21 -13.42 0.98
CA VAL A 90 -3.33 -12.83 -0.36
C VAL A 90 -2.45 -13.56 -1.39
N LEU A 91 -1.26 -14.04 -1.00
CA LEU A 91 -0.34 -14.72 -1.93
C LEU A 91 -0.91 -16.09 -2.37
N ALA A 92 -1.47 -16.84 -1.43
CA ALA A 92 -2.18 -18.10 -1.63
C ALA A 92 -1.33 -19.13 -2.39
N GLU A 93 -1.98 -20.04 -3.14
CA GLU A 93 -1.34 -20.96 -4.07
C GLU A 93 -0.93 -20.31 -5.41
N LYS A 94 -0.87 -18.98 -5.49
CA LYS A 94 -0.78 -18.19 -6.74
C LYS A 94 0.48 -17.32 -6.81
N PHE A 95 0.44 -16.18 -6.11
CA PHE A 95 1.57 -15.25 -6.02
C PHE A 95 2.59 -15.75 -5.01
N GLU A 96 3.77 -15.14 -4.99
CA GLU A 96 4.77 -15.36 -3.95
C GLU A 96 5.43 -14.05 -3.47
N SER A 97 5.40 -12.93 -4.23
CA SER A 97 5.71 -11.63 -3.58
C SER A 97 5.16 -10.39 -4.32
N ILE A 98 4.35 -9.61 -3.60
CA ILE A 98 3.71 -8.41 -4.12
C ILE A 98 4.50 -7.18 -3.69
N SER A 99 5.49 -6.78 -4.48
CA SER A 99 6.38 -5.65 -4.21
C SER A 99 5.92 -4.37 -4.90
N TYR A 100 5.44 -3.42 -4.11
CA TYR A 100 4.97 -2.10 -4.56
C TYR A 100 6.13 -1.13 -4.80
N HIS A 101 5.89 -0.21 -5.74
CA HIS A 101 6.82 0.82 -6.22
C HIS A 101 6.05 2.11 -6.42
N ILE A 102 5.93 2.90 -5.35
CA ILE A 102 5.27 4.21 -5.37
C ILE A 102 6.26 5.29 -5.80
N LYS A 103 5.80 6.22 -6.65
CA LYS A 103 6.42 7.53 -6.92
C LYS A 103 5.40 8.64 -6.72
N ILE A 104 5.73 9.68 -5.94
CA ILE A 104 4.86 10.84 -5.71
C ILE A 104 5.45 12.08 -6.42
N VAL A 105 4.57 12.87 -7.03
CA VAL A 105 4.87 13.98 -7.95
C VAL A 105 3.92 15.16 -7.67
N ALA A 106 4.30 16.39 -7.99
CA ALA A 106 3.40 17.57 -7.92
C ALA A 106 2.26 17.53 -8.95
N CYS A 107 1.32 18.48 -8.84
CA CYS A 107 0.21 18.71 -9.77
C CYS A 107 -0.23 20.20 -9.71
N PRO A 108 -0.51 20.89 -10.84
CA PRO A 108 -0.77 22.33 -10.85
C PRO A 108 -2.08 22.72 -10.15
N ASP A 109 -2.97 21.76 -9.90
CA ASP A 109 -4.19 21.89 -9.09
C ASP A 109 -3.89 22.04 -7.57
N GLY A 110 -2.67 22.48 -7.20
CA GLY A 110 -2.13 22.47 -5.83
C GLY A 110 -1.88 21.07 -5.24
N GLY A 111 -2.25 20.01 -5.98
CA GLY A 111 -2.31 18.63 -5.50
C GLY A 111 -1.02 17.86 -5.77
N SER A 112 -1.18 16.57 -6.01
CA SER A 112 -0.10 15.64 -6.39
C SER A 112 -0.57 14.62 -7.42
N ILE A 113 0.37 13.83 -7.95
CA ILE A 113 0.14 12.57 -8.65
C ILE A 113 0.90 11.46 -7.91
N CYS A 114 0.29 10.29 -7.81
CA CYS A 114 0.88 9.10 -7.21
C CYS A 114 0.86 7.97 -8.24
N LYS A 115 2.05 7.54 -8.68
CA LYS A 115 2.24 6.37 -9.54
C LYS A 115 2.53 5.16 -8.65
N ASN A 116 1.85 4.04 -8.88
CA ASN A 116 1.90 2.87 -7.99
C ASN A 116 2.02 1.58 -8.83
N ARG A 117 3.23 1.27 -9.31
CA ARG A 117 3.56 -0.04 -9.90
C ARG A 117 3.65 -1.11 -8.80
N SER A 118 3.40 -2.38 -9.15
CA SER A 118 3.55 -3.51 -8.22
C SER A 118 3.92 -4.81 -8.93
N ILE A 119 4.96 -5.47 -8.44
CA ILE A 119 5.28 -6.87 -8.73
C ILE A 119 4.34 -7.78 -7.89
N TYR A 120 4.40 -9.10 -8.08
CA TYR A 120 3.50 -10.18 -7.61
C TYR A 120 4.22 -11.56 -7.77
N THR A 121 5.56 -11.60 -7.91
CA THR A 121 6.39 -12.74 -8.35
C THR A 121 5.86 -14.09 -7.88
N THR A 122 5.46 -14.97 -8.81
CA THR A 122 4.56 -16.10 -8.51
C THR A 122 5.28 -17.32 -7.94
N LYS A 123 4.50 -18.27 -7.42
CA LYS A 123 4.94 -19.67 -7.23
C LYS A 123 4.42 -20.54 -8.39
N GLY A 124 5.25 -21.47 -8.86
CA GLY A 124 4.94 -22.46 -9.89
C GLY A 124 4.35 -21.93 -11.20
N ASP A 125 4.59 -20.66 -11.53
CA ASP A 125 3.96 -19.92 -12.63
C ASP A 125 2.42 -20.03 -12.64
N CYS A 126 1.80 -20.00 -11.46
CA CYS A 126 0.34 -20.10 -11.33
C CYS A 126 -0.36 -18.84 -11.87
N LYS A 127 -1.35 -19.03 -12.76
CA LYS A 127 -2.06 -17.96 -13.47
C LYS A 127 -3.24 -17.42 -12.66
N VAL A 128 -3.57 -16.14 -12.86
CA VAL A 128 -4.60 -15.40 -12.11
C VAL A 128 -5.46 -14.54 -13.04
N SER A 129 -6.70 -14.27 -12.64
CA SER A 129 -7.61 -13.41 -13.39
C SER A 129 -7.27 -11.92 -13.25
N GLU A 130 -7.42 -11.15 -14.32
CA GLU A 130 -7.37 -9.68 -14.26
C GLU A 130 -8.53 -9.09 -13.45
N GLU A 131 -9.61 -9.85 -13.19
CA GLU A 131 -10.69 -9.47 -12.26
C GLU A 131 -10.23 -9.53 -10.79
N GLU A 132 -9.35 -10.49 -10.46
CA GLU A 132 -8.68 -10.56 -9.15
C GLU A 132 -7.69 -9.40 -9.00
N ILE A 133 -6.95 -9.07 -10.07
CA ILE A 133 -6.09 -7.88 -10.12
C ILE A 133 -6.94 -6.61 -9.95
N LYS A 134 -8.14 -6.52 -10.53
CA LYS A 134 -9.09 -5.43 -10.30
C LYS A 134 -9.51 -5.36 -8.83
N LEU A 135 -9.80 -6.47 -8.14
CA LEU A 135 -10.03 -6.41 -6.69
C LEU A 135 -8.81 -5.86 -5.92
N GLY A 136 -7.58 -6.25 -6.28
CA GLY A 136 -6.35 -5.74 -5.66
C GLY A 136 -6.14 -4.24 -5.91
N LYS A 137 -6.28 -3.82 -7.18
CA LYS A 137 -6.29 -2.43 -7.64
C LYS A 137 -7.35 -1.59 -6.94
N GLU A 138 -8.54 -2.16 -6.75
CA GLU A 138 -9.72 -1.47 -6.24
C GLU A 138 -9.77 -1.37 -4.72
N LYS A 139 -9.22 -2.34 -3.97
CA LYS A 139 -8.97 -2.15 -2.53
C LYS A 139 -7.82 -1.17 -2.28
N ALA A 140 -6.80 -1.14 -3.14
CA ALA A 140 -5.79 -0.08 -3.12
C ALA A 140 -6.38 1.31 -3.44
N ALA A 141 -7.22 1.41 -4.48
CA ALA A 141 -7.98 2.63 -4.82
C ALA A 141 -8.93 3.07 -3.70
N GLU A 142 -9.57 2.13 -2.99
CA GLU A 142 -10.43 2.45 -1.85
C GLU A 142 -9.64 2.93 -0.63
N ILE A 143 -8.50 2.29 -0.32
CA ILE A 143 -7.57 2.80 0.69
C ILE A 143 -7.15 4.23 0.32
N PHE A 144 -6.68 4.43 -0.91
CA PHE A 144 -6.22 5.74 -1.39
C PHE A 144 -7.31 6.82 -1.29
N LYS A 145 -8.52 6.54 -1.79
CA LYS A 145 -9.65 7.48 -1.76
C LYS A 145 -10.14 7.74 -0.34
N ALA A 146 -10.06 6.77 0.56
CA ALA A 146 -10.32 6.96 1.99
C ALA A 146 -9.27 7.85 2.67
N LEU A 147 -7.97 7.71 2.35
CA LEU A 147 -6.97 8.64 2.91
C LEU A 147 -7.23 10.06 2.39
N GLU A 148 -7.46 10.21 1.09
CA GLU A 148 -7.77 11.50 0.46
C GLU A 148 -9.09 12.10 0.94
N ALA A 149 -10.11 11.30 1.29
CA ALA A 149 -11.36 11.82 1.85
C ALA A 149 -11.11 12.53 3.20
N TYR A 150 -10.16 12.03 4.01
CA TYR A 150 -9.66 12.73 5.18
C TYR A 150 -8.71 13.89 4.80
N LEU A 151 -7.72 13.65 3.94
CA LEU A 151 -6.66 14.58 3.52
C LEU A 151 -7.12 15.72 2.60
N LEU A 152 -8.34 15.72 2.11
CA LEU A 152 -9.00 16.86 1.46
C LEU A 152 -9.55 17.84 2.50
N ALA A 153 -10.11 17.33 3.60
CA ALA A 153 -10.54 18.13 4.74
C ALA A 153 -9.38 18.51 5.69
N ASN A 154 -8.32 17.70 5.78
CA ASN A 154 -7.23 17.82 6.76
C ASN A 154 -5.84 17.41 6.18
N PRO A 155 -5.38 17.99 5.06
CA PRO A 155 -4.13 17.61 4.38
C PRO A 155 -2.87 17.61 5.26
N ASP A 156 -2.81 18.49 6.26
CA ASP A 156 -1.77 18.53 7.28
C ASP A 156 -1.96 17.42 8.33
N TYR A 157 -1.65 16.18 7.96
CA TYR A 157 -1.46 15.10 8.93
C TYR A 157 -0.18 15.38 9.74
N CYS A 158 -0.31 15.67 11.04
CA CYS A 158 0.78 16.10 11.91
C CYS A 158 1.21 14.97 12.85
N GLY A 1 9.29 -16.77 -11.74
CA GLY A 1 7.96 -16.36 -12.23
C GLY A 1 7.39 -15.24 -11.39
N VAL A 2 6.55 -14.37 -11.96
CA VAL A 2 6.07 -13.15 -11.29
C VAL A 2 4.77 -12.57 -11.86
N VAL A 3 3.93 -11.96 -11.01
CA VAL A 3 2.87 -11.02 -11.47
C VAL A 3 3.26 -9.56 -11.18
N THR A 4 2.79 -8.58 -11.96
CA THR A 4 3.08 -7.13 -11.80
C THR A 4 1.99 -6.24 -12.40
N TYR A 5 1.56 -5.21 -11.64
CA TYR A 5 0.52 -4.24 -12.03
C TYR A 5 0.68 -2.90 -11.28
N ASP A 6 -0.14 -1.90 -11.62
CA ASP A 6 -0.04 -0.52 -11.11
C ASP A 6 -1.38 0.23 -10.97
N MET A 7 -1.37 1.31 -10.19
CA MET A 7 -2.53 2.10 -9.77
C MET A 7 -2.11 3.56 -9.53
N GLU A 8 -1.65 4.24 -10.59
CA GLU A 8 -1.36 5.67 -10.55
C GLU A 8 -2.63 6.50 -10.37
N ILE A 9 -2.67 7.34 -9.34
CA ILE A 9 -3.89 8.01 -8.89
C ILE A 9 -3.62 9.48 -8.52
N PRO A 10 -4.34 10.45 -9.11
CA PRO A 10 -4.37 11.83 -8.62
C PRO A 10 -4.93 11.94 -7.21
N SER A 11 -4.39 12.85 -6.40
CA SER A 11 -4.70 12.98 -4.98
C SER A 11 -4.79 14.45 -4.53
N LYS A 12 -5.88 14.78 -3.84
CA LYS A 12 -6.25 16.12 -3.34
C LYS A 12 -5.50 16.55 -2.07
N VAL A 13 -4.27 16.06 -1.90
CA VAL A 13 -3.33 16.46 -0.82
C VAL A 13 -1.93 16.71 -1.42
N PRO A 14 -1.18 17.75 -1.01
CA PRO A 14 0.14 18.06 -1.58
C PRO A 14 1.20 16.96 -1.39
N PRO A 15 2.22 16.83 -2.26
CA PRO A 15 3.17 15.72 -2.27
C PRO A 15 3.98 15.56 -0.97
N VAL A 16 4.42 16.64 -0.34
CA VAL A 16 5.15 16.57 0.94
C VAL A 16 4.24 16.06 2.06
N LYS A 17 2.95 16.42 2.02
CA LYS A 17 1.93 15.90 2.95
C LYS A 17 1.52 14.46 2.67
N LEU A 18 1.47 14.03 1.40
CA LEU A 18 1.38 12.61 1.05
C LEU A 18 2.59 11.85 1.58
N TYR A 19 3.79 12.39 1.47
CA TYR A 19 4.98 11.73 1.98
C TYR A 19 4.99 11.62 3.51
N LYS A 20 4.66 12.71 4.21
CA LYS A 20 4.49 12.71 5.66
C LYS A 20 3.43 11.70 6.11
N ALA A 21 2.22 11.81 5.59
CA ALA A 21 1.07 11.03 6.03
C ALA A 21 1.06 9.58 5.52
N PHE A 22 1.09 9.40 4.19
CA PHE A 22 0.92 8.10 3.54
C PHE A 22 2.15 7.21 3.73
N ILE A 23 3.34 7.80 3.59
CA ILE A 23 4.61 7.05 3.59
C ILE A 23 5.21 7.00 4.99
N LEU A 24 5.46 8.15 5.61
CA LEU A 24 6.14 8.21 6.91
C LEU A 24 5.22 7.81 8.06
N ASP A 25 3.90 7.80 7.85
CA ASP A 25 2.93 7.11 8.72
C ASP A 25 2.12 6.00 8.00
N GLY A 26 2.77 5.33 7.03
CA GLY A 26 2.35 4.03 6.50
C GLY A 26 2.45 2.88 7.52
N ASP A 27 2.26 3.19 8.80
CA ASP A 27 2.32 2.29 9.96
C ASP A 27 1.06 2.46 10.83
N THR A 28 0.67 3.70 11.15
CA THR A 28 -0.40 4.00 12.13
C THR A 28 -1.48 4.96 11.64
N LEU A 29 -1.26 5.71 10.55
CA LEU A 29 -2.36 6.30 9.78
C LEU A 29 -3.10 5.24 8.93
N VAL A 30 -2.34 4.37 8.25
CA VAL A 30 -2.90 3.36 7.34
C VAL A 30 -4.01 2.44 7.93
N PRO A 31 -4.04 2.09 9.24
CA PRO A 31 -5.20 1.47 9.87
C PRO A 31 -6.26 2.48 10.36
N LYS A 32 -5.86 3.60 11.00
CA LYS A 32 -6.77 4.39 11.86
C LYS A 32 -7.98 5.00 11.16
N VAL A 33 -7.89 5.21 9.85
CA VAL A 33 -8.98 5.72 8.98
C VAL A 33 -9.85 4.61 8.37
N LEU A 34 -9.38 3.36 8.31
CA LEU A 34 -10.05 2.25 7.62
C LEU A 34 -9.75 0.88 8.27
N PRO A 35 -10.11 0.68 9.56
CA PRO A 35 -9.87 -0.57 10.25
C PRO A 35 -10.77 -1.73 9.77
N HIS A 36 -11.60 -1.50 8.76
CA HIS A 36 -12.37 -2.52 8.03
C HIS A 36 -11.53 -3.26 6.98
N ALA A 37 -10.35 -2.74 6.60
CA ALA A 37 -9.41 -3.42 5.70
C ALA A 37 -7.93 -3.35 6.12
N ILE A 38 -7.57 -2.49 7.06
CA ILE A 38 -6.33 -2.62 7.86
C ILE A 38 -6.71 -2.45 9.34
N LYS A 39 -7.35 -3.46 9.93
CA LYS A 39 -7.86 -3.46 11.31
C LYS A 39 -6.81 -3.05 12.33
N CYS A 40 -5.60 -3.60 12.19
CA CYS A 40 -4.41 -3.13 12.88
C CYS A 40 -3.15 -3.34 12.01
N VAL A 41 -2.14 -2.52 12.29
CA VAL A 41 -0.74 -2.74 11.93
C VAL A 41 0.13 -2.57 13.16
N LYS A 42 1.17 -3.40 13.27
CA LYS A 42 2.24 -3.25 14.26
C LYS A 42 3.58 -3.66 13.66
N ILE A 43 4.66 -3.06 14.12
CA ILE A 43 6.01 -3.53 13.84
C ILE A 43 6.27 -4.85 14.58
N LEU A 44 6.91 -5.82 13.92
CA LEU A 44 7.53 -6.96 14.58
C LEU A 44 9.04 -6.73 14.80
N GLU A 45 9.72 -6.08 13.84
CA GLU A 45 11.16 -5.84 13.85
C GLU A 45 11.56 -4.58 13.07
N GLY A 46 12.64 -3.92 13.46
CA GLY A 46 13.05 -2.61 12.92
C GLY A 46 12.37 -1.44 13.62
N ASP A 47 12.44 -0.24 13.02
CA ASP A 47 11.98 1.00 13.67
C ASP A 47 11.24 1.99 12.73
N GLY A 48 11.05 1.63 11.46
CA GLY A 48 10.29 2.41 10.47
C GLY A 48 10.94 2.49 9.08
N CYS A 49 12.26 2.36 9.00
CA CYS A 49 13.06 2.43 7.76
C CYS A 49 13.19 1.08 7.04
N ALA A 50 14.04 0.98 6.02
CA ALA A 50 14.32 -0.25 5.28
C ALA A 50 14.59 -1.47 6.19
N GLY A 51 14.07 -2.63 5.80
CA GLY A 51 14.05 -3.87 6.59
C GLY A 51 13.00 -3.92 7.70
N THR A 52 12.20 -2.86 7.91
CA THR A 52 11.23 -2.83 9.03
C THR A 52 10.05 -3.72 8.73
N ILE A 53 9.87 -4.77 9.54
CA ILE A 53 8.78 -5.73 9.41
C ILE A 53 7.54 -5.22 10.15
N LYS A 54 6.38 -5.28 9.48
CA LYS A 54 5.06 -4.97 10.02
C LYS A 54 4.08 -6.13 9.80
N GLU A 55 3.33 -6.50 10.83
CA GLU A 55 2.21 -7.43 10.72
C GLU A 55 0.89 -6.66 10.52
N VAL A 56 0.21 -6.95 9.42
CA VAL A 56 -1.12 -6.47 9.05
C VAL A 56 -2.18 -7.45 9.55
N THR A 57 -3.24 -6.92 10.17
CA THR A 57 -4.52 -7.60 10.42
C THR A 57 -5.57 -6.89 9.58
N PHE A 58 -6.26 -7.57 8.66
CA PHE A 58 -7.09 -6.88 7.66
C PHE A 58 -8.44 -6.37 8.19
N GLY A 59 -9.30 -7.22 8.73
CA GLY A 59 -10.70 -6.89 9.06
C GLY A 59 -11.31 -7.63 10.25
N GLU A 60 -10.58 -8.53 10.91
CA GLU A 60 -10.99 -9.32 12.08
C GLU A 60 -12.34 -10.06 11.87
N GLY A 61 -12.44 -10.81 10.77
CA GLY A 61 -13.61 -11.61 10.43
C GLY A 61 -13.37 -12.54 9.24
N SER A 62 -14.36 -13.37 8.90
CA SER A 62 -14.25 -14.40 7.85
C SER A 62 -13.88 -13.87 6.46
N HIS A 63 -14.02 -12.56 6.22
CA HIS A 63 -13.73 -11.90 4.95
C HIS A 63 -12.23 -11.81 4.61
N HIS A 64 -11.35 -11.57 5.59
CA HIS A 64 -9.87 -11.65 5.42
C HIS A 64 -9.10 -11.74 6.75
N LYS A 65 -7.86 -12.23 6.69
CA LYS A 65 -7.03 -12.69 7.82
C LYS A 65 -5.88 -11.73 8.15
N CYS A 66 -4.67 -12.05 7.72
CA CYS A 66 -3.43 -11.45 8.17
C CYS A 66 -2.34 -11.53 7.10
N VAL A 67 -1.32 -10.69 7.24
CA VAL A 67 -0.15 -10.62 6.36
C VAL A 67 1.06 -10.10 7.14
N LYS A 68 2.24 -10.56 6.77
CA LYS A 68 3.51 -9.94 7.15
C LYS A 68 4.10 -9.20 5.97
N GLN A 69 4.59 -8.01 6.25
CA GLN A 69 5.06 -7.04 5.28
C GLN A 69 6.39 -6.45 5.78
N ARG A 70 7.24 -5.96 4.88
CA ARG A 70 8.52 -5.33 5.22
C ARG A 70 8.73 -4.08 4.38
N VAL A 71 8.95 -2.92 5.00
CA VAL A 71 9.39 -1.70 4.29
C VAL A 71 10.79 -1.96 3.75
N ASP A 72 10.95 -1.83 2.44
CA ASP A 72 12.20 -2.05 1.72
C ASP A 72 13.00 -0.76 1.51
N ALA A 73 12.30 0.36 1.34
CA ALA A 73 12.93 1.66 1.12
C ALA A 73 11.97 2.81 1.47
N ILE A 74 12.48 3.83 2.15
CA ILE A 74 11.94 5.20 2.20
C ILE A 74 13.00 6.12 1.59
N ASP A 75 12.66 6.92 0.58
CA ASP A 75 13.55 7.93 -0.02
C ASP A 75 12.81 9.22 -0.44
N LYS A 76 12.97 10.25 0.41
CA LYS A 76 12.35 11.57 0.27
C LYS A 76 12.86 12.40 -0.93
N ASP A 77 13.89 11.95 -1.66
CA ASP A 77 14.39 12.71 -2.82
C ASP A 77 13.47 12.65 -4.05
N ASN A 78 12.78 11.53 -4.26
CA ASN A 78 12.19 11.20 -5.56
C ASN A 78 10.77 11.72 -5.83
N LEU A 79 9.79 11.71 -4.91
CA LEU A 79 9.71 11.12 -3.57
C LEU A 79 9.21 9.67 -3.68
N THR A 80 9.89 8.67 -3.11
CA THR A 80 9.58 7.23 -3.32
C THR A 80 9.58 6.36 -2.06
N TYR A 81 8.98 5.17 -2.18
CA TYR A 81 8.77 4.18 -1.12
C TYR A 81 8.62 2.77 -1.71
N SER A 82 9.00 1.74 -0.95
CA SER A 82 8.69 0.34 -1.26
C SER A 82 8.39 -0.47 0.01
N TYR A 83 7.45 -1.40 -0.09
CA TYR A 83 7.08 -2.31 0.98
C TYR A 83 6.57 -3.65 0.41
N THR A 84 7.07 -4.75 0.93
CA THR A 84 6.85 -6.10 0.36
C THR A 84 6.07 -6.99 1.32
N ILE A 85 4.97 -7.57 0.86
CA ILE A 85 4.32 -8.70 1.56
C ILE A 85 5.24 -9.91 1.46
N ILE A 86 5.79 -10.30 2.60
CA ILE A 86 6.77 -11.38 2.77
C ILE A 86 6.14 -12.71 3.18
N GLU A 87 4.96 -12.69 3.81
CA GLU A 87 4.20 -13.89 4.16
C GLU A 87 2.70 -13.52 4.29
N GLY A 88 1.79 -14.45 4.01
CA GLY A 88 0.40 -14.34 4.50
C GLY A 88 -0.67 -14.91 3.59
N ASP A 89 -1.92 -14.82 4.07
CA ASP A 89 -3.11 -15.40 3.41
C ASP A 89 -3.30 -14.84 1.99
N VAL A 90 -2.87 -13.60 1.75
CA VAL A 90 -2.91 -12.95 0.43
C VAL A 90 -1.96 -13.61 -0.57
N LEU A 91 -0.82 -14.16 -0.14
CA LEU A 91 0.10 -14.85 -1.05
C LEU A 91 -0.49 -16.20 -1.52
N ALA A 92 -1.07 -16.96 -0.60
CA ALA A 92 -1.74 -18.24 -0.85
C ALA A 92 -0.86 -19.24 -1.63
N GLU A 93 -1.49 -20.19 -2.33
CA GLU A 93 -0.80 -21.10 -3.25
C GLU A 93 -0.46 -20.44 -4.61
N LYS A 94 -0.47 -19.10 -4.69
CA LYS A 94 -0.48 -18.30 -5.92
C LYS A 94 0.75 -17.38 -6.03
N PHE A 95 0.70 -16.25 -5.34
CA PHE A 95 1.81 -15.31 -5.26
C PHE A 95 2.84 -15.78 -4.23
N GLU A 96 4.02 -15.16 -4.24
CA GLU A 96 5.07 -15.40 -3.24
C GLU A 96 5.77 -14.12 -2.79
N SER A 97 5.68 -12.98 -3.49
CA SER A 97 5.89 -11.68 -2.84
C SER A 97 5.27 -10.48 -3.55
N ILE A 98 4.35 -9.83 -2.85
CA ILE A 98 3.66 -8.62 -3.34
C ILE A 98 4.48 -7.40 -2.91
N SER A 99 5.46 -7.04 -3.74
CA SER A 99 6.36 -5.90 -3.51
C SER A 99 5.78 -4.62 -4.09
N TYR A 100 5.14 -3.83 -3.24
CA TYR A 100 4.64 -2.52 -3.60
C TYR A 100 5.78 -1.51 -3.75
N HIS A 101 5.55 -0.54 -4.64
CA HIS A 101 6.41 0.58 -4.97
C HIS A 101 5.53 1.82 -5.14
N ILE A 102 5.99 2.98 -4.69
CA ILE A 102 5.25 4.24 -4.79
C ILE A 102 6.21 5.37 -5.18
N LYS A 103 5.78 6.22 -6.12
CA LYS A 103 6.36 7.55 -6.38
C LYS A 103 5.31 8.65 -6.22
N ILE A 104 5.63 9.73 -5.52
CA ILE A 104 4.76 10.88 -5.28
C ILE A 104 5.29 12.10 -6.04
N VAL A 105 4.40 12.83 -6.71
CA VAL A 105 4.72 13.95 -7.62
C VAL A 105 3.78 15.14 -7.38
N ALA A 106 4.29 16.37 -7.45
CA ALA A 106 3.51 17.61 -7.36
C ALA A 106 2.49 17.76 -8.52
N CYS A 107 1.22 18.02 -8.21
CA CYS A 107 0.18 18.32 -9.20
C CYS A 107 -0.01 19.84 -9.36
N PRO A 108 -0.06 20.38 -10.60
CA PRO A 108 -0.30 21.80 -10.85
C PRO A 108 -1.68 22.30 -10.39
N ASP A 109 -2.66 21.41 -10.21
CA ASP A 109 -3.98 21.72 -9.63
C ASP A 109 -3.92 22.03 -8.11
N GLY A 110 -2.73 22.12 -7.51
CA GLY A 110 -2.54 22.30 -6.06
C GLY A 110 -2.85 21.01 -5.29
N GLY A 111 -2.10 19.95 -5.58
CA GLY A 111 -2.25 18.63 -4.95
C GLY A 111 -1.07 17.73 -5.31
N SER A 112 -1.30 16.43 -5.49
CA SER A 112 -0.27 15.47 -5.92
C SER A 112 -0.82 14.40 -6.87
N ILE A 113 0.08 13.60 -7.43
CA ILE A 113 -0.21 12.34 -8.12
C ILE A 113 0.66 11.26 -7.47
N CYS A 114 0.05 10.11 -7.14
CA CYS A 114 0.71 9.00 -6.46
C CYS A 114 0.76 7.78 -7.39
N LYS A 115 1.94 7.49 -7.94
CA LYS A 115 2.20 6.38 -8.85
C LYS A 115 2.43 5.09 -8.08
N ASN A 116 1.34 4.48 -7.62
CA ASN A 116 1.38 3.18 -6.95
C ASN A 116 1.68 2.07 -7.97
N ARG A 117 2.56 1.14 -7.63
CA ARG A 117 3.00 -0.01 -8.42
C ARG A 117 3.13 -1.23 -7.51
N SER A 118 3.06 -2.45 -8.05
CA SER A 118 3.36 -3.66 -7.29
C SER A 118 3.85 -4.81 -8.15
N ILE A 119 4.92 -5.46 -7.68
CA ILE A 119 5.29 -6.83 -8.05
C ILE A 119 4.49 -7.81 -7.15
N TYR A 120 4.60 -9.13 -7.35
CA TYR A 120 3.73 -10.22 -6.87
C TYR A 120 4.48 -11.58 -7.02
N THR A 121 5.83 -11.60 -7.13
CA THR A 121 6.67 -12.74 -7.58
C THR A 121 6.11 -14.10 -7.15
N THR A 122 5.77 -14.99 -8.09
CA THR A 122 4.85 -16.13 -7.85
C THR A 122 5.55 -17.35 -7.29
N LYS A 123 4.76 -18.31 -6.77
CA LYS A 123 5.16 -19.70 -6.59
C LYS A 123 4.54 -20.58 -7.68
N GLY A 124 5.22 -21.65 -8.10
CA GLY A 124 4.76 -22.61 -9.11
C GLY A 124 4.35 -22.03 -10.48
N ASP A 125 4.72 -20.78 -10.80
CA ASP A 125 4.16 -19.97 -11.91
C ASP A 125 2.62 -19.94 -11.91
N CYS A 126 1.99 -19.94 -10.74
CA CYS A 126 0.54 -20.10 -10.62
C CYS A 126 -0.24 -18.93 -11.25
N LYS A 127 -1.25 -19.25 -12.05
CA LYS A 127 -2.06 -18.29 -12.81
C LYS A 127 -3.19 -17.72 -11.96
N VAL A 128 -3.32 -16.41 -11.96
CA VAL A 128 -4.34 -15.65 -11.22
C VAL A 128 -5.24 -14.86 -12.17
N SER A 129 -6.46 -14.57 -11.75
CA SER A 129 -7.38 -13.72 -12.51
C SER A 129 -7.07 -12.23 -12.35
N GLU A 130 -7.24 -11.46 -13.42
CA GLU A 130 -7.22 -10.00 -13.40
C GLU A 130 -8.40 -9.39 -12.60
N GLU A 131 -9.43 -10.17 -12.28
CA GLU A 131 -10.53 -9.77 -11.39
C GLU A 131 -10.12 -9.86 -9.93
N GLU A 132 -9.38 -10.89 -9.59
CA GLU A 132 -8.72 -11.05 -8.29
C GLU A 132 -7.64 -9.98 -8.08
N ILE A 133 -6.92 -9.58 -9.14
CA ILE A 133 -6.05 -8.39 -9.11
C ILE A 133 -6.85 -7.12 -8.84
N LYS A 134 -8.04 -6.95 -9.45
CA LYS A 134 -9.00 -5.89 -9.14
C LYS A 134 -9.44 -5.93 -7.69
N LEU A 135 -9.80 -7.08 -7.12
CA LEU A 135 -10.18 -7.18 -5.69
C LEU A 135 -9.10 -6.64 -4.75
N GLY A 136 -7.81 -6.92 -5.02
CA GLY A 136 -6.69 -6.35 -4.27
C GLY A 136 -6.46 -4.85 -4.53
N LYS A 137 -6.47 -4.44 -5.82
CA LYS A 137 -6.37 -3.04 -6.26
C LYS A 137 -7.44 -2.15 -5.64
N GLU A 138 -8.67 -2.65 -5.60
CA GLU A 138 -9.86 -1.92 -5.19
C GLU A 138 -9.89 -1.63 -3.69
N LYS A 139 -9.51 -2.60 -2.83
CA LYS A 139 -9.27 -2.34 -1.40
C LYS A 139 -8.04 -1.48 -1.15
N ALA A 140 -6.96 -1.63 -1.92
CA ALA A 140 -5.80 -0.74 -1.81
C ALA A 140 -6.15 0.73 -2.13
N ALA A 141 -6.93 0.97 -3.19
CA ALA A 141 -7.53 2.26 -3.53
C ALA A 141 -8.55 2.74 -2.48
N GLU A 142 -9.27 1.83 -1.82
CA GLU A 142 -10.23 2.18 -0.77
C GLU A 142 -9.54 2.61 0.53
N ILE A 143 -8.44 1.95 0.90
CA ILE A 143 -7.55 2.36 1.99
C ILE A 143 -6.90 3.70 1.63
N PHE A 144 -6.34 3.84 0.42
CA PHE A 144 -5.76 5.10 -0.08
C PHE A 144 -6.75 6.26 0.08
N LYS A 145 -7.98 6.06 -0.39
CA LYS A 145 -9.03 7.09 -0.37
C LYS A 145 -9.63 7.32 1.02
N ALA A 146 -9.45 6.41 1.98
CA ALA A 146 -9.69 6.66 3.39
C ALA A 146 -8.61 7.58 4.00
N LEU A 147 -7.35 7.42 3.61
CA LEU A 147 -6.29 8.34 4.05
C LEU A 147 -6.55 9.73 3.46
N GLU A 148 -6.87 9.83 2.17
CA GLU A 148 -7.22 11.09 1.50
C GLU A 148 -8.58 11.67 1.96
N ALA A 149 -9.53 10.86 2.42
CA ALA A 149 -10.74 11.35 3.10
C ALA A 149 -10.39 12.13 4.37
N TYR A 150 -9.41 11.66 5.15
CA TYR A 150 -8.87 12.41 6.28
C TYR A 150 -8.04 13.61 5.81
N LEU A 151 -7.07 13.37 4.91
CA LEU A 151 -6.06 14.30 4.44
C LEU A 151 -6.56 15.42 3.52
N LEU A 152 -7.81 15.39 3.05
CA LEU A 152 -8.43 16.56 2.42
C LEU A 152 -8.86 17.62 3.45
N ALA A 153 -9.39 17.21 4.60
CA ALA A 153 -9.70 18.09 5.73
C ALA A 153 -8.51 18.30 6.70
N ASN A 154 -7.52 17.40 6.71
CA ASN A 154 -6.43 17.32 7.71
C ASN A 154 -5.03 17.05 7.10
N PRO A 155 -4.61 17.67 5.98
CA PRO A 155 -3.36 17.32 5.27
C PRO A 155 -2.08 17.42 6.11
N ASP A 156 -2.06 18.25 7.14
CA ASP A 156 -0.93 18.45 8.07
C ASP A 156 -0.75 17.29 9.08
N TYR A 157 -0.60 16.05 8.58
CA TYR A 157 -0.37 14.86 9.41
C TYR A 157 0.92 14.99 10.25
N CYS A 158 0.92 14.46 11.49
CA CYS A 158 2.03 14.59 12.45
C CYS A 158 2.52 13.26 13.01
N GLY A 1 8.31 -17.53 -12.42
CA GLY A 1 6.95 -17.08 -12.68
C GLY A 1 6.64 -15.85 -11.85
N VAL A 2 5.89 -14.91 -12.41
CA VAL A 2 5.53 -13.64 -11.74
C VAL A 2 4.27 -13.02 -12.32
N VAL A 3 3.39 -12.48 -11.45
CA VAL A 3 2.35 -11.53 -11.90
C VAL A 3 2.86 -10.08 -11.71
N THR A 4 2.45 -9.14 -12.56
CA THR A 4 2.89 -7.73 -12.49
C THR A 4 1.85 -6.78 -13.11
N TYR A 5 1.45 -5.76 -12.35
CA TYR A 5 0.41 -4.78 -12.70
C TYR A 5 0.68 -3.43 -12.03
N ASP A 6 -0.15 -2.43 -12.33
CA ASP A 6 -0.04 -1.08 -11.76
C ASP A 6 -1.41 -0.40 -11.62
N MET A 7 -1.44 0.63 -10.79
CA MET A 7 -2.63 1.42 -10.45
C MET A 7 -2.20 2.84 -10.03
N GLU A 8 -1.90 3.68 -11.02
CA GLU A 8 -1.61 5.09 -10.78
C GLU A 8 -2.88 5.87 -10.42
N ILE A 9 -2.80 6.73 -9.41
CA ILE A 9 -3.94 7.49 -8.89
C ILE A 9 -3.57 8.97 -8.69
N PRO A 10 -4.11 9.88 -9.54
CA PRO A 10 -4.09 11.31 -9.30
C PRO A 10 -4.85 11.66 -8.02
N SER A 11 -4.34 12.61 -7.24
CA SER A 11 -4.81 12.86 -5.88
C SER A 11 -4.87 14.34 -5.49
N LYS A 12 -5.95 14.69 -4.77
CA LYS A 12 -6.32 16.05 -4.34
C LYS A 12 -5.55 16.56 -3.11
N VAL A 13 -4.34 16.06 -2.89
CA VAL A 13 -3.45 16.45 -1.78
C VAL A 13 -2.00 16.65 -2.28
N PRO A 14 -1.23 17.63 -1.77
CA PRO A 14 0.10 17.97 -2.27
C PRO A 14 1.12 16.82 -2.13
N PRO A 15 2.20 16.75 -2.95
CA PRO A 15 3.14 15.63 -2.92
C PRO A 15 3.90 15.50 -1.59
N VAL A 16 4.29 16.60 -0.93
CA VAL A 16 4.89 16.55 0.42
C VAL A 16 3.92 15.94 1.42
N LYS A 17 2.64 16.33 1.34
CA LYS A 17 1.57 15.84 2.22
C LYS A 17 1.18 14.39 1.92
N LEU A 18 1.20 13.95 0.65
CA LEU A 18 1.04 12.55 0.27
C LEU A 18 2.21 11.72 0.79
N TYR A 19 3.45 12.20 0.65
CA TYR A 19 4.61 11.49 1.18
C TYR A 19 4.55 11.38 2.71
N LYS A 20 4.15 12.44 3.40
CA LYS A 20 3.88 12.39 4.84
C LYS A 20 2.79 11.37 5.18
N ALA A 21 1.58 11.59 4.68
CA ALA A 21 0.40 10.85 5.08
C ALA A 21 0.37 9.39 4.57
N PHE A 22 0.46 9.20 3.24
CA PHE A 22 0.32 7.88 2.63
C PHE A 22 1.56 6.99 2.85
N ILE A 23 2.75 7.58 2.69
CA ILE A 23 4.00 6.81 2.67
C ILE A 23 4.58 6.71 4.09
N LEU A 24 4.87 7.86 4.72
CA LEU A 24 5.51 7.90 6.03
C LEU A 24 4.54 7.51 7.16
N ASP A 25 3.22 7.66 6.96
CA ASP A 25 2.22 7.10 7.87
C ASP A 25 1.22 6.14 7.23
N GLY A 26 1.68 5.42 6.20
CA GLY A 26 1.06 4.19 5.70
C GLY A 26 0.99 3.04 6.72
N ASP A 27 1.24 3.32 8.01
CA ASP A 27 1.22 2.39 9.13
C ASP A 27 0.16 2.75 10.19
N THR A 28 -0.11 4.04 10.46
CA THR A 28 -1.17 4.46 11.42
C THR A 28 -2.30 5.28 10.80
N LEU A 29 -2.10 5.95 9.65
CA LEU A 29 -3.21 6.55 8.90
C LEU A 29 -3.94 5.53 8.01
N VAL A 30 -3.19 4.70 7.29
CA VAL A 30 -3.74 3.64 6.42
C VAL A 30 -4.76 2.71 7.10
N PRO A 31 -4.58 2.26 8.37
CA PRO A 31 -5.62 1.51 9.05
C PRO A 31 -6.76 2.41 9.54
N LYS A 32 -6.46 3.58 10.12
CA LYS A 32 -7.50 4.38 10.81
C LYS A 32 -8.60 4.88 9.88
N VAL A 33 -8.32 5.13 8.60
CA VAL A 33 -9.36 5.58 7.63
C VAL A 33 -10.23 4.43 7.10
N LEU A 34 -9.75 3.19 7.08
CA LEU A 34 -10.41 2.04 6.45
C LEU A 34 -10.10 0.73 7.23
N PRO A 35 -10.50 0.63 8.51
CA PRO A 35 -10.19 -0.53 9.34
C PRO A 35 -11.03 -1.77 9.00
N HIS A 36 -11.90 -1.66 7.99
CA HIS A 36 -12.56 -2.79 7.34
C HIS A 36 -11.71 -3.43 6.24
N ALA A 37 -10.53 -2.90 5.90
CA ALA A 37 -9.60 -3.54 4.96
C ALA A 37 -8.12 -3.39 5.35
N ILE A 38 -7.75 -2.49 6.25
CA ILE A 38 -6.54 -2.61 7.07
C ILE A 38 -6.94 -2.38 8.54
N LYS A 39 -7.55 -3.37 9.18
CA LYS A 39 -8.00 -3.31 10.57
C LYS A 39 -6.88 -2.87 11.51
N CYS A 40 -5.67 -3.43 11.33
CA CYS A 40 -4.45 -2.96 11.99
C CYS A 40 -3.21 -3.11 11.11
N VAL A 41 -2.17 -2.35 11.46
CA VAL A 41 -0.78 -2.53 11.05
C VAL A 41 0.14 -2.29 12.25
N LYS A 42 1.16 -3.14 12.42
CA LYS A 42 2.23 -2.96 13.43
C LYS A 42 3.59 -3.39 12.92
N ILE A 43 4.65 -2.75 13.41
CA ILE A 43 6.04 -3.21 13.22
C ILE A 43 6.32 -4.44 14.08
N LEU A 44 6.94 -5.45 13.47
CA LEU A 44 7.57 -6.58 14.17
C LEU A 44 9.07 -6.31 14.44
N GLU A 45 9.77 -5.66 13.51
CA GLU A 45 11.21 -5.34 13.59
C GLU A 45 11.56 -4.14 12.71
N GLY A 46 12.44 -3.25 13.16
CA GLY A 46 12.87 -2.06 12.41
C GLY A 46 12.10 -0.78 12.74
N ASP A 47 12.26 0.24 11.92
CA ASP A 47 11.80 1.60 12.23
C ASP A 47 11.52 2.51 11.01
N GLY A 48 11.59 1.96 9.79
CA GLY A 48 11.56 2.73 8.54
C GLY A 48 12.84 2.58 7.71
N CYS A 49 13.91 2.02 8.27
CA CYS A 49 15.07 1.56 7.50
C CYS A 49 14.71 0.41 6.56
N ALA A 50 15.52 0.20 5.52
CA ALA A 50 15.45 -0.99 4.67
C ALA A 50 15.48 -2.28 5.50
N GLY A 51 14.63 -3.23 5.15
CA GLY A 51 14.38 -4.46 5.91
C GLY A 51 13.37 -4.32 7.05
N THR A 52 12.70 -3.19 7.25
CA THR A 52 11.74 -3.01 8.38
C THR A 52 10.50 -3.89 8.16
N ILE A 53 10.21 -4.80 9.08
CA ILE A 53 9.11 -5.76 8.99
C ILE A 53 7.87 -5.23 9.72
N LYS A 54 6.72 -5.31 9.05
CA LYS A 54 5.37 -5.05 9.57
C LYS A 54 4.45 -6.25 9.37
N GLU A 55 3.38 -6.30 10.16
CA GLU A 55 2.26 -7.21 10.04
C GLU A 55 0.94 -6.45 9.87
N VAL A 56 0.15 -6.84 8.87
CA VAL A 56 -1.20 -6.37 8.54
C VAL A 56 -2.25 -7.34 9.09
N THR A 57 -3.37 -6.80 9.57
CA THR A 57 -4.62 -7.50 9.83
C THR A 57 -5.69 -6.81 8.99
N PHE A 58 -6.29 -7.47 8.00
CA PHE A 58 -7.13 -6.78 7.00
C PHE A 58 -8.50 -6.34 7.54
N GLY A 59 -9.27 -7.21 8.18
CA GLY A 59 -10.66 -6.97 8.56
C GLY A 59 -11.07 -7.47 9.94
N GLU A 60 -10.27 -8.29 10.60
CA GLU A 60 -10.60 -9.02 11.84
C GLU A 60 -11.85 -9.92 11.70
N GLY A 61 -11.88 -10.74 10.65
CA GLY A 61 -13.01 -11.63 10.37
C GLY A 61 -12.71 -12.70 9.32
N SER A 62 -13.77 -13.32 8.79
CA SER A 62 -13.72 -14.40 7.79
C SER A 62 -13.55 -13.89 6.35
N HIS A 63 -13.81 -12.60 6.10
CA HIS A 63 -13.73 -11.94 4.80
C HIS A 63 -12.29 -11.80 4.28
N HIS A 64 -11.33 -11.51 5.16
CA HIS A 64 -9.87 -11.54 4.91
C HIS A 64 -9.10 -11.55 6.24
N LYS A 65 -7.81 -11.86 6.20
CA LYS A 65 -7.03 -12.39 7.33
C LYS A 65 -5.79 -11.54 7.66
N CYS A 66 -4.60 -11.96 7.24
CA CYS A 66 -3.31 -11.45 7.70
C CYS A 66 -2.28 -11.32 6.57
N VAL A 67 -1.32 -10.42 6.73
CA VAL A 67 -0.14 -10.27 5.84
C VAL A 67 1.09 -9.88 6.65
N LYS A 68 2.27 -10.21 6.14
CA LYS A 68 3.54 -9.61 6.57
C LYS A 68 4.22 -8.89 5.41
N GLN A 69 4.84 -7.76 5.72
CA GLN A 69 5.27 -6.75 4.75
C GLN A 69 6.60 -6.14 5.18
N ARG A 70 7.62 -6.22 4.31
CA ARG A 70 8.96 -5.66 4.51
C ARG A 70 9.10 -4.34 3.76
N VAL A 71 9.57 -3.29 4.42
CA VAL A 71 10.01 -2.03 3.78
C VAL A 71 11.35 -2.25 3.10
N ASP A 72 11.42 -1.96 1.80
CA ASP A 72 12.67 -1.96 1.04
C ASP A 72 13.35 -0.60 1.01
N ALA A 73 12.63 0.46 0.61
CA ALA A 73 13.21 1.77 0.36
C ALA A 73 12.17 2.88 0.43
N ILE A 74 12.02 3.52 1.60
CA ILE A 74 11.41 4.85 1.74
C ILE A 74 12.46 5.86 1.26
N ASP A 75 12.26 6.48 0.10
CA ASP A 75 13.24 7.33 -0.57
C ASP A 75 12.68 8.69 -1.02
N LYS A 76 12.81 9.70 -0.14
CA LYS A 76 12.35 11.08 -0.32
C LYS A 76 13.15 11.91 -1.33
N ASP A 77 14.15 11.34 -2.00
CA ASP A 77 14.88 12.00 -3.10
C ASP A 77 14.09 12.09 -4.42
N ASN A 78 12.92 11.44 -4.53
CA ASN A 78 12.29 11.15 -5.82
C ASN A 78 10.86 11.68 -6.09
N LEU A 79 9.85 11.61 -5.22
CA LEU A 79 9.74 10.88 -3.95
C LEU A 79 9.19 9.48 -4.22
N THR A 80 9.75 8.44 -3.61
CA THR A 80 9.37 7.03 -3.88
C THR A 80 9.32 6.18 -2.61
N TYR A 81 8.63 5.04 -2.71
CA TYR A 81 8.53 4.02 -1.67
C TYR A 81 8.57 2.63 -2.32
N SER A 82 9.27 1.67 -1.70
CA SER A 82 9.17 0.26 -2.04
C SER A 82 9.02 -0.59 -0.79
N TYR A 83 8.17 -1.61 -0.87
CA TYR A 83 7.91 -2.59 0.17
C TYR A 83 7.33 -3.87 -0.44
N THR A 84 7.59 -5.03 0.16
CA THR A 84 7.16 -6.33 -0.36
C THR A 84 6.28 -7.05 0.65
N ILE A 85 5.13 -7.56 0.22
CA ILE A 85 4.37 -8.58 0.96
C ILE A 85 5.18 -9.88 0.90
N ILE A 86 5.84 -10.17 2.02
CA ILE A 86 6.74 -11.30 2.23
C ILE A 86 5.99 -12.57 2.68
N GLU A 87 4.78 -12.45 3.22
CA GLU A 87 4.04 -13.56 3.81
C GLU A 87 2.55 -13.25 3.99
N GLY A 88 1.75 -14.28 4.22
CA GLY A 88 0.37 -14.17 4.68
C GLY A 88 -0.69 -14.46 3.61
N ASP A 89 -1.94 -14.46 4.06
CA ASP A 89 -3.09 -15.07 3.41
C ASP A 89 -3.34 -14.58 1.97
N VAL A 90 -2.94 -13.35 1.65
CA VAL A 90 -3.03 -12.77 0.30
C VAL A 90 -2.24 -13.55 -0.75
N LEU A 91 -1.09 -14.14 -0.40
CA LEU A 91 -0.25 -14.84 -1.39
C LEU A 91 -0.93 -16.14 -1.89
N ALA A 92 -1.52 -16.91 -0.98
CA ALA A 92 -2.41 -18.04 -1.25
C ALA A 92 -1.80 -19.09 -2.21
N GLU A 93 -2.62 -19.78 -3.00
CA GLU A 93 -2.18 -20.78 -4.00
C GLU A 93 -1.60 -20.15 -5.28
N LYS A 94 -1.39 -18.83 -5.31
CA LYS A 94 -1.27 -18.00 -6.51
C LYS A 94 0.06 -17.25 -6.55
N PHE A 95 0.13 -16.17 -5.79
CA PHE A 95 1.30 -15.31 -5.68
C PHE A 95 2.31 -15.91 -4.71
N GLU A 96 3.50 -15.33 -4.66
CA GLU A 96 4.50 -15.60 -3.62
C GLU A 96 5.26 -14.34 -3.17
N SER A 97 5.26 -13.23 -3.94
CA SER A 97 5.62 -11.93 -3.34
C SER A 97 5.13 -10.71 -4.11
N ILE A 98 4.30 -9.92 -3.42
CA ILE A 98 3.72 -8.68 -3.97
C ILE A 98 4.61 -7.50 -3.59
N SER A 99 5.55 -7.15 -4.47
CA SER A 99 6.52 -6.07 -4.27
C SER A 99 6.04 -4.77 -4.91
N TYR A 100 5.71 -3.78 -4.07
CA TYR A 100 5.21 -2.47 -4.47
C TYR A 100 6.34 -1.49 -4.79
N HIS A 101 6.07 -0.62 -5.75
CA HIS A 101 6.97 0.37 -6.31
C HIS A 101 6.17 1.65 -6.56
N ILE A 102 6.12 2.52 -5.55
CA ILE A 102 5.32 3.74 -5.56
C ILE A 102 6.21 4.95 -5.86
N LYS A 103 5.79 5.80 -6.80
CA LYS A 103 6.37 7.12 -7.08
C LYS A 103 5.32 8.22 -6.95
N ILE A 104 5.65 9.31 -6.27
CA ILE A 104 4.79 10.49 -6.11
C ILE A 104 5.38 11.66 -6.91
N VAL A 105 4.52 12.35 -7.66
CA VAL A 105 4.88 13.44 -8.57
C VAL A 105 3.96 14.64 -8.34
N ALA A 106 4.54 15.85 -8.28
CA ALA A 106 3.81 17.12 -8.22
C ALA A 106 2.98 17.36 -9.50
N CYS A 107 1.71 17.74 -9.38
CA CYS A 107 0.85 18.07 -10.55
C CYS A 107 0.33 19.53 -10.51
N PRO A 108 0.02 20.13 -11.67
CA PRO A 108 -0.03 21.59 -11.82
C PRO A 108 -0.92 22.37 -10.85
N ASP A 109 -2.06 21.81 -10.44
CA ASP A 109 -3.02 22.46 -9.52
C ASP A 109 -2.54 22.55 -8.05
N GLY A 110 -1.29 22.17 -7.75
CA GLY A 110 -0.78 22.04 -6.37
C GLY A 110 -1.21 20.73 -5.69
N GLY A 111 -1.67 19.75 -6.48
CA GLY A 111 -1.94 18.38 -6.04
C GLY A 111 -0.78 17.44 -6.39
N SER A 112 -1.05 16.13 -6.41
CA SER A 112 -0.06 15.14 -6.81
C SER A 112 -0.65 13.97 -7.61
N ILE A 113 0.22 13.10 -8.12
CA ILE A 113 -0.15 11.83 -8.76
C ILE A 113 0.73 10.72 -8.20
N CYS A 114 0.12 9.65 -7.71
CA CYS A 114 0.78 8.53 -7.05
C CYS A 114 0.79 7.29 -7.97
N LYS A 115 1.92 7.03 -8.64
CA LYS A 115 2.13 5.88 -9.52
C LYS A 115 2.44 4.62 -8.70
N ASN A 116 1.43 3.81 -8.40
CA ASN A 116 1.61 2.54 -7.67
C ASN A 116 1.84 1.39 -8.66
N ARG A 117 3.09 1.01 -8.92
CA ARG A 117 3.45 -0.24 -9.63
C ARG A 117 3.59 -1.40 -8.64
N SER A 118 3.35 -2.64 -9.07
CA SER A 118 3.52 -3.83 -8.23
C SER A 118 3.89 -5.10 -8.99
N ILE A 119 4.89 -5.80 -8.47
CA ILE A 119 5.21 -7.21 -8.76
C ILE A 119 4.37 -8.11 -7.80
N TYR A 120 4.40 -9.43 -7.95
CA TYR A 120 3.51 -10.46 -7.37
C TYR A 120 4.16 -11.87 -7.50
N THR A 121 5.50 -11.98 -7.67
CA THR A 121 6.28 -13.18 -8.07
C THR A 121 5.66 -14.48 -7.60
N THR A 122 5.20 -15.36 -8.50
CA THR A 122 4.23 -16.43 -8.18
C THR A 122 4.88 -17.65 -7.55
N LYS A 123 4.05 -18.52 -6.94
CA LYS A 123 4.41 -19.94 -6.73
C LYS A 123 4.01 -20.77 -7.96
N GLY A 124 4.82 -21.76 -8.33
CA GLY A 124 4.49 -22.74 -9.38
C GLY A 124 4.07 -22.19 -10.76
N ASP A 125 4.45 -20.96 -11.12
CA ASP A 125 3.93 -20.21 -12.29
C ASP A 125 2.39 -20.01 -12.31
N CYS A 126 1.72 -20.05 -11.17
CA CYS A 126 0.26 -20.11 -11.08
C CYS A 126 -0.45 -18.88 -11.69
N LYS A 127 -1.52 -19.15 -12.45
CA LYS A 127 -2.32 -18.14 -13.16
C LYS A 127 -3.44 -17.57 -12.28
N VAL A 128 -3.90 -16.35 -12.60
CA VAL A 128 -4.86 -15.58 -11.77
C VAL A 128 -5.95 -14.92 -12.61
N SER A 129 -7.11 -14.67 -12.00
CA SER A 129 -8.23 -13.96 -12.63
C SER A 129 -7.98 -12.45 -12.69
N GLU A 130 -8.21 -11.84 -13.85
CA GLU A 130 -8.17 -10.39 -14.03
C GLU A 130 -9.30 -9.64 -13.29
N GLU A 131 -10.37 -10.34 -12.88
CA GLU A 131 -11.42 -9.77 -12.02
C GLU A 131 -10.88 -9.56 -10.60
N GLU A 132 -10.12 -10.54 -10.10
CA GLU A 132 -9.37 -10.48 -8.85
C GLU A 132 -8.26 -9.41 -8.91
N ILE A 133 -7.63 -9.19 -10.06
CA ILE A 133 -6.65 -8.09 -10.22
C ILE A 133 -7.32 -6.72 -9.99
N LYS A 134 -8.47 -6.45 -10.64
CA LYS A 134 -9.37 -5.32 -10.36
C LYS A 134 -9.78 -5.28 -8.90
N LEU A 135 -10.23 -6.36 -8.29
CA LEU A 135 -10.68 -6.32 -6.89
C LEU A 135 -9.53 -5.99 -5.91
N GLY A 136 -8.31 -6.48 -6.16
CA GLY A 136 -7.11 -6.13 -5.37
C GLY A 136 -6.70 -4.65 -5.55
N LYS A 137 -6.69 -4.19 -6.80
CA LYS A 137 -6.48 -2.78 -7.18
C LYS A 137 -7.50 -1.84 -6.54
N GLU A 138 -8.77 -2.22 -6.58
CA GLU A 138 -9.91 -1.46 -6.12
C GLU A 138 -9.98 -1.36 -4.59
N LYS A 139 -9.68 -2.42 -3.83
CA LYS A 139 -9.56 -2.33 -2.36
C LYS A 139 -8.34 -1.51 -1.91
N ALA A 140 -7.22 -1.59 -2.64
CA ALA A 140 -6.07 -0.71 -2.40
C ALA A 140 -6.41 0.76 -2.68
N ALA A 141 -7.12 1.04 -3.76
CA ALA A 141 -7.70 2.36 -4.04
C ALA A 141 -8.73 2.77 -2.98
N GLU A 142 -9.49 1.85 -2.38
CA GLU A 142 -10.47 2.16 -1.33
C GLU A 142 -9.80 2.58 -0.01
N ILE A 143 -8.70 1.92 0.35
CA ILE A 143 -7.86 2.34 1.48
C ILE A 143 -7.29 3.75 1.20
N PHE A 144 -6.72 3.97 0.01
CA PHE A 144 -6.11 5.25 -0.39
C PHE A 144 -7.10 6.41 -0.49
N LYS A 145 -8.26 6.21 -1.11
CA LYS A 145 -9.28 7.26 -1.30
C LYS A 145 -9.87 7.70 0.03
N ALA A 146 -9.93 6.81 1.03
CA ALA A 146 -10.27 7.17 2.40
C ALA A 146 -9.18 8.02 3.09
N LEU A 147 -7.89 7.92 2.69
CA LEU A 147 -6.85 8.87 3.09
C LEU A 147 -7.16 10.25 2.50
N GLU A 148 -7.36 10.36 1.19
CA GLU A 148 -7.76 11.61 0.53
C GLU A 148 -9.09 12.16 1.07
N ALA A 149 -10.00 11.32 1.53
CA ALA A 149 -11.23 11.73 2.21
C ALA A 149 -11.01 12.33 3.61
N TYR A 150 -9.84 12.15 4.24
CA TYR A 150 -9.40 12.92 5.41
C TYR A 150 -8.52 14.11 4.99
N LEU A 151 -7.59 13.86 4.08
CA LEU A 151 -6.55 14.76 3.57
C LEU A 151 -7.05 15.84 2.61
N LEU A 152 -8.35 15.87 2.25
CA LEU A 152 -8.94 16.98 1.51
C LEU A 152 -9.21 18.17 2.44
N ALA A 153 -9.86 17.93 3.57
CA ALA A 153 -10.11 18.95 4.60
C ALA A 153 -8.96 19.05 5.64
N ASN A 154 -8.11 18.04 5.75
CA ASN A 154 -7.03 17.94 6.75
C ASN A 154 -5.67 17.49 6.16
N PRO A 155 -5.18 18.02 5.02
CA PRO A 155 -3.99 17.53 4.32
C PRO A 155 -2.70 17.50 5.16
N ASP A 156 -2.58 18.37 6.17
CA ASP A 156 -1.48 18.43 7.12
C ASP A 156 -1.49 17.26 8.12
N TYR A 157 -1.28 16.03 7.66
CA TYR A 157 -1.05 14.88 8.54
C TYR A 157 0.23 15.09 9.39
N CYS A 158 0.22 14.72 10.67
CA CYS A 158 1.31 15.00 11.63
C CYS A 158 1.76 13.77 12.44
N GLY A 1 8.61 -16.35 -13.02
CA GLY A 1 7.17 -16.16 -13.23
C GLY A 1 6.65 -15.07 -12.32
N VAL A 2 6.05 -14.02 -12.88
CA VAL A 2 5.62 -12.85 -12.11
C VAL A 2 4.37 -12.17 -12.67
N VAL A 3 3.42 -11.79 -11.77
CA VAL A 3 2.35 -10.86 -12.15
C VAL A 3 2.80 -9.41 -11.86
N THR A 4 2.32 -8.43 -12.62
CA THR A 4 2.62 -6.99 -12.42
C THR A 4 1.51 -6.08 -12.96
N TYR A 5 1.10 -5.11 -12.14
CA TYR A 5 0.06 -4.12 -12.42
C TYR A 5 0.40 -2.76 -11.77
N ASP A 6 -0.50 -1.78 -11.87
CA ASP A 6 -0.40 -0.48 -11.22
C ASP A 6 -1.78 0.10 -10.86
N MET A 7 -1.77 1.14 -10.04
CA MET A 7 -2.94 1.98 -9.74
C MET A 7 -2.47 3.42 -9.54
N GLU A 8 -2.26 4.16 -10.63
CA GLU A 8 -2.05 5.60 -10.55
C GLU A 8 -3.35 6.30 -10.16
N ILE A 9 -3.32 7.01 -9.02
CA ILE A 9 -4.49 7.67 -8.43
C ILE A 9 -4.17 9.14 -8.10
N PRO A 10 -4.76 10.11 -8.84
CA PRO A 10 -4.76 11.51 -8.45
C PRO A 10 -5.51 11.72 -7.14
N SER A 11 -5.11 12.74 -6.38
CA SER A 11 -5.67 13.00 -5.06
C SER A 11 -5.69 14.50 -4.73
N LYS A 12 -6.67 14.90 -3.91
CA LYS A 12 -6.86 16.31 -3.54
C LYS A 12 -5.81 16.84 -2.56
N VAL A 13 -5.23 15.97 -1.75
CA VAL A 13 -4.15 16.29 -0.80
C VAL A 13 -2.79 16.44 -1.53
N PRO A 14 -1.97 17.46 -1.21
CA PRO A 14 -0.70 17.75 -1.91
C PRO A 14 0.47 16.80 -1.52
N PRO A 15 1.54 16.72 -2.32
CA PRO A 15 2.50 15.61 -2.28
C PRO A 15 3.30 15.46 -0.98
N VAL A 16 3.71 16.57 -0.33
CA VAL A 16 4.46 16.52 0.94
C VAL A 16 3.56 16.05 2.08
N LYS A 17 2.27 16.41 2.04
CA LYS A 17 1.23 15.89 2.95
C LYS A 17 0.87 14.43 2.68
N LEU A 18 0.84 13.98 1.42
CA LEU A 18 0.75 12.55 1.09
C LEU A 18 1.96 11.80 1.64
N TYR A 19 3.17 12.34 1.53
CA TYR A 19 4.35 11.69 2.09
C TYR A 19 4.32 11.62 3.62
N LYS A 20 3.91 12.70 4.29
CA LYS A 20 3.68 12.72 5.74
C LYS A 20 2.65 11.67 6.17
N ALA A 21 1.43 11.79 5.66
CA ALA A 21 0.28 11.01 6.11
C ALA A 21 0.24 9.58 5.58
N PHE A 22 0.35 9.41 4.26
CA PHE A 22 0.17 8.12 3.59
C PHE A 22 1.39 7.22 3.75
N ILE A 23 2.60 7.78 3.65
CA ILE A 23 3.85 7.02 3.72
C ILE A 23 4.38 6.99 5.14
N LEU A 24 4.66 8.16 5.74
CA LEU A 24 5.30 8.26 7.04
C LEU A 24 4.33 8.03 8.20
N ASP A 25 3.03 7.92 7.92
CA ASP A 25 2.10 7.24 8.81
C ASP A 25 1.19 6.22 8.11
N GLY A 26 1.73 5.56 7.08
CA GLY A 26 1.26 4.30 6.52
C GLY A 26 1.36 3.11 7.49
N ASP A 27 1.30 3.38 8.79
CA ASP A 27 1.43 2.44 9.91
C ASP A 27 0.31 2.65 10.96
N THR A 28 -0.17 3.88 11.18
CA THR A 28 -1.25 4.18 12.15
C THR A 28 -2.37 5.07 11.58
N LEU A 29 -2.15 5.86 10.53
CA LEU A 29 -3.28 6.46 9.79
C LEU A 29 -3.97 5.42 8.90
N VAL A 30 -3.20 4.61 8.17
CA VAL A 30 -3.75 3.63 7.21
C VAL A 30 -4.82 2.67 7.77
N PRO A 31 -4.83 2.26 9.06
CA PRO A 31 -5.94 1.54 9.66
C PRO A 31 -7.09 2.47 10.11
N LYS A 32 -6.77 3.55 10.83
CA LYS A 32 -7.74 4.23 11.70
C LYS A 32 -8.92 4.87 10.97
N VAL A 33 -8.78 5.17 9.68
CA VAL A 33 -9.82 5.73 8.81
C VAL A 33 -10.58 4.69 7.98
N LEU A 34 -10.13 3.44 7.92
CA LEU A 34 -10.81 2.36 7.19
C LEU A 34 -10.57 0.98 7.84
N PRO A 35 -10.97 0.79 9.12
CA PRO A 35 -10.77 -0.47 9.84
C PRO A 35 -11.63 -1.64 9.31
N HIS A 36 -12.42 -1.40 8.27
CA HIS A 36 -13.17 -2.39 7.48
C HIS A 36 -12.31 -3.07 6.40
N ALA A 37 -11.09 -2.60 6.16
CA ALA A 37 -10.08 -3.27 5.32
C ALA A 37 -8.63 -3.18 5.82
N ILE A 38 -8.34 -2.32 6.80
CA ILE A 38 -7.10 -2.35 7.61
C ILE A 38 -7.51 -2.18 9.09
N LYS A 39 -8.01 -3.23 9.73
CA LYS A 39 -8.52 -3.21 11.11
C LYS A 39 -7.43 -2.86 12.12
N CYS A 40 -6.28 -3.52 12.00
CA CYS A 40 -5.06 -3.22 12.75
C CYS A 40 -3.81 -3.34 11.87
N VAL A 41 -2.83 -2.50 12.17
CA VAL A 41 -1.44 -2.63 11.74
C VAL A 41 -0.54 -2.61 12.98
N LYS A 42 0.51 -3.43 12.95
CA LYS A 42 1.57 -3.41 13.95
C LYS A 42 2.91 -3.77 13.35
N ILE A 43 4.00 -3.20 13.85
CA ILE A 43 5.35 -3.65 13.51
C ILE A 43 5.67 -4.93 14.26
N LEU A 44 6.03 -5.99 13.52
CA LEU A 44 6.67 -7.18 14.08
C LEU A 44 8.17 -6.95 14.33
N GLU A 45 8.85 -6.23 13.43
CA GLU A 45 10.31 -6.04 13.48
C GLU A 45 10.75 -4.74 12.79
N GLY A 46 11.70 -4.01 13.37
CA GLY A 46 12.22 -2.75 12.80
C GLY A 46 11.54 -1.49 13.34
N ASP A 47 11.67 -0.38 12.61
CA ASP A 47 11.18 0.94 13.01
C ASP A 47 10.76 1.86 11.82
N GLY A 48 10.96 1.43 10.57
CA GLY A 48 10.81 2.24 9.36
C GLY A 48 11.99 2.10 8.39
N CYS A 49 13.17 1.66 8.85
CA CYS A 49 14.30 1.34 7.97
C CYS A 49 13.94 0.20 6.99
N ALA A 50 14.59 0.15 5.82
CA ALA A 50 14.42 -0.92 4.85
C ALA A 50 14.65 -2.29 5.51
N GLY A 51 13.72 -3.24 5.29
CA GLY A 51 13.63 -4.50 6.03
C GLY A 51 12.68 -4.48 7.24
N THR A 52 11.98 -3.37 7.51
CA THR A 52 11.00 -3.28 8.63
C THR A 52 9.73 -4.06 8.29
N ILE A 53 9.29 -4.97 9.15
CA ILE A 53 8.10 -5.79 8.93
C ILE A 53 6.93 -5.28 9.76
N LYS A 54 5.83 -4.96 9.08
CA LYS A 54 4.48 -4.84 9.63
C LYS A 54 3.68 -6.13 9.38
N GLU A 55 2.68 -6.36 10.21
CA GLU A 55 1.63 -7.33 9.94
C GLU A 55 0.24 -6.70 10.14
N VAL A 56 -0.62 -7.03 9.19
CA VAL A 56 -1.90 -6.40 8.87
C VAL A 56 -3.03 -7.36 9.19
N THR A 57 -4.03 -6.89 9.94
CA THR A 57 -5.33 -7.56 10.12
C THR A 57 -6.35 -6.75 9.34
N PHE A 58 -6.97 -7.32 8.29
CA PHE A 58 -7.81 -6.55 7.36
C PHE A 58 -9.15 -6.08 7.96
N GLY A 59 -9.93 -6.96 8.58
CA GLY A 59 -11.27 -6.66 9.10
C GLY A 59 -11.59 -7.22 10.49
N GLU A 60 -10.77 -8.16 10.98
CA GLU A 60 -11.01 -9.01 12.15
C GLU A 60 -12.41 -9.66 12.14
N GLY A 61 -12.66 -10.44 11.08
CA GLY A 61 -13.90 -11.18 10.88
C GLY A 61 -13.79 -12.22 9.78
N SER A 62 -14.90 -12.87 9.43
CA SER A 62 -14.98 -13.88 8.36
C SER A 62 -14.73 -13.32 6.95
N HIS A 63 -14.84 -12.01 6.76
CA HIS A 63 -14.73 -11.35 5.45
C HIS A 63 -13.32 -11.42 4.85
N HIS A 64 -12.28 -11.26 5.66
CA HIS A 64 -10.88 -11.42 5.24
C HIS A 64 -9.94 -11.63 6.45
N LYS A 65 -8.69 -12.03 6.17
CA LYS A 65 -7.70 -12.50 7.15
C LYS A 65 -6.59 -11.46 7.39
N CYS A 66 -5.34 -11.81 7.09
CA CYS A 66 -4.15 -11.05 7.47
C CYS A 66 -3.02 -11.14 6.43
N VAL A 67 -2.03 -10.24 6.56
CA VAL A 67 -0.87 -10.14 5.66
C VAL A 67 0.37 -9.65 6.39
N LYS A 68 1.53 -10.20 6.05
CA LYS A 68 2.84 -9.66 6.45
C LYS A 68 3.44 -8.82 5.33
N GLN A 69 4.04 -7.70 5.71
CA GLN A 69 4.36 -6.60 4.81
C GLN A 69 5.69 -5.94 5.21
N ARG A 70 6.74 -6.13 4.41
CA ARG A 70 8.08 -5.58 4.66
C ARG A 70 8.28 -4.26 3.91
N VAL A 71 8.55 -3.17 4.63
CA VAL A 71 8.99 -1.88 4.08
C VAL A 71 10.37 -2.08 3.45
N ASP A 72 10.46 -1.83 2.15
CA ASP A 72 11.65 -2.10 1.31
C ASP A 72 12.48 -0.82 1.05
N ALA A 73 11.84 0.35 0.96
CA ALA A 73 12.51 1.67 0.96
C ALA A 73 11.53 2.85 1.14
N ILE A 74 11.64 3.60 2.24
CA ILE A 74 11.18 4.98 2.37
C ILE A 74 12.27 5.90 1.77
N ASP A 75 11.99 6.61 0.67
CA ASP A 75 12.94 7.52 0.03
C ASP A 75 12.31 8.87 -0.37
N LYS A 76 12.59 9.90 0.42
CA LYS A 76 11.98 11.24 0.36
C LYS A 76 12.41 12.07 -0.85
N ASP A 77 13.42 11.67 -1.61
CA ASP A 77 13.97 12.50 -2.70
C ASP A 77 13.16 12.50 -4.02
N ASN A 78 12.04 11.77 -4.07
CA ASN A 78 11.31 11.48 -5.31
C ASN A 78 9.87 12.00 -5.41
N LEU A 79 8.97 11.99 -4.41
CA LEU A 79 8.98 11.22 -3.17
C LEU A 79 8.55 9.77 -3.47
N THR A 80 9.16 8.74 -2.87
CA THR A 80 8.82 7.33 -3.15
C THR A 80 8.72 6.46 -1.91
N TYR A 81 7.99 5.35 -2.05
CA TYR A 81 7.85 4.31 -1.04
C TYR A 81 7.76 2.94 -1.69
N SER A 82 8.53 1.98 -1.20
CA SER A 82 8.44 0.57 -1.59
C SER A 82 8.21 -0.32 -0.39
N TYR A 83 7.34 -1.32 -0.56
CA TYR A 83 7.06 -2.35 0.43
C TYR A 83 6.53 -3.60 -0.25
N THR A 84 6.71 -4.76 0.37
CA THR A 84 6.35 -6.05 -0.21
C THR A 84 5.41 -6.81 0.71
N ILE A 85 4.28 -7.29 0.19
CA ILE A 85 3.53 -8.37 0.84
C ILE A 85 4.34 -9.65 0.69
N ILE A 86 4.92 -10.08 1.81
CA ILE A 86 5.91 -11.16 1.91
C ILE A 86 5.26 -12.52 2.25
N GLU A 87 4.17 -12.49 3.02
CA GLU A 87 3.42 -13.65 3.48
C GLU A 87 1.96 -13.23 3.77
N GLY A 88 1.03 -14.18 3.86
CA GLY A 88 -0.37 -13.95 4.22
C GLY A 88 -1.38 -14.40 3.16
N ASP A 89 -2.66 -14.36 3.53
CA ASP A 89 -3.78 -14.94 2.77
C ASP A 89 -3.99 -14.36 1.37
N VAL A 90 -3.48 -13.15 1.13
CA VAL A 90 -3.50 -12.50 -0.20
C VAL A 90 -2.65 -13.25 -1.22
N LEU A 91 -1.51 -13.84 -0.80
CA LEU A 91 -0.61 -14.56 -1.71
C LEU A 91 -1.18 -15.94 -2.06
N ALA A 92 -1.56 -16.71 -1.03
CA ALA A 92 -2.14 -18.05 -1.13
C ALA A 92 -1.30 -19.03 -2.00
N GLU A 93 -1.94 -20.07 -2.54
CA GLU A 93 -1.40 -20.94 -3.59
C GLU A 93 -1.19 -20.25 -4.96
N LYS A 94 -1.19 -18.91 -5.05
CA LYS A 94 -1.25 -18.12 -6.29
C LYS A 94 -0.05 -17.19 -6.48
N PHE A 95 -0.08 -16.03 -5.86
CA PHE A 95 1.04 -15.08 -5.88
C PHE A 95 2.13 -15.51 -4.91
N GLU A 96 3.28 -14.86 -4.95
CA GLU A 96 4.34 -15.09 -3.96
C GLU A 96 5.06 -13.81 -3.51
N SER A 97 5.02 -12.69 -4.25
CA SER A 97 5.34 -11.40 -3.60
C SER A 97 4.78 -10.16 -4.32
N ILE A 98 3.89 -9.47 -3.61
CA ILE A 98 3.26 -8.24 -4.09
C ILE A 98 4.09 -7.04 -3.63
N SER A 99 5.10 -6.68 -4.44
CA SER A 99 6.06 -5.61 -4.14
C SER A 99 5.64 -4.29 -4.79
N TYR A 100 5.14 -3.38 -3.98
CA TYR A 100 4.67 -2.06 -4.36
C TYR A 100 5.84 -1.08 -4.58
N HIS A 101 5.63 -0.16 -5.51
CA HIS A 101 6.55 0.87 -5.95
C HIS A 101 5.75 2.16 -6.17
N ILE A 102 5.58 2.93 -5.10
CA ILE A 102 4.86 4.22 -5.11
C ILE A 102 5.84 5.34 -5.49
N LYS A 103 5.44 6.20 -6.43
CA LYS A 103 5.95 7.59 -6.54
C LYS A 103 4.82 8.58 -6.28
N ILE A 104 5.07 9.59 -5.45
CA ILE A 104 4.15 10.71 -5.19
C ILE A 104 4.69 11.96 -5.89
N VAL A 105 3.78 12.69 -6.56
CA VAL A 105 4.09 13.80 -7.47
C VAL A 105 3.11 14.96 -7.23
N ALA A 106 3.56 16.21 -7.35
CA ALA A 106 2.69 17.39 -7.37
C ALA A 106 1.69 17.34 -8.55
N CYS A 107 0.46 17.82 -8.36
CA CYS A 107 -0.49 18.02 -9.48
C CYS A 107 -1.07 19.46 -9.47
N PRO A 108 -1.36 20.02 -10.65
CA PRO A 108 -1.63 21.46 -10.84
C PRO A 108 -2.88 21.96 -10.09
N ASP A 109 -3.76 21.05 -9.70
CA ASP A 109 -4.94 21.31 -8.87
C ASP A 109 -4.61 21.83 -7.46
N GLY A 110 -3.34 21.77 -7.04
CA GLY A 110 -2.94 21.94 -5.63
C GLY A 110 -3.03 20.63 -4.83
N GLY A 111 -3.19 19.51 -5.52
CA GLY A 111 -3.19 18.15 -4.97
C GLY A 111 -1.93 17.38 -5.38
N SER A 112 -2.06 16.06 -5.56
CA SER A 112 -0.98 15.16 -5.96
C SER A 112 -1.44 14.06 -6.91
N ILE A 113 -0.48 13.34 -7.51
CA ILE A 113 -0.68 12.02 -8.10
C ILE A 113 0.15 11.00 -7.31
N CYS A 114 -0.48 9.89 -6.93
CA CYS A 114 0.18 8.75 -6.28
C CYS A 114 0.24 7.59 -7.30
N LYS A 115 1.39 7.42 -7.94
CA LYS A 115 1.65 6.36 -8.95
C LYS A 115 2.07 5.07 -8.26
N ASN A 116 1.09 4.21 -7.95
CA ASN A 116 1.33 2.95 -7.26
C ASN A 116 1.56 1.80 -8.26
N ARG A 117 2.80 1.60 -8.73
CA ARG A 117 3.16 0.33 -9.41
C ARG A 117 3.19 -0.82 -8.39
N SER A 118 2.97 -2.05 -8.84
CA SER A 118 3.19 -3.24 -8.01
C SER A 118 3.55 -4.49 -8.82
N ILE A 119 4.61 -5.16 -8.38
CA ILE A 119 4.93 -6.55 -8.71
C ILE A 119 4.05 -7.49 -7.84
N TYR A 120 4.08 -8.80 -8.05
CA TYR A 120 3.17 -9.86 -7.57
C TYR A 120 3.85 -11.26 -7.74
N THR A 121 5.19 -11.34 -7.88
CA THR A 121 5.98 -12.50 -8.34
C THR A 121 5.38 -13.84 -7.92
N THR A 122 4.96 -14.68 -8.86
CA THR A 122 4.08 -15.82 -8.57
C THR A 122 4.85 -17.04 -8.09
N LYS A 123 4.18 -17.90 -7.33
CA LYS A 123 4.54 -19.32 -7.21
C LYS A 123 3.86 -20.14 -8.32
N GLY A 124 4.40 -21.30 -8.66
CA GLY A 124 3.72 -22.31 -9.51
C GLY A 124 3.23 -21.86 -10.89
N ASP A 125 3.73 -20.74 -11.44
CA ASP A 125 3.21 -20.07 -12.65
C ASP A 125 1.72 -19.67 -12.59
N CYS A 126 1.16 -19.50 -11.39
CA CYS A 126 -0.29 -19.48 -11.18
C CYS A 126 -1.02 -18.36 -11.93
N LYS A 127 -2.00 -18.76 -12.74
CA LYS A 127 -2.90 -17.88 -13.50
C LYS A 127 -3.97 -17.31 -12.58
N VAL A 128 -4.23 -16.01 -12.66
CA VAL A 128 -5.20 -15.30 -11.80
C VAL A 128 -6.10 -14.39 -12.63
N SER A 129 -7.38 -14.34 -12.28
CA SER A 129 -8.33 -13.44 -12.92
C SER A 129 -8.07 -11.98 -12.56
N GLU A 130 -8.19 -11.10 -13.56
CA GLU A 130 -8.19 -9.64 -13.39
C GLU A 130 -9.34 -9.18 -12.48
N GLU A 131 -10.37 -9.99 -12.26
CA GLU A 131 -11.44 -9.71 -11.30
C GLU A 131 -10.99 -9.90 -9.85
N GLU A 132 -10.07 -10.82 -9.57
CA GLU A 132 -9.45 -10.96 -8.25
C GLU A 132 -8.46 -9.80 -8.02
N ILE A 133 -7.71 -9.41 -9.07
CA ILE A 133 -6.85 -8.22 -9.06
C ILE A 133 -7.67 -6.97 -8.72
N LYS A 134 -8.88 -6.85 -9.29
CA LYS A 134 -9.90 -5.85 -8.95
C LYS A 134 -10.22 -5.86 -7.45
N LEU A 135 -10.50 -7.01 -6.82
CA LEU A 135 -10.80 -7.04 -5.37
C LEU A 135 -9.64 -6.52 -4.51
N GLY A 136 -8.38 -6.74 -4.91
CA GLY A 136 -7.19 -6.20 -4.23
C GLY A 136 -6.99 -4.70 -4.48
N LYS A 137 -7.06 -4.29 -5.76
CA LYS A 137 -6.99 -2.89 -6.20
C LYS A 137 -8.07 -2.01 -5.57
N GLU A 138 -9.29 -2.53 -5.48
CA GLU A 138 -10.46 -1.78 -5.03
C GLU A 138 -10.51 -1.60 -3.51
N LYS A 139 -10.04 -2.58 -2.71
CA LYS A 139 -9.83 -2.34 -1.27
C LYS A 139 -8.68 -1.35 -1.04
N ALA A 140 -7.60 -1.41 -1.82
CA ALA A 140 -6.51 -0.43 -1.76
C ALA A 140 -6.99 0.99 -2.13
N ALA A 141 -7.82 1.14 -3.16
CA ALA A 141 -8.46 2.40 -3.53
C ALA A 141 -9.43 2.91 -2.44
N GLU A 142 -10.20 2.02 -1.79
CA GLU A 142 -11.08 2.41 -0.70
C GLU A 142 -10.32 2.85 0.56
N ILE A 143 -9.22 2.17 0.90
CA ILE A 143 -8.29 2.61 1.95
C ILE A 143 -7.71 3.99 1.57
N PHE A 144 -7.22 4.15 0.33
CA PHE A 144 -6.63 5.40 -0.15
C PHE A 144 -7.61 6.57 -0.06
N LYS A 145 -8.83 6.39 -0.59
CA LYS A 145 -9.85 7.45 -0.62
C LYS A 145 -10.36 7.79 0.78
N ALA A 146 -10.36 6.84 1.72
CA ALA A 146 -10.61 7.09 3.13
C ALA A 146 -9.49 7.91 3.81
N LEU A 147 -8.22 7.72 3.46
CA LEU A 147 -7.14 8.59 3.96
C LEU A 147 -7.33 10.01 3.39
N GLU A 148 -7.56 10.12 2.07
CA GLU A 148 -7.87 11.39 1.41
C GLU A 148 -9.09 12.10 2.03
N ALA A 149 -10.12 11.38 2.47
CA ALA A 149 -11.32 11.99 3.05
C ALA A 149 -11.00 12.76 4.36
N TYR A 150 -10.13 12.20 5.22
CA TYR A 150 -9.58 12.91 6.38
C TYR A 150 -8.66 14.07 5.93
N LEU A 151 -7.77 13.76 4.99
CA LEU A 151 -6.79 14.70 4.42
C LEU A 151 -7.39 15.84 3.58
N LEU A 152 -8.66 15.79 3.21
CA LEU A 152 -9.39 16.90 2.57
C LEU A 152 -9.98 17.86 3.62
N ALA A 153 -10.41 17.35 4.77
CA ALA A 153 -10.81 18.19 5.92
C ALA A 153 -9.59 18.90 6.54
N ASN A 154 -8.56 18.13 6.88
CA ASN A 154 -7.27 18.60 7.38
C ASN A 154 -6.10 17.86 6.70
N PRO A 155 -5.46 18.42 5.65
CA PRO A 155 -4.32 17.77 4.98
C PRO A 155 -3.06 17.66 5.86
N ASP A 156 -2.95 18.45 6.92
CA ASP A 156 -1.87 18.36 7.89
C ASP A 156 -2.10 17.21 8.91
N TYR A 157 -1.85 15.97 8.49
CA TYR A 157 -1.64 14.86 9.43
C TYR A 157 -0.45 15.17 10.34
N CYS A 158 -0.63 15.06 11.67
CA CYS A 158 0.37 15.40 12.69
C CYS A 158 0.42 14.35 13.79
N GLY A 1 7.08 -18.29 -12.33
CA GLY A 1 5.92 -17.52 -12.80
C GLY A 1 5.69 -16.31 -11.94
N VAL A 2 4.96 -15.32 -12.47
CA VAL A 2 4.62 -14.10 -11.74
C VAL A 2 3.34 -13.45 -12.27
N VAL A 3 2.53 -12.89 -11.37
CA VAL A 3 1.51 -11.90 -11.77
C VAL A 3 1.99 -10.48 -11.44
N THR A 4 1.57 -9.48 -12.22
CA THR A 4 1.91 -8.06 -12.07
C THR A 4 0.84 -7.18 -12.70
N TYR A 5 0.37 -6.17 -11.95
CA TYR A 5 -0.69 -5.22 -12.34
C TYR A 5 -0.55 -3.89 -11.56
N ASP A 6 -1.34 -2.86 -11.89
CA ASP A 6 -1.18 -1.52 -11.33
C ASP A 6 -2.47 -0.65 -11.28
N MET A 7 -2.37 0.45 -10.54
CA MET A 7 -3.35 1.54 -10.44
C MET A 7 -2.62 2.88 -10.19
N GLU A 8 -2.23 3.57 -11.26
CA GLU A 8 -1.80 4.97 -11.17
C GLU A 8 -3.00 5.92 -11.13
N ILE A 9 -3.09 6.73 -10.08
CA ILE A 9 -4.28 7.53 -9.75
C ILE A 9 -3.91 8.95 -9.27
N PRO A 10 -4.57 10.01 -9.77
CA PRO A 10 -4.48 11.36 -9.19
C PRO A 10 -5.07 11.41 -7.77
N SER A 11 -4.59 12.30 -6.91
CA SER A 11 -5.09 12.44 -5.53
C SER A 11 -5.17 13.88 -5.02
N LYS A 12 -6.19 14.14 -4.18
CA LYS A 12 -6.58 15.46 -3.61
C LYS A 12 -5.62 16.02 -2.54
N VAL A 13 -4.38 15.55 -2.50
CA VAL A 13 -3.38 15.90 -1.48
C VAL A 13 -1.98 16.07 -2.11
N PRO A 14 -1.19 17.09 -1.71
CA PRO A 14 0.14 17.36 -2.26
C PRO A 14 1.14 16.18 -2.12
N PRO A 15 2.13 16.03 -3.03
CA PRO A 15 2.93 14.81 -3.15
C PRO A 15 3.78 14.48 -1.91
N VAL A 16 4.36 15.48 -1.26
CA VAL A 16 5.19 15.28 -0.06
C VAL A 16 4.32 14.96 1.16
N LYS A 17 3.06 15.40 1.15
CA LYS A 17 2.03 15.00 2.13
C LYS A 17 1.48 13.59 1.87
N LEU A 18 1.35 13.16 0.61
CA LEU A 18 1.17 11.73 0.29
C LEU A 18 2.37 10.92 0.82
N TYR A 19 3.59 11.42 0.66
CA TYR A 19 4.75 10.70 1.18
C TYR A 19 4.76 10.64 2.72
N LYS A 20 4.54 11.76 3.42
CA LYS A 20 4.44 11.76 4.89
C LYS A 20 3.32 10.84 5.38
N ALA A 21 2.10 11.01 4.88
CA ALA A 21 0.92 10.33 5.41
C ALA A 21 0.73 8.90 4.88
N PHE A 22 0.74 8.72 3.57
CA PHE A 22 0.46 7.45 2.91
C PHE A 22 1.63 6.48 3.06
N ILE A 23 2.86 6.99 2.90
CA ILE A 23 4.08 6.17 2.95
C ILE A 23 4.66 6.13 4.37
N LEU A 24 5.03 7.28 4.95
CA LEU A 24 5.69 7.34 6.25
C LEU A 24 4.72 7.18 7.43
N ASP A 25 3.41 7.09 7.18
CA ASP A 25 2.48 6.49 8.12
C ASP A 25 1.46 5.54 7.48
N GLY A 26 1.87 4.84 6.41
CA GLY A 26 1.27 3.58 5.95
C GLY A 26 1.42 2.41 6.95
N ASP A 27 1.61 2.75 8.23
CA ASP A 27 1.83 1.87 9.37
C ASP A 27 0.74 2.06 10.43
N THR A 28 0.11 3.25 10.52
CA THR A 28 -0.99 3.55 11.48
C THR A 28 -2.11 4.45 10.94
N LEU A 29 -1.92 5.16 9.81
CA LEU A 29 -3.03 5.80 9.09
C LEU A 29 -3.83 4.79 8.27
N VAL A 30 -3.15 3.90 7.53
CA VAL A 30 -3.79 2.91 6.65
C VAL A 30 -4.85 1.99 7.31
N PRO A 31 -4.78 1.62 8.62
CA PRO A 31 -5.92 1.02 9.31
C PRO A 31 -6.96 2.06 9.74
N LYS A 32 -6.53 3.15 10.42
CA LYS A 32 -7.40 3.94 11.29
C LYS A 32 -8.60 4.56 10.56
N VAL A 33 -8.44 4.96 9.30
CA VAL A 33 -9.49 5.55 8.46
C VAL A 33 -10.33 4.53 7.68
N LEU A 34 -9.93 3.26 7.57
CA LEU A 34 -10.69 2.21 6.88
C LEU A 34 -10.55 0.82 7.55
N PRO A 35 -10.88 0.70 8.86
CA PRO A 35 -10.71 -0.55 9.58
C PRO A 35 -11.78 -1.60 9.21
N HIS A 36 -12.70 -1.27 8.30
CA HIS A 36 -13.57 -2.22 7.61
C HIS A 36 -12.78 -3.21 6.73
N ALA A 37 -11.54 -2.87 6.34
CA ALA A 37 -10.68 -3.73 5.52
C ALA A 37 -9.20 -3.78 5.93
N ILE A 38 -8.73 -2.88 6.80
CA ILE A 38 -7.46 -3.02 7.52
C ILE A 38 -7.75 -2.79 9.02
N LYS A 39 -8.41 -3.75 9.67
CA LYS A 39 -8.91 -3.67 11.06
C LYS A 39 -7.85 -3.13 12.02
N CYS A 40 -6.65 -3.68 11.94
CA CYS A 40 -5.42 -3.15 12.55
C CYS A 40 -4.20 -3.45 11.67
N VAL A 41 -3.17 -2.63 11.83
CA VAL A 41 -1.78 -2.93 11.46
C VAL A 41 -0.93 -2.92 12.72
N LYS A 42 0.08 -3.79 12.78
CA LYS A 42 1.21 -3.64 13.70
C LYS A 42 2.50 -4.04 13.01
N ILE A 43 3.62 -3.88 13.70
CA ILE A 43 4.94 -4.32 13.25
C ILE A 43 5.43 -5.47 14.14
N LEU A 44 5.79 -6.59 13.51
CA LEU A 44 6.44 -7.72 14.16
C LEU A 44 7.94 -7.45 14.38
N GLU A 45 8.62 -6.82 13.41
CA GLU A 45 10.06 -6.61 13.42
C GLU A 45 10.46 -5.32 12.70
N GLY A 46 11.43 -4.58 13.25
CA GLY A 46 11.84 -3.26 12.79
C GLY A 46 10.87 -2.15 13.21
N ASP A 47 10.89 -1.05 12.48
CA ASP A 47 10.03 0.14 12.69
C ASP A 47 9.89 1.04 11.44
N GLY A 48 10.66 0.82 10.37
CA GLY A 48 10.51 1.54 9.09
C GLY A 48 11.65 1.38 8.07
N CYS A 49 12.78 0.76 8.42
CA CYS A 49 13.85 0.45 7.46
C CYS A 49 13.45 -0.67 6.47
N ALA A 50 14.18 -0.80 5.36
CA ALA A 50 14.10 -1.96 4.48
C ALA A 50 14.33 -3.27 5.27
N GLY A 51 13.40 -4.21 5.18
CA GLY A 51 13.31 -5.41 6.01
C GLY A 51 12.29 -5.34 7.16
N THR A 52 11.58 -4.21 7.33
CA THR A 52 10.60 -4.04 8.43
C THR A 52 9.34 -4.85 8.17
N ILE A 53 8.90 -5.69 9.10
CA ILE A 53 7.75 -6.60 8.92
C ILE A 53 6.50 -6.03 9.59
N LYS A 54 5.54 -5.57 8.79
CA LYS A 54 4.15 -5.32 9.20
C LYS A 54 3.33 -6.62 9.23
N GLU A 55 2.32 -6.64 10.10
CA GLU A 55 1.29 -7.68 10.18
C GLU A 55 -0.09 -7.01 10.18
N VAL A 56 -1.02 -7.60 9.42
CA VAL A 56 -2.32 -7.03 9.06
C VAL A 56 -3.44 -8.03 9.38
N THR A 57 -4.50 -7.60 10.06
CA THR A 57 -5.79 -8.29 10.08
C THR A 57 -6.82 -7.40 9.39
N PHE A 58 -7.61 -7.96 8.47
CA PHE A 58 -8.44 -7.16 7.55
C PHE A 58 -9.75 -6.67 8.17
N GLY A 59 -10.51 -7.53 8.83
CA GLY A 59 -11.83 -7.22 9.41
C GLY A 59 -12.28 -8.06 10.61
N GLU A 60 -11.56 -9.13 10.98
CA GLU A 60 -11.95 -10.18 11.95
C GLU A 60 -13.30 -10.83 11.65
N GLY A 61 -13.31 -12.00 11.00
CA GLY A 61 -14.52 -12.75 10.69
C GLY A 61 -14.32 -13.88 9.68
N SER A 62 -15.42 -14.39 9.14
CA SER A 62 -15.45 -15.38 8.06
C SER A 62 -15.30 -14.78 6.66
N HIS A 63 -15.37 -13.44 6.53
CA HIS A 63 -15.21 -12.71 5.27
C HIS A 63 -13.76 -12.67 4.77
N HIS A 64 -12.79 -12.34 5.61
CA HIS A 64 -11.35 -12.43 5.31
C HIS A 64 -10.49 -12.57 6.58
N LYS A 65 -9.24 -13.01 6.41
CA LYS A 65 -8.32 -13.41 7.49
C LYS A 65 -7.23 -12.35 7.76
N CYS A 66 -5.97 -12.65 7.48
CA CYS A 66 -4.82 -11.81 7.86
C CYS A 66 -3.60 -12.04 6.94
N VAL A 67 -2.62 -11.14 7.05
CA VAL A 67 -1.40 -11.06 6.21
C VAL A 67 -0.17 -10.64 6.99
N LYS A 68 1.01 -10.99 6.47
CA LYS A 68 2.33 -10.49 6.88
C LYS A 68 3.04 -9.86 5.70
N GLN A 69 3.71 -8.74 5.93
CA GLN A 69 4.07 -7.79 4.88
C GLN A 69 5.36 -7.04 5.20
N ARG A 70 6.44 -7.29 4.45
CA ARG A 70 7.76 -6.70 4.65
C ARG A 70 7.93 -5.44 3.80
N VAL A 71 8.19 -4.28 4.41
CA VAL A 71 8.69 -3.07 3.73
C VAL A 71 10.07 -3.38 3.18
N ASP A 72 10.21 -3.36 1.85
CA ASP A 72 11.45 -3.61 1.12
C ASP A 72 12.23 -2.32 0.83
N ALA A 73 11.54 -1.19 0.70
CA ALA A 73 12.16 0.08 0.34
C ALA A 73 11.35 1.29 0.82
N ILE A 74 12.02 2.28 1.38
CA ILE A 74 11.57 3.66 1.50
C ILE A 74 12.66 4.57 0.92
N ASP A 75 12.39 5.31 -0.16
CA ASP A 75 13.34 6.27 -0.74
C ASP A 75 12.66 7.59 -1.11
N LYS A 76 12.77 8.57 -0.21
CA LYS A 76 12.14 9.89 -0.28
C LYS A 76 12.60 10.72 -1.48
N ASP A 77 13.74 10.39 -2.09
CA ASP A 77 14.34 11.16 -3.19
C ASP A 77 13.49 11.22 -4.46
N ASN A 78 12.61 10.24 -4.68
CA ASN A 78 12.04 9.94 -6.01
C ASN A 78 10.58 10.38 -6.27
N LEU A 79 9.62 10.44 -5.34
CA LEU A 79 9.54 9.80 -4.02
C LEU A 79 8.94 8.39 -4.18
N THR A 80 9.57 7.35 -3.62
CA THR A 80 9.19 5.93 -3.86
C THR A 80 9.13 5.06 -2.61
N TYR A 81 8.46 3.93 -2.73
CA TYR A 81 8.19 2.95 -1.66
C TYR A 81 8.03 1.53 -2.22
N SER A 82 8.37 0.50 -1.44
CA SER A 82 8.06 -0.90 -1.76
C SER A 82 7.75 -1.70 -0.51
N TYR A 83 6.74 -2.56 -0.59
CA TYR A 83 6.36 -3.48 0.48
C TYR A 83 5.72 -4.75 -0.10
N THR A 84 6.04 -5.89 0.50
CA THR A 84 5.74 -7.19 -0.07
C THR A 84 4.96 -8.05 0.90
N ILE A 85 3.78 -8.53 0.50
CA ILE A 85 3.07 -9.56 1.25
C ILE A 85 3.90 -10.85 1.16
N ILE A 86 4.54 -11.19 2.27
CA ILE A 86 5.44 -12.33 2.42
C ILE A 86 4.71 -13.61 2.82
N GLU A 87 3.56 -13.49 3.49
CA GLU A 87 2.75 -14.63 3.98
C GLU A 87 1.31 -14.18 4.21
N GLY A 88 0.35 -15.09 4.10
CA GLY A 88 -1.03 -14.88 4.52
C GLY A 88 -2.09 -15.40 3.55
N ASP A 89 -3.35 -15.30 3.98
CA ASP A 89 -4.52 -15.84 3.29
C ASP A 89 -4.85 -15.13 1.95
N VAL A 90 -4.15 -14.04 1.64
CA VAL A 90 -4.20 -13.36 0.33
C VAL A 90 -3.30 -14.04 -0.70
N LEU A 91 -2.20 -14.69 -0.28
CA LEU A 91 -1.32 -15.40 -1.23
C LEU A 91 -1.96 -16.71 -1.70
N ALA A 92 -2.56 -17.48 -0.78
CA ALA A 92 -3.43 -18.63 -1.08
C ALA A 92 -2.78 -19.68 -2.00
N GLU A 93 -3.57 -20.50 -2.70
CA GLU A 93 -3.05 -21.39 -3.77
C GLU A 93 -2.64 -20.66 -5.06
N LYS A 94 -2.51 -19.33 -5.06
CA LYS A 94 -2.41 -18.49 -6.26
C LYS A 94 -1.05 -17.80 -6.39
N PHE A 95 -0.71 -16.96 -5.42
CA PHE A 95 0.46 -16.11 -5.42
C PHE A 95 1.55 -16.66 -4.48
N GLU A 96 2.76 -16.12 -4.58
CA GLU A 96 3.87 -16.39 -3.65
C GLU A 96 4.60 -15.11 -3.20
N SER A 97 4.45 -13.96 -3.89
CA SER A 97 4.75 -12.66 -3.24
C SER A 97 4.10 -11.45 -3.94
N ILE A 98 3.20 -10.78 -3.22
CA ILE A 98 2.53 -9.56 -3.71
C ILE A 98 3.37 -8.35 -3.31
N SER A 99 4.30 -7.98 -4.19
CA SER A 99 5.31 -6.93 -3.98
C SER A 99 4.88 -5.61 -4.60
N TYR A 100 4.31 -4.73 -3.77
CA TYR A 100 3.90 -3.39 -4.15
C TYR A 100 5.11 -2.47 -4.41
N HIS A 101 4.93 -1.55 -5.35
CA HIS A 101 5.89 -0.53 -5.77
C HIS A 101 5.15 0.77 -6.02
N ILE A 102 5.34 1.77 -5.17
CA ILE A 102 4.68 3.08 -5.29
C ILE A 102 5.70 4.14 -5.71
N LYS A 103 5.33 4.99 -6.66
CA LYS A 103 5.98 6.28 -6.96
C LYS A 103 4.97 7.41 -6.83
N ILE A 104 5.35 8.51 -6.18
CA ILE A 104 4.51 9.70 -6.01
C ILE A 104 5.08 10.88 -6.79
N VAL A 105 4.19 11.65 -7.43
CA VAL A 105 4.48 12.75 -8.35
C VAL A 105 3.53 13.91 -8.07
N ALA A 106 3.95 15.16 -8.29
CA ALA A 106 3.08 16.33 -8.16
C ALA A 106 1.94 16.34 -9.20
N CYS A 107 0.85 17.04 -8.91
CA CYS A 107 -0.15 17.48 -9.90
C CYS A 107 -0.49 18.96 -9.65
N PRO A 108 -0.88 19.75 -10.67
CA PRO A 108 -1.08 21.19 -10.55
C PRO A 108 -2.37 21.58 -9.81
N ASP A 109 -3.31 20.65 -9.67
CA ASP A 109 -4.63 20.81 -9.05
C ASP A 109 -4.57 20.94 -7.50
N GLY A 110 -3.43 21.29 -6.92
CA GLY A 110 -3.20 21.27 -5.47
C GLY A 110 -3.04 19.87 -4.90
N GLY A 111 -2.60 18.91 -5.71
CA GLY A 111 -2.60 17.49 -5.40
C GLY A 111 -1.37 16.75 -5.92
N SER A 112 -1.54 15.47 -6.19
CA SER A 112 -0.49 14.54 -6.64
C SER A 112 -1.02 13.50 -7.61
N ILE A 113 -0.13 12.68 -8.16
CA ILE A 113 -0.42 11.41 -8.86
C ILE A 113 0.42 10.32 -8.19
N CYS A 114 -0.20 9.17 -7.91
CA CYS A 114 0.39 8.06 -7.17
C CYS A 114 0.33 6.77 -8.01
N LYS A 115 1.49 6.31 -8.47
CA LYS A 115 1.68 5.14 -9.34
C LYS A 115 1.75 3.86 -8.51
N ASN A 116 0.61 3.26 -8.17
CA ASN A 116 0.57 2.05 -7.34
C ASN A 116 0.73 0.78 -8.20
N ARG A 117 1.95 0.33 -8.44
CA ARG A 117 2.25 -0.99 -9.06
C ARG A 117 2.25 -2.10 -8.01
N SER A 118 2.03 -3.34 -8.44
CA SER A 118 2.34 -4.53 -7.64
C SER A 118 2.73 -5.75 -8.49
N ILE A 119 3.79 -6.43 -8.06
CA ILE A 119 4.12 -7.82 -8.42
C ILE A 119 3.28 -8.75 -7.50
N TYR A 120 3.35 -10.07 -7.68
CA TYR A 120 2.48 -11.15 -7.19
C TYR A 120 3.19 -12.52 -7.36
N THR A 121 4.52 -12.56 -7.51
CA THR A 121 5.33 -13.71 -8.02
C THR A 121 4.76 -15.06 -7.60
N THR A 122 4.29 -15.89 -8.53
CA THR A 122 3.30 -16.95 -8.26
C THR A 122 3.96 -18.24 -7.78
N LYS A 123 3.16 -19.10 -7.13
CA LYS A 123 3.48 -20.52 -6.96
C LYS A 123 2.98 -21.33 -8.16
N GLY A 124 3.75 -22.31 -8.62
CA GLY A 124 3.37 -23.25 -9.69
C GLY A 124 2.82 -22.62 -10.98
N ASP A 125 3.25 -21.39 -11.30
CA ASP A 125 2.70 -20.53 -12.36
C ASP A 125 1.16 -20.44 -12.37
N CYS A 126 0.52 -20.42 -11.19
CA CYS A 126 -0.93 -20.43 -11.10
C CYS A 126 -1.56 -19.19 -11.76
N LYS A 127 -2.58 -19.44 -12.58
CA LYS A 127 -3.35 -18.43 -13.31
C LYS A 127 -4.45 -17.88 -12.43
N VAL A 128 -4.73 -16.58 -12.54
CA VAL A 128 -5.78 -15.91 -11.76
C VAL A 128 -6.71 -15.11 -12.67
N SER A 129 -7.99 -15.07 -12.32
CA SER A 129 -9.01 -14.29 -13.01
C SER A 129 -8.73 -12.79 -12.88
N GLU A 130 -8.81 -12.06 -13.99
CA GLU A 130 -8.65 -10.60 -14.02
C GLU A 130 -9.74 -9.88 -13.19
N GLU A 131 -10.91 -10.50 -13.02
CA GLU A 131 -11.99 -9.98 -12.18
C GLU A 131 -11.67 -10.08 -10.69
N GLU A 132 -10.87 -11.06 -10.32
CA GLU A 132 -10.29 -11.24 -8.99
C GLU A 132 -9.16 -10.22 -8.74
N ILE A 133 -8.39 -9.87 -9.77
CA ILE A 133 -7.41 -8.78 -9.72
C ILE A 133 -8.10 -7.44 -9.46
N LYS A 134 -9.22 -7.17 -10.15
CA LYS A 134 -10.15 -6.07 -9.88
C LYS A 134 -10.63 -6.07 -8.43
N LEU A 135 -11.04 -7.21 -7.84
CA LEU A 135 -11.42 -7.23 -6.41
C LEU A 135 -10.30 -6.75 -5.49
N GLY A 136 -9.07 -7.24 -5.67
CA GLY A 136 -7.91 -6.85 -4.84
C GLY A 136 -7.51 -5.38 -5.03
N LYS A 137 -7.49 -4.92 -6.29
CA LYS A 137 -7.29 -3.52 -6.67
C LYS A 137 -8.34 -2.60 -6.06
N GLU A 138 -9.61 -2.98 -6.14
CA GLU A 138 -10.75 -2.16 -5.75
C GLU A 138 -10.83 -1.95 -4.24
N LYS A 139 -10.59 -2.99 -3.42
CA LYS A 139 -10.51 -2.81 -1.96
C LYS A 139 -9.29 -1.97 -1.54
N ALA A 140 -8.16 -2.08 -2.26
CA ALA A 140 -7.00 -1.21 -2.05
C ALA A 140 -7.28 0.25 -2.44
N ALA A 141 -7.96 0.50 -3.56
CA ALA A 141 -8.44 1.82 -3.97
C ALA A 141 -9.43 2.42 -2.95
N GLU A 142 -10.29 1.60 -2.37
CA GLU A 142 -11.24 1.98 -1.33
C GLU A 142 -10.57 2.36 0.00
N ILE A 143 -9.44 1.74 0.34
CA ILE A 143 -8.57 2.16 1.45
C ILE A 143 -7.84 3.46 1.09
N PHE A 144 -7.25 3.55 -0.11
CA PHE A 144 -6.52 4.72 -0.59
C PHE A 144 -7.38 6.00 -0.50
N LYS A 145 -8.61 5.92 -1.01
CA LYS A 145 -9.55 7.06 -1.05
C LYS A 145 -10.01 7.50 0.33
N ALA A 146 -10.04 6.60 1.31
CA ALA A 146 -10.29 6.95 2.71
C ALA A 146 -9.10 7.67 3.38
N LEU A 147 -7.85 7.38 2.97
CA LEU A 147 -6.69 8.13 3.45
C LEU A 147 -6.73 9.55 2.88
N GLU A 148 -6.97 9.67 1.58
CA GLU A 148 -7.20 10.94 0.88
C GLU A 148 -8.34 11.75 1.52
N ALA A 149 -9.42 11.11 1.96
CA ALA A 149 -10.54 11.82 2.59
C ALA A 149 -10.15 12.53 3.90
N TYR A 150 -9.32 11.90 4.75
CA TYR A 150 -8.71 12.59 5.90
C TYR A 150 -7.75 13.69 5.44
N LEU A 151 -6.90 13.35 4.46
CA LEU A 151 -5.86 14.19 3.87
C LEU A 151 -6.36 15.35 3.00
N LEU A 152 -7.65 15.43 2.69
CA LEU A 152 -8.27 16.60 2.08
C LEU A 152 -8.52 17.71 3.12
N ALA A 153 -9.08 17.36 4.28
CA ALA A 153 -9.28 18.29 5.39
C ALA A 153 -8.00 18.55 6.21
N ASN A 154 -7.09 17.58 6.26
CA ASN A 154 -5.89 17.58 7.10
C ASN A 154 -4.63 17.03 6.36
N PRO A 155 -4.22 17.59 5.21
CA PRO A 155 -3.06 17.10 4.44
C PRO A 155 -1.75 17.07 5.24
N ASP A 156 -1.61 17.96 6.22
CA ASP A 156 -0.53 18.02 7.20
C ASP A 156 -0.59 16.86 8.21
N TYR A 157 -0.35 15.61 7.76
CA TYR A 157 -0.22 14.47 8.67
C TYR A 157 0.98 14.67 9.61
N CYS A 158 0.71 14.88 10.90
CA CYS A 158 1.70 15.13 11.94
C CYS A 158 1.70 14.03 12.99
N GLY A 1 8.56 -18.17 -11.90
CA GLY A 1 7.44 -17.41 -12.49
C GLY A 1 7.02 -16.27 -11.58
N VAL A 2 6.56 -15.16 -12.13
CA VAL A 2 6.18 -13.96 -11.37
C VAL A 2 5.00 -13.20 -11.97
N VAL A 3 4.05 -12.75 -11.13
CA VAL A 3 3.00 -11.81 -11.59
C VAL A 3 3.37 -10.35 -11.24
N THR A 4 2.88 -9.38 -12.03
CA THR A 4 3.12 -7.93 -11.82
C THR A 4 1.95 -7.07 -12.32
N TYR A 5 1.53 -6.05 -11.54
CA TYR A 5 0.45 -5.10 -11.86
C TYR A 5 0.72 -3.68 -11.35
N ASP A 6 -0.02 -2.69 -11.84
CA ASP A 6 0.11 -1.27 -11.46
C ASP A 6 -1.24 -0.52 -11.33
N MET A 7 -1.19 0.63 -10.66
CA MET A 7 -2.33 1.51 -10.31
C MET A 7 -1.83 2.94 -10.04
N GLU A 8 -1.35 3.64 -11.06
CA GLU A 8 -0.98 5.06 -10.94
C GLU A 8 -2.22 5.95 -10.86
N ILE A 9 -2.33 6.78 -9.82
CA ILE A 9 -3.54 7.54 -9.50
C ILE A 9 -3.20 9.00 -9.09
N PRO A 10 -3.85 10.03 -9.69
CA PRO A 10 -3.80 11.40 -9.19
C PRO A 10 -4.48 11.52 -7.82
N SER A 11 -4.07 12.48 -6.97
CA SER A 11 -4.64 12.64 -5.62
C SER A 11 -4.77 14.09 -5.17
N LYS A 12 -5.83 14.38 -4.38
CA LYS A 12 -6.21 15.72 -3.87
C LYS A 12 -5.40 16.15 -2.63
N VAL A 13 -4.11 15.82 -2.61
CA VAL A 13 -3.15 16.18 -1.55
C VAL A 13 -1.74 16.25 -2.18
N PRO A 14 -0.91 17.28 -1.89
CA PRO A 14 0.39 17.48 -2.53
C PRO A 14 1.48 16.46 -2.08
N PRO A 15 2.59 16.30 -2.84
CA PRO A 15 3.44 15.10 -2.77
C PRO A 15 4.21 14.92 -1.45
N VAL A 16 4.74 15.99 -0.86
CA VAL A 16 5.44 15.93 0.44
C VAL A 16 4.45 15.59 1.57
N LYS A 17 3.20 16.07 1.49
CA LYS A 17 2.10 15.65 2.40
C LYS A 17 1.70 14.19 2.20
N LEU A 18 1.61 13.69 0.97
CA LEU A 18 1.43 12.26 0.69
C LEU A 18 2.57 11.46 1.32
N TYR A 19 3.82 11.88 1.17
CA TYR A 19 4.94 11.15 1.75
C TYR A 19 4.94 11.18 3.29
N LYS A 20 4.60 12.32 3.90
CA LYS A 20 4.43 12.44 5.36
C LYS A 20 3.36 11.49 5.88
N ALA A 21 2.16 11.59 5.34
CA ALA A 21 0.98 10.92 5.83
C ALA A 21 0.87 9.46 5.37
N PHE A 22 0.91 9.24 4.05
CA PHE A 22 0.65 7.94 3.42
C PHE A 22 1.81 6.98 3.64
N ILE A 23 3.05 7.48 3.52
CA ILE A 23 4.25 6.66 3.61
C ILE A 23 4.83 6.65 5.04
N LEU A 24 5.16 7.82 5.60
CA LEU A 24 5.79 7.88 6.92
C LEU A 24 4.81 7.65 8.07
N ASP A 25 3.50 7.82 7.86
CA ASP A 25 2.48 7.23 8.73
C ASP A 25 1.62 6.15 8.04
N GLY A 26 2.20 5.49 7.03
CA GLY A 26 1.79 4.18 6.51
C GLY A 26 1.95 3.04 7.53
N ASP A 27 1.99 3.37 8.82
CA ASP A 27 2.12 2.49 9.97
C ASP A 27 0.93 2.66 10.94
N THR A 28 0.41 3.89 11.14
CA THR A 28 -0.71 4.16 12.09
C THR A 28 -1.80 5.09 11.57
N LEU A 29 -1.57 5.88 10.51
CA LEU A 29 -2.66 6.52 9.78
C LEU A 29 -3.38 5.50 8.87
N VAL A 30 -2.64 4.65 8.15
CA VAL A 30 -3.23 3.66 7.24
C VAL A 30 -4.34 2.76 7.85
N PRO A 31 -4.33 2.38 9.14
CA PRO A 31 -5.41 1.65 9.79
C PRO A 31 -6.54 2.56 10.27
N LYS A 32 -6.21 3.71 10.87
CA LYS A 32 -7.15 4.41 11.75
C LYS A 32 -8.39 4.95 11.02
N VAL A 33 -8.22 5.37 9.77
CA VAL A 33 -9.26 5.93 8.89
C VAL A 33 -10.06 4.90 8.08
N LEU A 34 -9.60 3.64 7.97
CA LEU A 34 -10.36 2.56 7.32
C LEU A 34 -10.14 1.21 8.04
N PRO A 35 -10.59 1.11 9.30
CA PRO A 35 -10.30 -0.01 10.18
C PRO A 35 -11.01 -1.31 9.75
N HIS A 36 -11.92 -1.24 8.78
CA HIS A 36 -12.62 -2.38 8.18
C HIS A 36 -11.76 -3.14 7.18
N ALA A 37 -10.64 -2.57 6.71
CA ALA A 37 -9.70 -3.21 5.79
C ALA A 37 -8.22 -3.08 6.19
N ILE A 38 -7.89 -2.19 7.14
CA ILE A 38 -6.65 -2.26 7.94
C ILE A 38 -7.03 -2.06 9.42
N LYS A 39 -7.38 -3.16 10.09
CA LYS A 39 -7.82 -3.20 11.50
C LYS A 39 -6.73 -2.71 12.44
N CYS A 40 -5.54 -3.31 12.34
CA CYS A 40 -4.35 -2.98 13.13
C CYS A 40 -3.09 -3.17 12.29
N VAL A 41 -2.11 -2.27 12.48
CA VAL A 41 -0.74 -2.41 11.97
C VAL A 41 0.25 -2.18 13.11
N LYS A 42 1.24 -3.06 13.22
CA LYS A 42 2.33 -2.94 14.19
C LYS A 42 3.63 -3.51 13.65
N ILE A 43 4.75 -3.04 14.17
CA ILE A 43 6.09 -3.53 13.80
C ILE A 43 6.43 -4.80 14.59
N LEU A 44 6.77 -5.87 13.88
CA LEU A 44 7.40 -7.06 14.46
C LEU A 44 8.91 -6.82 14.71
N GLU A 45 9.58 -6.09 13.83
CA GLU A 45 11.03 -5.87 13.83
C GLU A 45 11.40 -4.58 13.08
N GLY A 46 12.31 -3.75 13.59
CA GLY A 46 12.74 -2.52 12.92
C GLY A 46 11.97 -1.27 13.33
N ASP A 47 11.85 -0.31 12.41
CA ASP A 47 11.34 1.06 12.67
C ASP A 47 10.95 1.87 11.41
N GLY A 48 11.25 1.38 10.21
CA GLY A 48 11.15 2.08 8.92
C GLY A 48 12.44 2.01 8.09
N CYS A 49 13.60 1.76 8.71
CA CYS A 49 14.84 1.52 7.97
C CYS A 49 14.77 0.17 7.23
N ALA A 50 15.50 0.03 6.11
CA ALA A 50 15.36 -1.08 5.17
C ALA A 50 15.49 -2.45 5.86
N GLY A 51 14.56 -3.36 5.57
CA GLY A 51 14.42 -4.64 6.28
C GLY A 51 13.55 -4.57 7.55
N THR A 52 12.81 -3.48 7.77
CA THR A 52 11.77 -3.40 8.82
C THR A 52 10.59 -4.31 8.47
N ILE A 53 9.97 -4.98 9.44
CA ILE A 53 8.80 -5.84 9.24
C ILE A 53 7.62 -5.37 10.09
N LYS A 54 6.49 -5.12 9.42
CA LYS A 54 5.15 -4.93 9.99
C LYS A 54 4.32 -6.21 9.92
N GLU A 55 3.33 -6.33 10.79
CA GLU A 55 2.21 -7.25 10.66
C GLU A 55 0.89 -6.49 10.59
N VAL A 56 0.01 -6.97 9.72
CA VAL A 56 -1.27 -6.39 9.31
C VAL A 56 -2.38 -7.36 9.70
N THR A 57 -3.40 -6.88 10.41
CA THR A 57 -4.73 -7.51 10.43
C THR A 57 -5.67 -6.66 9.59
N PHE A 58 -6.34 -7.25 8.60
CA PHE A 58 -7.15 -6.48 7.65
C PHE A 58 -8.50 -6.04 8.25
N GLY A 59 -9.30 -6.93 8.83
CA GLY A 59 -10.65 -6.59 9.32
C GLY A 59 -11.15 -7.35 10.54
N GLU A 60 -10.38 -8.29 11.09
CA GLU A 60 -10.79 -9.20 12.17
C GLU A 60 -12.15 -9.85 11.85
N GLY A 61 -12.18 -10.73 10.86
CA GLY A 61 -13.43 -11.32 10.37
C GLY A 61 -13.31 -12.31 9.23
N SER A 62 -14.45 -12.85 8.82
CA SER A 62 -14.57 -13.90 7.80
C SER A 62 -14.41 -13.40 6.35
N HIS A 63 -14.07 -12.12 6.16
CA HIS A 63 -13.83 -11.47 4.87
C HIS A 63 -12.35 -11.48 4.46
N HIS A 64 -11.42 -11.33 5.41
CA HIS A 64 -9.96 -11.42 5.22
C HIS A 64 -9.23 -11.54 6.57
N LYS A 65 -7.94 -11.91 6.55
CA LYS A 65 -7.18 -12.41 7.71
C LYS A 65 -6.00 -11.50 8.08
N CYS A 66 -4.77 -11.94 7.83
CA CYS A 66 -3.56 -11.23 8.25
C CYS A 66 -2.39 -11.41 7.26
N VAL A 67 -1.39 -10.53 7.38
CA VAL A 67 -0.21 -10.43 6.49
C VAL A 67 1.01 -9.93 7.24
N LYS A 68 2.19 -10.44 6.87
CA LYS A 68 3.49 -9.87 7.25
C LYS A 68 4.13 -9.14 6.07
N GLN A 69 4.75 -8.01 6.35
CA GLN A 69 5.06 -6.98 5.36
C GLN A 69 6.41 -6.32 5.65
N ARG A 70 7.43 -6.61 4.85
CA ARG A 70 8.78 -6.05 4.99
C ARG A 70 8.93 -4.75 4.21
N VAL A 71 9.22 -3.62 4.87
CA VAL A 71 9.62 -2.36 4.25
C VAL A 71 11.04 -2.51 3.67
N ASP A 72 11.13 -2.48 2.34
CA ASP A 72 12.37 -2.64 1.59
C ASP A 72 13.12 -1.32 1.42
N ALA A 73 12.42 -0.20 1.24
CA ALA A 73 13.02 1.13 1.13
C ALA A 73 12.04 2.28 1.43
N ILE A 74 12.46 3.21 2.28
CA ILE A 74 11.98 4.60 2.38
C ILE A 74 13.02 5.53 1.74
N ASP A 75 12.61 6.41 0.82
CA ASP A 75 13.48 7.37 0.14
C ASP A 75 12.75 8.69 -0.17
N LYS A 76 13.06 9.71 0.64
CA LYS A 76 12.49 11.05 0.57
C LYS A 76 13.15 11.94 -0.50
N ASP A 77 14.04 11.42 -1.34
CA ASP A 77 14.57 12.18 -2.47
C ASP A 77 13.58 12.23 -3.66
N ASN A 78 12.99 11.09 -4.01
CA ASN A 78 12.41 10.88 -5.34
C ASN A 78 10.98 11.43 -5.55
N LEU A 79 9.98 11.29 -4.67
CA LEU A 79 9.89 10.45 -3.46
C LEU A 79 9.50 9.00 -3.82
N THR A 80 10.05 7.99 -3.15
CA THR A 80 9.73 6.57 -3.39
C THR A 80 9.60 5.74 -2.10
N TYR A 81 8.87 4.62 -2.21
CA TYR A 81 8.68 3.64 -1.14
C TYR A 81 8.59 2.23 -1.72
N SER A 82 9.04 1.22 -0.99
CA SER A 82 8.90 -0.19 -1.37
C SER A 82 8.67 -1.07 -0.16
N TYR A 83 7.80 -2.06 -0.29
CA TYR A 83 7.56 -3.07 0.74
C TYR A 83 7.01 -4.36 0.13
N THR A 84 7.30 -5.50 0.76
CA THR A 84 6.89 -6.82 0.26
C THR A 84 5.99 -7.52 1.26
N ILE A 85 4.85 -8.05 0.80
CA ILE A 85 4.13 -9.08 1.55
C ILE A 85 4.97 -10.35 1.51
N ILE A 86 5.64 -10.59 2.63
CA ILE A 86 6.59 -11.70 2.85
C ILE A 86 5.89 -12.96 3.36
N GLU A 87 4.69 -12.82 3.92
CA GLU A 87 3.88 -13.92 4.47
C GLU A 87 2.43 -13.48 4.62
N GLY A 88 1.48 -14.41 4.66
CA GLY A 88 0.07 -14.15 4.94
C GLY A 88 -0.92 -14.87 4.02
N ASP A 89 -2.17 -14.94 4.46
CA ASP A 89 -3.28 -15.58 3.72
C ASP A 89 -3.50 -14.97 2.32
N VAL A 90 -3.19 -13.67 2.15
CA VAL A 90 -3.34 -12.92 0.89
C VAL A 90 -2.53 -13.50 -0.27
N LEU A 91 -1.39 -14.16 0.00
CA LEU A 91 -0.60 -14.82 -1.04
C LEU A 91 -1.33 -16.06 -1.61
N ALA A 92 -1.88 -16.90 -0.73
CA ALA A 92 -2.70 -18.08 -1.00
C ALA A 92 -2.09 -19.05 -2.04
N GLU A 93 -2.91 -19.81 -2.76
CA GLU A 93 -2.44 -20.75 -3.79
C GLU A 93 -1.96 -20.07 -5.09
N LYS A 94 -2.03 -18.74 -5.20
CA LYS A 94 -1.56 -17.96 -6.36
C LYS A 94 -0.09 -17.50 -6.20
N PHE A 95 0.11 -16.61 -5.25
CA PHE A 95 1.29 -15.75 -5.16
C PHE A 95 2.31 -16.32 -4.17
N GLU A 96 3.53 -15.80 -4.20
CA GLU A 96 4.53 -16.09 -3.17
C GLU A 96 5.32 -14.85 -2.73
N SER A 97 5.33 -13.73 -3.51
CA SER A 97 5.66 -12.44 -2.86
C SER A 97 5.13 -11.21 -3.60
N ILE A 98 4.26 -10.48 -2.90
CA ILE A 98 3.61 -9.28 -3.42
C ILE A 98 4.47 -8.06 -3.05
N SER A 99 5.46 -7.75 -3.91
CA SER A 99 6.46 -6.71 -3.68
C SER A 99 6.02 -5.36 -4.28
N TYR A 100 5.44 -4.50 -3.44
CA TYR A 100 4.97 -3.17 -3.78
C TYR A 100 6.11 -2.17 -3.99
N HIS A 101 5.84 -1.22 -4.87
CA HIS A 101 6.69 -0.10 -5.28
C HIS A 101 5.80 1.12 -5.48
N ILE A 102 6.19 2.26 -4.90
CA ILE A 102 5.44 3.52 -5.01
C ILE A 102 6.43 4.63 -5.38
N LYS A 103 6.01 5.52 -6.29
CA LYS A 103 6.65 6.81 -6.55
C LYS A 103 5.61 7.92 -6.44
N ILE A 104 5.93 8.99 -5.72
CA ILE A 104 5.03 10.13 -5.49
C ILE A 104 5.59 11.38 -6.19
N VAL A 105 4.69 12.13 -6.83
CA VAL A 105 5.00 13.19 -7.80
C VAL A 105 4.03 14.36 -7.61
N ALA A 106 4.44 15.59 -7.90
CA ALA A 106 3.53 16.75 -7.92
C ALA A 106 2.54 16.74 -9.10
N CYS A 107 1.40 17.43 -8.97
CA CYS A 107 0.52 17.76 -10.09
C CYS A 107 0.00 19.21 -10.01
N PRO A 108 -0.14 19.93 -11.16
CA PRO A 108 -0.23 21.39 -11.22
C PRO A 108 -1.44 22.01 -10.50
N ASP A 109 -2.51 21.25 -10.27
CA ASP A 109 -3.67 21.68 -9.48
C ASP A 109 -3.44 21.72 -7.96
N GLY A 110 -2.18 21.72 -7.50
CA GLY A 110 -1.80 21.75 -6.09
C GLY A 110 -1.89 20.37 -5.40
N GLY A 111 -1.90 19.29 -6.18
CA GLY A 111 -2.04 17.92 -5.70
C GLY A 111 -0.83 17.05 -6.06
N SER A 112 -1.04 15.74 -6.16
CA SER A 112 -0.01 14.76 -6.50
C SER A 112 -0.48 13.72 -7.51
N ILE A 113 0.48 12.92 -8.00
CA ILE A 113 0.27 11.60 -8.63
C ILE A 113 1.04 10.57 -7.80
N CYS A 114 0.43 9.41 -7.57
CA CYS A 114 1.03 8.29 -6.86
C CYS A 114 1.09 7.06 -7.77
N LYS A 115 2.29 6.76 -8.31
CA LYS A 115 2.56 5.62 -9.19
C LYS A 115 2.72 4.34 -8.37
N ASN A 116 1.59 3.74 -7.98
CA ASN A 116 1.58 2.46 -7.29
C ASN A 116 1.85 1.31 -8.28
N ARG A 117 2.73 0.40 -7.89
CA ARG A 117 3.15 -0.81 -8.61
C ARG A 117 3.26 -1.97 -7.63
N SER A 118 3.11 -3.20 -8.08
CA SER A 118 3.47 -4.38 -7.30
C SER A 118 3.86 -5.58 -8.16
N ILE A 119 4.91 -6.27 -7.73
CA ILE A 119 5.24 -7.65 -8.10
C ILE A 119 4.40 -8.60 -7.21
N TYR A 120 4.49 -9.92 -7.38
CA TYR A 120 3.58 -10.99 -6.92
C TYR A 120 4.27 -12.39 -7.06
N THR A 121 5.60 -12.49 -7.13
CA THR A 121 6.38 -13.69 -7.56
C THR A 121 5.74 -15.00 -7.14
N THR A 122 5.26 -15.81 -8.09
CA THR A 122 4.19 -16.81 -7.83
C THR A 122 4.70 -18.09 -7.20
N LYS A 123 3.80 -18.99 -6.78
CA LYS A 123 4.12 -20.38 -6.47
C LYS A 123 3.71 -21.31 -7.62
N GLY A 124 4.57 -22.25 -7.98
CA GLY A 124 4.33 -23.27 -9.02
C GLY A 124 3.99 -22.73 -10.42
N ASP A 125 4.21 -21.44 -10.68
CA ASP A 125 3.72 -20.68 -11.83
C ASP A 125 2.19 -20.73 -12.01
N CYS A 126 1.42 -20.92 -10.94
CA CYS A 126 -0.04 -21.02 -10.99
C CYS A 126 -0.67 -19.79 -11.64
N LYS A 127 -1.53 -20.02 -12.65
CA LYS A 127 -2.17 -18.95 -13.44
C LYS A 127 -3.24 -18.26 -12.59
N VAL A 128 -3.11 -16.95 -12.40
CA VAL A 128 -3.91 -16.18 -11.42
C VAL A 128 -5.12 -15.50 -12.08
N SER A 129 -6.20 -15.35 -11.33
CA SER A 129 -7.39 -14.61 -11.73
C SER A 129 -7.15 -13.10 -11.69
N GLU A 130 -7.49 -12.42 -12.78
CA GLU A 130 -7.54 -10.95 -12.83
C GLU A 130 -8.63 -10.35 -11.91
N GLU A 131 -9.63 -11.15 -11.50
CA GLU A 131 -10.69 -10.70 -10.59
C GLU A 131 -10.13 -10.56 -9.18
N GLU A 132 -9.30 -11.53 -8.79
CA GLU A 132 -8.56 -11.59 -7.54
C GLU A 132 -7.42 -10.56 -7.47
N ILE A 133 -6.77 -10.28 -8.61
CA ILE A 133 -5.87 -9.12 -8.73
C ILE A 133 -6.65 -7.83 -8.46
N LYS A 134 -7.85 -7.67 -9.04
CA LYS A 134 -8.75 -6.55 -8.73
C LYS A 134 -9.14 -6.53 -7.25
N LEU A 135 -9.45 -7.65 -6.59
CA LEU A 135 -9.75 -7.63 -5.14
C LEU A 135 -8.62 -7.02 -4.30
N GLY A 136 -7.35 -7.30 -4.62
CA GLY A 136 -6.20 -6.70 -3.94
C GLY A 136 -5.98 -5.23 -4.31
N LYS A 137 -6.06 -4.90 -5.60
CA LYS A 137 -5.95 -3.53 -6.13
C LYS A 137 -7.01 -2.60 -5.56
N GLU A 138 -8.24 -3.09 -5.52
CA GLU A 138 -9.43 -2.36 -5.13
C GLU A 138 -9.45 -2.11 -3.62
N LYS A 139 -9.17 -3.12 -2.78
CA LYS A 139 -9.06 -2.88 -1.34
C LYS A 139 -7.95 -1.88 -1.02
N ALA A 140 -6.81 -1.94 -1.72
CA ALA A 140 -5.73 -0.96 -1.60
C ALA A 140 -6.15 0.44 -2.05
N ALA A 141 -6.78 0.60 -3.21
CA ALA A 141 -7.35 1.87 -3.67
C ALA A 141 -8.43 2.42 -2.71
N GLU A 142 -9.16 1.55 -2.02
CA GLU A 142 -10.21 1.90 -1.07
C GLU A 142 -9.69 2.30 0.31
N ILE A 143 -8.58 1.70 0.75
CA ILE A 143 -7.79 2.20 1.89
C ILE A 143 -7.19 3.57 1.53
N PHE A 144 -6.56 3.67 0.35
CA PHE A 144 -5.94 4.90 -0.17
C PHE A 144 -6.93 6.07 -0.17
N LYS A 145 -8.14 5.85 -0.73
CA LYS A 145 -9.16 6.90 -0.85
C LYS A 145 -9.73 7.35 0.50
N ALA A 146 -9.69 6.50 1.53
CA ALA A 146 -10.00 6.90 2.91
C ALA A 146 -8.88 7.75 3.57
N LEU A 147 -7.59 7.48 3.29
CA LEU A 147 -6.50 8.34 3.79
C LEU A 147 -6.55 9.70 3.09
N GLU A 148 -6.75 9.69 1.77
CA GLU A 148 -6.97 10.89 0.97
C GLU A 148 -8.19 11.69 1.43
N ALA A 149 -9.27 11.06 1.90
CA ALA A 149 -10.44 11.75 2.45
C ALA A 149 -10.12 12.51 3.76
N TYR A 150 -9.29 11.94 4.63
CA TYR A 150 -8.71 12.63 5.79
C TYR A 150 -7.82 13.78 5.32
N LEU A 151 -6.93 13.47 4.37
CA LEU A 151 -5.96 14.40 3.78
C LEU A 151 -6.58 15.50 2.90
N LEU A 152 -7.87 15.41 2.56
CA LEU A 152 -8.63 16.48 1.95
C LEU A 152 -9.12 17.51 2.99
N ALA A 153 -9.43 17.05 4.21
CA ALA A 153 -9.76 17.92 5.34
C ALA A 153 -8.52 18.39 6.13
N ASN A 154 -7.45 17.59 6.15
CA ASN A 154 -6.28 17.73 7.02
C ASN A 154 -4.96 17.30 6.31
N PRO A 155 -4.58 17.91 5.17
CA PRO A 155 -3.41 17.48 4.38
C PRO A 155 -2.07 17.57 5.11
N ASP A 156 -1.91 18.54 6.02
CA ASP A 156 -0.75 18.70 6.90
C ASP A 156 -0.75 17.64 8.02
N TYR A 157 -0.50 16.38 7.67
CA TYR A 157 -0.46 15.31 8.66
C TYR A 157 0.67 15.52 9.69
N CYS A 158 0.31 15.64 10.97
CA CYS A 158 1.24 15.92 12.08
C CYS A 158 1.16 14.87 13.18
N GLY A 1 8.25 -16.82 -13.21
CA GLY A 1 6.87 -16.32 -13.33
C GLY A 1 6.66 -15.11 -12.46
N VAL A 2 5.94 -14.12 -12.96
CA VAL A 2 5.58 -12.92 -12.18
C VAL A 2 4.34 -12.24 -12.71
N VAL A 3 3.37 -11.96 -11.83
CA VAL A 3 2.26 -11.08 -12.19
C VAL A 3 2.64 -9.61 -11.89
N THR A 4 2.14 -8.66 -12.68
CA THR A 4 2.40 -7.21 -12.50
C THR A 4 1.25 -6.37 -13.08
N TYR A 5 0.90 -5.30 -12.37
CA TYR A 5 -0.15 -4.34 -12.71
C TYR A 5 0.13 -2.96 -12.09
N ASP A 6 -0.73 -1.98 -12.37
CA ASP A 6 -0.66 -0.63 -11.83
C ASP A 6 -2.05 -0.03 -11.54
N MET A 7 -2.11 0.76 -10.47
CA MET A 7 -3.27 1.52 -10.00
C MET A 7 -2.87 2.98 -9.79
N GLU A 8 -2.53 3.66 -10.88
CA GLU A 8 -2.18 5.09 -10.88
C GLU A 8 -3.42 5.96 -10.64
N ILE A 9 -3.38 6.86 -9.67
CA ILE A 9 -4.57 7.62 -9.24
C ILE A 9 -4.23 9.09 -8.93
N PRO A 10 -4.91 10.08 -9.56
CA PRO A 10 -4.88 11.48 -9.14
C PRO A 10 -5.46 11.67 -7.73
N SER A 11 -5.00 12.66 -6.98
CA SER A 11 -5.39 12.85 -5.59
C SER A 11 -5.49 14.32 -5.16
N LYS A 12 -6.47 14.63 -4.29
CA LYS A 12 -6.80 15.97 -3.78
C LYS A 12 -5.96 16.39 -2.58
N VAL A 13 -4.66 16.13 -2.62
CA VAL A 13 -3.66 16.48 -1.59
C VAL A 13 -2.29 16.68 -2.26
N PRO A 14 -1.45 17.68 -1.86
CA PRO A 14 -0.18 17.96 -2.54
C PRO A 14 0.84 16.81 -2.41
N PRO A 15 1.75 16.61 -3.39
CA PRO A 15 2.66 15.46 -3.42
C PRO A 15 3.57 15.36 -2.18
N VAL A 16 4.00 16.50 -1.62
CA VAL A 16 4.75 16.56 -0.35
C VAL A 16 3.91 16.06 0.83
N LYS A 17 2.63 16.44 0.93
CA LYS A 17 1.72 15.96 1.98
C LYS A 17 1.32 14.49 1.79
N LEU A 18 1.23 14.00 0.55
CA LEU A 18 1.17 12.55 0.28
C LEU A 18 2.42 11.87 0.83
N TYR A 19 3.61 12.42 0.62
CA TYR A 19 4.83 11.81 1.17
C TYR A 19 4.87 11.83 2.70
N LYS A 20 4.53 12.97 3.33
CA LYS A 20 4.37 13.09 4.78
C LYS A 20 3.43 12.01 5.33
N ALA A 21 2.17 12.04 4.89
CA ALA A 21 1.07 11.29 5.47
C ALA A 21 0.94 9.87 4.92
N PHE A 22 0.78 9.73 3.60
CA PHE A 22 0.53 8.46 2.92
C PHE A 22 1.76 7.55 2.96
N ILE A 23 2.97 8.12 2.89
CA ILE A 23 4.22 7.35 2.86
C ILE A 23 4.88 7.29 4.24
N LEU A 24 5.33 8.41 4.81
CA LEU A 24 6.13 8.39 6.04
C LEU A 24 5.29 8.05 7.28
N ASP A 25 4.00 8.35 7.26
CA ASP A 25 3.01 7.94 8.25
C ASP A 25 2.01 6.91 7.69
N GLY A 26 2.37 6.27 6.57
CA GLY A 26 1.63 5.21 5.86
C GLY A 26 1.44 3.90 6.63
N ASP A 27 1.64 3.93 7.94
CA ASP A 27 1.48 2.84 8.90
C ASP A 27 0.60 3.27 10.08
N THR A 28 0.52 4.57 10.39
CA THR A 28 -0.38 5.15 11.41
C THR A 28 -1.68 5.67 10.80
N LEU A 29 -1.62 6.27 9.61
CA LEU A 29 -2.80 6.73 8.87
C LEU A 29 -3.54 5.58 8.18
N VAL A 30 -2.81 4.66 7.53
CA VAL A 30 -3.42 3.59 6.72
C VAL A 30 -4.46 2.71 7.46
N PRO A 31 -4.36 2.42 8.78
CA PRO A 31 -5.45 1.80 9.52
C PRO A 31 -6.51 2.80 9.97
N LYS A 32 -6.14 3.98 10.50
CA LYS A 32 -7.06 4.82 11.30
C LYS A 32 -8.30 5.32 10.54
N VAL A 33 -8.16 5.56 9.24
CA VAL A 33 -9.26 6.01 8.35
C VAL A 33 -10.02 4.88 7.67
N LEU A 34 -9.55 3.63 7.74
CA LEU A 34 -10.20 2.47 7.11
C LEU A 34 -9.90 1.14 7.84
N PRO A 35 -10.23 1.03 9.15
CA PRO A 35 -9.95 -0.18 9.92
C PRO A 35 -10.87 -1.35 9.53
N HIS A 36 -11.79 -1.14 8.60
CA HIS A 36 -12.58 -2.17 7.91
C HIS A 36 -11.73 -3.03 6.96
N ALA A 37 -10.57 -2.53 6.51
CA ALA A 37 -9.66 -3.26 5.62
C ALA A 37 -8.17 -3.19 6.02
N ILE A 38 -7.78 -2.30 6.93
CA ILE A 38 -6.51 -2.41 7.67
C ILE A 38 -6.81 -2.19 9.16
N LYS A 39 -7.38 -3.21 9.82
CA LYS A 39 -7.82 -3.19 11.22
C LYS A 39 -6.73 -2.71 12.19
N CYS A 40 -5.49 -3.17 11.99
CA CYS A 40 -4.27 -2.66 12.60
C CYS A 40 -3.05 -2.96 11.72
N VAL A 41 -1.99 -2.19 11.95
CA VAL A 41 -0.63 -2.35 11.43
C VAL A 41 0.37 -2.22 12.58
N LYS A 42 1.37 -3.10 12.62
CA LYS A 42 2.50 -3.01 13.56
C LYS A 42 3.81 -3.52 12.96
N ILE A 43 4.95 -3.10 13.50
CA ILE A 43 6.28 -3.59 13.11
C ILE A 43 6.59 -4.91 13.80
N LEU A 44 7.05 -5.90 13.04
CA LEU A 44 7.73 -7.09 13.56
C LEU A 44 9.26 -6.89 13.67
N GLU A 45 9.86 -6.10 12.79
CA GLU A 45 11.29 -5.76 12.79
C GLU A 45 11.58 -4.46 12.05
N GLY A 46 12.37 -3.54 12.62
CA GLY A 46 12.89 -2.35 11.95
C GLY A 46 12.28 -1.01 12.39
N ASP A 47 12.35 -0.02 11.50
CA ASP A 47 12.05 1.40 11.83
C ASP A 47 11.59 2.26 10.64
N GLY A 48 11.59 1.74 9.41
CA GLY A 48 11.31 2.50 8.18
C GLY A 48 12.50 2.56 7.21
N CYS A 49 13.69 2.10 7.60
CA CYS A 49 14.73 1.73 6.63
C CYS A 49 14.30 0.49 5.83
N ALA A 50 15.01 0.21 4.74
CA ALA A 50 14.84 -1.03 3.97
C ALA A 50 15.00 -2.28 4.86
N GLY A 51 14.25 -3.33 4.55
CA GLY A 51 14.14 -4.54 5.38
C GLY A 51 13.12 -4.44 6.52
N THR A 52 12.42 -3.30 6.70
CA THR A 52 11.52 -3.11 7.86
C THR A 52 10.24 -3.93 7.69
N ILE A 53 10.08 -4.99 8.47
CA ILE A 53 8.91 -5.89 8.46
C ILE A 53 7.79 -5.33 9.34
N LYS A 54 6.58 -5.31 8.78
CA LYS A 54 5.30 -5.06 9.44
C LYS A 54 4.37 -6.26 9.27
N GLU A 55 3.32 -6.30 10.07
CA GLU A 55 2.21 -7.24 9.94
C GLU A 55 0.86 -6.51 10.09
N VAL A 56 -0.12 -7.01 9.35
CA VAL A 56 -1.43 -6.42 9.05
C VAL A 56 -2.52 -7.42 9.43
N THR A 57 -3.54 -6.97 10.13
CA THR A 57 -4.86 -7.64 10.15
C THR A 57 -5.83 -6.79 9.33
N PHE A 58 -6.56 -7.37 8.38
CA PHE A 58 -7.41 -6.61 7.47
C PHE A 58 -8.72 -6.12 8.12
N GLY A 59 -9.50 -6.99 8.74
CA GLY A 59 -10.81 -6.67 9.35
C GLY A 59 -11.22 -7.54 10.54
N GLU A 60 -10.35 -8.46 10.97
CA GLU A 60 -10.48 -9.32 12.15
C GLU A 60 -11.81 -10.12 12.20
N GLY A 61 -12.22 -10.66 11.06
CA GLY A 61 -13.47 -11.43 10.87
C GLY A 61 -13.47 -12.17 9.53
N SER A 62 -14.56 -12.86 9.20
CA SER A 62 -14.62 -13.81 8.06
C SER A 62 -14.39 -13.17 6.68
N HIS A 63 -14.46 -11.85 6.57
CA HIS A 63 -14.15 -11.09 5.35
C HIS A 63 -12.75 -11.35 4.82
N HIS A 64 -11.72 -11.25 5.67
CA HIS A 64 -10.30 -11.38 5.30
C HIS A 64 -9.42 -11.61 6.54
N LYS A 65 -8.17 -12.02 6.34
CA LYS A 65 -7.28 -12.57 7.38
C LYS A 65 -6.09 -11.64 7.70
N CYS A 66 -4.85 -12.01 7.39
CA CYS A 66 -3.67 -11.23 7.74
C CYS A 66 -2.56 -11.29 6.68
N VAL A 67 -1.60 -10.36 6.78
CA VAL A 67 -0.46 -10.21 5.87
C VAL A 67 0.79 -9.73 6.59
N LYS A 68 1.94 -10.24 6.18
CA LYS A 68 3.27 -9.73 6.54
C LYS A 68 3.84 -8.94 5.36
N GLN A 69 4.39 -7.76 5.63
CA GLN A 69 4.74 -6.78 4.60
C GLN A 69 6.00 -5.99 4.97
N ARG A 70 6.98 -5.92 4.08
CA ARG A 70 8.34 -5.41 4.35
C ARG A 70 8.70 -4.21 3.47
N VAL A 71 9.13 -3.10 4.09
CA VAL A 71 9.67 -1.90 3.42
C VAL A 71 10.91 -2.25 2.61
N ASP A 72 10.91 -1.90 1.33
CA ASP A 72 12.00 -2.15 0.39
C ASP A 72 12.85 -0.90 0.11
N ALA A 73 12.22 0.27 -0.10
CA ALA A 73 12.93 1.55 -0.27
C ALA A 73 12.02 2.78 -0.05
N ILE A 74 12.43 3.72 0.80
CA ILE A 74 11.82 5.06 0.96
C ILE A 74 12.79 6.12 0.42
N ASP A 75 12.51 6.72 -0.74
CA ASP A 75 13.34 7.77 -1.34
C ASP A 75 12.55 9.05 -1.68
N LYS A 76 12.66 10.05 -0.80
CA LYS A 76 12.06 11.39 -0.92
C LYS A 76 12.59 12.21 -2.11
N ASP A 77 13.64 11.78 -2.82
CA ASP A 77 14.10 12.52 -4.01
C ASP A 77 13.07 12.51 -5.17
N ASN A 78 12.28 11.44 -5.32
CA ASN A 78 11.46 11.24 -6.52
C ASN A 78 10.08 11.92 -6.56
N LEU A 79 9.17 11.82 -5.59
CA LEU A 79 9.18 11.02 -4.37
C LEU A 79 8.74 9.56 -4.67
N THR A 80 9.35 8.55 -4.03
CA THR A 80 8.99 7.13 -4.23
C THR A 80 8.89 6.32 -2.94
N TYR A 81 8.16 5.21 -3.01
CA TYR A 81 8.07 4.20 -1.95
C TYR A 81 7.91 2.80 -2.53
N SER A 82 8.71 1.86 -2.04
CA SER A 82 8.59 0.44 -2.35
C SER A 82 8.48 -0.40 -1.07
N TYR A 83 7.59 -1.39 -1.10
CA TYR A 83 7.29 -2.30 0.01
C TYR A 83 6.62 -3.55 -0.54
N THR A 84 6.76 -4.69 0.14
CA THR A 84 6.40 -6.00 -0.41
C THR A 84 5.57 -6.81 0.56
N ILE A 85 4.42 -7.33 0.14
CA ILE A 85 3.73 -8.41 0.87
C ILE A 85 4.59 -9.68 0.73
N ILE A 86 5.23 -10.05 1.83
CA ILE A 86 6.18 -11.16 1.92
C ILE A 86 5.51 -12.49 2.30
N GLU A 87 4.40 -12.45 3.05
CA GLU A 87 3.61 -13.61 3.48
C GLU A 87 2.16 -13.17 3.78
N GLY A 88 1.23 -14.12 3.87
CA GLY A 88 -0.17 -13.86 4.22
C GLY A 88 -1.18 -14.48 3.25
N ASP A 89 -2.45 -14.47 3.65
CA ASP A 89 -3.57 -15.12 2.94
C ASP A 89 -3.77 -14.62 1.50
N VAL A 90 -3.35 -13.38 1.22
CA VAL A 90 -3.45 -12.72 -0.09
C VAL A 90 -2.59 -13.39 -1.17
N LEU A 91 -1.44 -14.00 -0.79
CA LEU A 91 -0.55 -14.67 -1.75
C LEU A 91 -1.06 -16.05 -2.16
N ALA A 92 -1.57 -16.83 -1.20
CA ALA A 92 -2.17 -18.17 -1.39
C ALA A 92 -1.26 -19.14 -2.17
N GLU A 93 -1.84 -20.16 -2.83
CA GLU A 93 -1.13 -21.04 -3.77
C GLU A 93 -0.82 -20.39 -5.13
N LYS A 94 -0.81 -19.04 -5.19
CA LYS A 94 -0.97 -18.25 -6.44
C LYS A 94 0.23 -17.32 -6.67
N PHE A 95 0.25 -16.21 -5.95
CA PHE A 95 1.36 -15.25 -5.93
C PHE A 95 2.42 -15.69 -4.93
N GLU A 96 3.59 -15.08 -4.99
CA GLU A 96 4.64 -15.26 -3.98
C GLU A 96 5.31 -13.95 -3.56
N SER A 97 5.25 -12.84 -4.33
CA SER A 97 5.56 -11.54 -3.71
C SER A 97 4.92 -10.32 -4.41
N ILE A 98 4.00 -9.68 -3.69
CA ILE A 98 3.30 -8.48 -4.16
C ILE A 98 4.11 -7.25 -3.74
N SER A 99 5.04 -6.83 -4.62
CA SER A 99 6.00 -5.75 -4.36
C SER A 99 5.58 -4.44 -5.04
N TYR A 100 5.10 -3.50 -4.24
CA TYR A 100 4.64 -2.19 -4.68
C TYR A 100 5.80 -1.26 -5.06
N HIS A 101 5.54 -0.38 -6.02
CA HIS A 101 6.45 0.65 -6.53
C HIS A 101 5.67 1.93 -6.81
N ILE A 102 5.53 2.75 -5.77
CA ILE A 102 4.84 4.04 -5.83
C ILE A 102 5.82 5.13 -6.30
N LYS A 103 5.43 5.92 -7.30
CA LYS A 103 6.00 7.26 -7.57
C LYS A 103 4.91 8.33 -7.39
N ILE A 104 5.21 9.37 -6.62
CA ILE A 104 4.29 10.52 -6.38
C ILE A 104 4.77 11.74 -7.18
N VAL A 105 3.81 12.44 -7.79
CA VAL A 105 4.02 13.57 -8.72
C VAL A 105 2.96 14.66 -8.44
N ALA A 106 3.21 15.92 -8.80
CA ALA A 106 2.21 16.99 -8.71
C ALA A 106 1.07 16.84 -9.74
N CYS A 107 -0.15 17.22 -9.34
CA CYS A 107 -1.27 17.47 -10.25
C CYS A 107 -1.48 18.99 -10.41
N PRO A 108 -1.69 19.51 -11.64
CA PRO A 108 -1.82 20.94 -11.89
C PRO A 108 -3.00 21.60 -11.17
N ASP A 109 -4.02 20.83 -10.76
CA ASP A 109 -5.13 21.32 -9.92
C ASP A 109 -4.73 21.69 -8.48
N GLY A 110 -3.44 21.61 -8.13
CA GLY A 110 -2.91 21.82 -6.78
C GLY A 110 -2.82 20.54 -5.94
N GLY A 111 -3.21 19.40 -6.51
CA GLY A 111 -3.16 18.08 -5.87
C GLY A 111 -1.89 17.30 -6.22
N SER A 112 -2.01 15.98 -6.31
CA SER A 112 -0.95 15.05 -6.72
C SER A 112 -1.48 13.96 -7.66
N ILE A 113 -0.57 13.13 -8.19
CA ILE A 113 -0.85 11.85 -8.83
C ILE A 113 0.07 10.81 -8.20
N CYS A 114 -0.50 9.67 -7.80
CA CYS A 114 0.20 8.59 -7.12
C CYS A 114 0.21 7.35 -8.02
N LYS A 115 1.35 7.08 -8.65
CA LYS A 115 1.56 5.98 -9.62
C LYS A 115 1.87 4.68 -8.88
N ASN A 116 0.84 3.98 -8.42
CA ASN A 116 0.99 2.75 -7.64
C ASN A 116 1.19 1.52 -8.56
N ARG A 117 2.42 1.25 -9.01
CA ARG A 117 2.76 -0.05 -9.62
C ARG A 117 2.80 -1.14 -8.56
N SER A 118 2.58 -2.39 -8.95
CA SER A 118 2.88 -3.56 -8.11
C SER A 118 3.27 -4.79 -8.93
N ILE A 119 4.36 -5.42 -8.49
CA ILE A 119 4.75 -6.79 -8.82
C ILE A 119 3.92 -7.76 -7.92
N TYR A 120 4.04 -9.07 -8.12
CA TYR A 120 3.22 -10.18 -7.61
C TYR A 120 3.97 -11.54 -7.77
N THR A 121 5.32 -11.55 -7.88
CA THR A 121 6.18 -12.66 -8.39
C THR A 121 5.66 -14.03 -7.98
N THR A 122 5.29 -14.89 -8.94
CA THR A 122 4.45 -16.07 -8.68
C THR A 122 5.25 -17.21 -8.06
N LYS A 123 4.56 -18.11 -7.34
CA LYS A 123 5.10 -19.45 -7.04
C LYS A 123 4.77 -20.42 -8.17
N GLY A 124 5.73 -21.23 -8.59
CA GLY A 124 5.54 -22.33 -9.54
C GLY A 124 4.95 -21.94 -10.91
N ASP A 125 5.09 -20.68 -11.33
CA ASP A 125 4.46 -20.07 -12.50
C ASP A 125 2.91 -20.18 -12.50
N CYS A 126 2.27 -20.11 -11.33
CA CYS A 126 0.81 -20.14 -11.21
C CYS A 126 0.11 -18.94 -11.90
N LYS A 127 -1.15 -19.13 -12.31
CA LYS A 127 -1.95 -18.16 -13.08
C LYS A 127 -3.19 -17.67 -12.32
N VAL A 128 -3.66 -16.45 -12.58
CA VAL A 128 -4.67 -15.74 -11.76
C VAL A 128 -5.69 -14.95 -12.60
N SER A 129 -6.87 -14.69 -12.02
CA SER A 129 -7.98 -13.97 -12.66
C SER A 129 -7.87 -12.45 -12.52
N GLU A 130 -8.21 -11.73 -13.59
CA GLU A 130 -8.34 -10.27 -13.64
C GLU A 130 -9.46 -9.71 -12.74
N GLU A 131 -10.41 -10.56 -12.32
CA GLU A 131 -11.48 -10.22 -11.39
C GLU A 131 -10.97 -10.13 -9.94
N GLU A 132 -10.08 -11.07 -9.59
CA GLU A 132 -9.28 -11.08 -8.36
C GLU A 132 -8.32 -9.88 -8.35
N ILE A 133 -7.66 -9.59 -9.47
CA ILE A 133 -6.79 -8.41 -9.60
C ILE A 133 -7.58 -7.13 -9.34
N LYS A 134 -8.76 -6.96 -9.96
CA LYS A 134 -9.70 -5.87 -9.70
C LYS A 134 -10.09 -5.82 -8.23
N LEU A 135 -10.46 -6.92 -7.57
CA LEU A 135 -10.75 -6.90 -6.13
C LEU A 135 -9.59 -6.32 -5.31
N GLY A 136 -8.33 -6.70 -5.60
CA GLY A 136 -7.15 -6.17 -4.92
C GLY A 136 -6.89 -4.69 -5.21
N LYS A 137 -6.96 -4.30 -6.49
CA LYS A 137 -6.90 -2.91 -6.98
C LYS A 137 -7.95 -2.02 -6.31
N GLU A 138 -9.18 -2.50 -6.26
CA GLU A 138 -10.38 -1.81 -5.79
C GLU A 138 -10.36 -1.61 -4.27
N LYS A 139 -9.97 -2.63 -3.49
CA LYS A 139 -9.84 -2.50 -2.03
C LYS A 139 -8.65 -1.67 -1.61
N ALA A 140 -7.54 -1.72 -2.36
CA ALA A 140 -6.42 -0.79 -2.20
C ALA A 140 -6.82 0.66 -2.56
N ALA A 141 -7.58 0.87 -3.63
CA ALA A 141 -8.17 2.17 -3.97
C ALA A 141 -9.18 2.66 -2.93
N GLU A 142 -9.92 1.75 -2.29
CA GLU A 142 -10.82 2.07 -1.17
C GLU A 142 -10.05 2.54 0.08
N ILE A 143 -8.91 1.92 0.37
CA ILE A 143 -7.99 2.40 1.42
C ILE A 143 -7.40 3.76 1.01
N PHE A 144 -6.92 3.92 -0.24
CA PHE A 144 -6.36 5.17 -0.75
C PHE A 144 -7.35 6.34 -0.60
N LYS A 145 -8.60 6.14 -1.06
CA LYS A 145 -9.64 7.18 -1.01
C LYS A 145 -10.09 7.49 0.42
N ALA A 146 -9.95 6.56 1.36
CA ALA A 146 -10.10 6.84 2.78
C ALA A 146 -9.00 7.76 3.34
N LEU A 147 -7.74 7.61 2.89
CA LEU A 147 -6.64 8.47 3.34
C LEU A 147 -6.84 9.89 2.79
N GLU A 148 -7.22 10.02 1.51
CA GLU A 148 -7.62 11.32 0.92
C GLU A 148 -8.87 11.91 1.58
N ALA A 149 -9.85 11.11 2.01
CA ALA A 149 -11.05 11.66 2.68
C ALA A 149 -10.67 12.42 3.97
N TYR A 150 -9.64 11.98 4.71
CA TYR A 150 -9.04 12.78 5.77
C TYR A 150 -8.13 13.90 5.23
N LEU A 151 -7.23 13.59 4.30
CA LEU A 151 -6.20 14.51 3.77
C LEU A 151 -6.72 15.65 2.90
N LEU A 152 -7.95 15.58 2.40
CA LEU A 152 -8.65 16.70 1.76
C LEU A 152 -9.18 17.69 2.80
N ALA A 153 -9.66 17.20 3.95
CA ALA A 153 -10.05 18.05 5.08
C ALA A 153 -8.82 18.59 5.86
N ASN A 154 -7.73 17.83 5.94
CA ASN A 154 -6.59 18.08 6.84
C ASN A 154 -5.23 17.67 6.21
N PRO A 155 -4.78 18.28 5.10
CA PRO A 155 -3.59 17.83 4.37
C PRO A 155 -2.27 17.89 5.17
N ASP A 156 -2.17 18.78 6.15
CA ASP A 156 -1.06 18.86 7.11
C ASP A 156 -1.12 17.71 8.14
N TYR A 157 -0.78 16.49 7.73
CA TYR A 157 -0.57 15.38 8.67
C TYR A 157 0.66 15.67 9.54
N CYS A 158 0.50 15.65 10.86
CA CYS A 158 1.49 16.16 11.81
C CYS A 158 2.44 15.09 12.35
N GLY A 1 8.08 -17.60 -12.50
CA GLY A 1 7.01 -16.76 -13.06
C GLY A 1 6.85 -15.46 -12.29
N VAL A 2 6.13 -14.51 -12.86
CA VAL A 2 5.77 -13.24 -12.20
C VAL A 2 4.52 -12.60 -12.81
N VAL A 3 3.65 -12.04 -11.95
CA VAL A 3 2.61 -11.10 -12.40
C VAL A 3 3.05 -9.65 -12.13
N THR A 4 2.59 -8.68 -12.93
CA THR A 4 2.91 -7.25 -12.78
C THR A 4 1.79 -6.37 -13.33
N TYR A 5 1.39 -5.34 -12.57
CA TYR A 5 0.29 -4.40 -12.88
C TYR A 5 0.55 -3.04 -12.21
N ASP A 6 -0.39 -2.09 -12.33
CA ASP A 6 -0.29 -0.75 -11.74
C ASP A 6 -1.68 -0.17 -11.39
N MET A 7 -1.72 0.81 -10.48
CA MET A 7 -2.93 1.50 -10.04
C MET A 7 -2.65 2.99 -9.80
N GLU A 8 -2.44 3.74 -10.88
CA GLU A 8 -2.20 5.19 -10.86
C GLU A 8 -3.48 5.99 -10.56
N ILE A 9 -3.35 7.01 -9.71
CA ILE A 9 -4.48 7.79 -9.21
C ILE A 9 -4.10 9.26 -8.91
N PRO A 10 -4.67 10.25 -9.61
CA PRO A 10 -4.64 11.66 -9.21
C PRO A 10 -5.38 11.91 -7.90
N SER A 11 -4.96 12.89 -7.10
CA SER A 11 -5.49 13.09 -5.75
C SER A 11 -5.58 14.56 -5.29
N LYS A 12 -6.59 14.85 -4.48
CA LYS A 12 -6.97 16.19 -3.95
C LYS A 12 -6.07 16.70 -2.81
N VAL A 13 -4.85 16.18 -2.69
CA VAL A 13 -3.87 16.56 -1.66
C VAL A 13 -2.45 16.70 -2.27
N PRO A 14 -1.66 17.74 -1.93
CA PRO A 14 -0.32 17.98 -2.49
C PRO A 14 0.73 16.88 -2.18
N PRO A 15 1.81 16.74 -2.99
CA PRO A 15 2.70 15.57 -2.97
C PRO A 15 3.51 15.39 -1.67
N VAL A 16 3.97 16.48 -1.04
CA VAL A 16 4.72 16.42 0.24
C VAL A 16 3.79 16.05 1.38
N LYS A 17 2.54 16.52 1.34
CA LYS A 17 1.46 16.14 2.28
C LYS A 17 1.07 14.67 2.11
N LEU A 18 0.97 14.17 0.87
CA LEU A 18 0.85 12.74 0.57
C LEU A 18 2.03 11.96 1.15
N TYR A 19 3.26 12.43 0.99
CA TYR A 19 4.42 11.70 1.51
C TYR A 19 4.46 11.66 3.05
N LYS A 20 4.16 12.78 3.73
CA LYS A 20 3.97 12.83 5.18
C LYS A 20 2.89 11.83 5.62
N ALA A 21 1.67 11.98 5.12
CA ALA A 21 0.50 11.22 5.58
C ALA A 21 0.45 9.78 5.07
N PHE A 22 0.49 9.59 3.75
CA PHE A 22 0.27 8.31 3.07
C PHE A 22 1.46 7.35 3.24
N ILE A 23 2.68 7.89 3.19
CA ILE A 23 3.91 7.08 3.20
C ILE A 23 4.50 7.02 4.61
N LEU A 24 4.81 8.19 5.20
CA LEU A 24 5.45 8.25 6.51
C LEU A 24 4.48 8.00 7.67
N ASP A 25 3.17 8.07 7.42
CA ASP A 25 2.17 7.44 8.30
C ASP A 25 1.22 6.47 7.59
N GLY A 26 1.71 5.83 6.52
CA GLY A 26 1.17 4.59 5.94
C GLY A 26 1.23 3.37 6.88
N ASP A 27 1.28 3.62 8.19
CA ASP A 27 1.45 2.68 9.28
C ASP A 27 0.35 2.85 10.35
N THR A 28 -0.18 4.08 10.52
CA THR A 28 -1.25 4.37 11.50
C THR A 28 -2.40 5.21 10.96
N LEU A 29 -2.21 5.99 9.88
CA LEU A 29 -3.31 6.57 9.12
C LEU A 29 -3.96 5.54 8.17
N VAL A 30 -3.16 4.77 7.43
CA VAL A 30 -3.69 3.79 6.46
C VAL A 30 -4.73 2.79 7.02
N PRO A 31 -4.68 2.33 8.29
CA PRO A 31 -5.77 1.55 8.88
C PRO A 31 -6.92 2.43 9.37
N LYS A 32 -6.65 3.52 10.12
CA LYS A 32 -7.68 4.18 10.94
C LYS A 32 -8.89 4.71 10.15
N VAL A 33 -8.66 5.14 8.91
CA VAL A 33 -9.70 5.65 7.99
C VAL A 33 -10.29 4.59 7.06
N LEU A 34 -9.78 3.36 7.02
CA LEU A 34 -10.42 2.24 6.27
C LEU A 34 -10.15 0.88 6.93
N PRO A 35 -10.56 0.68 8.20
CA PRO A 35 -10.28 -0.54 8.95
C PRO A 35 -11.11 -1.74 8.46
N HIS A 36 -12.03 -1.52 7.51
CA HIS A 36 -12.75 -2.54 6.74
C HIS A 36 -11.87 -3.28 5.73
N ALA A 37 -10.65 -2.80 5.45
CA ALA A 37 -9.67 -3.49 4.59
C ALA A 37 -8.21 -3.39 5.06
N ILE A 38 -7.87 -2.50 6.00
CA ILE A 38 -6.63 -2.55 6.78
C ILE A 38 -7.00 -2.33 8.26
N LYS A 39 -7.52 -3.34 8.96
CA LYS A 39 -8.01 -3.21 10.34
C LYS A 39 -6.94 -2.69 11.30
N CYS A 40 -5.75 -3.30 11.26
CA CYS A 40 -4.57 -2.93 12.05
C CYS A 40 -3.29 -3.09 11.23
N VAL A 41 -2.30 -2.23 11.48
CA VAL A 41 -0.93 -2.37 10.97
C VAL A 41 0.06 -2.11 12.09
N LYS A 42 1.13 -2.91 12.15
CA LYS A 42 2.20 -2.80 13.15
C LYS A 42 3.53 -3.31 12.61
N ILE A 43 4.63 -2.85 13.20
CA ILE A 43 5.98 -3.38 12.92
C ILE A 43 6.23 -4.67 13.73
N LEU A 44 6.75 -5.69 13.06
CA LEU A 44 7.34 -6.88 13.67
C LEU A 44 8.86 -6.72 13.90
N GLU A 45 9.57 -6.03 12.99
CA GLU A 45 11.03 -5.84 13.03
C GLU A 45 11.46 -4.60 12.21
N GLY A 46 12.51 -3.90 12.63
CA GLY A 46 13.04 -2.71 11.97
C GLY A 46 12.36 -1.39 12.37
N ASP A 47 12.60 -0.34 11.58
CA ASP A 47 12.23 1.05 11.92
C ASP A 47 11.73 1.92 10.75
N GLY A 48 11.81 1.42 9.51
CA GLY A 48 11.57 2.18 8.27
C GLY A 48 12.68 2.01 7.23
N CYS A 49 13.89 1.62 7.65
CA CYS A 49 14.97 1.22 6.75
C CYS A 49 14.61 -0.02 5.93
N ALA A 50 15.27 -0.21 4.79
CA ALA A 50 15.06 -1.36 3.91
C ALA A 50 15.18 -2.69 4.68
N GLY A 51 14.24 -3.61 4.44
CA GLY A 51 14.05 -4.84 5.21
C GLY A 51 13.13 -4.74 6.42
N THR A 52 12.57 -3.56 6.75
CA THR A 52 11.68 -3.40 7.93
C THR A 52 10.38 -4.18 7.72
N ILE A 53 10.01 -5.09 8.63
CA ILE A 53 8.80 -5.91 8.52
C ILE A 53 7.63 -5.28 9.27
N LYS A 54 6.52 -5.10 8.57
CA LYS A 54 5.18 -4.87 9.13
C LYS A 54 4.28 -6.09 8.96
N GLU A 55 3.20 -6.12 9.74
CA GLU A 55 2.10 -7.07 9.61
C GLU A 55 0.75 -6.34 9.59
N VAL A 56 -0.16 -6.85 8.76
CA VAL A 56 -1.46 -6.28 8.37
C VAL A 56 -2.57 -7.26 8.74
N THR A 57 -3.59 -6.82 9.50
CA THR A 57 -4.91 -7.47 9.48
C THR A 57 -5.80 -6.72 8.50
N PHE A 58 -6.58 -7.40 7.65
CA PHE A 58 -7.46 -6.71 6.69
C PHE A 58 -8.78 -6.20 7.30
N GLY A 59 -9.56 -7.05 7.96
CA GLY A 59 -10.88 -6.72 8.51
C GLY A 59 -11.14 -7.23 9.93
N GLU A 60 -10.29 -8.11 10.43
CA GLU A 60 -10.41 -8.81 11.72
C GLU A 60 -11.76 -9.54 11.87
N GLY A 61 -12.19 -10.19 10.79
CA GLY A 61 -13.47 -10.90 10.68
C GLY A 61 -13.42 -12.01 9.63
N SER A 62 -14.55 -12.67 9.41
CA SER A 62 -14.64 -13.88 8.57
C SER A 62 -14.53 -13.64 7.05
N HIS A 63 -14.40 -12.38 6.61
CA HIS A 63 -14.44 -11.96 5.19
C HIS A 63 -13.07 -11.94 4.50
N HIS A 64 -12.02 -11.51 5.19
CA HIS A 64 -10.62 -11.60 4.76
C HIS A 64 -9.67 -11.73 5.97
N LYS A 65 -8.39 -12.04 5.73
CA LYS A 65 -7.41 -12.52 6.73
C LYS A 65 -6.29 -11.48 7.00
N CYS A 66 -5.04 -11.79 6.65
CA CYS A 66 -3.87 -10.99 7.03
C CYS A 66 -2.70 -11.12 6.02
N VAL A 67 -1.66 -10.29 6.22
CA VAL A 67 -0.46 -10.18 5.39
C VAL A 67 0.75 -9.74 6.20
N LYS A 68 1.95 -10.18 5.80
CA LYS A 68 3.24 -9.61 6.22
C LYS A 68 3.90 -8.87 5.07
N GLN A 69 4.56 -7.75 5.39
CA GLN A 69 4.88 -6.68 4.46
C GLN A 69 6.23 -6.05 4.79
N ARG A 70 7.25 -6.29 3.96
CA ARG A 70 8.61 -5.77 4.12
C ARG A 70 8.76 -4.43 3.39
N VAL A 71 9.07 -3.35 4.10
CA VAL A 71 9.49 -2.06 3.53
C VAL A 71 10.83 -2.25 2.82
N ASP A 72 10.85 -1.97 1.51
CA ASP A 72 11.95 -2.24 0.60
C ASP A 72 12.82 -1.00 0.34
N ALA A 73 12.22 0.19 0.20
CA ALA A 73 12.91 1.49 0.26
C ALA A 73 11.95 2.69 0.34
N ILE A 74 12.15 3.57 1.32
CA ILE A 74 11.54 4.90 1.43
C ILE A 74 12.56 5.95 0.95
N ASP A 75 12.23 6.77 -0.06
CA ASP A 75 13.10 7.87 -0.51
C ASP A 75 12.31 9.16 -0.85
N LYS A 76 12.47 10.18 0.01
CA LYS A 76 11.85 11.51 -0.13
C LYS A 76 12.46 12.38 -1.23
N ASP A 77 13.53 11.96 -1.91
CA ASP A 77 14.09 12.77 -3.01
C ASP A 77 13.17 12.80 -4.25
N ASN A 78 12.30 11.80 -4.42
CA ASN A 78 11.73 11.45 -5.72
C ASN A 78 10.31 11.99 -6.00
N LEU A 79 9.25 11.76 -5.21
CA LEU A 79 9.14 10.94 -4.01
C LEU A 79 8.78 9.49 -4.36
N THR A 80 9.38 8.49 -3.71
CA THR A 80 9.08 7.07 -3.94
C THR A 80 8.99 6.26 -2.67
N TYR A 81 8.29 5.13 -2.76
CA TYR A 81 8.16 4.13 -1.71
C TYR A 81 7.99 2.74 -2.34
N SER A 82 8.82 1.80 -1.89
CA SER A 82 8.63 0.38 -2.17
C SER A 82 8.44 -0.42 -0.89
N TYR A 83 7.53 -1.39 -0.96
CA TYR A 83 7.32 -2.42 0.04
C TYR A 83 6.77 -3.68 -0.64
N THR A 84 7.06 -4.84 -0.07
CA THR A 84 6.70 -6.13 -0.64
C THR A 84 5.85 -6.94 0.33
N ILE A 85 4.70 -7.44 -0.13
CA ILE A 85 3.97 -8.49 0.58
C ILE A 85 4.80 -9.77 0.50
N ILE A 86 5.37 -10.17 1.63
CA ILE A 86 6.28 -11.31 1.78
C ILE A 86 5.57 -12.59 2.21
N GLU A 87 4.38 -12.48 2.81
CA GLU A 87 3.55 -13.61 3.26
C GLU A 87 2.09 -13.15 3.34
N GLY A 88 1.12 -14.03 3.08
CA GLY A 88 -0.29 -13.77 3.41
C GLY A 88 -1.32 -14.29 2.42
N ASP A 89 -2.59 -14.27 2.84
CA ASP A 89 -3.72 -14.88 2.11
C ASP A 89 -3.99 -14.24 0.73
N VAL A 90 -3.52 -13.02 0.49
CA VAL A 90 -3.57 -12.35 -0.82
C VAL A 90 -2.66 -13.05 -1.85
N LEU A 91 -1.55 -13.66 -1.40
CA LEU A 91 -0.64 -14.38 -2.30
C LEU A 91 -1.29 -15.67 -2.83
N ALA A 92 -1.97 -16.41 -1.94
CA ALA A 92 -2.77 -17.60 -2.24
C ALA A 92 -2.00 -18.70 -3.03
N GLU A 93 -2.72 -19.60 -3.70
CA GLU A 93 -2.15 -20.56 -4.66
C GLU A 93 -1.62 -19.90 -5.96
N LYS A 94 -1.33 -18.59 -5.98
CA LYS A 94 -1.14 -17.78 -7.19
C LYS A 94 0.17 -16.98 -7.17
N PHE A 95 0.18 -15.85 -6.48
CA PHE A 95 1.36 -15.01 -6.34
C PHE A 95 2.34 -15.63 -5.33
N GLU A 96 3.54 -15.05 -5.23
CA GLU A 96 4.44 -15.30 -4.10
C GLU A 96 5.09 -14.02 -3.56
N SER A 97 5.15 -12.91 -4.32
CA SER A 97 5.50 -11.63 -3.68
C SER A 97 5.02 -10.38 -4.43
N ILE A 98 4.18 -9.60 -3.75
CA ILE A 98 3.56 -8.39 -4.31
C ILE A 98 4.39 -7.18 -3.91
N SER A 99 5.37 -6.83 -4.75
CA SER A 99 6.30 -5.72 -4.54
C SER A 99 5.77 -4.43 -5.16
N TYR A 100 5.26 -3.53 -4.32
CA TYR A 100 4.76 -2.21 -4.73
C TYR A 100 5.92 -1.24 -4.99
N HIS A 101 5.72 -0.33 -5.94
CA HIS A 101 6.67 0.70 -6.40
C HIS A 101 5.91 2.00 -6.64
N ILE A 102 5.54 2.66 -5.54
CA ILE A 102 4.83 3.94 -5.56
C ILE A 102 5.78 5.07 -5.97
N LYS A 103 5.34 5.91 -6.91
CA LYS A 103 5.91 7.25 -7.15
C LYS A 103 4.84 8.31 -6.95
N ILE A 104 5.14 9.37 -6.22
CA ILE A 104 4.25 10.53 -6.04
C ILE A 104 4.81 11.72 -6.83
N VAL A 105 3.93 12.43 -7.53
CA VAL A 105 4.25 13.54 -8.45
C VAL A 105 3.32 14.72 -8.19
N ALA A 106 3.82 15.96 -8.27
CA ALA A 106 3.02 17.18 -8.18
C ALA A 106 1.95 17.28 -9.29
N CYS A 107 0.81 17.92 -9.01
CA CYS A 107 -0.09 18.44 -10.05
C CYS A 107 -0.61 19.85 -9.71
N PRO A 108 -0.85 20.72 -10.72
CA PRO A 108 -1.19 22.12 -10.51
C PRO A 108 -2.57 22.34 -9.87
N ASP A 109 -3.43 21.31 -9.82
CA ASP A 109 -4.78 21.32 -9.24
C ASP A 109 -4.83 21.56 -7.71
N GLY A 110 -3.73 21.93 -7.06
CA GLY A 110 -3.60 21.90 -5.60
C GLY A 110 -3.42 20.48 -5.06
N GLY A 111 -2.87 19.58 -5.87
CA GLY A 111 -2.90 18.14 -5.62
C GLY A 111 -1.63 17.41 -6.06
N SER A 112 -1.77 16.11 -6.28
CA SER A 112 -0.70 15.21 -6.70
C SER A 112 -1.23 14.05 -7.53
N ILE A 113 -0.34 13.22 -8.09
CA ILE A 113 -0.65 11.95 -8.73
C ILE A 113 0.22 10.87 -8.12
N CYS A 114 -0.38 9.73 -7.77
CA CYS A 114 0.28 8.61 -7.10
C CYS A 114 0.29 7.39 -8.04
N LYS A 115 1.44 7.11 -8.66
CA LYS A 115 1.66 5.99 -9.58
C LYS A 115 2.02 4.73 -8.80
N ASN A 116 1.01 3.96 -8.38
CA ASN A 116 1.20 2.74 -7.61
C ASN A 116 1.50 1.54 -8.55
N ARG A 117 2.75 1.40 -9.02
CA ARG A 117 3.20 0.17 -9.71
C ARG A 117 3.24 -1.01 -8.73
N SER A 118 3.08 -2.25 -9.22
CA SER A 118 3.34 -3.45 -8.42
C SER A 118 3.74 -4.68 -9.23
N ILE A 119 4.78 -5.38 -8.75
CA ILE A 119 5.13 -6.77 -9.09
C ILE A 119 4.33 -7.72 -8.15
N TYR A 120 4.42 -9.04 -8.31
CA TYR A 120 3.55 -10.12 -7.80
C TYR A 120 4.25 -11.50 -7.93
N THR A 121 5.60 -11.57 -8.04
CA THR A 121 6.39 -12.75 -8.48
C THR A 121 5.83 -14.07 -7.99
N THR A 122 5.37 -14.95 -8.89
CA THR A 122 4.42 -16.03 -8.61
C THR A 122 5.02 -17.19 -7.82
N LYS A 123 4.18 -18.11 -7.35
CA LYS A 123 4.57 -19.51 -7.14
C LYS A 123 4.23 -20.33 -8.38
N GLY A 124 5.11 -21.27 -8.75
CA GLY A 124 4.85 -22.29 -9.78
C GLY A 124 4.32 -21.78 -11.14
N ASP A 125 4.70 -20.58 -11.57
CA ASP A 125 4.19 -19.84 -12.75
C ASP A 125 2.65 -19.70 -12.81
N CYS A 126 1.98 -19.66 -11.66
CA CYS A 126 0.52 -19.67 -11.62
C CYS A 126 -0.12 -18.49 -12.37
N LYS A 127 -1.04 -18.82 -13.28
CA LYS A 127 -1.88 -17.87 -14.02
C LYS A 127 -2.94 -17.27 -13.09
N VAL A 128 -3.31 -16.00 -13.28
CA VAL A 128 -4.33 -15.30 -12.48
C VAL A 128 -5.32 -14.53 -13.36
N SER A 129 -6.57 -14.42 -12.90
CA SER A 129 -7.58 -13.62 -13.58
C SER A 129 -7.43 -12.13 -13.32
N GLU A 130 -7.76 -11.32 -14.32
CA GLU A 130 -7.87 -9.87 -14.18
C GLU A 130 -9.00 -9.44 -13.22
N GLU A 131 -9.92 -10.35 -12.88
CA GLU A 131 -10.95 -10.11 -11.86
C GLU A 131 -10.31 -10.02 -10.46
N GLU A 132 -9.44 -10.96 -10.14
CA GLU A 132 -8.57 -10.94 -8.95
C GLU A 132 -7.68 -9.68 -8.94
N ILE A 133 -7.16 -9.26 -10.10
CA ILE A 133 -6.36 -8.02 -10.19
C ILE A 133 -7.21 -6.79 -9.78
N LYS A 134 -8.44 -6.66 -10.30
CA LYS A 134 -9.46 -5.70 -9.86
C LYS A 134 -9.68 -5.78 -8.35
N LEU A 135 -9.86 -6.97 -7.75
CA LEU A 135 -10.07 -7.08 -6.30
C LEU A 135 -8.96 -6.42 -5.48
N GLY A 136 -7.69 -6.55 -5.89
CA GLY A 136 -6.55 -5.91 -5.21
C GLY A 136 -6.46 -4.40 -5.50
N LYS A 137 -6.60 -4.03 -6.77
CA LYS A 137 -6.63 -2.63 -7.24
C LYS A 137 -7.71 -1.81 -6.52
N GLU A 138 -8.92 -2.36 -6.44
CA GLU A 138 -10.11 -1.70 -5.90
C GLU A 138 -10.05 -1.55 -4.38
N LYS A 139 -9.64 -2.60 -3.63
CA LYS A 139 -9.48 -2.45 -2.18
C LYS A 139 -8.42 -1.40 -1.83
N ALA A 140 -7.30 -1.39 -2.58
CA ALA A 140 -6.25 -0.37 -2.45
C ALA A 140 -6.72 1.04 -2.84
N ALA A 141 -7.49 1.19 -3.92
CA ALA A 141 -8.12 2.44 -4.32
C ALA A 141 -9.09 2.98 -3.27
N GLU A 142 -9.84 2.11 -2.59
CA GLU A 142 -10.75 2.51 -1.51
C GLU A 142 -9.99 2.96 -0.25
N ILE A 143 -8.94 2.23 0.13
CA ILE A 143 -8.04 2.63 1.22
C ILE A 143 -7.42 4.01 0.89
N PHE A 144 -6.88 4.17 -0.33
CA PHE A 144 -6.26 5.41 -0.80
C PHE A 144 -7.22 6.61 -0.71
N LYS A 145 -8.44 6.45 -1.23
CA LYS A 145 -9.42 7.54 -1.31
C LYS A 145 -10.03 7.90 0.05
N ALA A 146 -10.09 6.94 0.99
CA ALA A 146 -10.41 7.22 2.38
C ALA A 146 -9.33 8.05 3.10
N LEU A 147 -8.05 7.88 2.74
CA LEU A 147 -6.98 8.76 3.26
C LEU A 147 -7.14 10.17 2.68
N GLU A 148 -7.34 10.30 1.36
CA GLU A 148 -7.66 11.59 0.71
C GLU A 148 -8.89 12.26 1.33
N ALA A 149 -9.94 11.50 1.67
CA ALA A 149 -11.16 12.05 2.28
C ALA A 149 -10.91 12.67 3.67
N TYR A 150 -9.86 12.26 4.40
CA TYR A 150 -9.37 12.96 5.59
C TYR A 150 -8.44 14.13 5.20
N LEU A 151 -7.52 13.86 4.28
CA LEU A 151 -6.49 14.78 3.79
C LEU A 151 -7.01 15.96 2.94
N LEU A 152 -8.29 15.98 2.57
CA LEU A 152 -8.96 17.17 2.02
C LEU A 152 -9.45 18.12 3.13
N ALA A 153 -9.76 17.61 4.32
CA ALA A 153 -10.07 18.42 5.50
C ALA A 153 -8.79 18.84 6.25
N ASN A 154 -7.83 17.93 6.41
CA ASN A 154 -6.61 18.11 7.22
C ASN A 154 -5.38 17.49 6.49
N PRO A 155 -4.91 18.10 5.38
CA PRO A 155 -3.73 17.62 4.63
C PRO A 155 -2.42 17.64 5.44
N ASP A 156 -2.32 18.53 6.43
CA ASP A 156 -1.18 18.70 7.33
C ASP A 156 -1.13 17.60 8.42
N TYR A 157 -1.15 16.32 7.99
CA TYR A 157 -1.22 15.16 8.88
C TYR A 157 -0.16 15.21 10.00
N CYS A 158 -0.55 14.84 11.24
CA CYS A 158 0.32 14.73 12.41
C CYS A 158 -0.03 13.51 13.26
#